data_6IG9
#
_entry.id   6IG9
#
_cell.length_a   1.00
_cell.length_b   1.00
_cell.length_c   1.00
_cell.angle_alpha   90.00
_cell.angle_beta   90.00
_cell.angle_gamma   90.00
#
_symmetry.space_group_name_H-M   'P 1'
#
_entity_poly.entity_id   1
_entity_poly.type   'polypeptide(L)'
_entity_poly.pdbx_seq_one_letter_code
;MSLTEQIEQFASRFRDDDATLQSRYSTLSELYDIMELLNSPEDYHFFLQAVIPLLLNQLKEVPISYDAHSPEQKLRNSML
DIFNRCLMNQTFQPYAMEVLEFLLSVLPKENEENGILCMKVLTTLFKSFKSILQDKLDSFIRIIIQIYKNTPNLINQTFY
EAGKAEQGDLDSPKEPQADELLDEFSKNDEEKDFPSKQSSTEPRFENSTSSNGLRSSMFSFKILSECPITMVTLYSSYKQ
LTSTSLPEFTPLIMNLLNIQIKQQQEAREQAESRGEHFTSISTEIINRPAYCDFILAQIKATSFLAYVFIRGYAPEFLQD
YVNFVPDLIIRLLQDCPSELSSARKELLHATRHILSTNYKKLFLPKLDYLFDERILIGNGFTMHETLRPLAYSTVADFIH
NIRSELQLSEIEKTIKIYTGYLLDESLALTVQIMSAKLLLNLVERILKLGKENPQEAPRAKKLLMIIIDSYMNRFKTLNR
QYDTIMKYYGRYETHKKEKAEKLKNSIQDNDKESEEFMRKVLEPSDDDHLMPQPKKEDINDSPDVEMTESDKVVKNDVEM
FDIKNYAPILLLPTPTNDPIKDAFYLYRTLMSFLKTIIHDLKVFNPPPNEYTVANPKLWASVSRVFSYEEVIVFKDLFHE
CIIGLKFFKDHNEKLSPETTKKHFDISMPSLPVSATKDARELMDYLAFMFMQMDNATFNEIIEQELPFVYERMLEDSGLL
HVAQSFLTSEITSPNFAGILLRFLKGKLKDLGNVDFNTSNVLIRLFKLSFMSVNLFPNINEVVLLPHLNDLILNSLKYST
TAEEPLVYFYLIRTLFRSIGGGRFENLYRSIKPILQVLLQSLNQMILTARLPHERELYVELCITVPVRLSVLAPYLPFLM
KPLVFALQQYPDLVSQGLRTLELCIDNLTAEYFDPIIEPVIDDVSKALFNLLQPQPFNHAISHNVVRILGKLGGRNRQFL
KPPTDLTEKTELDIDAIADFKINGMPEDVPLSVTPGIQSALNILQSYKSDIHYRKSAYKYLTCVLLLMTKSSAEFPTNYT
ELLKTAVNSIKLERIGIEKNFDLEPTVNKRDYSNQENLFLRLLESVFYATSIKELKDDAMDLLNNLLDHFCLLQVNTTLL
NKRNYNGTFNIDLKNPNFMLDSSLILDAIPFALSYYIPEVREVGVLAYKRIYEKSCLIYGEELALSHSFIPELAKQFIHL
CYDETYYNKRGGVLGIKVLIDNVKSSSVFLKKYQYNLANGLLFVLKDTQSEAPSAITDSAEKLLIDLLSITFADVKEEDL
GNKVLENTLTDIVCELSNANPKVRNACQKSLHTISNLTGIPIVKLMDHSKQFLLSPIFAKPLRALPFTMQIGNVDAITFC
LSLPNTFLTFNEELFRLLQESIVLADAEDESLSTNIQKTTEYSTSEQLVQLRIACIKLLAIALKNEEFATAQQGNIRIRI
LAVFFKTMLKTSPEIINTTYEALKGSLAENSKLPKELLQNGLKPLLMNLSDHQKLTVPGLDALSKLLELLIAYFKVEIGR
KLLDHLTAWCRVEVLDTLFGQDLAEQMPTKIIVSIINIFHLLPPQADMFLNDLLLKVMLLERKLRLQLDSPFRTPLARYL
NRFHNPVTEYFKKNMTLRQLVLFMCNIVQRPEAKELAEDFEKELDNFYDFYISNIPKNQVRVVSFFTNMVDLFNTMVITN
GDEWLKKKGNMILKLKDMLNLTLKTIKENSFYIDHLQLNQSIAKFQALYLRFTELSERDQNPLLLDFIDFSFSNGIKASY
SLKKFIFHNIIASSNKEKQNNFINDATLFVLSDKCLDARIFVLKNVINSTLIYEVATSGSLKSYLVEDKKPKWLELLHNK
IWKNSNAILAYDVLDHHDLFRFELLQLSAIFIKADPEIIAEIKKDIIKFCWNFIKLEDTLIKQSAYLVTSYFISKFDFPI
KVVTQVFVALLRSSHVEARYLVKQSLDVLTPVLHERMNAAGTPDTWINWVKRVMVENSSSQNNILYQFLISHPDLFFNSR
DLFISNIIHHMNKITFMSNSNSDSHTLAIDLASLILYWENKTLEITNVNNTKTDSDGDVVMSDSKSDINPVEADTTAIIV
DANNNSPISLHLREACTAFLIRYVCASNHRAIETELGLRAINILSELISDKHWTNVNVKLVYFEKFLIFQDLDSENILYY
CMNALDVLYVFFKNKTKEWIMENLPTIQNLLEKCIKSDHHDVQEALQKVLQVIMKAIKAQGVSVIIEEESPGKTFIQMLT
SVITQDLQETSSVTAGVTLAWVLFMNFPDNIVPLLTPLMKTFSKLCKDHLSISQPKDAMALEEARITTKLLEKVLYILSL
KVSLLGDSRRPFLSTVALLIDHSMDQNFLRKIVNMSRSWIFNTEIFPTVKEKAAILTKMLAFEIRGEPSLSKLFYEIVLK
LFDQEHFNNTEITVRMEQPFLVGTRVEDIGIRKRFMTILDNSLERDIKERLYYVIRDQNWEFIADYPWLNQALQLLYGSF
NREKELSLKNIYCLSPPSILQEYLPENAEMVTEVNDLELSNFVKGHIASMQGLCRIISSDFIDSLIEIFYQDPKAIHRAW
VTLFPQVYKSIPKNEKYGFVRSIITLLSKPYHTRQISSRTNVINMLLDSISKIESLELPPHLVKYLAISYNAWYQSINIL
ESIQSNTSIDNTKIIEANEDALLELYVNLQEEDMFYGLWRRRAKYTETNIGLSYEQIGLWDKAQQLYEVAQVKARSGALP
YSQSEYALWEDNWIQCAEKLQHWDVLTELAKHEGFTDLLLECGWRVADWNSDRDALEQSVKSVMDVPTPRRQMFKTFLAL
QNFAESRKGDQEVRKLCDEGIQLSLIKWVSLPIRYTPAHKWLLHGFQQYMEFLEATQIYANLHTTTVQNLDSKAQEIKRI
LQAWRDRLPNTWDDVNMWNDLVTWRQHAFQVINNAYLPLIPALQQSNSNSNINTHAYRGYHEIAWVINRFAHVARKHNMP
DVCISQLARIYTLPNIEIQEAFLKLREQAKCHYQNMNELTTGLDVISNTNLVYFGTVQKAEFFTLKGMFLSKLRAYEEAN
QAFATAVQIDLNLAKAWAQWGFFNDRRLSEEPNNISFASNAISCYLQAAGLYKNSKIRELLCRILWLISIDDASGMLTNA
FDSFRGEIPVWYWITFIPQLLTSLSHKEANMVRHILIRIAKSYPQALHFQLRTTKEDFAVIQRQTMAVMGDKPDTNDRNG
RRQPWEYLQELNNILKTAYPLLALSLESLVAQINDRFKSTTDEDLFRLINVLLIDGTLNYNRLPFPRKNPKLPENTEKNL
VKFSTTLLAPYIRPKFNADFIDNKPDYETYIKRLRYWRRRLENKLDRASKKENLEVLCPHLSNFHHQKFEDIEIPGQYLL
NKDNNVHFIKIARFLPTVDFVRGTHSSYRRLMIRGHDGSVHSFAVQYPAVRHSRREERMFQLYRLFNKSLSKNVETRRRS
IQFNLPIAIPLSPQVRIMNDSVSFTTLHEIHNEFCKKKGFDPDDIQDFMADKLNAAHDDALPAPDMTILKVEIFNSIQTM
FVPSNVLKDHFTSLFTQFEDFWLFRKQFASQYSSFVFMSYMMMINNRTPHKIHVDKTSGNVFTLEMLPSRFPYERVKPLL
KNHDLSLPPDSPIFHNNEPVPFRLTPNIQSLIGDSALEGIFAVNLFTISRALIEPDNELNTYLALFIRDEIISWFSNLHR
PIIENPQLREMVQTNVDLIIRKVAQLGHLNSTPTVTTQFILDCIGSAVSPRNLARTDVNFMPWF
;
_entity_poly.pdbx_strand_id   T
#
# COMPACT_ATOMS: atom_id res chain seq x y z
N MET A 1 52.31 -73.19 18.88
CA MET A 1 51.54 -72.91 20.09
C MET A 1 51.80 -73.92 21.17
N SER A 2 53.02 -73.86 21.72
CA SER A 2 53.65 -74.97 22.44
C SER A 2 53.49 -76.24 21.61
N LEU A 3 53.88 -76.10 20.35
CA LEU A 3 53.49 -77.03 19.30
C LEU A 3 54.68 -77.20 18.37
N THR A 4 54.41 -77.73 17.16
CA THR A 4 55.45 -78.11 16.20
C THR A 4 56.32 -76.93 15.80
N GLU A 5 55.76 -75.73 15.82
CA GLU A 5 56.58 -74.53 15.68
C GLU A 5 57.45 -74.33 16.91
N GLN A 6 56.84 -74.33 18.11
CA GLN A 6 57.59 -74.07 19.34
C GLN A 6 58.57 -75.19 19.66
N ILE A 7 58.24 -76.42 19.26
CA ILE A 7 59.16 -77.53 19.42
C ILE A 7 60.35 -77.37 18.50
N GLU A 8 60.10 -76.99 17.24
CA GLU A 8 61.21 -76.78 16.30
C GLU A 8 62.04 -75.56 16.67
N GLN A 9 61.43 -74.61 17.37
CA GLN A 9 62.15 -73.40 17.76
C GLN A 9 63.18 -73.69 18.83
N PHE A 10 62.74 -74.30 19.95
CA PHE A 10 63.66 -74.57 21.05
C PHE A 10 64.68 -75.65 20.67
N ALA A 11 64.35 -76.52 19.71
CA ALA A 11 65.30 -77.53 19.26
C ALA A 11 66.40 -76.92 18.41
N SER A 12 66.02 -76.01 17.51
CA SER A 12 67.02 -75.29 16.72
C SER A 12 67.82 -74.36 17.62
N ARG A 13 67.19 -73.81 18.65
CA ARG A 13 67.91 -73.10 19.69
C ARG A 13 68.40 -74.09 20.74
N PHE A 14 69.25 -75.04 20.32
CA PHE A 14 69.72 -76.08 21.22
C PHE A 14 70.72 -75.52 22.23
N ARG A 15 71.83 -74.99 21.74
CA ARG A 15 72.72 -74.20 22.57
C ARG A 15 72.07 -72.85 22.86
N ASP A 16 72.25 -72.36 24.09
CA ASP A 16 71.67 -71.08 24.48
C ASP A 16 72.39 -69.90 23.83
N ASP A 17 73.60 -70.11 23.32
CA ASP A 17 74.32 -69.08 22.58
C ASP A 17 74.92 -69.69 21.33
N ASP A 18 75.20 -68.85 20.35
CA ASP A 18 75.78 -69.30 19.09
C ASP A 18 76.54 -68.17 18.40
N THR A 20 74.87 -67.37 14.76
CA THR A 20 75.45 -66.27 15.50
C THR A 20 74.47 -65.10 15.65
N LEU A 21 74.28 -64.37 14.55
CA LEU A 21 73.29 -63.31 14.51
C LEU A 21 71.88 -63.87 14.49
N GLN A 22 71.71 -65.05 13.87
CA GLN A 22 70.42 -65.73 13.88
C GLN A 22 70.04 -66.14 15.30
N SER A 23 71.05 -66.44 16.13
CA SER A 23 70.81 -66.71 17.54
C SER A 23 70.24 -65.49 18.25
N ARG A 24 70.64 -64.28 17.85
CA ARG A 24 69.93 -63.09 18.30
C ARG A 24 68.57 -62.98 17.61
N TYR A 25 68.52 -63.32 16.31
CA TYR A 25 67.33 -63.12 15.52
C TYR A 25 66.23 -64.10 15.88
N SER A 26 66.58 -65.36 16.11
CA SER A 26 65.58 -66.33 16.55
C SER A 26 65.12 -66.03 17.97
N THR A 27 66.00 -65.43 18.78
CA THR A 27 65.64 -65.04 20.14
C THR A 27 64.55 -63.97 20.13
N LEU A 28 64.67 -63.00 19.23
CA LEU A 28 63.71 -61.91 19.19
C LEU A 28 62.38 -62.33 18.58
N SER A 29 62.42 -63.17 17.53
CA SER A 29 61.21 -63.45 16.76
C SER A 29 60.22 -64.31 17.53
N GLU A 30 60.73 -65.18 18.40
CA GLU A 30 59.86 -66.01 19.22
C GLU A 30 59.11 -65.18 20.24
N LEU A 31 59.81 -64.25 20.89
CA LEU A 31 59.16 -63.31 21.81
C LEU A 31 58.19 -62.39 21.08
N TYR A 32 58.48 -62.10 19.80
CA TYR A 32 57.60 -61.27 19.00
C TYR A 32 56.30 -62.00 18.69
N ASP A 33 56.38 -63.28 18.34
CA ASP A 33 55.16 -64.07 18.21
C ASP A 33 54.52 -64.32 19.56
N ILE A 34 55.33 -64.42 20.62
CA ILE A 34 54.79 -64.51 21.98
C ILE A 34 54.00 -63.28 22.32
N MET A 35 54.49 -62.12 21.88
CA MET A 35 53.64 -60.95 21.80
C MET A 35 52.53 -61.13 20.77
N GLU A 36 52.91 -61.31 19.51
CA GLU A 36 52.04 -61.01 18.36
C GLU A 36 52.14 -62.09 17.28
N LEU A 37 51.81 -63.33 17.63
CA LEU A 37 51.67 -64.34 16.58
C LEU A 37 50.34 -64.14 15.85
N LEU A 38 50.02 -65.05 14.93
CA LEU A 38 48.81 -64.93 14.15
C LEU A 38 47.58 -65.32 14.95
N ASN A 39 47.69 -66.34 15.80
CA ASN A 39 46.55 -66.83 16.55
C ASN A 39 47.03 -67.20 17.95
N SER A 40 46.08 -67.61 18.80
CA SER A 40 46.39 -67.94 20.19
C SER A 40 45.46 -69.05 20.65
N PRO A 41 45.85 -70.31 20.48
CA PRO A 41 45.12 -71.44 21.07
C PRO A 41 45.65 -71.88 22.43
N GLU A 42 45.78 -70.91 23.34
CA GLU A 42 46.00 -71.09 24.79
C GLU A 42 47.29 -71.87 25.06
N ASP A 43 48.40 -71.29 24.61
CA ASP A 43 49.71 -71.79 24.93
C ASP A 43 50.41 -70.95 25.97
N TYR A 44 49.74 -69.90 26.48
CA TYR A 44 50.38 -68.92 27.34
C TYR A 44 50.74 -69.52 28.69
N HIS A 45 49.82 -70.26 29.30
CA HIS A 45 50.14 -71.00 30.52
C HIS A 45 51.13 -72.12 30.23
N PHE A 46 51.09 -72.67 29.00
CA PHE A 46 52.06 -73.66 28.60
C PHE A 46 53.43 -73.05 28.35
N PHE A 47 53.47 -71.91 27.63
CA PHE A 47 54.77 -71.31 27.30
C PHE A 47 55.41 -70.68 28.52
N LEU A 48 54.61 -70.07 29.41
CA LEU A 48 55.16 -69.47 30.62
C LEU A 48 55.70 -70.53 31.56
N GLN A 49 55.13 -71.73 31.50
CA GLN A 49 55.69 -72.85 32.22
C GLN A 49 57.06 -73.23 31.68
N ALA A 50 57.30 -72.98 30.39
CA ALA A 50 58.63 -73.10 29.81
C ALA A 50 59.47 -71.85 30.00
N VAL A 51 58.82 -70.69 30.16
CA VAL A 51 59.53 -69.41 30.04
C VAL A 51 60.20 -69.00 31.34
N ILE A 52 59.45 -69.03 32.45
CA ILE A 52 60.05 -68.71 33.76
C ILE A 52 61.20 -69.63 34.10
N PRO A 53 61.23 -70.91 33.68
CA PRO A 53 62.52 -71.61 33.62
C PRO A 53 63.51 -71.03 32.63
N LEU A 54 63.07 -70.75 31.40
CA LEU A 54 64.00 -70.23 30.40
C LEU A 54 64.51 -68.86 30.80
N LEU A 55 63.69 -68.09 31.51
CA LEU A 55 64.15 -66.83 32.08
C LEU A 55 65.14 -67.07 33.21
N LEU A 56 64.92 -68.12 34.01
CA LEU A 56 65.94 -68.53 34.97
C LEU A 56 67.18 -69.01 34.24
N ASN A 57 66.99 -69.69 33.11
CA ASN A 57 68.12 -70.00 32.23
C ASN A 57 68.71 -68.74 31.63
N GLN A 58 67.89 -67.73 31.39
CA GLN A 58 68.42 -66.46 30.92
C GLN A 58 69.07 -65.67 32.06
N LEU A 59 68.38 -65.56 33.21
CA LEU A 59 68.91 -64.79 34.33
C LEU A 59 70.15 -65.41 34.93
N LYS A 60 70.38 -66.70 34.71
CA LYS A 60 71.67 -67.28 35.01
C LYS A 60 72.72 -66.82 33.99
N GLU A 61 72.35 -66.81 32.71
CA GLU A 61 73.34 -66.58 31.66
C GLU A 61 73.77 -65.11 31.60
N VAL A 62 72.82 -64.18 31.70
CA VAL A 62 73.11 -62.75 31.73
C VAL A 62 72.67 -62.21 33.08
N PRO A 63 73.49 -62.36 34.13
CA PRO A 63 73.00 -62.16 35.51
C PRO A 63 72.65 -60.75 35.95
N ILE A 64 73.59 -59.82 35.81
CA ILE A 64 73.62 -58.67 36.69
C ILE A 64 73.65 -57.34 35.96
N SER A 65 73.92 -56.29 36.72
CA SER A 65 74.15 -54.94 36.26
C SER A 65 75.55 -54.81 35.66
N TYR A 66 76.04 -53.56 35.62
CA TYR A 66 77.42 -53.20 35.29
C TYR A 66 77.83 -53.64 33.88
N ASP A 67 77.08 -53.09 32.91
CA ASP A 67 77.47 -52.98 31.50
C ASP A 67 77.80 -54.33 30.87
N ALA A 68 76.78 -55.18 30.77
CA ALA A 68 76.90 -56.46 30.10
C ALA A 68 76.33 -56.17 28.72
N HIS A 69 77.13 -55.51 27.90
CA HIS A 69 76.60 -54.65 26.84
C HIS A 69 76.28 -55.37 25.53
N SER A 70 77.30 -55.91 24.86
CA SER A 70 77.16 -56.04 23.40
C SER A 70 76.31 -57.25 22.99
N PRO A 71 76.56 -58.51 23.40
CA PRO A 71 75.50 -59.49 23.23
C PRO A 71 74.62 -59.68 24.46
N GLU A 72 75.08 -59.32 25.66
CA GLU A 72 74.37 -59.68 26.87
C GLU A 72 73.25 -58.70 27.21
N GLN A 73 73.43 -57.41 26.92
CA GLN A 73 72.25 -56.57 26.96
C GLN A 73 71.41 -56.76 25.72
N LYS A 74 72.01 -57.25 24.64
CA LYS A 74 71.25 -57.77 23.51
C LYS A 74 70.58 -59.09 23.87
N LEU A 75 71.17 -59.85 24.80
CA LEU A 75 70.42 -60.92 25.43
C LEU A 75 69.42 -60.37 26.42
N ARG A 76 69.76 -59.28 27.12
CA ARG A 76 68.75 -58.61 27.92
C ARG A 76 67.71 -57.95 27.03
N ASN A 77 68.10 -57.55 25.81
CA ASN A 77 67.08 -57.17 24.83
C ASN A 77 66.29 -58.39 24.37
N SER A 78 66.95 -59.55 24.25
CA SER A 78 66.19 -60.78 24.04
C SER A 78 65.36 -61.10 25.27
N MET A 79 65.89 -60.79 26.47
CA MET A 79 65.12 -60.97 27.70
C MET A 79 63.95 -59.98 27.78
N LEU A 80 64.17 -58.73 27.39
CA LEU A 80 63.13 -57.71 27.51
C LEU A 80 61.98 -57.99 26.55
N ASP A 81 62.29 -58.54 25.38
CA ASP A 81 61.30 -58.75 24.33
C ASP A 81 60.23 -59.75 24.71
N ILE A 82 60.53 -60.66 25.64
CA ILE A 82 59.51 -61.53 26.21
C ILE A 82 59.16 -61.15 27.64
N PHE A 83 59.80 -60.13 28.20
CA PHE A 83 59.63 -59.79 29.61
C PHE A 83 58.22 -59.37 29.93
N ASN A 84 57.51 -58.81 28.95
CA ASN A 84 56.11 -58.51 29.13
C ASN A 84 55.21 -59.13 28.06
N ARG A 85 55.77 -59.80 27.05
CA ARG A 85 54.99 -60.24 25.90
C ARG A 85 54.07 -61.39 26.25
N CYS A 86 53.05 -61.09 27.04
CA CYS A 86 52.11 -62.07 27.59
C CYS A 86 50.90 -61.29 28.07
N LEU A 87 49.96 -61.98 28.71
CA LEU A 87 48.76 -61.36 29.24
C LEU A 87 48.30 -62.15 30.45
N MET A 88 48.05 -61.45 31.56
CA MET A 88 47.70 -62.09 32.83
C MET A 88 46.25 -62.55 32.78
N ASN A 89 46.02 -63.64 32.03
CA ASN A 89 44.67 -64.14 31.81
C ASN A 89 44.31 -65.31 32.71
N GLN A 90 45.19 -66.30 32.83
CA GLN A 90 44.87 -67.56 33.50
C GLN A 90 46.15 -68.26 33.90
N THR A 91 46.05 -69.00 35.02
CA THR A 91 47.19 -69.61 35.73
C THR A 91 48.29 -68.58 36.00
N PHE A 92 47.86 -67.38 36.38
CA PHE A 92 48.83 -66.30 36.56
C PHE A 92 49.65 -66.49 37.81
N GLN A 93 48.99 -66.64 38.95
CA GLN A 93 49.61 -66.83 40.26
C GLN A 93 50.59 -68.01 40.42
N PRO A 94 50.40 -69.20 39.78
CA PRO A 94 51.41 -70.27 39.93
C PRO A 94 52.76 -69.95 39.33
N TYR A 95 52.81 -69.61 38.04
CA TYR A 95 54.07 -69.18 37.45
C TYR A 95 54.53 -67.84 38.02
N ALA A 96 53.62 -67.08 38.64
CA ALA A 96 54.02 -65.83 39.29
C ALA A 96 54.91 -66.09 40.49
N MET A 97 54.63 -67.14 41.24
CA MET A 97 55.54 -67.55 42.29
C MET A 97 56.85 -68.06 41.70
N GLU A 98 56.80 -68.73 40.53
CA GLU A 98 58.01 -69.02 39.79
C GLU A 98 58.66 -67.74 39.28
N VAL A 99 57.84 -66.73 38.96
CA VAL A 99 58.41 -65.43 38.59
C VAL A 99 58.88 -64.67 39.82
N LEU A 100 58.19 -64.81 40.97
CA LEU A 100 58.56 -64.08 42.19
C LEU A 100 59.95 -64.47 42.66
N GLU A 101 60.33 -65.73 42.44
CA GLU A 101 61.69 -66.16 42.63
C GLU A 101 62.63 -65.45 41.66
N PHE A 102 62.27 -65.40 40.37
CA PHE A 102 63.11 -64.71 39.41
C PHE A 102 63.07 -63.20 39.61
N LEU A 103 61.98 -62.69 40.20
CA LEU A 103 61.85 -61.25 40.42
C LEU A 103 62.76 -60.76 41.54
N LEU A 104 62.80 -61.50 42.65
CA LEU A 104 63.75 -61.19 43.70
C LEU A 104 65.19 -61.46 43.24
N SER A 105 65.35 -62.37 42.26
CA SER A 105 66.67 -62.69 41.73
C SER A 105 67.29 -61.52 40.99
N VAL A 106 66.51 -60.84 40.15
CA VAL A 106 67.01 -59.65 39.48
C VAL A 106 66.63 -58.38 40.21
N LEU A 107 66.08 -58.49 41.43
CA LEU A 107 65.72 -57.32 42.22
C LEU A 107 66.88 -56.35 42.54
N PRO A 108 68.12 -56.79 42.89
CA PRO A 108 69.18 -55.78 43.13
C PRO A 108 69.68 -55.01 41.93
N LYS A 109 70.12 -55.74 40.89
CA LYS A 109 71.09 -55.24 39.93
C LYS A 109 70.54 -54.07 39.13
N GLU A 110 71.09 -52.88 39.38
CA GLU A 110 70.41 -51.68 38.92
C GLU A 110 71.29 -50.67 38.21
N ASN A 111 72.58 -50.58 38.50
CA ASN A 111 73.35 -49.42 38.07
C ASN A 111 74.24 -49.75 36.88
N GLU A 112 74.67 -48.70 36.18
CA GLU A 112 75.71 -48.73 35.15
C GLU A 112 75.35 -49.67 34.01
N GLU A 113 74.38 -49.23 33.20
CA GLU A 113 73.77 -49.99 32.10
C GLU A 113 73.07 -51.25 32.62
N ASN A 114 72.05 -50.97 33.44
CA ASN A 114 71.06 -51.97 33.84
C ASN A 114 69.73 -51.28 34.08
N GLY A 115 68.66 -52.07 34.05
CA GLY A 115 67.32 -51.58 34.32
C GLY A 115 66.42 -51.67 33.12
N ILE A 116 66.80 -52.51 32.15
CA ILE A 116 66.12 -52.56 30.87
C ILE A 116 65.23 -53.79 30.78
N LEU A 117 65.84 -54.97 30.84
CA LEU A 117 65.09 -56.22 30.72
C LEU A 117 64.22 -56.44 31.95
N CYS A 118 64.71 -56.00 33.10
CA CYS A 118 64.05 -56.30 34.37
C CYS A 118 62.77 -55.53 34.55
N MET A 119 62.80 -54.22 34.31
CA MET A 119 61.64 -53.36 34.54
C MET A 119 60.50 -53.73 33.61
N LYS A 120 60.83 -54.17 32.40
CA LYS A 120 59.83 -54.71 31.47
C LYS A 120 59.19 -55.97 32.01
N VAL A 121 59.96 -56.80 32.70
CA VAL A 121 59.35 -57.94 33.39
C VAL A 121 58.61 -57.47 34.62
N LEU A 122 59.15 -56.45 35.30
CA LEU A 122 58.64 -56.02 36.59
C LEU A 122 57.28 -55.39 36.49
N THR A 123 57.01 -54.66 35.41
CA THR A 123 55.66 -54.13 35.20
C THR A 123 54.68 -55.26 34.87
N THR A 124 55.13 -56.24 34.07
CA THR A 124 54.31 -57.40 33.74
C THR A 124 53.98 -58.20 34.99
N LEU A 125 54.91 -58.24 35.94
CA LEU A 125 54.60 -58.83 37.24
C LEU A 125 53.71 -57.91 38.07
N PHE A 126 54.01 -56.61 38.12
CA PHE A 126 53.31 -55.71 39.03
C PHE A 126 51.86 -55.49 38.60
N LYS A 127 51.61 -55.54 37.31
CA LYS A 127 50.23 -55.45 36.82
C LYS A 127 49.42 -56.67 37.25
N SER A 128 50.00 -57.86 37.09
CA SER A 128 49.35 -59.07 37.57
C SER A 128 49.34 -59.16 39.09
N PHE A 129 50.33 -58.56 39.75
CA PHE A 129 50.33 -58.55 41.21
C PHE A 129 49.31 -57.55 41.75
N LYS A 130 49.46 -56.27 41.40
CA LYS A 130 48.67 -55.20 42.00
C LYS A 130 47.23 -55.12 41.47
N SER A 131 46.88 -55.91 40.46
CA SER A 131 45.47 -56.18 40.21
C SER A 131 44.84 -56.87 41.41
N ILE A 132 45.60 -57.72 42.09
CA ILE A 132 45.16 -58.34 43.32
C ILE A 132 45.86 -57.65 44.48
N LEU A 133 45.50 -58.05 45.70
CA LEU A 133 46.21 -57.64 46.90
C LEU A 133 46.53 -58.85 47.75
N GLN A 134 47.04 -59.90 47.10
CA GLN A 134 47.26 -61.21 47.71
C GLN A 134 48.53 -61.30 48.53
N ASP A 135 49.12 -60.16 48.91
CA ASP A 135 50.16 -59.99 49.93
C ASP A 135 51.51 -60.58 49.56
N LYS A 136 51.68 -61.08 48.34
CA LYS A 136 53.04 -61.36 47.86
C LYS A 136 53.77 -60.10 47.41
N LEU A 137 53.05 -58.97 47.28
CA LEU A 137 53.62 -57.69 46.88
C LEU A 137 54.40 -57.02 47.99
N ASP A 138 54.34 -57.53 49.23
CA ASP A 138 55.22 -57.03 50.29
C ASP A 138 56.64 -57.49 50.04
N SER A 139 56.79 -58.67 49.42
CA SER A 139 58.10 -59.10 48.92
C SER A 139 58.56 -58.21 47.78
N PHE A 140 57.63 -57.72 46.96
CA PHE A 140 57.99 -56.75 45.94
C PHE A 140 58.39 -55.42 46.56
N ILE A 141 57.67 -54.98 47.60
CA ILE A 141 57.97 -53.72 48.27
C ILE A 141 59.30 -53.82 49.01
N ARG A 142 59.59 -55.00 49.55
CA ARG A 142 60.92 -55.26 50.08
C ARG A 142 61.96 -55.27 48.96
N ILE A 143 61.61 -55.87 47.82
CA ILE A 143 62.48 -55.79 46.65
C ILE A 143 62.57 -54.36 46.14
N ILE A 144 61.49 -53.59 46.32
CA ILE A 144 61.50 -52.19 45.92
C ILE A 144 62.40 -51.37 46.85
N ILE A 145 62.23 -51.56 48.16
CA ILE A 145 63.04 -50.82 49.14
C ILE A 145 64.50 -51.24 49.07
N GLN A 146 64.75 -52.45 48.54
CA GLN A 146 66.12 -52.89 48.30
C GLN A 146 66.78 -52.05 47.22
N ILE A 147 66.12 -51.92 46.07
CA ILE A 147 66.66 -51.06 45.02
C ILE A 147 66.55 -49.60 45.42
N TYR A 148 65.60 -49.25 46.29
CA TYR A 148 65.45 -47.89 46.80
C TYR A 148 66.46 -47.55 47.88
N LYS A 149 67.32 -48.50 48.24
CA LYS A 149 68.61 -48.21 48.82
C LYS A 149 69.70 -48.22 47.76
N ASN A 150 69.57 -49.10 46.76
CA ASN A 150 70.56 -49.19 45.69
C ASN A 150 70.55 -47.94 44.84
N THR A 151 69.42 -47.27 44.76
CA THR A 151 69.31 -46.05 43.98
C THR A 151 69.98 -44.83 44.64
N PRO A 152 69.77 -44.47 45.92
CA PRO A 152 70.54 -43.33 46.47
C PRO A 152 72.02 -43.64 46.54
N ASN A 153 72.36 -44.92 46.63
CA ASN A 153 73.72 -45.36 46.41
C ASN A 153 74.16 -45.05 44.99
N LEU A 154 73.36 -45.45 44.00
CA LEU A 154 73.72 -45.19 42.62
C LEU A 154 73.55 -43.74 42.25
N ILE A 155 72.83 -42.94 43.04
CA ILE A 155 72.65 -41.54 42.72
C ILE A 155 73.50 -40.64 43.61
N ASN A 156 73.18 -40.63 44.91
CA ASN A 156 73.66 -39.57 45.79
C ASN A 156 75.14 -39.70 46.08
N GLN A 157 75.64 -40.94 46.09
CA GLN A 157 77.08 -41.14 46.06
C GLN A 157 77.63 -40.89 44.68
N THR A 158 77.06 -41.53 43.65
CA THR A 158 77.63 -41.46 42.31
C THR A 158 77.17 -40.15 41.63
N PHE A 159 77.73 -39.04 42.13
CA PHE A 159 77.45 -37.73 41.57
C PHE A 159 78.58 -37.29 40.65
N LEU A 214 65.63 -44.26 39.44
CA LEU A 214 65.11 -44.30 38.09
C LEU A 214 63.96 -45.28 38.00
N ARG A 215 62.82 -44.79 37.49
CA ARG A 215 61.62 -45.57 37.17
C ARG A 215 61.04 -46.27 38.41
N SER A 216 60.67 -45.44 39.39
CA SER A 216 60.06 -45.97 40.60
C SER A 216 58.67 -46.53 40.33
N SER A 217 57.77 -45.68 39.81
CA SER A 217 56.33 -45.96 39.66
C SER A 217 55.74 -46.43 40.98
N MET A 218 55.99 -45.63 42.02
CA MET A 218 55.71 -46.05 43.40
C MET A 218 54.22 -46.15 43.69
N PHE A 219 53.41 -45.25 43.12
CA PHE A 219 51.97 -45.41 43.21
C PHE A 219 51.51 -46.64 42.43
N SER A 220 52.10 -46.87 41.26
CA SER A 220 51.86 -48.10 40.52
C SER A 220 52.42 -49.30 41.24
N PHE A 221 53.48 -49.11 42.02
CA PHE A 221 53.97 -50.15 42.92
C PHE A 221 52.99 -50.36 44.08
N LYS A 222 52.27 -49.31 44.48
CA LYS A 222 51.41 -49.39 45.64
C LYS A 222 49.97 -49.37 45.18
N ILE A 223 49.67 -50.15 44.14
CA ILE A 223 48.39 -50.14 43.48
C ILE A 223 47.50 -51.22 44.08
N LEU A 224 47.82 -51.62 45.32
CA LEU A 224 46.89 -52.37 46.15
C LEU A 224 45.75 -51.51 46.68
N SER A 225 45.80 -50.19 46.47
CA SER A 225 44.69 -49.24 46.61
C SER A 225 44.19 -49.09 48.05
N GLU A 226 44.92 -49.62 49.02
CA GLU A 226 44.62 -49.40 50.43
C GLU A 226 45.74 -48.63 51.11
N CYS A 227 46.97 -49.07 50.94
CA CYS A 227 48.13 -48.63 51.72
C CYS A 227 47.94 -48.59 53.22
N PRO A 228 47.74 -49.74 53.90
CA PRO A 228 48.01 -49.76 55.34
C PRO A 228 49.48 -49.95 55.64
N ILE A 229 50.23 -50.60 54.75
CA ILE A 229 51.68 -50.49 54.70
C ILE A 229 51.99 -49.01 54.52
N THR A 230 52.74 -48.44 55.45
CA THR A 230 52.78 -47.00 55.65
C THR A 230 53.51 -46.30 54.50
N MET A 231 53.52 -44.96 54.55
CA MET A 231 54.17 -44.16 53.54
C MET A 231 55.69 -44.22 53.65
N VAL A 232 56.19 -44.78 54.76
CA VAL A 232 57.53 -44.50 55.29
C VAL A 232 58.61 -44.79 54.27
N THR A 233 58.45 -45.88 53.51
CA THR A 233 59.41 -46.24 52.46
C THR A 233 59.43 -45.20 51.36
N LEU A 234 58.26 -44.75 50.92
CA LEU A 234 58.22 -43.59 50.04
C LEU A 234 58.45 -42.30 50.83
N TYR A 235 58.01 -42.26 52.10
CA TYR A 235 58.19 -41.06 52.91
C TYR A 235 59.63 -40.88 53.34
N SER A 236 60.43 -41.95 53.27
CA SER A 236 61.88 -41.78 53.28
C SER A 236 62.31 -40.96 52.08
N SER A 237 61.88 -41.35 50.88
CA SER A 237 62.24 -40.62 49.67
C SER A 237 61.51 -39.29 49.59
N TYR A 238 60.29 -39.22 50.16
CA TYR A 238 59.51 -37.99 50.10
C TYR A 238 60.18 -36.89 50.91
N LYS A 239 60.46 -37.16 52.19
CA LYS A 239 61.18 -36.21 53.01
C LYS A 239 62.59 -35.98 52.49
N GLN A 240 63.18 -36.97 51.80
CA GLN A 240 64.45 -36.76 51.13
C GLN A 240 64.34 -35.74 50.01
N LEU A 241 63.52 -36.02 49.00
CA LEU A 241 63.49 -35.16 47.83
C LEU A 241 62.81 -33.82 48.11
N THR A 242 61.88 -33.78 49.06
CA THR A 242 61.20 -32.53 49.36
C THR A 242 61.87 -31.76 50.49
N SER A 243 61.91 -32.34 51.70
CA SER A 243 62.40 -31.59 52.86
C SER A 243 63.89 -31.32 52.75
N THR A 244 64.60 -32.09 51.92
CA THR A 244 65.93 -31.69 51.48
C THR A 244 65.90 -31.35 49.99
N SER A 245 66.59 -30.29 49.61
CA SER A 245 66.84 -30.02 48.20
C SER A 245 67.69 -31.15 47.65
N LEU A 246 67.07 -32.07 46.89
CA LEU A 246 67.69 -33.31 46.48
C LEU A 246 68.92 -33.12 45.61
N PRO A 247 69.04 -32.06 44.78
CA PRO A 247 70.39 -31.58 44.44
C PRO A 247 70.81 -30.42 45.31
N GLU A 248 72.10 -30.37 45.68
CA GLU A 248 72.63 -29.23 46.40
C GLU A 248 73.01 -28.10 45.47
N PHE A 249 73.12 -28.37 44.16
CA PHE A 249 73.26 -27.29 43.19
C PHE A 249 71.99 -26.47 43.06
N THR A 250 70.84 -27.02 43.46
CA THR A 250 69.59 -26.27 43.35
C THR A 250 69.48 -25.10 44.32
N PRO A 251 69.87 -25.21 45.62
CA PRO A 251 69.96 -23.96 46.41
C PRO A 251 71.03 -23.02 45.90
N LEU A 252 72.07 -23.55 45.25
CA LEU A 252 73.03 -22.70 44.57
C LEU A 252 72.38 -22.00 43.38
N ILE A 253 71.63 -22.74 42.58
CA ILE A 253 71.11 -22.18 41.32
C ILE A 253 69.88 -21.31 41.58
N MET A 254 69.04 -21.67 42.54
CA MET A 254 67.83 -20.86 42.82
C MET A 254 68.20 -19.54 43.47
N ASN A 255 69.25 -19.54 44.29
CA ASN A 255 69.79 -18.27 44.75
C ASN A 255 70.47 -17.51 43.61
N LEU A 256 71.03 -18.23 42.64
CA LEU A 256 71.68 -17.60 41.49
C LEU A 256 70.69 -17.18 40.41
N LEU A 257 69.43 -17.60 40.48
CA LEU A 257 68.45 -17.19 39.48
C LEU A 257 68.05 -15.73 39.68
N ASN A 258 67.76 -15.34 40.92
CA ASN A 258 67.37 -13.97 41.24
C ASN A 258 68.49 -13.21 41.92
N ASN A 287 68.43 -26.94 33.85
CA ASN A 287 69.86 -27.21 33.76
C ASN A 287 70.58 -26.11 33.00
N ARG A 288 70.75 -24.96 33.64
CA ARG A 288 71.37 -23.81 33.00
C ARG A 288 72.90 -23.96 32.86
N PRO A 289 73.67 -24.51 33.85
CA PRO A 289 75.04 -24.91 33.51
C PRO A 289 75.13 -26.30 32.88
N ALA A 290 76.35 -26.72 32.53
CA ALA A 290 76.53 -27.94 31.76
C ALA A 290 76.36 -29.21 32.58
N TYR A 291 76.39 -29.11 33.91
CA TYR A 291 76.06 -30.27 34.74
C TYR A 291 74.56 -30.51 34.67
N CYS A 292 74.11 -31.21 33.65
CA CYS A 292 72.70 -31.22 33.27
C CYS A 292 71.97 -32.52 33.57
N ASP A 293 72.53 -33.67 33.16
CA ASP A 293 71.81 -34.93 33.26
C ASP A 293 71.62 -35.37 34.69
N PHE A 294 72.43 -34.85 35.61
CA PHE A 294 72.22 -35.09 37.03
C PHE A 294 70.98 -34.35 37.54
N ILE A 295 70.85 -33.08 37.18
CA ILE A 295 69.66 -32.33 37.55
C ILE A 295 68.46 -32.91 36.83
N LEU A 296 68.68 -33.32 35.57
CA LEU A 296 67.68 -34.06 34.81
C LEU A 296 67.38 -35.40 35.45
N ALA A 297 68.37 -36.02 36.10
CA ALA A 297 68.05 -37.19 36.89
C ALA A 297 67.22 -36.80 38.11
N GLN A 298 67.68 -35.80 38.86
CA GLN A 298 67.00 -35.36 40.07
C GLN A 298 65.62 -34.79 39.80
N ILE A 299 65.37 -34.29 38.58
CA ILE A 299 64.02 -33.91 38.19
C ILE A 299 63.19 -35.14 37.87
N LYS A 300 63.75 -36.08 37.09
CA LYS A 300 63.02 -37.29 36.71
C LYS A 300 62.76 -38.16 37.92
N ALA A 301 63.61 -38.05 38.95
CA ALA A 301 63.33 -38.67 40.23
C ALA A 301 62.13 -38.02 40.92
N THR A 302 62.24 -36.72 41.20
CA THR A 302 61.22 -36.02 42.00
C THR A 302 59.88 -35.97 41.28
N SER A 303 59.87 -36.09 39.96
CA SER A 303 58.63 -36.17 39.21
C SER A 303 57.86 -37.43 39.55
N PHE A 304 58.52 -38.59 39.43
CA PHE A 304 57.90 -39.82 39.85
C PHE A 304 57.66 -39.83 41.36
N LEU A 305 58.50 -39.10 42.12
CA LEU A 305 58.25 -38.96 43.55
C LEU A 305 56.98 -38.16 43.80
N ALA A 306 56.74 -37.16 42.95
CA ALA A 306 55.46 -36.47 43.02
C ALA A 306 54.33 -37.38 42.56
N TYR A 307 54.62 -38.28 41.61
CA TYR A 307 53.60 -39.12 41.01
C TYR A 307 52.96 -40.05 42.04
N VAL A 308 53.74 -40.48 43.03
CA VAL A 308 53.18 -41.28 44.11
C VAL A 308 52.34 -40.40 45.02
N PHE A 309 52.81 -39.18 45.31
CA PHE A 309 52.37 -38.38 46.46
C PHE A 309 50.91 -37.99 46.41
N ILE A 310 50.26 -38.07 45.24
CA ILE A 310 48.84 -37.81 45.18
C ILE A 310 48.06 -39.06 45.54
N ARG A 311 48.59 -40.23 45.20
CA ARG A 311 47.97 -41.48 45.63
C ARG A 311 48.17 -41.73 47.12
N GLY A 312 48.92 -40.88 47.81
CA GLY A 312 48.92 -40.86 49.25
C GLY A 312 48.33 -39.57 49.77
N TYR A 313 47.87 -38.71 48.87
CA TYR A 313 47.12 -37.52 49.28
C TYR A 313 45.65 -37.63 48.92
N ALA A 314 45.34 -38.17 47.75
CA ALA A 314 43.94 -38.23 47.35
C ALA A 314 43.17 -39.34 48.06
N PRO A 315 43.60 -40.61 48.09
CA PRO A 315 42.87 -41.57 48.94
C PRO A 315 43.42 -41.72 50.35
N GLU A 316 44.33 -40.85 50.78
CA GLU A 316 44.96 -40.99 52.08
C GLU A 316 45.17 -39.62 52.70
N PHE A 317 44.78 -39.49 53.97
CA PHE A 317 44.99 -38.26 54.72
C PHE A 317 46.14 -38.46 55.68
N LEU A 318 47.18 -37.64 55.53
CA LEU A 318 48.30 -37.64 56.45
C LEU A 318 48.01 -36.64 57.56
N GLN A 319 48.73 -36.77 58.66
CA GLN A 319 48.57 -35.88 59.78
C GLN A 319 49.93 -35.33 60.17
N ASP A 320 49.92 -34.09 60.67
CA ASP A 320 51.07 -33.41 61.28
C ASP A 320 52.24 -33.21 60.30
N TYR A 321 51.98 -33.22 58.99
CA TYR A 321 53.00 -32.91 57.99
C TYR A 321 52.37 -31.91 57.02
N VAL A 322 52.38 -30.64 57.40
CA VAL A 322 51.64 -29.62 56.64
C VAL A 322 52.46 -28.40 56.29
N ASN A 323 53.61 -28.16 56.92
CA ASN A 323 54.38 -26.96 56.61
C ASN A 323 55.24 -27.14 55.37
N PHE A 324 55.71 -28.36 55.12
CA PHE A 324 56.61 -28.61 54.00
C PHE A 324 55.90 -28.58 52.65
N VAL A 325 54.63 -28.97 52.60
CA VAL A 325 53.92 -29.27 51.35
C VAL A 325 53.66 -28.05 50.47
N PRO A 326 53.27 -26.87 50.98
CA PRO A 326 53.30 -25.69 50.08
C PRO A 326 54.70 -25.31 49.68
N ASP A 327 55.65 -25.43 50.61
CA ASP A 327 57.05 -25.21 50.26
C ASP A 327 57.53 -26.25 49.28
N LEU A 328 57.10 -27.50 49.44
CA LEU A 328 57.41 -28.53 48.46
C LEU A 328 56.70 -28.26 47.16
N ILE A 329 55.48 -27.73 47.23
CA ILE A 329 54.83 -27.22 46.03
C ILE A 329 55.63 -26.06 45.48
N ILE A 330 56.13 -25.18 46.36
CA ILE A 330 57.00 -24.09 45.92
C ILE A 330 58.31 -24.65 45.41
N ARG A 331 58.76 -25.76 45.98
CA ARG A 331 59.94 -26.43 45.45
C ARG A 331 59.66 -27.08 44.11
N LEU A 332 58.50 -27.73 43.98
CA LEU A 332 58.08 -28.24 42.69
C LEU A 332 57.85 -27.10 41.72
N LEU A 333 57.37 -25.96 42.25
CA LEU A 333 57.26 -24.76 41.44
C LEU A 333 58.62 -24.28 40.96
N GLN A 334 59.64 -24.42 41.80
CA GLN A 334 60.93 -23.82 41.49
C GLN A 334 61.62 -24.53 40.33
N ASP A 335 61.54 -25.85 40.30
CA ASP A 335 62.30 -26.62 39.33
C ASP A 335 61.40 -27.28 38.31
N CYS A 336 61.78 -27.18 37.05
CA CYS A 336 61.33 -27.99 35.94
C CYS A 336 62.29 -27.78 34.78
N PRO A 337 62.88 -28.82 34.24
CA PRO A 337 63.61 -28.64 32.99
C PRO A 337 62.68 -28.91 31.82
N SER A 338 63.11 -28.58 30.62
CA SER A 338 62.14 -28.50 29.53
C SER A 338 62.69 -29.06 28.23
N GLU A 339 63.52 -30.09 28.31
CA GLU A 339 63.91 -30.77 27.08
C GLU A 339 62.74 -31.60 26.58
N LEU A 340 62.24 -32.49 27.43
CA LEU A 340 61.07 -33.27 27.11
C LEU A 340 59.82 -32.51 27.53
N SER A 341 58.68 -33.12 27.37
CA SER A 341 57.43 -32.38 27.47
C SER A 341 56.43 -33.01 28.42
N SER A 342 56.33 -34.34 28.42
CA SER A 342 55.46 -35.03 29.36
C SER A 342 55.93 -34.85 30.79
N ALA A 343 57.20 -34.46 30.95
CA ALA A 343 57.71 -33.95 32.22
C ALA A 343 56.80 -32.88 32.81
N ARG A 344 56.57 -31.81 32.06
CA ARG A 344 55.64 -30.80 32.54
C ARG A 344 54.23 -31.35 32.59
N LYS A 345 53.86 -32.16 31.57
CA LYS A 345 52.48 -32.59 31.38
C LYS A 345 52.02 -33.48 32.51
N GLU A 346 52.88 -34.40 32.92
CA GLU A 346 52.56 -35.20 34.08
C GLU A 346 52.55 -34.33 35.32
N LEU A 347 53.58 -33.48 35.48
CA LEU A 347 53.66 -32.57 36.62
C LEU A 347 52.49 -31.62 36.65
N LEU A 348 51.97 -31.28 35.49
CA LEU A 348 50.73 -30.54 35.41
C LEU A 348 49.57 -31.36 35.95
N HIS A 349 49.33 -32.54 35.37
CA HIS A 349 48.22 -33.38 35.80
C HIS A 349 48.44 -33.84 37.22
N ALA A 350 49.71 -33.92 37.63
CA ALA A 350 50.03 -34.06 39.05
C ALA A 350 49.54 -32.85 39.82
N THR A 351 49.90 -31.65 39.37
CA THR A 351 49.47 -30.46 40.08
C THR A 351 47.97 -30.33 40.03
N ARG A 352 47.36 -30.82 38.95
CA ARG A 352 45.91 -30.95 38.88
C ARG A 352 45.40 -31.89 39.94
N HIS A 353 46.06 -33.03 40.10
CA HIS A 353 45.72 -33.88 41.21
C HIS A 353 46.10 -33.22 42.52
N ILE A 354 47.19 -32.46 42.54
CA ILE A 354 47.54 -31.71 43.74
C ILE A 354 46.52 -30.62 43.99
N LEU A 355 45.99 -30.04 42.92
CA LEU A 355 44.85 -29.16 43.08
C LEU A 355 43.60 -29.93 43.43
N SER A 356 43.54 -31.21 43.07
CA SER A 356 42.33 -31.99 43.33
C SER A 356 42.15 -32.29 44.80
N THR A 357 43.17 -32.06 45.62
CA THR A 357 42.99 -32.05 47.06
C THR A 357 42.10 -30.89 47.48
N ASN A 358 41.55 -30.99 48.69
CA ASN A 358 40.57 -30.03 49.18
C ASN A 358 41.13 -29.11 50.25
N TYR A 359 41.67 -29.67 51.33
CA TYR A 359 42.26 -28.81 52.35
C TYR A 359 43.57 -28.22 51.87
N LYS A 360 44.30 -28.97 51.03
CA LYS A 360 45.47 -28.39 50.36
C LYS A 360 45.04 -27.28 49.40
N LYS A 361 43.85 -27.41 48.82
CA LYS A 361 43.26 -26.27 48.14
C LYS A 361 42.82 -25.19 49.13
N LEU A 362 42.33 -25.60 50.30
CA LEU A 362 41.88 -24.61 51.27
C LEU A 362 43.04 -23.88 51.93
N PHE A 363 44.19 -24.54 52.07
CA PHE A 363 45.31 -23.93 52.77
C PHE A 363 46.16 -23.08 51.82
N LEU A 364 46.62 -23.68 50.72
CA LEU A 364 47.81 -23.19 50.02
C LEU A 364 47.68 -21.78 49.42
N PRO A 365 46.66 -21.41 48.63
CA PRO A 365 46.68 -20.06 48.03
C PRO A 365 46.47 -18.95 49.03
N LYS A 366 45.77 -19.23 50.13
CA LYS A 366 45.70 -18.26 51.22
C LYS A 366 47.09 -18.05 51.80
N LEU A 367 47.90 -19.10 51.82
CA LEU A 367 49.28 -18.97 52.26
C LEU A 367 50.24 -18.63 51.15
N ASP A 368 50.11 -19.23 49.98
CA ASP A 368 51.09 -18.98 48.94
C ASP A 368 50.80 -17.65 48.28
N TYR A 369 51.87 -16.92 47.99
CA TYR A 369 51.83 -15.91 46.95
C TYR A 369 51.92 -16.69 45.65
N LEU A 370 50.76 -17.01 45.08
CA LEU A 370 50.68 -17.82 43.87
C LEU A 370 51.21 -17.10 42.64
N PHE A 371 51.63 -15.85 42.77
CA PHE A 371 52.35 -15.15 41.73
C PHE A 371 53.70 -15.79 41.43
N ASP A 372 54.20 -16.66 42.30
CA ASP A 372 55.30 -17.54 41.91
C ASP A 372 54.91 -18.39 40.72
N GLU A 373 53.65 -18.81 40.65
CA GLU A 373 53.13 -19.45 39.45
C GLU A 373 52.78 -18.33 38.46
N ARG A 374 53.83 -17.81 37.84
CA ARG A 374 53.75 -16.76 36.84
C ARG A 374 53.74 -17.42 35.46
N ILE A 375 54.07 -16.66 34.41
CA ILE A 375 54.41 -17.29 33.14
C ILE A 375 55.66 -18.14 33.23
N LEU A 376 56.46 -17.97 34.27
CA LEU A 376 57.53 -18.88 34.58
C LEU A 376 57.06 -20.18 35.21
N ILE A 377 55.77 -20.31 35.53
CA ILE A 377 55.25 -21.64 35.82
C ILE A 377 55.24 -22.46 34.54
N GLY A 378 54.61 -21.96 33.49
CA GLY A 378 54.63 -22.68 32.24
C GLY A 378 55.57 -22.05 31.25
N ASN A 379 56.77 -22.63 31.11
CA ASN A 379 57.77 -22.12 30.18
C ASN A 379 58.41 -23.29 29.48
N GLY A 380 58.95 -23.03 28.31
CA GLY A 380 59.58 -24.09 27.54
C GLY A 380 59.34 -23.90 26.04
N PHE A 381 58.99 -25.01 25.39
CA PHE A 381 58.77 -25.02 23.95
C PHE A 381 57.42 -24.41 23.61
N THR A 382 57.23 -24.13 22.32
CA THR A 382 55.88 -23.86 21.80
C THR A 382 55.08 -25.14 21.64
N MET A 383 55.72 -26.30 21.82
CA MET A 383 54.98 -27.50 22.20
C MET A 383 54.17 -27.23 23.44
N HIS A 384 54.79 -26.63 24.45
CA HIS A 384 54.11 -26.28 25.69
C HIS A 384 53.10 -25.16 25.54
N GLU A 385 53.02 -24.48 24.40
CA GLU A 385 51.87 -23.62 24.12
C GLU A 385 50.59 -24.44 24.05
N THR A 386 50.67 -25.66 23.53
CA THR A 386 49.54 -26.56 23.59
C THR A 386 49.26 -26.99 25.02
N LEU A 387 50.26 -26.94 25.88
CA LEU A 387 50.08 -27.24 27.29
C LEU A 387 49.57 -26.03 28.08
N ARG A 388 49.67 -24.84 27.51
CA ARG A 388 49.17 -23.63 28.15
C ARG A 388 47.71 -23.66 28.61
N PRO A 389 46.76 -24.34 27.94
CA PRO A 389 45.40 -24.38 28.49
C PRO A 389 45.30 -25.01 29.84
N LEU A 390 45.63 -26.30 29.94
CA LEU A 390 45.47 -27.02 31.19
C LEU A 390 46.35 -26.43 32.27
N ALA A 391 47.49 -25.85 31.86
CA ALA A 391 48.29 -25.04 32.76
C ALA A 391 47.46 -23.88 33.30
N TYR A 392 46.89 -23.09 32.39
CA TYR A 392 46.07 -22.00 32.84
C TYR A 392 44.77 -22.51 33.43
N SER A 393 44.17 -23.55 32.83
CA SER A 393 42.86 -24.02 33.26
C SER A 393 42.91 -24.57 34.67
N THR A 394 44.03 -25.18 35.05
CA THR A 394 44.14 -25.61 36.43
C THR A 394 44.36 -24.43 37.34
N VAL A 395 45.19 -23.49 36.90
CA VAL A 395 45.34 -22.22 37.59
C VAL A 395 44.02 -21.48 37.59
N ALA A 396 43.24 -21.63 36.52
CA ALA A 396 41.87 -21.13 36.52
C ALA A 396 41.04 -21.87 37.52
N ASP A 397 41.17 -23.20 37.54
CA ASP A 397 40.47 -23.99 38.55
C ASP A 397 40.97 -23.64 39.94
N PHE A 398 42.22 -23.19 40.05
CA PHE A 398 42.80 -22.86 41.35
C PHE A 398 42.07 -21.72 42.02
N ILE A 399 42.00 -20.57 41.36
CA ILE A 399 41.38 -19.42 42.00
C ILE A 399 39.87 -19.60 42.08
N HIS A 400 39.31 -20.36 41.13
CA HIS A 400 37.89 -20.71 41.15
C HIS A 400 37.55 -21.47 42.42
N ASN A 401 38.46 -22.33 42.85
CA ASN A 401 38.33 -22.91 44.17
C ASN A 401 38.71 -21.89 45.23
N ILE A 402 39.75 -21.09 44.98
CA ILE A 402 40.36 -20.28 46.02
C ILE A 402 39.64 -18.95 46.12
N ARG A 403 38.46 -18.87 45.54
CA ARG A 403 37.63 -17.68 45.64
C ARG A 403 37.04 -17.57 47.04
N SER A 404 37.90 -17.33 48.02
CA SER A 404 37.50 -17.07 49.37
C SER A 404 38.25 -15.81 49.75
N GLU A 405 37.66 -14.66 49.39
CA GLU A 405 38.06 -13.34 49.84
C GLU A 405 39.53 -13.02 49.52
N LEU A 406 39.88 -13.13 48.24
CA LEU A 406 41.18 -12.64 47.77
C LEU A 406 41.18 -11.12 47.79
N GLN A 407 42.23 -10.53 48.38
CA GLN A 407 42.29 -9.10 48.66
C GLN A 407 42.31 -8.28 47.37
N LEU A 408 42.07 -6.98 47.53
CA LEU A 408 41.76 -6.12 46.40
C LEU A 408 42.93 -6.00 45.44
N SER A 409 44.11 -5.71 45.97
CA SER A 409 45.31 -5.66 45.14
C SER A 409 45.65 -7.04 44.62
N GLU A 410 45.38 -8.06 45.43
CA GLU A 410 45.53 -9.43 44.95
C GLU A 410 44.51 -9.73 43.87
N ILE A 411 43.28 -9.27 44.07
CA ILE A 411 42.27 -9.40 43.02
C ILE A 411 42.66 -8.56 41.83
N GLU A 412 43.37 -7.47 42.06
CA GLU A 412 43.80 -6.64 40.95
C GLU A 412 44.81 -7.36 40.07
N LYS A 413 45.74 -8.07 40.68
CA LYS A 413 46.62 -8.93 39.89
C LYS A 413 45.84 -10.05 39.24
N THR A 414 44.83 -10.56 39.95
CA THR A 414 43.99 -11.63 39.42
C THR A 414 43.27 -11.17 38.18
N ILE A 415 42.77 -9.95 38.21
CA ILE A 415 42.10 -9.39 37.05
C ILE A 415 43.08 -9.25 35.92
N LYS A 416 44.19 -8.61 36.18
CA LYS A 416 45.12 -8.20 35.14
C LYS A 416 45.72 -9.41 34.45
N ILE A 417 46.07 -10.42 35.24
CA ILE A 417 46.69 -11.60 34.67
C ILE A 417 45.67 -12.40 33.89
N TYR A 418 44.57 -12.76 34.54
CA TYR A 418 43.67 -13.70 33.93
C TYR A 418 42.85 -13.05 32.83
N THR A 419 42.41 -11.80 33.03
CA THR A 419 41.75 -11.15 31.92
C THR A 419 42.76 -10.83 30.84
N GLY A 420 44.02 -10.59 31.23
CA GLY A 420 45.06 -10.55 30.23
C GLY A 420 45.28 -11.90 29.59
N TYR A 421 45.17 -12.96 30.37
CA TYR A 421 45.17 -14.28 29.78
C TYR A 421 43.93 -14.47 28.93
N LEU A 422 42.81 -13.91 29.39
CA LEU A 422 41.60 -13.93 28.56
C LEU A 422 41.75 -13.01 27.36
N LEU A 423 42.49 -11.92 27.54
CA LEU A 423 42.78 -11.08 26.39
C LEU A 423 43.68 -11.80 25.43
N ASP A 424 44.51 -12.71 25.94
CA ASP A 424 45.38 -13.52 25.10
C ASP A 424 44.48 -14.48 24.35
N GLU A 425 43.86 -13.96 23.31
CA GLU A 425 42.76 -14.64 22.67
C GLU A 425 43.23 -15.46 21.50
N SER A 426 44.51 -15.43 21.18
CA SER A 426 45.04 -16.24 20.09
C SER A 426 45.38 -17.66 20.53
N LEU A 427 45.11 -18.02 21.78
CA LEU A 427 45.37 -19.37 22.26
C LEU A 427 44.23 -20.33 21.96
N ALA A 428 43.07 -20.13 22.59
CA ALA A 428 41.95 -21.06 22.52
C ALA A 428 40.64 -20.46 23.04
N LEU A 429 39.57 -20.65 22.29
CA LEU A 429 38.30 -20.05 22.63
C LEU A 429 37.72 -20.65 23.89
N THR A 430 37.86 -21.96 24.02
CA THR A 430 37.41 -22.64 25.21
C THR A 430 38.19 -22.16 26.40
N VAL A 431 39.48 -21.89 26.20
CA VAL A 431 40.27 -21.28 27.25
C VAL A 431 39.79 -19.89 27.53
N GLN A 432 39.40 -19.17 26.48
CA GLN A 432 38.90 -17.82 26.65
C GLN A 432 37.54 -17.85 27.32
N ILE A 433 36.65 -18.71 26.83
CA ILE A 433 35.31 -18.81 27.37
C ILE A 433 35.34 -19.27 28.82
N MET A 434 36.29 -20.13 29.16
CA MET A 434 36.45 -20.53 30.55
C MET A 434 36.92 -19.36 31.38
N SER A 435 37.97 -18.68 30.91
CA SER A 435 38.54 -17.54 31.59
C SER A 435 37.53 -16.43 31.75
N ALA A 436 36.60 -16.35 30.81
CA ALA A 436 35.43 -15.50 31.00
C ALA A 436 34.67 -15.90 32.25
N LYS A 437 34.29 -17.17 32.33
CA LYS A 437 33.44 -17.62 33.44
C LYS A 437 34.18 -17.56 34.75
N LEU A 438 35.50 -17.66 34.67
CA LEU A 438 36.32 -17.33 35.82
C LEU A 438 36.08 -15.91 36.25
N LEU A 439 36.17 -14.98 35.32
CA LEU A 439 36.11 -13.57 35.68
C LEU A 439 34.72 -13.19 36.12
N LEU A 440 33.70 -13.79 35.53
CA LEU A 440 32.34 -13.46 35.93
C LEU A 440 32.05 -14.02 37.31
N ASN A 441 32.55 -15.22 37.60
CA ASN A 441 32.50 -15.69 38.96
C ASN A 441 33.39 -14.85 39.85
N LEU A 442 34.52 -14.39 39.31
CA LEU A 442 35.37 -13.49 40.06
C LEU A 442 34.69 -12.14 40.24
N VAL A 443 33.81 -11.78 39.31
CA VAL A 443 33.09 -10.54 39.45
C VAL A 443 32.13 -10.62 40.61
N GLU A 444 31.55 -11.79 40.81
CA GLU A 444 30.74 -12.02 41.99
C GLU A 444 31.57 -11.89 43.25
N ARG A 445 32.80 -12.41 43.21
CA ARG A 445 33.72 -12.23 44.32
C ARG A 445 34.15 -10.78 44.43
N ILE A 446 34.34 -10.13 43.28
CA ILE A 446 34.53 -8.69 43.28
C ILE A 446 33.29 -8.01 43.78
N LEU A 447 32.12 -8.56 43.48
CA LEU A 447 30.92 -8.01 44.08
C LEU A 447 30.86 -8.30 45.57
N LYS A 448 31.25 -9.51 45.96
CA LYS A 448 31.07 -9.93 47.35
C LYS A 448 32.04 -9.21 48.26
N LEU A 449 33.34 -9.29 47.97
CA LEU A 449 34.29 -8.55 48.77
C LEU A 449 34.21 -7.07 48.49
N GLY A 450 33.76 -6.67 47.30
CA GLY A 450 33.70 -5.26 47.02
C GLY A 450 32.61 -4.55 47.79
N LYS A 451 31.55 -5.27 48.13
CA LYS A 451 30.58 -4.74 49.08
C LYS A 451 31.29 -4.59 50.42
N GLU A 452 31.78 -3.39 50.69
CA GLU A 452 32.77 -3.20 51.73
C GLU A 452 32.80 -1.74 52.12
N ASN A 453 33.95 -1.32 52.62
CA ASN A 453 34.23 0.02 53.13
C ASN A 453 33.92 1.10 52.11
N PRO A 454 33.31 2.18 52.56
CA PRO A 454 33.13 3.36 51.70
C PRO A 454 34.47 3.99 51.39
N GLN A 455 35.44 3.78 52.28
CA GLN A 455 36.82 4.05 51.91
C GLN A 455 37.27 3.16 50.78
N GLU A 456 36.91 1.88 50.82
CA GLU A 456 37.35 0.96 49.77
C GLU A 456 36.43 0.99 48.57
N ALA A 457 35.23 1.54 48.73
CA ALA A 457 34.25 1.53 47.64
C ALA A 457 34.65 2.22 46.35
N PRO A 458 35.30 3.41 46.32
CA PRO A 458 35.63 3.97 45.01
C PRO A 458 36.73 3.23 44.33
N ARG A 459 37.68 2.68 45.08
CA ARG A 459 38.63 1.75 44.49
C ARG A 459 37.93 0.48 44.08
N ALA A 460 36.96 0.04 44.88
CA ALA A 460 36.10 -1.04 44.45
C ALA A 460 35.26 -0.61 43.27
N LYS A 461 34.81 0.64 43.26
CA LYS A 461 34.19 1.17 42.07
C LYS A 461 35.22 1.31 40.96
N LYS A 462 36.47 1.64 41.33
CA LYS A 462 37.52 1.61 40.32
C LYS A 462 37.78 0.20 39.89
N LEU A 463 37.71 -0.74 40.83
CA LEU A 463 37.71 -2.14 40.46
C LEU A 463 36.49 -2.44 39.60
N LEU A 464 35.35 -1.89 40.00
CA LEU A 464 34.18 -2.01 39.15
C LEU A 464 34.39 -1.26 37.86
N MET A 465 35.13 -0.16 37.92
CA MET A 465 35.54 0.46 36.67
C MET A 465 36.52 -0.43 35.94
N ILE A 466 37.42 -1.08 36.68
CA ILE A 466 38.34 -1.98 36.02
C ILE A 466 37.60 -3.18 35.49
N ILE A 467 36.52 -3.56 36.16
CA ILE A 467 35.73 -4.71 35.76
C ILE A 467 35.18 -4.49 34.36
N ILE A 468 34.58 -3.33 34.15
CA ILE A 468 34.11 -2.98 32.82
C ILE A 468 35.30 -2.77 31.92
N ASP A 469 36.38 -2.24 32.49
CA ASP A 469 37.56 -1.95 31.69
C ASP A 469 38.18 -3.22 31.19
N SER A 470 38.14 -4.25 32.02
CA SER A 470 38.30 -5.57 31.46
C SER A 470 37.22 -5.83 30.42
N TYR A 471 35.97 -5.69 30.84
CA TYR A 471 34.84 -6.27 30.12
C TYR A 471 34.64 -5.64 28.77
N MET A 472 34.76 -4.32 28.73
CA MET A 472 34.63 -3.60 27.48
C MET A 472 35.69 -4.07 26.52
N ASN A 473 36.94 -3.94 26.96
CA ASN A 473 38.06 -4.27 26.10
C ASN A 473 38.09 -5.75 25.83
N ARG A 474 37.50 -6.53 26.72
CA ARG A 474 37.38 -7.97 26.55
C ARG A 474 36.65 -8.24 25.25
N PHE A 475 35.42 -7.78 25.16
CA PHE A 475 34.71 -8.06 23.94
C PHE A 475 35.23 -7.21 22.82
N LYS A 476 35.48 -5.94 23.11
CA LYS A 476 35.64 -4.94 22.06
C LYS A 476 36.92 -5.21 21.29
N THR A 477 37.91 -5.78 21.95
CA THR A 477 38.96 -6.38 21.17
C THR A 477 38.40 -7.58 20.45
N LEU A 478 37.86 -8.52 21.20
CA LEU A 478 37.68 -9.85 20.68
C LEU A 478 36.60 -9.88 19.64
N ASN A 479 35.53 -9.14 19.88
CA ASN A 479 34.52 -9.01 18.85
C ASN A 479 35.06 -8.27 17.65
N ARG A 480 35.95 -7.31 17.87
CA ARG A 480 36.46 -6.67 16.68
C ARG A 480 37.55 -7.50 16.07
N GLN A 481 38.29 -8.21 16.92
CA GLN A 481 39.08 -9.31 16.42
C GLN A 481 38.21 -10.29 15.68
N TYR A 482 37.04 -10.61 16.24
CA TYR A 482 36.09 -11.41 15.48
C TYR A 482 35.65 -10.66 14.23
N ASP A 483 35.47 -9.36 14.33
CA ASP A 483 35.11 -8.59 13.16
C ASP A 483 36.29 -8.48 12.21
N THR A 484 37.50 -8.47 12.74
CA THR A 484 38.67 -8.58 11.88
C THR A 484 38.65 -9.89 11.14
N ILE A 485 38.18 -10.94 11.80
CA ILE A 485 38.14 -12.23 11.15
C ILE A 485 37.05 -12.26 10.10
N MET A 486 36.03 -11.41 10.26
CA MET A 486 34.79 -11.55 9.50
C MET A 486 34.97 -11.25 8.04
N LYS A 487 35.88 -10.34 7.73
CA LYS A 487 36.22 -10.09 6.34
C LYS A 487 36.89 -11.30 5.71
N TYR A 488 37.90 -11.84 6.38
CA TYR A 488 38.55 -13.03 5.87
C TYR A 488 37.67 -14.25 6.02
N TYR A 489 36.65 -14.18 6.86
CA TYR A 489 35.72 -15.28 7.02
C TYR A 489 34.85 -15.48 5.80
N GLY A 490 34.76 -14.48 4.92
CA GLY A 490 34.16 -14.72 3.62
C GLY A 490 34.94 -15.75 2.83
N ARG A 491 36.27 -15.64 2.86
CA ARG A 491 37.12 -16.68 2.27
C ARG A 491 36.97 -17.99 3.04
N TYR A 492 36.73 -17.91 4.34
CA TYR A 492 36.43 -19.11 5.10
C TYR A 492 35.07 -19.65 4.73
N GLU A 493 34.11 -18.75 4.50
CA GLU A 493 32.83 -19.15 3.93
C GLU A 493 33.02 -19.71 2.54
N THR A 494 33.98 -19.17 1.78
CA THR A 494 34.35 -19.73 0.49
C THR A 494 34.95 -21.12 0.65
N HIS A 495 35.52 -21.41 1.83
CA HIS A 495 35.91 -22.78 2.14
C HIS A 495 34.81 -23.57 2.84
N LYS A 496 34.06 -22.93 3.76
CA LYS A 496 33.08 -23.65 4.56
C LYS A 496 31.92 -24.14 3.70
N LYS A 497 31.57 -23.38 2.68
CA LYS A 497 30.68 -23.92 1.65
C LYS A 497 31.41 -24.96 0.79
N GLU A 498 32.71 -24.76 0.55
CA GLU A 498 33.42 -25.60 -0.43
C GLU A 498 33.59 -27.02 0.07
N LYS A 499 33.94 -27.20 1.34
CA LYS A 499 33.93 -28.54 1.91
C LYS A 499 32.51 -29.09 1.99
N ALA A 500 31.53 -28.21 2.25
CA ALA A 500 30.13 -28.62 2.16
C ALA A 500 29.72 -28.87 0.71
N GLU A 501 30.39 -28.23 -0.24
CA GLU A 501 30.17 -28.57 -1.65
C GLU A 501 30.80 -29.91 -1.98
N LYS A 502 31.98 -30.18 -1.43
CA LYS A 502 32.67 -31.44 -1.70
C LYS A 502 31.98 -32.62 -1.02
N LEU A 503 31.23 -32.36 0.04
CA LEU A 503 30.56 -33.43 0.77
C LEU A 503 29.47 -34.11 -0.04
N LYS A 504 28.89 -33.44 -1.02
CA LYS A 504 27.76 -34.00 -1.74
C LYS A 504 27.66 -33.50 -3.17
N ASP A 511 11.52 -45.24 -6.41
CA ASP A 511 10.22 -45.45 -7.05
C ASP A 511 10.37 -46.24 -8.35
N LYS A 512 11.43 -47.05 -8.43
CA LYS A 512 11.70 -47.81 -9.64
C LYS A 512 10.69 -48.92 -9.88
N GLU A 513 9.99 -49.37 -8.83
CA GLU A 513 8.86 -50.25 -9.02
C GLU A 513 7.76 -49.53 -9.79
N SER A 514 7.55 -48.26 -9.46
CA SER A 514 6.53 -47.47 -10.14
C SER A 514 6.94 -47.13 -11.56
N GLU A 515 8.19 -46.71 -11.76
CA GLU A 515 8.58 -46.13 -13.04
C GLU A 515 8.81 -47.21 -14.11
N GLU A 516 9.64 -48.22 -13.81
CA GLU A 516 10.00 -49.21 -14.82
C GLU A 516 8.84 -50.11 -15.20
N PHE A 517 7.88 -50.30 -14.29
CA PHE A 517 6.65 -51.02 -14.65
C PHE A 517 5.86 -50.25 -15.69
N MET A 518 5.96 -48.92 -15.67
CA MET A 518 5.38 -48.13 -16.75
C MET A 518 6.23 -48.17 -18.00
N ARG A 519 7.50 -48.59 -17.88
CA ARG A 519 8.45 -48.40 -18.98
C ARG A 519 8.36 -49.50 -20.05
N LYS A 520 8.91 -50.68 -19.76
CA LYS A 520 9.00 -51.77 -20.74
C LYS A 520 7.72 -52.59 -20.83
N VAL A 521 6.64 -52.11 -20.22
CA VAL A 521 5.31 -52.69 -20.37
C VAL A 521 4.32 -51.71 -20.97
N LEU A 522 4.72 -50.44 -21.16
CA LEU A 522 3.95 -49.38 -21.82
C LEU A 522 3.25 -49.79 -23.12
N VAL A 558 44.16 -12.04 0.54
CA VAL A 558 44.63 -12.63 1.78
C VAL A 558 45.72 -11.76 2.39
N GLU A 559 45.33 -10.59 2.89
CA GLU A 559 46.28 -9.68 3.53
C GLU A 559 46.31 -9.87 5.04
N MET A 560 46.41 -11.13 5.46
CA MET A 560 46.54 -11.49 6.86
C MET A 560 47.22 -12.85 6.93
N PHE A 561 47.04 -13.55 8.06
CA PHE A 561 47.70 -14.85 8.26
C PHE A 561 47.13 -15.97 7.42
N ASP A 562 46.16 -15.70 6.53
CA ASP A 562 45.81 -16.66 5.50
C ASP A 562 47.02 -17.00 4.64
N ILE A 563 47.83 -15.98 4.34
CA ILE A 563 49.08 -16.23 3.64
C ILE A 563 50.07 -16.97 4.55
N LYS A 564 50.03 -16.68 5.86
CA LYS A 564 50.87 -17.42 6.79
C LYS A 564 50.49 -18.89 6.84
N ASN A 565 49.22 -19.19 6.60
CA ASN A 565 48.81 -20.56 6.39
C ASN A 565 49.42 -21.12 5.11
N TYR A 566 49.63 -20.27 4.10
CA TYR A 566 50.03 -20.77 2.78
C TYR A 566 51.50 -21.22 2.71
N ALA A 567 52.22 -21.35 3.82
CA ALA A 567 53.62 -21.72 3.98
C ALA A 567 53.78 -23.21 4.23
N PRO A 568 54.79 -23.87 3.63
CA PRO A 568 54.93 -25.33 3.78
C PRO A 568 55.42 -25.83 5.14
N ILE A 569 55.73 -24.95 6.07
CA ILE A 569 56.10 -25.35 7.42
C ILE A 569 54.88 -25.11 8.30
N LEU A 570 54.28 -26.17 8.82
CA LEU A 570 53.06 -26.03 9.61
C LEU A 570 53.03 -27.07 10.72
N LEU A 571 52.58 -26.65 11.90
CA LEU A 571 52.51 -27.56 13.03
C LEU A 571 51.33 -28.52 12.91
N LEU A 572 50.13 -28.03 13.12
CA LEU A 572 48.94 -28.81 12.87
C LEU A 572 48.42 -28.40 11.50
N PRO A 573 47.71 -29.27 10.82
CA PRO A 573 47.08 -28.85 9.57
C PRO A 573 45.85 -27.97 9.80
N THR A 574 45.25 -27.51 8.71
CA THR A 574 44.14 -26.55 8.73
C THR A 574 42.85 -27.20 9.20
N PRO A 575 42.31 -26.81 10.35
CA PRO A 575 41.06 -27.40 10.82
C PRO A 575 39.87 -26.83 10.05
N THR A 576 38.68 -27.14 10.55
CA THR A 576 37.46 -26.65 9.92
C THR A 576 36.39 -26.51 10.99
N ASN A 577 35.51 -25.52 10.80
CA ASN A 577 34.53 -25.21 11.82
C ASN A 577 33.38 -24.43 11.18
N ASP A 578 32.27 -24.40 11.89
CA ASP A 578 31.17 -23.48 11.58
C ASP A 578 31.48 -22.22 12.36
N PRO A 579 32.08 -21.24 11.69
CA PRO A 579 32.69 -20.14 12.43
C PRO A 579 31.66 -19.23 13.04
N ILE A 580 30.51 -19.10 12.40
CA ILE A 580 29.42 -18.34 12.96
C ILE A 580 28.89 -19.06 14.19
N LYS A 581 28.71 -20.37 14.06
CA LYS A 581 28.31 -21.16 15.21
C LYS A 581 29.40 -21.15 16.25
N ASP A 582 30.65 -21.09 15.81
CA ASP A 582 31.69 -20.74 16.74
C ASP A 582 31.47 -19.34 17.27
N ALA A 583 31.14 -18.40 16.39
CA ALA A 583 31.00 -17.03 16.86
C ALA A 583 29.77 -16.84 17.69
N PHE A 584 28.70 -17.57 17.39
CA PHE A 584 27.46 -17.34 18.11
C PHE A 584 27.60 -17.77 19.56
N TYR A 585 28.23 -18.93 19.77
CA TYR A 585 28.58 -19.37 21.11
C TYR A 585 29.52 -18.38 21.75
N LEU A 586 30.47 -17.89 20.97
CA LEU A 586 31.31 -16.79 21.42
C LEU A 586 30.47 -15.57 21.70
N TYR A 587 29.57 -15.24 20.79
CA TYR A 587 28.78 -14.06 21.03
C TYR A 587 27.76 -14.26 22.13
N ARG A 588 27.26 -15.47 22.33
CA ARG A 588 26.20 -15.63 23.30
C ARG A 588 26.75 -15.47 24.69
N THR A 589 27.70 -16.32 25.04
CA THR A 589 28.15 -16.43 26.41
C THR A 589 28.86 -15.16 26.84
N LEU A 590 29.58 -14.55 25.90
CA LEU A 590 30.26 -13.31 26.23
C LEU A 590 29.25 -12.20 26.43
N MET A 591 28.20 -12.17 25.61
CA MET A 591 27.15 -11.24 25.92
C MET A 591 26.38 -11.67 27.14
N SER A 592 26.32 -12.97 27.39
CA SER A 592 25.60 -13.46 28.54
C SER A 592 26.26 -12.99 29.81
N PHE A 593 27.57 -13.21 29.94
CA PHE A 593 28.27 -12.72 31.10
C PHE A 593 28.29 -11.20 31.11
N LEU A 594 28.16 -10.57 29.95
CA LEU A 594 28.00 -9.13 29.93
C LEU A 594 26.66 -8.73 30.51
N LYS A 595 25.66 -9.56 30.33
CA LYS A 595 24.31 -9.18 30.72
C LYS A 595 24.17 -9.09 32.23
N THR A 596 24.81 -9.99 32.96
CA THR A 596 24.74 -9.91 34.41
C THR A 596 25.66 -8.84 34.95
N ILE A 597 26.66 -8.45 34.17
CA ILE A 597 27.64 -7.48 34.62
C ILE A 597 26.99 -6.13 34.83
N ILE A 598 26.25 -5.65 33.83
CA ILE A 598 25.53 -4.41 33.98
C ILE A 598 24.39 -4.55 34.95
N HIS A 599 23.88 -5.77 35.15
CA HIS A 599 22.85 -5.99 36.15
C HIS A 599 23.40 -5.76 37.54
N ASP A 600 24.65 -6.12 37.76
CA ASP A 600 25.30 -5.82 39.01
C ASP A 600 25.81 -4.41 39.07
N LEU A 601 25.74 -3.66 37.97
CA LEU A 601 26.37 -2.35 37.97
C LEU A 601 25.58 -1.30 38.71
N LYS A 602 24.36 -1.61 39.14
CA LYS A 602 23.54 -0.65 39.85
C LYS A 602 23.81 -0.65 41.34
N VAL A 603 25.02 -1.03 41.76
CA VAL A 603 25.33 -1.14 43.17
C VAL A 603 26.32 -0.08 43.62
N PHE A 604 27.25 0.31 42.79
CA PHE A 604 28.26 1.28 43.19
C PHE A 604 27.91 2.64 42.63
N ASN A 605 26.62 2.93 42.60
CA ASN A 605 26.18 4.22 42.13
C ASN A 605 26.50 5.29 43.16
N PRO A 606 26.83 6.51 42.70
CA PRO A 606 27.14 7.57 43.63
C PRO A 606 25.89 8.04 44.34
N PRO A 607 26.02 8.75 45.46
CA PRO A 607 24.88 9.42 46.06
C PRO A 607 24.31 10.44 45.10
N PRO A 608 23.11 10.17 44.57
CA PRO A 608 22.59 10.98 43.47
C PRO A 608 22.00 12.29 43.93
N ASN A 609 21.97 12.52 45.25
CA ASN A 609 21.63 13.82 45.80
C ASN A 609 22.73 14.85 45.58
N GLU A 610 23.90 14.42 45.12
CA GLU A 610 24.86 15.35 44.54
C GLU A 610 24.26 16.06 43.35
N TYR A 611 23.51 15.33 42.53
CA TYR A 611 22.70 15.92 41.48
C TYR A 611 21.29 16.26 41.95
N THR A 612 21.03 16.16 43.27
CA THR A 612 19.74 16.44 43.91
C THR A 612 18.61 15.60 43.31
N VAL A 613 18.76 14.28 43.42
CA VAL A 613 17.82 13.33 42.82
C VAL A 613 16.64 13.17 43.76
N ALA A 614 15.45 13.51 43.26
CA ALA A 614 14.25 13.38 44.06
C ALA A 614 13.77 11.95 44.24
N ASN A 615 14.32 10.99 43.49
CA ASN A 615 13.90 9.60 43.59
C ASN A 615 15.13 8.78 43.92
N PRO A 616 15.44 8.65 45.22
CA PRO A 616 16.67 7.96 45.61
C PRO A 616 16.58 6.46 45.45
N LYS A 617 15.37 5.92 45.31
CA LYS A 617 15.25 4.52 44.89
C LYS A 617 15.52 4.39 43.41
N LEU A 618 14.99 5.31 42.59
CA LEU A 618 15.06 5.17 41.14
C LEU A 618 16.47 5.41 40.65
N TRP A 619 17.09 6.50 41.08
CA TRP A 619 18.53 6.60 40.94
C TRP A 619 19.14 5.53 41.82
N ALA A 620 20.19 4.89 41.31
CA ALA A 620 20.82 3.66 41.81
C ALA A 620 19.92 2.43 41.72
N SER A 621 18.75 2.50 41.08
CA SER A 621 18.11 1.28 40.64
C SER A 621 18.61 0.86 39.28
N VAL A 622 19.24 1.77 38.56
CA VAL A 622 19.87 1.51 37.28
C VAL A 622 21.22 2.20 37.34
N SER A 623 21.89 2.28 36.20
CA SER A 623 23.15 3.01 36.12
C SER A 623 22.95 4.47 36.49
N ARG A 624 23.90 4.99 37.27
CA ARG A 624 23.87 6.40 37.65
C ARG A 624 25.06 7.19 37.13
N VAL A 625 26.25 6.60 37.05
CA VAL A 625 27.39 7.34 36.53
C VAL A 625 28.37 6.46 35.78
N PHE A 626 29.34 7.11 35.14
CA PHE A 626 30.44 6.48 34.43
C PHE A 626 31.48 7.55 34.18
N SER A 627 32.64 7.12 33.73
CA SER A 627 33.61 8.08 33.29
C SER A 627 33.30 8.51 31.87
N TYR A 628 33.85 9.65 31.50
CA TYR A 628 33.87 10.06 30.11
C TYR A 628 34.58 9.03 29.26
N GLU A 629 35.63 8.44 29.81
CA GLU A 629 36.21 7.27 29.20
C GLU A 629 35.24 6.10 29.24
N GLU A 630 34.59 5.87 30.38
CA GLU A 630 33.76 4.69 30.51
C GLU A 630 32.52 4.80 29.66
N VAL A 631 32.03 6.01 29.49
CA VAL A 631 31.02 6.25 28.47
C VAL A 631 31.58 5.93 27.10
N ILE A 632 32.79 6.45 26.82
CA ILE A 632 33.43 6.20 25.54
C ILE A 632 33.76 4.73 25.40
N VAL A 633 33.97 4.07 26.52
CA VAL A 633 34.03 2.62 26.48
C VAL A 633 32.68 2.05 26.10
N PHE A 634 31.62 2.54 26.75
CA PHE A 634 30.29 1.95 26.55
C PHE A 634 29.80 2.20 25.13
N LYS A 635 30.06 3.39 24.62
CA LYS A 635 29.61 3.74 23.29
C LYS A 635 30.32 2.95 22.22
N ASP A 636 31.52 2.50 22.52
CA ASP A 636 32.22 1.65 21.59
C ASP A 636 31.50 0.33 21.40
N LEU A 637 30.81 -0.14 22.44
CA LEU A 637 30.23 -1.48 22.40
C LEU A 637 29.18 -1.58 21.33
N PHE A 638 28.29 -0.60 21.29
CA PHE A 638 27.33 -0.54 20.21
C PHE A 638 28.02 -0.26 18.89
N HIS A 639 29.06 0.57 18.91
CA HIS A 639 29.81 0.83 17.70
C HIS A 639 30.55 -0.42 17.26
N GLU A 640 30.91 -1.26 18.22
CA GLU A 640 31.39 -2.58 17.87
C GLU A 640 30.24 -3.46 17.42
N CYS A 641 29.33 -3.76 18.33
CA CYS A 641 28.50 -4.95 18.22
C CYS A 641 27.52 -4.85 17.07
N ILE A 642 27.09 -3.65 16.74
CA ILE A 642 26.18 -3.49 15.63
C ILE A 642 26.93 -3.74 14.33
N ILE A 643 28.07 -3.08 14.18
CA ILE A 643 28.99 -3.43 13.11
C ILE A 643 29.46 -4.86 13.30
N GLY A 644 29.55 -5.29 14.55
CA GLY A 644 29.78 -6.68 14.84
C GLY A 644 28.67 -7.58 14.35
N LEU A 645 27.46 -7.06 14.20
CA LEU A 645 26.38 -7.99 13.89
C LEU A 645 26.35 -8.42 12.43
N LYS A 646 27.26 -7.92 11.60
CA LYS A 646 27.19 -8.10 10.15
C LYS A 646 27.26 -9.55 9.71
N PHE A 647 27.87 -10.41 10.50
CA PHE A 647 28.08 -11.79 10.09
C PHE A 647 26.80 -12.56 10.35
N PHE A 648 25.91 -12.52 9.36
CA PHE A 648 24.76 -13.42 9.33
C PHE A 648 24.43 -13.65 7.86
N LYS A 649 24.91 -14.76 7.32
CA LYS A 649 24.86 -14.97 5.88
C LYS A 649 23.45 -15.26 5.40
N ASP A 650 22.98 -14.43 4.46
CA ASP A 650 21.69 -14.55 3.75
C ASP A 650 20.46 -14.78 4.62
N THR A 676 20.69 -14.61 12.71
CA THR A 676 19.31 -14.97 12.50
C THR A 676 18.43 -14.22 13.48
N LYS A 677 17.17 -14.65 13.57
CA LYS A 677 16.30 -14.08 14.56
C LYS A 677 16.73 -14.47 15.96
N ASP A 678 17.40 -15.62 16.08
CA ASP A 678 18.06 -15.96 17.34
C ASP A 678 19.13 -14.94 17.66
N ALA A 679 19.87 -14.51 16.65
CA ALA A 679 20.80 -13.43 16.87
C ALA A 679 20.07 -12.13 17.12
N ARG A 680 18.87 -11.98 16.57
CA ARG A 680 18.07 -10.82 16.96
C ARG A 680 17.62 -10.94 18.39
N GLU A 681 17.35 -12.15 18.86
CA GLU A 681 17.15 -12.36 20.29
C GLU A 681 18.43 -12.14 21.05
N LEU A 682 19.57 -12.48 20.44
CA LEU A 682 20.84 -12.06 21.03
C LEU A 682 20.98 -10.56 20.97
N MET A 683 20.52 -9.95 19.87
CA MET A 683 20.51 -8.48 19.77
C MET A 683 19.57 -7.89 20.78
N ASP A 684 18.48 -8.59 21.04
CA ASP A 684 17.60 -8.19 22.12
C ASP A 684 18.31 -8.25 23.45
N TYR A 685 19.12 -9.28 23.66
CA TYR A 685 19.88 -9.38 24.90
C TYR A 685 20.86 -8.23 25.00
N LEU A 686 21.49 -7.89 23.89
CA LEU A 686 22.35 -6.73 23.84
C LEU A 686 21.57 -5.46 24.11
N ALA A 687 20.35 -5.40 23.60
CA ALA A 687 19.50 -4.29 23.95
C ALA A 687 19.09 -4.38 25.41
N PHE A 688 18.74 -5.58 25.86
CA PHE A 688 18.37 -5.77 27.25
C PHE A 688 19.52 -5.45 28.16
N MET A 689 20.74 -5.71 27.69
CA MET A 689 21.92 -5.23 28.36
C MET A 689 21.90 -3.71 28.43
N PHE A 690 21.86 -3.07 27.26
CA PHE A 690 21.89 -1.63 27.22
C PHE A 690 20.60 -1.03 27.74
N MET A 691 19.54 -1.83 27.88
CA MET A 691 18.39 -1.39 28.65
C MET A 691 18.78 -1.10 30.08
N GLN A 692 19.69 -1.86 30.64
CA GLN A 692 20.15 -1.58 31.98
C GLN A 692 21.24 -0.50 31.95
N MET A 693 20.83 0.74 31.69
CA MET A 693 21.80 1.82 31.62
C MET A 693 21.17 3.15 32.02
N ASP A 694 22.01 4.18 32.11
CA ASP A 694 21.55 5.52 32.42
C ASP A 694 21.11 6.27 31.17
N ASN A 695 20.10 7.12 31.33
CA ASN A 695 19.36 7.62 30.19
C ASN A 695 20.13 8.64 29.38
N ALA A 696 20.90 9.51 30.04
CA ALA A 696 21.66 10.52 29.33
C ALA A 696 22.72 9.87 28.45
N THR A 697 23.37 8.85 28.98
CA THR A 697 24.24 8.03 28.15
C THR A 697 23.46 7.33 27.07
N PHE A 698 22.30 6.78 27.45
CA PHE A 698 21.43 6.11 26.51
C PHE A 698 20.96 7.06 25.45
N ASN A 699 20.74 8.31 25.83
CA ASN A 699 20.52 9.33 24.83
C ASN A 699 21.76 9.50 23.97
N GLU A 700 22.90 9.74 24.61
CA GLU A 700 24.06 10.28 23.90
C GLU A 700 24.66 9.24 22.98
N ILE A 701 24.70 7.99 23.43
CA ILE A 701 25.24 6.95 22.58
C ILE A 701 24.32 6.70 21.41
N ILE A 702 23.03 6.88 21.62
CA ILE A 702 22.06 6.67 20.55
C ILE A 702 22.25 7.70 19.47
N GLU A 703 22.60 8.91 19.88
CA GLU A 703 22.97 9.94 18.94
C GLU A 703 24.10 9.48 18.05
N GLN A 704 25.15 8.95 18.65
CA GLN A 704 26.22 8.39 17.83
C GLN A 704 25.76 7.13 17.14
N GLU A 705 24.78 6.45 17.70
CA GLU A 705 24.36 5.22 17.07
C GLU A 705 23.60 5.48 15.78
N LEU A 706 22.72 6.46 15.80
CA LEU A 706 21.69 6.62 14.77
C LEU A 706 22.18 6.66 13.33
N PRO A 707 23.23 7.38 12.95
CA PRO A 707 23.62 7.33 11.54
C PRO A 707 24.28 6.02 11.24
N PHE A 708 25.15 5.64 12.17
CA PHE A 708 25.79 4.35 12.11
C PHE A 708 24.75 3.25 12.13
N VAL A 709 23.64 3.48 12.83
CA VAL A 709 22.50 2.62 12.62
C VAL A 709 22.01 2.74 11.20
N TYR A 710 21.66 3.96 10.80
CA TYR A 710 20.82 4.13 9.62
C TYR A 710 21.58 3.83 8.37
N GLU A 711 22.85 4.20 8.32
CA GLU A 711 23.67 3.80 7.20
C GLU A 711 23.79 2.29 7.17
N ARG A 712 24.04 1.68 8.33
CA ARG A 712 24.10 0.24 8.32
C ARG A 712 22.71 -0.36 8.21
N MET A 713 21.68 0.39 8.59
CA MET A 713 20.33 -0.13 8.43
C MET A 713 19.99 -0.28 6.97
N LEU A 714 20.65 0.48 6.10
CA LEU A 714 20.51 0.29 4.68
C LEU A 714 21.03 -1.05 4.22
N GLU A 715 21.81 -1.75 5.02
CA GLU A 715 22.23 -3.08 4.60
C GLU A 715 21.08 -4.06 4.69
N ASP A 716 20.48 -4.21 5.87
CA ASP A 716 19.55 -5.30 6.09
C ASP A 716 18.58 -4.94 7.21
N SER A 717 17.50 -5.70 7.28
CA SER A 717 16.30 -5.24 7.96
C SER A 717 16.20 -5.73 9.38
N GLY A 718 17.10 -6.61 9.81
CA GLY A 718 17.01 -7.13 11.17
C GLY A 718 17.24 -6.07 12.21
N LEU A 719 17.94 -5.01 11.83
CA LEU A 719 18.13 -3.85 12.70
C LEU A 719 16.80 -3.23 13.08
N LEU A 720 15.80 -3.34 12.22
CA LEU A 720 14.49 -2.87 12.61
C LEU A 720 13.97 -3.64 13.80
N HIS A 721 14.25 -4.94 13.86
CA HIS A 721 13.88 -5.69 15.05
C HIS A 721 14.67 -5.21 16.25
N VAL A 722 15.90 -4.76 16.02
CA VAL A 722 16.67 -4.17 17.10
C VAL A 722 16.06 -2.85 17.51
N ALA A 723 15.61 -2.08 16.54
CA ALA A 723 14.84 -0.90 16.85
C ALA A 723 13.53 -1.28 17.52
N GLN A 724 12.91 -2.36 17.05
CA GLN A 724 11.66 -2.84 17.63
C GLN A 724 11.87 -3.25 19.06
N SER A 725 13.06 -3.74 19.35
CA SER A 725 13.37 -4.05 20.73
C SER A 725 13.44 -2.79 21.57
N PHE A 726 14.28 -1.84 21.17
CA PHE A 726 14.69 -0.79 22.08
C PHE A 726 13.55 0.17 22.38
N LEU A 727 12.65 0.34 21.44
CA LEU A 727 11.49 1.16 21.71
C LEU A 727 10.56 0.48 22.68
N THR A 728 10.29 -0.81 22.44
CA THR A 728 9.10 -1.45 22.99
C THR A 728 9.22 -1.71 24.48
N SER A 729 10.43 -1.70 25.02
CA SER A 729 10.56 -1.68 26.46
C SER A 729 9.96 -0.40 26.97
N GLU A 730 9.11 -0.51 27.98
CA GLU A 730 8.43 0.69 28.46
C GLU A 730 9.23 1.38 29.55
N ILE A 731 10.50 1.54 29.28
CA ILE A 731 11.37 2.48 29.96
C ILE A 731 12.20 3.27 28.98
N THR A 732 12.67 2.61 27.93
CA THR A 732 13.46 3.24 26.90
C THR A 732 12.62 3.89 25.83
N SER A 733 11.30 3.77 25.91
CA SER A 733 10.45 4.43 24.94
C SER A 733 10.49 5.96 24.98
N PRO A 734 10.46 6.67 26.13
CA PRO A 734 10.50 8.14 26.04
C PRO A 734 11.82 8.66 25.55
N ASN A 735 12.90 7.93 25.81
CA ASN A 735 14.18 8.35 25.27
C ASN A 735 14.20 8.19 23.76
N PHE A 736 14.07 6.95 23.28
CA PHE A 736 14.37 6.62 21.88
C PHE A 736 13.40 7.25 20.92
N ALA A 737 12.28 7.75 21.43
CA ALA A 737 11.46 8.65 20.64
C ALA A 737 12.22 9.90 20.25
N GLY A 738 12.95 10.48 21.20
CA GLY A 738 13.49 11.82 21.02
C GLY A 738 14.50 11.90 19.89
N ILE A 739 15.33 10.88 19.79
CA ILE A 739 16.33 10.88 18.74
C ILE A 739 15.69 10.65 17.39
N LEU A 740 14.88 9.60 17.28
CA LEU A 740 14.34 9.20 16.00
C LEU A 740 13.41 10.25 15.47
N LEU A 741 12.68 10.92 16.37
CA LEU A 741 11.89 12.06 15.98
C LEU A 741 12.76 13.14 15.38
N ARG A 742 13.90 13.43 16.01
CA ARG A 742 14.85 14.30 15.36
C ARG A 742 15.43 13.63 14.13
N PHE A 743 15.89 12.38 14.29
CA PHE A 743 16.74 11.76 13.26
C PHE A 743 15.97 11.43 12.00
N LEU A 744 14.67 11.22 12.10
CA LEU A 744 13.92 11.17 10.87
C LEU A 744 13.77 12.55 10.29
N LYS A 745 13.58 13.56 11.16
CA LYS A 745 13.00 14.84 10.75
C LYS A 745 13.84 15.56 9.73
N GLY A 746 15.11 15.21 9.64
CA GLY A 746 15.86 15.56 8.46
C GLY A 746 15.32 14.88 7.21
N LYS A 747 15.33 13.56 7.20
CA LYS A 747 15.33 12.83 5.94
C LYS A 747 13.99 12.88 5.22
N LEU A 748 12.96 13.39 5.90
CA LEU A 748 11.64 13.51 5.31
C LEU A 748 11.68 14.40 4.09
N LYS A 749 12.45 15.48 4.15
CA LYS A 749 12.61 16.34 2.98
C LYS A 749 13.27 15.58 1.86
N ASP A 750 14.28 14.78 2.16
CA ASP A 750 14.85 13.96 1.11
C ASP A 750 14.19 12.61 1.06
N LEU A 751 12.87 12.57 1.10
CA LEU A 751 12.16 11.35 0.79
C LEU A 751 11.86 11.26 -0.68
N GLY A 752 12.37 12.20 -1.46
CA GLY A 752 11.90 12.41 -2.80
C GLY A 752 12.38 11.34 -3.74
N ASN A 753 13.54 10.79 -3.47
CA ASN A 753 14.19 10.00 -4.50
C ASN A 753 14.88 8.74 -3.99
N VAL A 754 14.55 8.27 -2.80
CA VAL A 754 15.27 7.15 -2.21
C VAL A 754 14.95 5.85 -2.93
N ASP A 755 15.76 4.82 -2.68
CA ASP A 755 15.47 3.49 -3.17
C ASP A 755 14.20 2.96 -2.53
N PHE A 756 13.55 2.03 -3.22
CA PHE A 756 12.34 1.43 -2.68
C PHE A 756 12.64 0.67 -1.42
N ASN A 757 13.82 0.06 -1.36
CA ASN A 757 14.38 -0.36 -0.10
C ASN A 757 14.43 0.80 0.86
N THR A 758 15.15 1.84 0.47
CA THR A 758 15.43 2.97 1.34
C THR A 758 14.18 3.72 1.69
N SER A 759 13.23 3.73 0.78
CA SER A 759 11.90 4.13 1.13
C SER A 759 11.37 3.25 2.24
N ASN A 760 11.32 1.94 1.98
CA ASN A 760 10.69 1.01 2.90
C ASN A 760 11.47 0.96 4.19
N VAL A 761 12.79 1.12 4.08
CA VAL A 761 13.63 1.28 5.24
C VAL A 761 13.19 2.49 6.03
N LEU A 762 13.06 3.63 5.36
CA LEU A 762 12.57 4.80 6.05
C LEU A 762 11.11 4.62 6.45
N ILE A 763 10.32 3.98 5.59
CA ILE A 763 8.89 3.87 5.84
C ILE A 763 8.62 3.01 7.04
N ARG A 764 9.22 1.83 7.07
CA ARG A 764 8.98 0.91 8.17
C ARG A 764 9.54 1.46 9.46
N LEU A 765 10.61 2.23 9.37
CA LEU A 765 11.14 2.92 10.53
C LEU A 765 10.10 3.86 11.08
N PHE A 766 9.54 4.68 10.20
CA PHE A 766 8.47 5.56 10.63
C PHE A 766 7.26 4.76 11.05
N LYS A 767 7.02 3.65 10.36
CA LYS A 767 5.93 2.76 10.75
C LYS A 767 6.21 2.15 12.11
N LEU A 768 7.46 1.79 12.36
CA LEU A 768 7.81 1.39 13.70
C LEU A 768 7.74 2.56 14.64
N SER A 769 8.12 3.74 14.16
CA SER A 769 8.01 4.93 14.99
C SER A 769 6.57 5.25 15.30
N PHE A 770 5.68 4.89 14.38
CA PHE A 770 4.28 5.22 14.55
C PHE A 770 3.67 4.50 15.74
N MET A 771 4.05 3.25 15.97
CA MET A 771 3.40 2.41 16.98
C MET A 771 3.69 2.85 18.41
N SER A 772 4.48 3.90 18.58
CA SER A 772 5.12 4.18 19.85
C SER A 772 4.14 4.58 20.94
N VAL A 773 3.49 5.72 20.75
CA VAL A 773 2.62 6.23 21.81
C VAL A 773 1.35 5.42 21.88
N ASN A 774 1.06 4.67 20.82
CA ASN A 774 0.03 3.64 20.96
C ASN A 774 0.44 2.58 21.95
N LEU A 775 1.70 2.13 21.89
CA LEU A 775 2.12 0.96 22.66
C LEU A 775 2.22 1.27 24.14
N PHE A 776 2.72 2.44 24.50
CA PHE A 776 2.55 2.95 25.86
C PHE A 776 1.93 4.31 25.62
N PRO A 777 0.67 4.46 25.95
CA PRO A 777 0.09 5.80 25.95
C PRO A 777 0.50 6.58 27.15
N ASN A 778 0.98 5.91 28.17
CA ASN A 778 1.72 6.61 29.20
C ASN A 778 2.99 7.22 28.63
N ILE A 779 3.64 6.53 27.70
CA ILE A 779 4.62 7.22 26.88
C ILE A 779 3.85 8.22 26.05
N ASN A 780 4.35 9.44 26.05
CA ASN A 780 3.52 10.57 25.73
C ASN A 780 3.25 10.66 24.24
N GLU A 781 2.04 11.08 23.91
CA GLU A 781 1.84 11.78 22.65
C GLU A 781 2.48 13.14 22.69
N VAL A 782 2.69 13.70 23.89
CA VAL A 782 3.43 14.93 24.06
C VAL A 782 4.82 14.80 23.51
N VAL A 783 5.37 13.58 23.52
CA VAL A 783 6.57 13.29 22.76
C VAL A 783 6.36 13.62 21.30
N LEU A 784 5.25 13.18 20.72
CA LEU A 784 5.05 13.51 19.32
C LEU A 784 4.56 14.93 19.16
N LEU A 785 3.79 15.42 20.14
CA LEU A 785 2.88 16.55 19.96
C LEU A 785 3.49 17.77 19.30
N PRO A 786 4.70 18.24 19.62
CA PRO A 786 5.21 19.36 18.84
C PRO A 786 5.69 18.94 17.49
N HIS A 787 6.40 17.81 17.40
CA HIS A 787 6.86 17.36 16.09
C HIS A 787 5.70 16.89 15.23
N LEU A 788 4.57 16.55 15.86
CA LEU A 788 3.42 16.02 15.16
C LEU A 788 2.88 17.01 14.15
N ASN A 789 2.27 18.09 14.64
CA ASN A 789 1.56 19.02 13.77
C ASN A 789 2.53 19.75 12.85
N ASP A 790 3.80 19.80 13.24
CA ASP A 790 4.81 20.26 12.32
C ASP A 790 4.95 19.31 11.15
N LEU A 791 4.81 18.01 11.41
CA LEU A 791 5.30 17.02 10.45
C LEU A 791 4.43 16.98 9.20
N ILE A 792 3.12 16.85 9.38
CA ILE A 792 2.21 16.62 8.27
C ILE A 792 2.20 17.82 7.34
N LEU A 793 2.21 19.01 7.92
CA LEU A 793 2.20 20.23 7.13
C LEU A 793 3.47 20.34 6.31
N ASN A 794 4.60 19.96 6.87
CA ASN A 794 5.80 19.90 6.06
C ASN A 794 5.74 18.73 5.10
N SER A 795 5.08 17.64 5.51
CA SER A 795 5.03 16.43 4.72
C SER A 795 4.33 16.68 3.42
N LEU A 796 3.19 17.36 3.50
CA LEU A 796 2.48 17.78 2.31
C LEU A 796 3.29 18.80 1.54
N LYS A 797 3.95 19.70 2.27
CA LYS A 797 4.80 20.69 1.63
C LYS A 797 5.94 20.01 0.91
N TYR A 798 6.56 19.04 1.56
CA TYR A 798 7.50 18.22 0.84
C TYR A 798 6.80 17.35 -0.20
N SER A 799 5.54 16.96 0.03
CA SER A 799 4.83 16.16 -0.98
C SER A 799 4.55 16.99 -2.21
N THR A 800 4.21 18.25 -2.00
CA THR A 800 4.09 19.17 -3.13
C THR A 800 5.43 19.33 -3.82
N THR A 801 6.50 19.18 -3.08
CA THR A 801 7.82 19.34 -3.63
C THR A 801 8.38 18.05 -4.20
N ALA A 802 7.78 16.92 -3.91
CA ALA A 802 8.49 15.67 -4.12
C ALA A 802 8.54 15.28 -5.59
N GLU A 803 9.23 14.16 -5.86
CA GLU A 803 9.37 13.58 -7.18
C GLU A 803 9.02 12.10 -7.18
N GLU A 804 8.35 11.63 -6.14
CA GLU A 804 7.50 10.44 -6.12
C GLU A 804 6.57 10.55 -4.93
N PRO A 805 5.70 11.54 -4.90
CA PRO A 805 5.14 12.01 -3.63
C PRO A 805 4.10 11.09 -3.05
N LEU A 806 3.59 10.15 -3.83
CA LEU A 806 2.62 9.20 -3.30
C LEU A 806 3.21 8.38 -2.17
N VAL A 807 4.53 8.17 -2.23
CA VAL A 807 5.25 7.64 -1.09
C VAL A 807 5.04 8.53 0.13
N TYR A 808 5.27 9.84 -0.04
CA TYR A 808 5.09 10.75 1.08
C TYR A 808 3.63 10.80 1.48
N PHE A 809 2.74 10.59 0.52
CA PHE A 809 1.36 10.43 0.87
C PHE A 809 1.15 9.14 1.64
N TYR A 810 1.88 8.08 1.28
CA TYR A 810 1.62 6.76 1.84
C TYR A 810 1.96 6.72 3.32
N LEU A 811 2.87 7.58 3.72
CA LEU A 811 3.20 7.66 5.13
C LEU A 811 2.08 8.29 5.92
N ILE A 812 1.45 9.31 5.35
CA ILE A 812 0.54 10.15 6.11
C ILE A 812 -0.66 9.35 6.58
N ARG A 813 -1.08 8.38 5.77
CA ARG A 813 -2.17 7.49 6.13
C ARG A 813 -1.80 6.69 7.35
N THR A 814 -0.63 6.07 7.31
CA THR A 814 -0.21 5.20 8.38
C THR A 814 -0.02 5.99 9.66
N LEU A 815 0.57 7.17 9.54
CA LEU A 815 0.70 8.06 10.69
C LEU A 815 -0.65 8.52 11.16
N PHE A 816 -1.59 8.69 10.25
CA PHE A 816 -2.95 8.89 10.71
C PHE A 816 -3.51 7.61 11.26
N ARG A 817 -3.08 6.47 10.75
CA ARG A 817 -3.75 5.22 11.07
C ARG A 817 -3.50 4.75 12.46
N SER A 818 -2.97 5.45 13.45
CA SER A 818 -3.07 4.97 14.83
C SER A 818 -3.12 6.19 15.75
N ILE A 819 -4.33 6.65 16.04
CA ILE A 819 -4.54 7.80 16.91
C ILE A 819 -5.97 7.80 17.40
N GLY A 820 -6.28 8.63 18.39
CA GLY A 820 -7.66 8.87 18.72
C GLY A 820 -8.17 8.04 19.87
N GLY A 821 -8.49 8.69 20.98
CA GLY A 821 -8.58 8.03 22.26
C GLY A 821 -7.40 8.36 23.12
N GLY A 822 -6.36 8.93 22.53
CA GLY A 822 -5.39 9.68 23.27
C GLY A 822 -5.68 11.11 22.86
N ARG A 823 -6.07 11.94 23.82
CA ARG A 823 -6.63 13.24 23.49
C ARG A 823 -5.53 14.16 23.01
N PHE A 824 -5.34 14.18 21.71
CA PHE A 824 -4.41 15.08 21.04
C PHE A 824 -5.14 15.80 19.94
N GLU A 825 -6.43 16.00 20.16
CA GLU A 825 -7.27 16.66 19.18
C GLU A 825 -6.84 18.10 19.00
N ASN A 826 -6.61 18.80 20.12
CA ASN A 826 -6.43 20.23 20.15
C ASN A 826 -5.23 20.71 19.35
N LEU A 827 -4.28 19.83 19.08
CA LEU A 827 -3.13 20.20 18.27
C LEU A 827 -3.53 20.41 16.83
N TYR A 828 -4.33 19.51 16.28
CA TYR A 828 -4.67 19.59 14.88
C TYR A 828 -5.66 20.71 14.59
N ARG A 829 -6.28 21.28 15.63
CA ARG A 829 -7.40 22.20 15.50
C ARG A 829 -7.05 23.47 14.76
N SER A 830 -5.77 23.80 14.62
CA SER A 830 -5.39 24.80 13.65
C SER A 830 -5.22 24.18 12.28
N ILE A 831 -4.64 22.98 12.24
CA ILE A 831 -4.02 22.50 11.02
C ILE A 831 -5.05 22.08 9.99
N LYS A 832 -6.19 21.59 10.46
CA LYS A 832 -7.09 20.77 9.67
C LYS A 832 -7.53 21.28 8.30
N PRO A 833 -8.00 22.53 8.11
CA PRO A 833 -8.63 22.85 6.83
C PRO A 833 -7.64 22.92 5.71
N ILE A 834 -6.39 23.25 6.04
CA ILE A 834 -5.32 23.23 5.07
C ILE A 834 -5.21 21.84 4.50
N LEU A 835 -5.23 20.84 5.37
CA LEU A 835 -5.20 19.46 4.95
C LEU A 835 -6.42 19.14 4.12
N GLN A 836 -7.57 19.53 4.63
CA GLN A 836 -8.83 19.16 4.02
C GLN A 836 -8.97 19.74 2.64
N VAL A 837 -8.80 21.06 2.55
CA VAL A 837 -9.07 21.76 1.29
C VAL A 837 -8.12 21.28 0.22
N LEU A 838 -6.90 21.02 0.62
CA LEU A 838 -5.93 20.51 -0.34
C LEU A 838 -6.28 19.09 -0.73
N LEU A 839 -6.67 18.29 0.25
CA LEU A 839 -6.97 16.90 -0.04
C LEU A 839 -8.12 16.80 -1.00
N GLN A 840 -9.17 17.57 -0.73
CA GLN A 840 -10.33 17.59 -1.59
C GLN A 840 -9.95 18.04 -2.98
N SER A 841 -9.09 19.04 -3.07
CA SER A 841 -8.62 19.51 -4.36
C SER A 841 -7.76 18.46 -5.01
N LEU A 842 -6.97 17.74 -4.20
CA LEU A 842 -6.27 16.61 -4.74
C LEU A 842 -7.24 15.54 -5.13
N ASN A 843 -8.34 15.43 -4.37
CA ASN A 843 -9.25 14.31 -4.55
C ASN A 843 -9.91 14.36 -5.90
N GLN A 844 -10.29 15.57 -6.32
CA GLN A 844 -10.79 15.75 -7.67
C GLN A 844 -9.68 15.56 -8.69
N MET A 845 -8.50 16.08 -8.36
CA MET A 845 -7.39 16.16 -9.30
C MET A 845 -6.84 14.78 -9.64
N ILE A 846 -7.07 13.81 -8.75
CA ILE A 846 -6.54 12.47 -8.90
C ILE A 846 -6.95 11.89 -10.22
N LEU A 847 -8.22 12.07 -10.58
CA LEU A 847 -8.66 11.99 -11.95
C LEU A 847 -8.45 10.64 -12.67
N LEU A 851 -2.97 6.91 -11.43
CA LEU A 851 -4.28 7.19 -10.92
C LEU A 851 -4.74 6.34 -9.73
N PRO A 852 -4.88 5.00 -9.88
CA PRO A 852 -6.04 4.32 -9.27
C PRO A 852 -6.13 4.42 -7.76
N HIS A 853 -5.11 3.92 -7.09
CA HIS A 853 -5.14 3.81 -5.65
C HIS A 853 -5.15 5.18 -4.99
N GLU A 854 -4.60 6.19 -5.68
CA GLU A 854 -4.52 7.53 -5.13
C GLU A 854 -5.88 8.11 -4.93
N ARG A 855 -6.84 7.66 -5.70
CA ARG A 855 -8.22 7.90 -5.34
C ARG A 855 -8.49 7.33 -3.96
N GLU A 856 -8.33 6.02 -3.83
CA GLU A 856 -8.72 5.33 -2.61
C GLU A 856 -7.86 5.77 -1.45
N LEU A 857 -6.60 6.09 -1.72
CA LEU A 857 -5.71 6.54 -0.66
C LEU A 857 -6.13 7.90 -0.16
N TYR A 858 -6.38 8.83 -1.08
CA TYR A 858 -6.95 10.09 -0.67
C TYR A 858 -8.33 9.86 -0.08
N VAL A 859 -9.05 8.89 -0.60
CA VAL A 859 -10.32 8.55 0.01
C VAL A 859 -10.11 7.96 1.38
N GLU A 860 -9.06 7.17 1.56
CA GLU A 860 -8.80 6.66 2.90
C GLU A 860 -8.32 7.77 3.81
N LEU A 861 -7.67 8.76 3.21
CA LEU A 861 -7.23 9.93 3.96
C LEU A 861 -8.40 10.75 4.48
N CYS A 862 -9.61 10.50 3.98
CA CYS A 862 -10.78 11.15 4.56
C CYS A 862 -10.99 10.77 6.02
N ILE A 863 -10.41 9.65 6.49
CA ILE A 863 -10.39 9.36 7.92
C ILE A 863 -9.65 10.46 8.66
N THR A 864 -10.22 10.92 9.78
CA THR A 864 -9.57 11.91 10.63
C THR A 864 -10.07 11.76 12.07
N VAL A 865 -9.54 12.61 12.95
CA VAL A 865 -9.83 12.63 14.39
C VAL A 865 -11.02 13.55 14.66
N PRO A 866 -11.85 13.31 15.68
CA PRO A 866 -13.22 13.83 15.66
C PRO A 866 -13.31 15.30 16.04
N VAL A 867 -14.56 15.79 16.03
CA VAL A 867 -14.91 17.18 16.31
C VAL A 867 -15.81 17.30 17.53
N TYR A 875 -17.80 22.15 12.03
CA TYR A 875 -17.40 20.96 11.29
C TYR A 875 -17.63 21.16 9.82
N LEU A 876 -17.58 20.08 9.05
CA LEU A 876 -17.40 20.34 7.66
C LEU A 876 -18.14 19.46 6.68
N PRO A 877 -18.97 20.06 5.83
CA PRO A 877 -19.56 19.33 4.72
C PRO A 877 -18.61 19.09 3.60
N PHE A 878 -17.48 19.79 3.58
CA PHE A 878 -16.48 19.52 2.57
C PHE A 878 -16.00 18.09 2.68
N LEU A 879 -15.94 17.56 3.89
CA LEU A 879 -15.68 16.14 4.07
C LEU A 879 -16.83 15.32 3.53
N MET A 880 -18.03 15.89 3.50
CA MET A 880 -19.17 15.10 3.08
C MET A 880 -19.18 14.90 1.58
N LYS A 881 -18.51 15.78 0.85
CA LYS A 881 -18.51 15.66 -0.60
C LYS A 881 -17.90 14.37 -1.13
N PRO A 882 -16.73 13.93 -0.70
CA PRO A 882 -16.19 12.72 -1.31
C PRO A 882 -16.73 11.47 -0.73
N LEU A 883 -17.46 11.55 0.38
CA LEU A 883 -17.86 10.37 1.13
C LEU A 883 -18.61 9.40 0.25
N VAL A 884 -19.60 9.90 -0.47
CA VAL A 884 -20.35 9.07 -1.38
C VAL A 884 -19.54 8.75 -2.61
N PHE A 885 -18.61 9.61 -2.96
CA PHE A 885 -17.68 9.25 -4.02
C PHE A 885 -16.85 8.08 -3.57
N ALA A 886 -16.53 8.04 -2.29
CA ALA A 886 -15.77 6.95 -1.76
C ALA A 886 -16.61 5.77 -1.38
N LEU A 887 -17.83 5.98 -0.85
CA LEU A 887 -18.62 4.87 -0.31
C LEU A 887 -19.13 3.93 -1.37
N GLN A 888 -18.78 4.16 -2.62
CA GLN A 888 -18.70 3.09 -3.58
C GLN A 888 -17.41 3.15 -4.38
N GLN A 889 -16.43 3.99 -4.02
CA GLN A 889 -15.19 3.98 -4.80
C GLN A 889 -14.37 2.74 -4.56
N TYR A 890 -14.62 2.05 -3.48
CA TYR A 890 -13.96 0.78 -3.24
C TYR A 890 -14.86 -0.07 -2.39
N PRO A 891 -14.74 -1.37 -2.47
CA PRO A 891 -15.22 -2.20 -1.35
C PRO A 891 -14.46 -1.88 -0.10
N ASP A 892 -13.19 -1.53 -0.25
CA ASP A 892 -12.24 -1.45 0.85
C ASP A 892 -12.67 -0.44 1.90
N LEU A 893 -13.04 0.76 1.47
CA LEU A 893 -13.30 1.79 2.45
C LEU A 893 -14.58 1.60 3.22
N VAL A 894 -15.43 0.68 2.76
CA VAL A 894 -16.86 0.77 2.99
C VAL A 894 -17.19 0.74 4.47
N SER A 895 -16.42 -0.01 5.23
CA SER A 895 -16.69 -0.13 6.65
C SER A 895 -16.46 1.18 7.36
N GLN A 896 -15.47 1.94 6.92
CA GLN A 896 -15.08 3.11 7.66
C GLN A 896 -16.14 4.19 7.58
N GLY A 897 -16.49 4.59 6.37
CA GLY A 897 -17.42 5.70 6.21
C GLY A 897 -18.80 5.34 6.65
N LEU A 898 -19.09 4.05 6.67
CA LEU A 898 -20.30 3.57 7.31
C LEU A 898 -20.35 4.00 8.76
N ARG A 899 -19.21 4.00 9.45
CA ARG A 899 -19.21 4.50 10.82
C ARG A 899 -19.44 5.99 10.83
N THR A 900 -19.04 6.68 9.76
CA THR A 900 -18.94 8.12 9.80
C THR A 900 -20.30 8.79 9.81
N LEU A 901 -21.11 8.54 8.78
CA LEU A 901 -22.41 9.18 8.69
C LEU A 901 -23.33 8.70 9.80
N GLU A 902 -23.11 7.46 10.23
CA GLU A 902 -23.80 6.93 11.38
C GLU A 902 -23.48 7.75 12.62
N LEU A 903 -22.19 7.95 12.87
CA LEU A 903 -21.81 8.77 14.00
C LEU A 903 -22.20 10.21 13.75
N CYS A 904 -22.18 10.63 12.49
CA CYS A 904 -22.74 11.92 12.14
C CYS A 904 -24.24 11.98 12.38
N ILE A 905 -24.91 10.85 12.24
CA ILE A 905 -26.30 10.82 12.62
C ILE A 905 -26.39 10.70 14.15
N ALA A 910 -27.73 12.43 19.44
CA ALA A 910 -28.02 12.77 20.82
C ALA A 910 -27.59 14.19 21.08
N GLU A 911 -27.40 14.94 20.00
CA GLU A 911 -26.76 16.24 20.07
C GLU A 911 -27.18 17.04 18.85
N TYR A 912 -26.45 18.10 18.54
CA TYR A 912 -26.71 18.91 17.34
C TYR A 912 -26.24 18.14 16.11
N PHE A 913 -26.94 17.06 15.82
CA PHE A 913 -26.76 16.24 14.64
C PHE A 913 -28.09 16.12 13.94
N ASP A 914 -28.92 17.13 14.12
CA ASP A 914 -30.20 17.36 13.49
C ASP A 914 -30.22 17.99 12.10
N PRO A 915 -29.55 19.14 11.85
CA PRO A 915 -29.99 20.00 10.74
C PRO A 915 -29.37 19.62 9.42
N ILE A 916 -29.02 18.34 9.26
CA ILE A 916 -28.20 17.91 8.15
C ILE A 916 -28.99 18.13 6.87
N ILE A 917 -28.61 19.20 6.18
CA ILE A 917 -28.91 19.36 4.78
C ILE A 917 -27.68 18.80 4.08
N GLU A 918 -27.79 17.61 3.51
CA GLU A 918 -26.69 16.97 2.81
C GLU A 918 -27.08 16.59 1.40
N PRO A 919 -27.21 17.56 0.51
CA PRO A 919 -27.78 17.24 -0.78
C PRO A 919 -26.73 16.89 -1.82
N VAL A 920 -26.05 15.79 -1.58
CA VAL A 920 -25.55 14.98 -2.66
C VAL A 920 -26.33 13.70 -2.46
N ILE A 921 -27.47 13.87 -1.80
CA ILE A 921 -28.24 12.76 -1.27
C ILE A 921 -28.80 11.90 -2.37
N ASP A 922 -28.88 12.42 -3.59
CA ASP A 922 -29.20 11.60 -4.73
C ASP A 922 -28.16 10.51 -4.92
N ASP A 923 -26.89 10.90 -5.01
CA ASP A 923 -25.86 9.91 -5.25
C ASP A 923 -25.61 9.06 -4.02
N VAL A 924 -25.81 9.66 -2.84
CA VAL A 924 -25.74 8.89 -1.60
C VAL A 924 -26.79 7.80 -1.63
N SER A 925 -27.98 8.14 -2.09
CA SER A 925 -28.99 7.11 -2.32
C SER A 925 -28.55 6.17 -3.42
N LYS A 926 -27.81 6.68 -4.39
CA LYS A 926 -27.41 5.82 -5.50
C LYS A 926 -26.44 4.77 -5.05
N ALA A 927 -25.54 5.12 -4.16
CA ALA A 927 -24.64 4.09 -3.71
C ALA A 927 -25.29 3.20 -2.69
N LEU A 928 -26.00 3.80 -1.73
CA LEU A 928 -26.29 3.07 -0.51
C LEU A 928 -27.28 1.95 -0.76
N PHE A 929 -28.24 2.18 -1.64
CA PHE A 929 -29.09 1.08 -2.04
C PHE A 929 -28.34 0.10 -2.90
N ASN A 930 -27.36 0.55 -3.66
CA ASN A 930 -26.57 -0.40 -4.44
C ASN A 930 -25.61 -1.14 -3.55
N LEU A 931 -25.34 -0.62 -2.36
CA LEU A 931 -24.49 -1.32 -1.42
C LEU A 931 -25.20 -2.54 -0.87
N LEU A 932 -26.47 -2.40 -0.54
CA LEU A 932 -27.18 -3.46 0.16
C LEU A 932 -27.44 -4.61 -0.78
N GLN A 933 -26.78 -5.72 -0.53
CA GLN A 933 -26.94 -6.85 -1.44
C GLN A 933 -26.83 -8.14 -0.65
N PRO A 934 -27.94 -8.86 -0.46
CA PRO A 934 -27.88 -10.13 0.25
C PRO A 934 -27.69 -11.32 -0.67
N GLN A 935 -26.76 -12.12 -0.25
CA GLN A 935 -26.16 -13.25 -0.90
C GLN A 935 -25.22 -13.69 0.20
N PRO A 936 -24.30 -14.50 -0.06
CA PRO A 936 -23.05 -14.34 0.67
C PRO A 936 -22.37 -13.01 0.32
N PHE A 937 -22.84 -11.91 0.90
CA PHE A 937 -22.03 -10.75 1.22
C PHE A 937 -21.81 -10.81 2.71
N ASN A 938 -20.91 -9.96 3.19
CA ASN A 938 -20.56 -10.00 4.60
C ASN A 938 -21.75 -9.64 5.45
N HIS A 939 -22.02 -10.52 6.40
CA HIS A 939 -23.24 -10.43 7.17
C HIS A 939 -23.26 -9.17 8.01
N ALA A 940 -22.09 -8.66 8.34
CA ALA A 940 -22.05 -7.38 9.02
C ALA A 940 -22.23 -6.23 8.04
N ILE A 941 -21.71 -6.37 6.82
CA ILE A 941 -21.73 -5.29 5.85
C ILE A 941 -23.16 -4.90 5.55
N SER A 942 -24.01 -5.92 5.41
CA SER A 942 -25.44 -5.68 5.41
C SER A 942 -25.90 -5.07 6.72
N HIS A 943 -25.45 -5.64 7.84
CA HIS A 943 -26.04 -5.36 9.13
C HIS A 943 -25.83 -3.91 9.54
N ASN A 944 -24.75 -3.30 9.08
CA ASN A 944 -24.65 -1.88 9.25
C ASN A 944 -25.65 -1.17 8.36
N VAL A 945 -25.78 -1.62 7.11
CA VAL A 945 -26.49 -0.86 6.09
C VAL A 945 -27.96 -0.79 6.41
N VAL A 946 -28.47 -1.82 7.06
CA VAL A 946 -29.83 -1.76 7.55
C VAL A 946 -29.94 -0.79 8.68
N ARG A 947 -29.03 -0.90 9.63
CA ARG A 947 -29.04 -0.03 10.80
C ARG A 947 -28.82 1.40 10.39
N ILE A 948 -28.13 1.62 9.28
CA ILE A 948 -28.08 2.93 8.69
C ILE A 948 -29.46 3.35 8.20
N LEU A 949 -29.99 2.61 7.22
CA LEU A 949 -31.10 3.10 6.40
C LEU A 949 -32.37 3.25 7.22
N GLY A 950 -32.70 2.23 7.97
CA GLY A 950 -33.87 2.31 8.80
C GLY A 950 -33.75 3.26 9.97
N LYS A 951 -32.53 3.68 10.31
CA LYS A 951 -32.41 4.64 11.39
C LYS A 951 -33.08 5.93 11.01
N LEU A 952 -32.96 6.32 9.76
CA LEU A 952 -33.71 7.44 9.24
C LEU A 952 -34.74 6.91 8.27
N GLY A 953 -35.95 6.72 8.74
CA GLY A 953 -37.02 6.33 7.85
C GLY A 953 -37.81 7.56 7.52
N GLY A 954 -37.82 8.51 8.46
CA GLY A 954 -38.41 9.79 8.18
C GLY A 954 -37.61 10.54 7.16
N ARG A 955 -36.32 10.29 7.14
CA ARG A 955 -35.48 10.84 6.11
C ARG A 955 -35.22 9.84 5.00
N ASN A 956 -36.05 8.81 4.83
CA ASN A 956 -35.69 7.74 3.91
C ASN A 956 -35.76 8.21 2.48
N ARG A 957 -36.94 8.59 2.06
CA ARG A 957 -37.10 9.17 0.74
C ARG A 957 -37.35 10.65 0.83
N GLN A 958 -37.08 11.26 1.98
CA GLN A 958 -37.49 12.62 2.27
C GLN A 958 -36.88 13.65 1.36
N PHE A 959 -35.97 13.28 0.51
CA PHE A 959 -35.69 14.05 -0.68
C PHE A 959 -35.38 13.14 -1.84
N LEU A 960 -35.93 11.94 -1.86
CA LEU A 960 -35.63 11.08 -3.00
C LEU A 960 -36.31 11.65 -4.23
N LYS A 961 -35.73 11.40 -5.37
CA LYS A 961 -36.14 12.24 -6.47
C LYS A 961 -36.69 11.39 -7.59
N PRO A 962 -37.58 11.94 -8.39
CA PRO A 962 -37.90 11.36 -9.67
C PRO A 962 -36.64 11.21 -10.48
N PRO A 963 -36.45 10.05 -11.07
CA PRO A 963 -35.12 9.66 -11.55
C PRO A 963 -34.63 10.55 -12.66
N THR A 964 -33.42 11.03 -12.48
CA THR A 964 -32.89 12.07 -13.32
C THR A 964 -31.54 11.66 -13.84
N ASP A 965 -31.42 10.39 -14.13
CA ASP A 965 -30.38 9.95 -15.04
C ASP A 965 -30.99 8.87 -15.91
N LEU A 966 -31.60 9.26 -17.03
CA LEU A 966 -31.97 8.22 -17.96
C LEU A 966 -30.73 7.73 -18.67
N THR A 967 -30.02 8.68 -19.29
CA THR A 967 -28.58 8.60 -19.49
C THR A 967 -28.18 7.41 -20.37
N GLU A 968 -28.46 7.52 -21.66
CA GLU A 968 -28.18 6.37 -22.48
C GLU A 968 -27.85 6.74 -23.92
N LYS A 969 -27.58 5.68 -24.69
CA LYS A 969 -27.29 5.67 -26.11
C LYS A 969 -26.17 6.62 -26.46
N THR A 970 -25.07 6.46 -25.77
CA THR A 970 -23.88 7.09 -26.27
C THR A 970 -23.31 6.26 -27.41
N GLU A 971 -22.36 6.84 -28.12
CA GLU A 971 -21.69 6.08 -29.15
C GLU A 971 -20.48 5.35 -28.62
N LEU A 972 -20.40 5.17 -27.33
CA LEU A 972 -19.72 4.00 -26.82
C LEU A 972 -20.56 2.76 -26.99
N ASP A 973 -21.81 2.91 -27.41
CA ASP A 973 -22.72 1.79 -27.56
C ASP A 973 -23.09 1.59 -29.02
N ILE A 974 -23.50 2.65 -29.73
CA ILE A 974 -24.18 2.53 -31.01
C ILE A 974 -23.17 2.09 -32.07
N ASP A 975 -23.16 0.80 -32.38
CA ASP A 975 -22.37 0.29 -33.49
C ASP A 975 -23.23 0.31 -34.75
N ALA A 976 -22.69 -0.21 -35.85
CA ALA A 976 -23.37 -0.38 -37.12
C ALA A 976 -23.30 -1.85 -37.53
N ILE A 977 -23.53 -2.13 -38.81
CA ILE A 977 -23.56 -3.50 -39.28
C ILE A 977 -22.69 -3.64 -40.52
N ALA A 978 -22.32 -4.89 -40.81
CA ALA A 978 -21.56 -5.31 -41.98
C ALA A 978 -22.22 -6.50 -42.65
N ASP A 979 -22.23 -6.45 -43.98
CA ASP A 979 -22.92 -7.40 -44.84
C ASP A 979 -22.26 -8.77 -44.85
N PHE A 980 -22.47 -9.55 -43.78
CA PHE A 980 -21.71 -10.78 -43.55
C PHE A 980 -22.26 -11.92 -44.42
N LYS A 981 -21.72 -13.12 -44.23
CA LYS A 981 -22.14 -14.28 -45.03
C LYS A 981 -21.97 -15.54 -44.18
N ILE A 982 -22.72 -16.57 -44.55
CA ILE A 982 -22.81 -17.78 -43.74
C ILE A 982 -23.17 -18.96 -44.62
N ASN A 983 -23.01 -20.16 -44.07
CA ASN A 983 -23.26 -21.38 -44.83
C ASN A 983 -24.66 -21.95 -44.60
N GLY A 984 -25.66 -21.08 -44.53
CA GLY A 984 -27.03 -21.53 -44.60
C GLY A 984 -27.87 -20.44 -45.21
N MET A 985 -27.22 -19.44 -45.68
CA MET A 985 -27.89 -18.15 -45.71
C MET A 985 -28.55 -17.91 -47.05
N PRO A 986 -29.73 -17.28 -47.03
CA PRO A 986 -30.38 -16.94 -48.30
C PRO A 986 -29.70 -15.78 -49.02
N GLU A 987 -29.08 -14.86 -48.30
CA GLU A 987 -28.39 -13.75 -48.94
C GLU A 987 -27.20 -13.38 -48.08
N ASP A 988 -26.50 -12.33 -48.47
CA ASP A 988 -25.36 -11.85 -47.69
C ASP A 988 -25.93 -11.16 -46.46
N VAL A 989 -26.25 -11.98 -45.48
CA VAL A 989 -27.00 -11.57 -44.31
C VAL A 989 -26.09 -10.69 -43.48
N PRO A 990 -26.46 -9.42 -43.30
CA PRO A 990 -25.59 -8.51 -42.58
C PRO A 990 -25.56 -8.81 -41.10
N LEU A 991 -24.37 -8.78 -40.52
CA LEU A 991 -24.18 -9.02 -39.10
C LEU A 991 -23.52 -7.79 -38.53
N SER A 992 -24.01 -7.39 -37.37
CA SER A 992 -23.64 -6.14 -36.78
C SER A 992 -22.26 -6.28 -36.17
N VAL A 993 -21.29 -5.54 -36.68
CA VAL A 993 -19.93 -5.74 -36.13
C VAL A 993 -19.84 -4.94 -34.85
N THR A 994 -18.83 -5.28 -34.05
CA THR A 994 -18.34 -4.60 -32.87
C THR A 994 -19.38 -4.20 -31.84
N PRO A 995 -20.13 -5.11 -31.24
CA PRO A 995 -20.92 -4.69 -30.09
C PRO A 995 -20.06 -4.58 -28.85
N GLY A 996 -18.96 -5.34 -28.82
CA GLY A 996 -18.05 -5.50 -27.72
C GLY A 996 -17.22 -4.31 -27.24
N ILE A 997 -17.29 -3.19 -27.97
CA ILE A 997 -16.50 -1.98 -27.81
C ILE A 997 -16.35 -1.52 -26.37
N GLN A 998 -17.45 -1.50 -25.60
CA GLN A 998 -17.39 -1.11 -24.19
C GLN A 998 -16.50 -2.05 -23.41
N SER A 999 -16.76 -3.33 -23.51
CA SER A 999 -15.89 -4.31 -22.89
C SER A 999 -14.55 -4.40 -23.58
N ALA A 1000 -14.52 -4.26 -24.92
CA ALA A 1000 -13.25 -4.31 -25.64
C ALA A 1000 -12.34 -3.18 -25.22
N LEU A 1001 -12.93 -2.02 -24.92
CA LEU A 1001 -12.19 -1.00 -24.22
C LEU A 1001 -11.84 -1.46 -22.83
N ASN A 1002 -12.80 -2.09 -22.15
CA ASN A 1002 -12.63 -2.40 -20.74
C ASN A 1002 -11.55 -3.46 -20.52
N ILE A 1003 -11.46 -4.42 -21.43
CA ILE A 1003 -10.57 -5.55 -21.24
C ILE A 1003 -9.12 -5.16 -21.44
N LEU A 1004 -8.84 -4.39 -22.50
CA LEU A 1004 -7.46 -4.14 -22.89
C LEU A 1004 -6.76 -3.22 -21.91
N GLN A 1005 -7.41 -2.12 -21.52
CA GLN A 1005 -6.81 -1.15 -20.62
C GLN A 1005 -6.63 -1.73 -19.24
N SER A 1006 -7.42 -2.75 -18.91
CA SER A 1006 -7.28 -3.43 -17.64
C SER A 1006 -5.91 -4.07 -17.50
N TYR A 1007 -5.37 -3.99 -16.29
CA TYR A 1007 -4.04 -4.49 -16.02
C TYR A 1007 -4.02 -6.01 -16.14
N LYS A 1008 -4.81 -6.68 -15.33
CA LYS A 1008 -4.72 -8.12 -15.22
C LYS A 1008 -5.34 -8.82 -16.43
N SER A 1009 -4.71 -8.69 -17.58
CA SER A 1009 -5.18 -9.40 -18.76
C SER A 1009 -4.32 -10.62 -19.01
N ASP A 1010 -4.94 -11.66 -19.51
CA ASP A 1010 -4.15 -12.70 -20.14
C ASP A 1010 -3.57 -12.10 -21.40
N ILE A 1011 -2.33 -12.52 -21.69
CA ILE A 1011 -1.62 -11.97 -22.85
C ILE A 1011 -2.34 -12.32 -24.12
N HIS A 1012 -2.86 -13.55 -24.21
CA HIS A 1012 -3.77 -13.92 -25.28
C HIS A 1012 -5.01 -13.04 -25.25
N TYR A 1013 -5.57 -12.83 -24.06
CA TYR A 1013 -6.77 -12.00 -23.92
C TYR A 1013 -6.46 -10.56 -24.25
N ARG A 1014 -5.29 -10.09 -23.81
CA ARG A 1014 -4.86 -8.76 -24.17
C ARG A 1014 -4.65 -8.65 -25.67
N LYS A 1015 -3.98 -9.64 -26.28
CA LYS A 1015 -3.66 -9.56 -27.70
C LYS A 1015 -4.90 -9.56 -28.54
N SER A 1016 -5.91 -10.33 -28.13
CA SER A 1016 -7.16 -10.36 -28.85
C SER A 1016 -7.88 -9.03 -28.73
N ALA A 1017 -7.86 -8.45 -27.53
CA ALA A 1017 -8.43 -7.13 -27.29
C ALA A 1017 -7.80 -6.10 -28.20
N TYR A 1018 -6.50 -6.23 -28.41
CA TYR A 1018 -5.90 -5.49 -29.50
C TYR A 1018 -6.40 -5.98 -30.85
N LYS A 1019 -6.39 -7.30 -31.08
CA LYS A 1019 -6.60 -7.80 -32.44
C LYS A 1019 -8.02 -7.57 -32.90
N TYR A 1020 -8.96 -7.60 -31.95
CA TYR A 1020 -10.33 -7.22 -32.27
C TYR A 1020 -10.42 -5.75 -32.56
N LEU A 1021 -9.78 -4.93 -31.74
CA LEU A 1021 -9.69 -3.51 -32.06
C LEU A 1021 -8.86 -3.28 -33.32
N THR A 1022 -7.93 -4.19 -33.63
CA THR A 1022 -7.04 -4.01 -34.78
C THR A 1022 -7.78 -4.05 -36.09
N CYS A 1023 -8.74 -4.96 -36.23
CA CYS A 1023 -9.59 -4.90 -37.39
C CYS A 1023 -10.47 -3.67 -37.35
N VAL A 1024 -10.83 -3.22 -36.14
CA VAL A 1024 -12.02 -2.40 -35.94
C VAL A 1024 -11.82 -0.99 -36.47
N LEU A 1025 -10.92 -0.23 -35.84
CA LEU A 1025 -10.66 1.13 -36.28
C LEU A 1025 -9.99 1.14 -37.65
N LEU A 1026 -9.32 0.04 -38.01
CA LEU A 1026 -8.88 -0.13 -39.40
C LEU A 1026 -10.07 -0.07 -40.32
N LEU A 1027 -11.07 -0.91 -40.06
CA LEU A 1027 -12.24 -1.00 -40.89
C LEU A 1027 -13.09 0.27 -40.87
N MET A 1028 -12.85 1.18 -39.91
CA MET A 1028 -13.48 2.49 -39.94
C MET A 1028 -13.08 3.27 -41.19
N THR A 1029 -11.92 2.98 -41.75
CA THR A 1029 -11.63 3.49 -43.08
C THR A 1029 -10.92 2.48 -43.97
N LYS A 1030 -10.85 1.20 -43.59
CA LYS A 1030 -10.15 0.22 -44.43
C LYS A 1030 -10.87 -0.02 -45.73
N SER A 1031 -12.20 -0.01 -45.69
CA SER A 1031 -12.96 -0.07 -46.92
C SER A 1031 -12.76 1.18 -47.77
N SER A 1032 -12.49 2.32 -47.14
CA SER A 1032 -12.19 3.53 -47.88
C SER A 1032 -10.70 3.72 -48.11
N ALA A 1033 -9.88 2.71 -47.83
CA ALA A 1033 -8.43 2.86 -47.80
C ALA A 1033 -7.81 2.48 -49.13
N GLU A 1034 -8.50 2.79 -50.22
CA GLU A 1034 -7.94 2.54 -51.54
C GLU A 1034 -6.70 3.40 -51.81
N PHE A 1035 -5.76 2.81 -52.53
CA PHE A 1035 -4.50 3.46 -52.87
C PHE A 1035 -4.66 4.10 -54.24
N PRO A 1036 -4.74 5.43 -54.32
CA PRO A 1036 -4.96 6.08 -55.61
C PRO A 1036 -3.70 6.10 -56.46
N THR A 1037 -3.90 5.96 -57.78
CA THR A 1037 -2.78 5.78 -58.69
C THR A 1037 -2.28 7.11 -59.24
N ASN A 1038 -3.12 7.80 -60.00
CA ASN A 1038 -2.76 9.11 -60.53
C ASN A 1038 -3.24 10.23 -59.62
N TYR A 1039 -2.91 10.11 -58.34
CA TYR A 1039 -3.08 11.19 -57.40
C TYR A 1039 -1.75 11.73 -56.92
N THR A 1040 -0.68 10.95 -57.00
CA THR A 1040 0.63 11.38 -56.54
C THR A 1040 1.15 12.53 -57.39
N GLU A 1041 0.99 12.42 -58.70
CA GLU A 1041 1.23 13.57 -59.54
C GLU A 1041 0.19 14.65 -59.29
N LEU A 1042 -1.06 14.26 -59.11
CA LEU A 1042 -2.13 15.23 -58.91
C LEU A 1042 -1.97 15.96 -57.59
N LEU A 1043 -1.45 15.27 -56.58
CA LEU A 1043 -1.13 15.96 -55.34
C LEU A 1043 0.11 16.81 -55.52
N LYS A 1044 1.06 16.35 -56.33
CA LYS A 1044 2.15 17.22 -56.74
C LYS A 1044 1.62 18.35 -57.59
N THR A 1045 0.59 18.09 -58.39
CA THR A 1045 -0.11 19.17 -59.07
C THR A 1045 -0.83 20.05 -58.06
N ALA A 1046 -1.43 19.42 -57.06
CA ALA A 1046 -1.97 20.18 -55.97
C ALA A 1046 -0.89 20.86 -55.17
N VAL A 1047 0.32 20.28 -55.12
CA VAL A 1047 1.42 20.97 -54.45
C VAL A 1047 1.75 22.23 -55.21
N ASN A 1048 1.74 22.16 -56.52
CA ASN A 1048 1.83 23.37 -57.33
C ASN A 1048 0.57 24.21 -57.16
N SER A 1049 -0.57 23.56 -57.02
CA SER A 1049 -1.78 24.33 -56.79
C SER A 1049 -1.84 24.87 -55.36
N ILE A 1050 -1.19 24.20 -54.40
CA ILE A 1050 -1.02 24.79 -53.08
C ILE A 1050 0.06 25.85 -53.15
N LYS A 1051 1.05 25.67 -54.02
CA LYS A 1051 1.97 26.76 -54.32
C LYS A 1051 1.24 27.92 -54.93
N LEU A 1052 0.19 27.66 -55.70
CA LEU A 1052 -0.70 28.72 -56.09
C LEU A 1052 -1.54 29.17 -54.90
N GLU A 1053 -1.96 30.44 -54.95
CA GLU A 1053 -2.91 30.99 -54.01
C GLU A 1053 -3.90 31.83 -54.82
N ARG A 1054 -4.90 32.35 -54.12
CA ARG A 1054 -6.10 32.98 -54.71
C ARG A 1054 -6.77 32.05 -55.72
N ILE A 1055 -6.85 30.76 -55.36
CA ILE A 1055 -7.39 29.73 -56.24
C ILE A 1055 -8.91 29.74 -56.03
N GLY A 1056 -9.62 30.50 -56.87
CA GLY A 1056 -11.06 30.63 -56.73
C GLY A 1056 -11.81 29.36 -57.06
N ILE A 1057 -13.02 29.28 -56.54
CA ILE A 1057 -13.82 28.08 -56.62
C ILE A 1057 -14.95 28.29 -57.62
N GLU A 1058 -15.63 27.20 -57.97
CA GLU A 1058 -16.67 27.24 -58.99
C GLU A 1058 -17.90 27.99 -58.50
N LYS A 1059 -18.71 28.44 -59.46
CA LYS A 1059 -19.90 29.24 -59.16
C LYS A 1059 -20.99 28.32 -58.63
N ASN A 1060 -21.15 28.28 -57.31
CA ASN A 1060 -22.18 27.47 -56.70
C ASN A 1060 -22.86 28.24 -55.58
N PHE A 1061 -24.18 28.34 -55.66
CA PHE A 1061 -25.05 28.60 -54.53
C PHE A 1061 -25.83 27.33 -54.25
N ASP A 1062 -25.13 26.20 -54.39
CA ASP A 1062 -25.75 24.90 -54.56
C ASP A 1062 -26.30 24.40 -53.23
N LEU A 1063 -26.81 23.17 -53.25
CA LEU A 1063 -27.55 22.65 -52.12
C LEU A 1063 -26.60 22.15 -51.03
N GLU A 1064 -27.19 21.64 -49.95
CA GLU A 1064 -26.50 21.01 -48.83
C GLU A 1064 -27.51 20.20 -48.05
N PRO A 1065 -27.16 18.96 -47.68
CA PRO A 1065 -28.07 18.13 -46.90
C PRO A 1065 -28.09 18.57 -45.45
N THR A 1066 -28.75 17.77 -44.63
CA THR A 1066 -28.63 17.95 -43.19
C THR A 1066 -27.30 17.38 -42.72
N VAL A 1067 -26.99 17.59 -41.45
CA VAL A 1067 -25.79 17.00 -40.87
C VAL A 1067 -26.14 16.23 -39.61
N ASN A 1068 -26.62 16.98 -38.60
CA ASN A 1068 -26.71 16.53 -37.21
C ASN A 1068 -25.37 15.96 -36.75
N LYS A 1069 -24.32 16.79 -36.89
CA LYS A 1069 -22.92 16.37 -36.88
C LYS A 1069 -22.46 15.83 -35.53
N ARG A 1070 -23.28 15.92 -34.50
CA ARG A 1070 -23.02 15.18 -33.29
C ARG A 1070 -23.26 13.70 -33.49
N ASP A 1071 -24.21 13.32 -34.34
CA ASP A 1071 -24.30 11.94 -34.76
C ASP A 1071 -23.07 11.55 -35.56
N TYR A 1072 -22.57 12.48 -36.37
CA TYR A 1072 -21.26 12.27 -36.95
C TYR A 1072 -20.20 12.34 -35.86
N SER A 1073 -20.37 13.23 -34.87
CA SER A 1073 -19.42 13.23 -33.78
C SER A 1073 -19.57 12.00 -32.91
N ASN A 1074 -20.76 11.42 -32.87
CA ASN A 1074 -20.95 10.13 -32.24
C ASN A 1074 -20.10 9.09 -32.96
N GLN A 1075 -20.27 9.01 -34.28
CA GLN A 1075 -19.38 8.21 -35.09
C GLN A 1075 -17.94 8.69 -35.00
N GLU A 1076 -17.73 9.98 -34.78
CA GLU A 1076 -16.36 10.40 -34.55
C GLU A 1076 -15.87 9.96 -33.20
N ASN A 1077 -16.71 10.08 -32.16
CA ASN A 1077 -16.25 9.78 -30.81
C ASN A 1077 -15.95 8.31 -30.64
N LEU A 1078 -16.59 7.46 -31.45
CA LEU A 1078 -16.13 6.10 -31.62
C LEU A 1078 -14.71 6.09 -32.16
N PHE A 1079 -14.53 6.61 -33.37
CA PHE A 1079 -13.21 6.63 -33.98
C PHE A 1079 -12.25 7.54 -33.24
N LEU A 1080 -12.75 8.48 -32.45
CA LEU A 1080 -11.87 9.16 -31.52
C LEU A 1080 -11.38 8.19 -30.47
N ARG A 1081 -12.31 7.51 -29.81
CA ARG A 1081 -11.92 6.60 -28.76
C ARG A 1081 -11.26 5.36 -29.33
N LEU A 1082 -11.76 4.86 -30.48
CA LEU A 1082 -11.14 3.69 -31.12
C LEU A 1082 -9.74 3.96 -31.62
N LEU A 1083 -9.33 5.22 -31.72
CA LEU A 1083 -7.96 5.54 -32.02
C LEU A 1083 -7.15 5.81 -30.76
N GLU A 1084 -7.67 6.66 -29.87
CA GLU A 1084 -6.95 7.06 -28.68
C GLU A 1084 -6.75 5.89 -27.73
N SER A 1085 -7.52 4.83 -27.94
CA SER A 1085 -7.20 3.56 -27.31
C SER A 1085 -5.83 3.06 -27.74
N VAL A 1086 -5.51 3.15 -29.03
CA VAL A 1086 -4.37 2.42 -29.58
C VAL A 1086 -3.06 3.02 -29.10
N PHE A 1087 -2.97 4.35 -29.10
CA PHE A 1087 -1.79 5.00 -28.54
C PHE A 1087 -1.67 4.69 -27.07
N TYR A 1088 -2.79 4.65 -26.35
CA TYR A 1088 -2.85 4.22 -24.97
C TYR A 1088 -2.73 2.71 -24.80
N ALA A 1089 -2.45 2.00 -25.86
CA ALA A 1089 -2.17 0.58 -25.84
C ALA A 1089 -0.77 0.27 -26.33
N THR A 1090 -0.29 1.07 -27.28
CA THR A 1090 1.04 0.88 -27.83
C THR A 1090 2.11 1.03 -26.77
N SER A 1091 1.96 2.04 -25.93
CA SER A 1091 2.96 2.31 -24.92
C SER A 1091 2.98 1.24 -23.85
N ILE A 1092 1.89 0.50 -23.70
CA ILE A 1092 1.93 -0.67 -22.84
C ILE A 1092 2.85 -1.73 -23.44
N LYS A 1093 3.46 -2.51 -22.57
CA LYS A 1093 4.54 -3.39 -22.97
C LYS A 1093 4.01 -4.60 -23.72
N GLU A 1094 4.93 -5.43 -24.18
CA GLU A 1094 4.75 -6.73 -24.81
C GLU A 1094 4.04 -6.66 -26.15
N LEU A 1095 3.60 -5.51 -26.59
CA LEU A 1095 2.88 -5.45 -27.85
C LEU A 1095 3.10 -4.12 -28.55
N LYS A 1096 4.13 -3.38 -28.15
CA LYS A 1096 4.42 -2.11 -28.80
C LYS A 1096 4.84 -2.27 -30.26
N ASP A 1097 5.32 -3.46 -30.64
CA ASP A 1097 6.08 -3.63 -31.89
C ASP A 1097 5.20 -3.49 -33.11
N ASP A 1098 4.19 -4.33 -33.22
CA ASP A 1098 3.24 -4.19 -34.30
C ASP A 1098 2.45 -2.91 -34.15
N ALA A 1099 2.25 -2.46 -32.91
CA ALA A 1099 1.46 -1.27 -32.60
C ALA A 1099 2.00 -0.03 -33.26
N MET A 1100 3.28 0.25 -33.02
CA MET A 1100 3.90 1.43 -33.61
C MET A 1100 3.99 1.30 -35.12
N ASP A 1101 4.18 0.07 -35.62
CA ASP A 1101 4.25 -0.15 -37.05
C ASP A 1101 2.95 0.20 -37.71
N LEU A 1102 1.85 -0.20 -37.07
CA LEU A 1102 0.55 0.28 -37.50
C LEU A 1102 0.45 1.77 -37.33
N LEU A 1103 0.94 2.26 -36.19
CA LEU A 1103 0.85 3.69 -35.89
C LEU A 1103 1.67 4.51 -36.87
N ASN A 1104 2.82 4.00 -37.29
CA ASN A 1104 3.56 4.62 -38.38
C ASN A 1104 2.76 4.54 -39.66
N ASN A 1105 2.21 3.37 -39.96
CA ASN A 1105 1.40 3.19 -41.15
C ASN A 1105 0.11 3.97 -41.07
N LEU A 1106 -0.45 4.12 -39.87
CA LEU A 1106 -1.64 4.96 -39.70
C LEU A 1106 -1.32 6.40 -40.02
N LEU A 1107 -0.22 6.89 -39.46
CA LEU A 1107 0.28 8.22 -39.78
C LEU A 1107 0.62 8.32 -41.25
N ASP A 1108 1.13 7.25 -41.85
CA ASP A 1108 1.40 7.21 -43.27
C ASP A 1108 0.13 7.39 -44.08
N HIS A 1109 -0.96 6.79 -43.63
CA HIS A 1109 -2.22 7.00 -44.32
C HIS A 1109 -2.88 8.31 -43.92
N PHE A 1110 -2.93 8.61 -42.62
CA PHE A 1110 -3.83 9.66 -42.15
C PHE A 1110 -3.31 11.05 -42.48
N CYS A 1111 -1.98 11.23 -42.48
CA CYS A 1111 -1.42 12.52 -42.84
C CYS A 1111 -1.60 12.80 -44.32
N LEU A 1112 -1.46 11.77 -45.14
CA LEU A 1112 -1.63 11.94 -46.58
C LEU A 1112 -3.06 12.32 -46.90
N LEU A 1113 -4.01 11.68 -46.23
CA LEU A 1113 -5.40 12.08 -46.38
C LEU A 1113 -5.65 13.46 -45.82
N GLN A 1114 -4.88 13.85 -44.79
CA GLN A 1114 -5.02 15.20 -44.25
C GLN A 1114 -4.46 16.23 -45.20
N VAL A 1115 -3.48 15.84 -46.00
CA VAL A 1115 -3.00 16.74 -47.03
C VAL A 1115 -4.05 16.90 -48.10
N ASN A 1116 -4.70 15.80 -48.48
CA ASN A 1116 -5.84 15.88 -49.39
C ASN A 1116 -6.97 16.66 -48.76
N THR A 1117 -7.14 16.49 -47.45
CA THR A 1117 -8.13 17.28 -46.75
C THR A 1117 -7.74 18.74 -46.69
N THR A 1118 -6.44 19.03 -46.60
CA THR A 1118 -6.00 20.41 -46.72
C THR A 1118 -6.29 20.93 -48.12
N LEU A 1119 -6.09 20.08 -49.12
CA LEU A 1119 -6.52 20.42 -50.46
C LEU A 1119 -8.04 20.46 -50.54
N LEU A 1120 -8.71 19.59 -49.81
CA LEU A 1120 -10.15 19.73 -49.70
C LEU A 1120 -10.50 21.01 -48.96
N ASN A 1121 -9.72 21.34 -47.94
CA ASN A 1121 -9.86 22.64 -47.29
C ASN A 1121 -9.33 23.76 -48.14
N LYS A 1122 -8.67 23.48 -49.25
CA LYS A 1122 -8.35 24.50 -50.22
C LYS A 1122 -9.48 24.71 -51.20
N ARG A 1123 -10.11 23.61 -51.61
CA ARG A 1123 -11.42 23.68 -52.25
C ARG A 1123 -12.41 24.37 -51.32
N ASN A 1124 -12.35 24.04 -50.04
CA ASN A 1124 -13.06 24.78 -49.01
C ASN A 1124 -12.25 25.97 -48.54
N TYR A 1125 -11.70 26.74 -49.48
CA TYR A 1125 -11.04 27.99 -49.18
C TYR A 1125 -11.34 28.95 -50.30
N ASN A 1126 -10.74 30.13 -50.18
CA ASN A 1126 -10.86 31.23 -51.12
C ASN A 1126 -12.32 31.65 -51.27
N GLY A 1127 -13.03 31.73 -50.15
CA GLY A 1127 -14.29 32.43 -50.13
C GLY A 1127 -14.02 33.91 -50.18
N THR A 1128 -15.00 34.67 -50.65
CA THR A 1128 -14.76 36.08 -50.96
C THR A 1128 -15.52 37.01 -50.03
N PHE A 1129 -16.87 37.07 -50.11
CA PHE A 1129 -17.66 37.83 -49.13
C PHE A 1129 -19.10 37.33 -49.20
N ASN A 1130 -19.45 36.40 -48.32
CA ASN A 1130 -20.80 36.14 -47.81
C ASN A 1130 -21.83 35.80 -48.87
N ILE A 1131 -21.44 35.51 -50.11
CA ILE A 1131 -22.42 35.34 -51.17
C ILE A 1131 -22.93 33.91 -51.16
N ASP A 1132 -22.04 32.96 -51.43
CA ASP A 1132 -22.34 31.53 -51.43
C ASP A 1132 -21.01 30.76 -51.47
N LEU A 1133 -21.12 29.43 -51.53
CA LEU A 1133 -20.01 28.52 -51.78
C LEU A 1133 -20.61 27.18 -52.19
N LYS A 1134 -19.74 26.19 -52.40
CA LYS A 1134 -20.20 24.89 -52.91
C LYS A 1134 -20.56 23.98 -51.75
N ASN A 1135 -19.60 23.72 -50.87
CA ASN A 1135 -19.70 22.87 -49.68
C ASN A 1135 -20.24 21.46 -49.95
N PRO A 1136 -19.47 20.57 -50.58
CA PRO A 1136 -19.90 19.17 -50.66
C PRO A 1136 -19.86 18.51 -49.28
N ASN A 1137 -20.62 17.43 -49.14
CA ASN A 1137 -20.81 16.80 -47.85
C ASN A 1137 -20.51 15.30 -47.89
N PHE A 1138 -20.81 14.67 -46.75
CA PHE A 1138 -21.00 13.23 -46.57
C PHE A 1138 -19.72 12.42 -46.66
N MET A 1139 -18.60 12.98 -46.23
CA MET A 1139 -17.40 12.17 -46.08
C MET A 1139 -16.90 12.25 -44.65
N LEU A 1140 -15.83 11.53 -44.36
CA LEU A 1140 -15.06 11.68 -43.13
C LEU A 1140 -13.60 11.94 -43.47
N ASP A 1141 -12.87 12.54 -42.53
CA ASP A 1141 -11.46 12.86 -42.74
C ASP A 1141 -10.70 12.78 -41.43
N SER A 1142 -9.37 12.84 -41.51
CA SER A 1142 -8.47 12.61 -40.39
C SER A 1142 -8.14 13.89 -39.63
N SER A 1143 -8.96 14.93 -39.77
CA SER A 1143 -8.65 16.22 -39.17
C SER A 1143 -8.78 16.18 -37.67
N LEU A 1144 -9.94 15.76 -37.18
CA LEU A 1144 -10.11 15.53 -35.75
C LEU A 1144 -9.23 14.39 -35.28
N ILE A 1145 -9.01 13.41 -36.15
CA ILE A 1145 -8.11 12.31 -35.85
C ILE A 1145 -6.70 12.82 -35.63
N LEU A 1146 -6.29 13.79 -36.44
CA LEU A 1146 -5.09 14.52 -36.12
C LEU A 1146 -5.26 15.28 -34.82
N ASP A 1147 -6.41 15.91 -34.62
CA ASP A 1147 -6.58 16.81 -33.48
C ASP A 1147 -6.67 16.05 -32.18
N ALA A 1148 -6.94 14.75 -32.24
CA ALA A 1148 -7.26 14.04 -31.00
C ALA A 1148 -6.00 13.66 -30.23
N ILE A 1149 -5.24 12.71 -30.76
CA ILE A 1149 -4.22 11.97 -30.01
C ILE A 1149 -3.08 12.83 -29.46
N PRO A 1150 -2.61 13.89 -30.16
CA PRO A 1150 -1.71 14.80 -29.45
C PRO A 1150 -2.37 15.53 -28.31
N PHE A 1151 -3.60 15.98 -28.49
CA PHE A 1151 -4.34 16.50 -27.35
C PHE A 1151 -4.68 15.39 -26.37
N ALA A 1152 -4.68 14.14 -26.82
CA ALA A 1152 -4.79 13.02 -25.90
C ALA A 1152 -3.44 12.54 -25.40
N LEU A 1153 -2.36 13.25 -25.69
CA LEU A 1153 -1.09 12.91 -25.05
C LEU A 1153 -0.99 13.51 -23.65
N SER A 1154 -1.98 14.27 -23.20
CA SER A 1154 -1.98 14.86 -21.86
C SER A 1154 -2.56 13.91 -20.82
N TYR A 1155 -2.17 12.67 -20.93
CA TYR A 1155 -2.78 11.60 -20.17
C TYR A 1155 -1.81 11.08 -19.15
N TYR A 1156 -2.23 10.04 -18.45
CA TYR A 1156 -1.35 9.29 -17.58
C TYR A 1156 -0.51 8.35 -18.44
N ILE A 1157 0.31 7.54 -17.78
CA ILE A 1157 1.29 6.63 -18.38
C ILE A 1157 2.19 7.38 -19.34
N PRO A 1158 3.15 8.18 -18.84
CA PRO A 1158 3.84 9.15 -19.70
C PRO A 1158 4.73 8.55 -20.76
N GLU A 1159 4.87 7.23 -20.80
CA GLU A 1159 5.31 6.61 -22.03
C GLU A 1159 4.37 6.93 -23.18
N VAL A 1160 3.07 6.98 -22.90
CA VAL A 1160 2.13 7.47 -23.91
C VAL A 1160 2.39 8.93 -24.16
N ARG A 1161 2.76 9.70 -23.12
CA ARG A 1161 3.21 11.05 -23.38
C ARG A 1161 4.53 11.03 -24.13
N GLU A 1162 5.36 10.01 -23.88
CA GLU A 1162 6.62 9.91 -24.59
C GLU A 1162 6.43 9.56 -26.04
N VAL A 1163 5.47 8.68 -26.35
CA VAL A 1163 5.16 8.41 -27.75
C VAL A 1163 4.50 9.63 -28.37
N GLY A 1164 3.86 10.45 -27.54
CA GLY A 1164 3.28 11.69 -28.03
C GLY A 1164 4.32 12.68 -28.49
N VAL A 1165 5.52 12.64 -27.92
CA VAL A 1165 6.63 13.39 -28.50
C VAL A 1165 6.95 12.84 -29.87
N LEU A 1166 6.98 11.50 -30.00
CA LEU A 1166 7.30 10.86 -31.26
C LEU A 1166 6.22 11.12 -32.29
N ALA A 1167 5.03 11.48 -31.85
CA ALA A 1167 3.98 11.87 -32.78
C ALA A 1167 4.37 13.12 -33.53
N TYR A 1168 4.46 14.25 -32.81
CA TYR A 1168 4.70 15.55 -33.44
C TYR A 1168 6.05 15.60 -34.12
N LYS A 1169 6.97 14.74 -33.68
CA LYS A 1169 8.19 14.50 -34.44
C LYS A 1169 7.87 13.92 -35.81
N ARG A 1170 7.29 12.71 -35.83
CA ARG A 1170 6.98 12.03 -37.09
C ARG A 1170 5.95 12.80 -37.90
N ILE A 1171 5.14 13.62 -37.22
CA ILE A 1171 4.28 14.57 -37.90
C ILE A 1171 5.11 15.60 -38.64
N TYR A 1172 5.88 16.40 -37.88
CA TYR A 1172 6.68 17.46 -38.49
C TYR A 1172 7.79 16.90 -39.37
N GLU A 1173 8.17 15.64 -39.14
CA GLU A 1173 9.00 14.94 -40.11
C GLU A 1173 8.28 14.80 -41.43
N LYS A 1174 7.10 14.19 -41.40
CA LYS A 1174 6.37 13.98 -42.64
C LYS A 1174 5.79 15.29 -43.17
N SER A 1175 5.57 16.27 -42.28
CA SER A 1175 5.11 17.58 -42.72
C SER A 1175 6.13 18.24 -43.63
N CYS A 1176 7.38 18.30 -43.18
CA CYS A 1176 8.40 18.78 -44.08
C CYS A 1176 8.78 17.76 -45.15
N LEU A 1177 8.46 16.48 -44.94
CA LEU A 1177 8.75 15.53 -46.00
C LEU A 1177 7.82 15.71 -47.18
N ILE A 1178 6.56 16.02 -46.94
CA ILE A 1178 5.58 16.07 -48.01
C ILE A 1178 5.22 17.49 -48.41
N TYR A 1179 5.52 18.49 -47.60
CA TYR A 1179 5.26 19.86 -48.02
C TYR A 1179 6.41 20.81 -47.70
N GLY A 1180 7.44 20.36 -47.00
CA GLY A 1180 8.64 21.17 -46.85
C GLY A 1180 8.50 22.19 -45.74
N GLU A 1181 9.00 23.39 -46.00
CA GLU A 1181 8.87 24.48 -45.06
C GLU A 1181 8.04 25.60 -45.67
N GLU A 1182 7.09 25.26 -46.52
CA GLU A 1182 6.23 26.24 -47.16
C GLU A 1182 5.30 26.90 -46.13
N LEU A 1183 4.81 28.07 -46.51
CA LEU A 1183 3.69 28.65 -45.77
C LEU A 1183 2.45 27.80 -45.94
N ALA A 1184 2.32 27.16 -47.11
CA ALA A 1184 1.32 26.12 -47.26
C ALA A 1184 1.65 24.92 -46.38
N LEU A 1185 2.94 24.62 -46.19
CA LEU A 1185 3.30 23.61 -45.22
C LEU A 1185 3.11 24.11 -43.80
N SER A 1186 3.37 25.40 -43.57
CA SER A 1186 2.95 26.03 -42.32
C SER A 1186 1.43 26.00 -42.20
N HIS A 1187 0.73 26.16 -43.32
CA HIS A 1187 -0.71 25.95 -43.31
C HIS A 1187 -1.05 24.47 -43.07
N SER A 1188 -0.17 23.55 -43.50
CA SER A 1188 -0.56 22.15 -43.61
C SER A 1188 -0.73 21.49 -42.26
N PHE A 1189 0.24 21.60 -41.37
CA PHE A 1189 0.18 20.81 -40.15
C PHE A 1189 -0.14 21.65 -38.92
N ILE A 1190 0.73 22.60 -38.60
CA ILE A 1190 0.81 23.30 -37.33
C ILE A 1190 -0.47 23.87 -36.73
N PRO A 1191 -1.31 24.64 -37.45
CA PRO A 1191 -2.28 25.48 -36.74
C PRO A 1191 -3.36 24.67 -36.06
N GLU A 1192 -3.60 23.47 -36.58
CA GLU A 1192 -4.37 22.47 -35.90
C GLU A 1192 -3.70 22.14 -34.58
N LEU A 1193 -2.45 21.69 -34.66
CA LEU A 1193 -1.73 21.29 -33.47
C LEU A 1193 -1.42 22.48 -32.59
N ALA A 1194 -1.33 23.67 -33.20
CA ALA A 1194 -1.00 24.85 -32.43
C ALA A 1194 -2.16 25.25 -31.53
N LYS A 1195 -3.30 25.55 -32.15
CA LYS A 1195 -4.39 26.17 -31.43
C LYS A 1195 -4.97 25.25 -30.37
N GLN A 1196 -4.97 23.95 -30.65
CA GLN A 1196 -5.29 22.99 -29.62
C GLN A 1196 -4.28 23.05 -28.50
N PHE A 1197 -2.99 23.13 -28.84
CA PHE A 1197 -1.98 23.22 -27.80
C PHE A 1197 -2.06 24.55 -27.11
N ILE A 1198 -2.47 25.57 -27.84
CA ILE A 1198 -2.82 26.82 -27.20
C ILE A 1198 -4.03 26.64 -26.30
N HIS A 1199 -5.09 26.00 -26.80
CA HIS A 1199 -6.28 25.83 -25.98
C HIS A 1199 -6.04 24.88 -24.83
N LEU A 1200 -5.22 23.86 -25.05
CA LEU A 1200 -4.88 22.96 -23.96
C LEU A 1200 -4.07 23.68 -22.92
N CYS A 1201 -3.23 24.61 -23.35
CA CYS A 1201 -2.56 25.45 -22.38
C CYS A 1201 -3.57 26.29 -21.61
N TYR A 1202 -4.64 26.67 -22.27
CA TYR A 1202 -5.67 27.40 -21.54
C TYR A 1202 -6.49 26.50 -20.62
N ASP A 1203 -6.38 25.18 -20.76
CA ASP A 1203 -7.30 24.28 -20.06
C ASP A 1203 -6.97 24.21 -18.56
N GLU A 1204 -7.80 23.46 -17.82
CA GLU A 1204 -7.88 23.60 -16.37
C GLU A 1204 -7.71 22.30 -15.57
N THR A 1205 -7.05 21.29 -16.10
CA THR A 1205 -6.68 20.13 -15.29
C THR A 1205 -5.17 20.06 -15.18
N TYR A 1206 -4.70 19.52 -14.06
CA TYR A 1206 -3.26 19.35 -13.90
C TYR A 1206 -2.70 18.42 -14.94
N TYR A 1207 -3.29 17.25 -15.10
CA TYR A 1207 -2.78 16.28 -16.06
C TYR A 1207 -3.00 16.74 -17.49
N ASN A 1208 -4.06 17.51 -17.73
CA ASN A 1208 -4.29 18.01 -19.08
C ASN A 1208 -3.28 19.07 -19.45
N LYS A 1209 -2.95 19.94 -18.51
CA LYS A 1209 -2.11 21.09 -18.83
C LYS A 1209 -0.69 20.66 -19.14
N ARG A 1210 -0.20 19.62 -18.46
CA ARG A 1210 1.18 19.20 -18.62
C ARG A 1210 1.45 18.67 -20.02
N GLY A 1211 0.43 18.08 -20.63
CA GLY A 1211 0.59 17.54 -21.97
C GLY A 1211 0.78 18.61 -23.02
N GLY A 1212 0.27 19.80 -22.75
CA GLY A 1212 0.56 20.91 -23.65
C GLY A 1212 2.00 21.36 -23.56
N VAL A 1213 2.55 21.38 -22.34
CA VAL A 1213 3.81 22.07 -22.11
C VAL A 1213 4.96 21.30 -22.73
N LEU A 1214 4.97 19.98 -22.56
CA LEU A 1214 5.92 19.16 -23.28
C LEU A 1214 5.71 19.27 -24.78
N GLY A 1215 4.46 19.41 -25.20
CA GLY A 1215 4.18 19.62 -26.60
C GLY A 1215 4.71 20.95 -27.10
N ILE A 1216 4.69 21.96 -26.23
CA ILE A 1216 5.20 23.27 -26.60
C ILE A 1216 6.69 23.23 -26.87
N LYS A 1217 7.42 22.38 -26.14
CA LYS A 1217 8.86 22.35 -26.29
C LYS A 1217 9.28 21.75 -27.62
N VAL A 1218 8.73 20.58 -27.97
CA VAL A 1218 9.09 19.94 -29.24
C VAL A 1218 8.56 20.75 -30.40
N LEU A 1219 7.50 21.51 -30.18
CA LEU A 1219 7.11 22.54 -31.11
C LEU A 1219 8.21 23.57 -31.27
N ILE A 1220 8.75 24.05 -30.14
CA ILE A 1220 9.64 25.21 -30.13
C ILE A 1220 10.95 24.90 -30.85
N ASP A 1221 11.30 23.62 -30.97
CA ASP A 1221 12.48 23.26 -31.76
C ASP A 1221 12.27 23.54 -33.24
N ASN A 1222 11.19 23.02 -33.81
CA ASN A 1222 11.00 23.09 -35.24
C ASN A 1222 10.15 24.28 -35.64
N VAL A 1223 9.93 25.22 -34.73
CA VAL A 1223 9.19 26.43 -35.06
C VAL A 1223 10.05 27.67 -34.97
N LYS A 1224 11.08 27.68 -34.13
CA LYS A 1224 11.93 28.86 -34.00
C LYS A 1224 12.72 29.17 -35.25
N SER A 1225 12.96 28.15 -36.10
CA SER A 1225 13.57 28.35 -37.41
C SER A 1225 12.68 29.28 -38.23
N SER A 1226 11.47 28.84 -38.54
CA SER A 1226 10.51 29.67 -39.28
C SER A 1226 9.58 30.28 -38.24
N SER A 1227 10.01 31.41 -37.68
CA SER A 1227 9.30 31.99 -36.55
C SER A 1227 8.16 32.90 -36.99
N VAL A 1228 7.64 32.71 -38.20
CA VAL A 1228 6.44 33.44 -38.59
C VAL A 1228 5.24 32.96 -37.79
N PHE A 1229 5.25 31.68 -37.42
CA PHE A 1229 4.25 31.22 -36.46
C PHE A 1229 4.48 31.86 -35.10
N LEU A 1230 5.74 32.08 -34.75
CA LEU A 1230 6.01 32.87 -33.56
C LEU A 1230 5.61 34.31 -33.79
N LYS A 1231 5.69 34.79 -35.03
CA LYS A 1231 5.02 36.03 -35.34
C LYS A 1231 3.51 35.87 -35.31
N LYS A 1232 3.01 34.69 -35.66
CA LYS A 1232 1.57 34.49 -35.59
C LYS A 1232 1.11 34.34 -34.16
N TYR A 1233 1.82 33.56 -33.36
CA TYR A 1233 1.33 33.18 -32.04
C TYR A 1233 1.92 34.04 -30.94
N GLN A 1234 2.37 35.25 -31.25
CA GLN A 1234 3.25 36.02 -30.37
C GLN A 1234 2.54 36.40 -29.08
N TYR A 1235 1.56 37.29 -29.17
CA TYR A 1235 0.73 37.60 -28.01
C TYR A 1235 -0.15 36.42 -27.65
N ASN A 1236 -0.35 35.51 -28.59
CA ASN A 1236 -1.04 34.27 -28.27
C ASN A 1236 -0.23 33.44 -27.28
N LEU A 1237 0.90 32.88 -27.72
CA LEU A 1237 1.59 31.86 -26.94
C LEU A 1237 2.19 32.45 -25.68
N ALA A 1238 2.46 33.75 -25.70
CA ALA A 1238 2.82 34.45 -24.47
C ALA A 1238 1.67 34.42 -23.48
N ASN A 1239 0.46 34.74 -23.96
CA ASN A 1239 -0.69 34.71 -23.09
C ASN A 1239 -0.98 33.28 -22.64
N GLY A 1240 -0.65 32.30 -23.48
CA GLY A 1240 -0.72 30.91 -23.06
C GLY A 1240 0.23 30.60 -21.93
N LEU A 1241 1.45 31.12 -22.01
CA LEU A 1241 2.36 30.95 -20.90
C LEU A 1241 1.89 31.74 -19.70
N LEU A 1242 1.22 32.86 -19.96
CA LEU A 1242 0.90 33.82 -18.91
C LEU A 1242 -0.05 33.23 -17.88
N PHE A 1243 -1.15 32.64 -18.34
CA PHE A 1243 -2.06 32.00 -17.40
C PHE A 1243 -1.46 30.73 -16.85
N VAL A 1244 -0.53 30.11 -17.60
CA VAL A 1244 -0.03 28.78 -17.26
C VAL A 1244 0.67 28.81 -15.92
N LEU A 1245 1.53 29.80 -15.72
CA LEU A 1245 2.04 30.00 -14.38
C LEU A 1245 0.98 30.57 -13.47
N LYS A 1246 0.05 31.35 -14.02
CA LYS A 1246 -0.90 32.03 -13.15
C LYS A 1246 -1.94 31.07 -12.63
N ASP A 1247 -2.69 30.45 -13.53
CA ASP A 1247 -3.98 29.87 -13.17
C ASP A 1247 -3.85 28.50 -12.52
N THR A 1248 -2.79 27.75 -12.84
CA THR A 1248 -2.66 26.37 -12.37
C THR A 1248 -2.47 26.32 -10.87
N GLN A 1249 -3.24 25.46 -10.20
CA GLN A 1249 -3.33 25.46 -8.75
C GLN A 1249 -2.17 24.70 -8.13
N SER A 1250 -2.12 24.76 -6.79
CA SER A 1250 -0.99 24.28 -5.99
C SER A 1250 -1.07 22.80 -5.72
N GLU A 1251 -2.01 22.12 -6.37
CA GLU A 1251 -2.06 20.68 -6.25
C GLU A 1251 -0.86 20.07 -6.93
N ALA A 1252 -0.44 20.64 -8.06
CA ALA A 1252 0.57 20.05 -8.90
C ALA A 1252 1.92 20.07 -8.20
N PRO A 1253 2.80 19.13 -8.54
CA PRO A 1253 4.21 19.33 -8.22
C PRO A 1253 4.74 20.42 -9.10
N SER A 1254 5.81 21.05 -8.66
CA SER A 1254 6.27 22.25 -9.36
C SER A 1254 6.95 21.95 -10.69
N ALA A 1255 7.11 20.68 -11.07
CA ALA A 1255 7.84 20.33 -12.29
C ALA A 1255 7.17 20.87 -13.55
N ILE A 1256 5.84 20.94 -13.56
CA ILE A 1256 5.16 21.59 -14.68
C ILE A 1256 5.44 23.08 -14.68
N THR A 1257 5.29 23.71 -13.51
CA THR A 1257 5.66 25.11 -13.34
C THR A 1257 7.15 25.33 -13.55
N ASP A 1258 7.97 24.33 -13.25
CA ASP A 1258 9.39 24.41 -13.57
C ASP A 1258 9.61 24.29 -15.06
N SER A 1259 8.94 23.33 -15.70
CA SER A 1259 9.04 23.22 -17.15
C SER A 1259 8.38 24.41 -17.83
N ALA A 1260 7.53 25.12 -17.11
CA ALA A 1260 6.88 26.31 -17.66
C ALA A 1260 7.90 27.39 -17.99
N GLU A 1261 8.58 27.93 -16.97
CA GLU A 1261 9.43 29.09 -17.18
C GLU A 1261 10.66 28.75 -18.03
N LYS A 1262 11.06 27.48 -18.04
CA LYS A 1262 12.25 27.09 -18.79
C LYS A 1262 12.04 27.23 -20.29
N LEU A 1263 10.93 26.68 -20.80
CA LEU A 1263 10.58 26.96 -22.18
C LEU A 1263 10.22 28.42 -22.36
N LEU A 1264 9.65 29.04 -21.32
CA LEU A 1264 9.12 30.40 -21.44
C LEU A 1264 10.24 31.42 -21.54
N ILE A 1265 11.31 31.22 -20.78
CA ILE A 1265 12.44 32.13 -20.92
C ILE A 1265 13.08 31.92 -22.27
N ASP A 1266 13.15 30.67 -22.71
CA ASP A 1266 13.56 30.36 -24.08
C ASP A 1266 12.56 30.91 -25.10
N LEU A 1267 11.30 31.02 -24.72
CA LEU A 1267 10.32 31.62 -25.62
C LEU A 1267 10.55 33.13 -25.76
N LEU A 1268 10.62 33.83 -24.62
CA LEU A 1268 10.92 35.25 -24.65
C LEU A 1268 12.33 35.50 -25.14
N SER A 1269 13.20 34.49 -25.06
CA SER A 1269 14.46 34.52 -25.78
C SER A 1269 14.23 34.64 -27.27
N ILE A 1270 13.75 33.56 -27.90
CA ILE A 1270 13.67 33.50 -29.37
C ILE A 1270 12.70 34.53 -29.95
N THR A 1271 11.77 35.03 -29.13
CA THR A 1271 10.97 36.20 -29.50
C THR A 1271 11.83 37.45 -29.55
N PHE A 1272 12.46 37.79 -28.44
CA PHE A 1272 13.29 38.98 -28.33
C PHE A 1272 14.74 38.68 -28.58
N ALA A 1273 15.02 37.72 -29.47
CA ALA A 1273 16.38 37.38 -29.85
C ALA A 1273 16.94 38.22 -30.98
N ASP A 1274 16.10 38.79 -31.84
CA ASP A 1274 16.57 39.47 -33.04
C ASP A 1274 16.37 40.97 -32.98
N VAL A 1275 15.15 41.42 -32.73
CA VAL A 1275 14.92 42.83 -32.46
C VAL A 1275 15.51 43.15 -31.10
N LYS A 1276 16.42 44.10 -31.07
CA LYS A 1276 17.11 44.44 -29.84
C LYS A 1276 17.14 45.94 -29.59
N GLU A 1277 16.53 46.74 -30.44
CA GLU A 1277 16.49 48.18 -30.27
C GLU A 1277 15.21 48.57 -29.56
N GLU A 1278 15.10 49.87 -29.27
CA GLU A 1278 13.83 50.49 -28.99
C GLU A 1278 13.10 50.90 -30.25
N ASP A 1279 13.50 50.34 -31.40
CA ASP A 1279 12.99 50.70 -32.70
C ASP A 1279 11.98 49.70 -33.24
N LEU A 1280 12.28 48.40 -33.19
CA LEU A 1280 11.32 47.40 -33.65
C LEU A 1280 10.40 47.09 -32.47
N GLY A 1281 9.43 47.97 -32.27
CA GLY A 1281 8.48 47.82 -31.18
C GLY A 1281 7.05 47.94 -31.65
N ASN A 1282 6.74 47.38 -32.82
CA ASN A 1282 5.50 47.70 -33.52
C ASN A 1282 4.23 47.25 -32.82
N LYS A 1283 3.88 45.96 -32.91
CA LYS A 1283 2.56 45.56 -32.45
C LYS A 1283 2.56 44.46 -31.41
N VAL A 1284 3.16 43.33 -31.78
CA VAL A 1284 2.87 42.09 -31.08
C VAL A 1284 3.59 42.05 -29.74
N LEU A 1285 4.90 42.29 -29.76
CA LEU A 1285 5.66 42.34 -28.51
C LEU A 1285 5.23 43.52 -27.67
N GLU A 1286 4.75 44.58 -28.30
CA GLU A 1286 4.18 45.71 -27.57
C GLU A 1286 2.94 45.27 -26.81
N ASN A 1287 2.06 44.52 -27.47
CA ASN A 1287 0.91 43.98 -26.78
C ASN A 1287 1.33 42.91 -25.78
N THR A 1288 2.36 42.14 -26.10
CA THR A 1288 2.75 41.04 -25.23
C THR A 1288 3.40 41.54 -23.95
N LEU A 1289 4.29 42.53 -24.07
CA LEU A 1289 4.99 43.01 -22.88
C LEU A 1289 4.06 43.79 -21.99
N THR A 1290 3.06 44.43 -22.58
CA THR A 1290 2.08 45.18 -21.80
C THR A 1290 1.31 44.26 -20.89
N ASP A 1291 1.00 43.05 -21.37
CA ASP A 1291 0.40 42.05 -20.50
C ASP A 1291 1.39 41.59 -19.46
N ILE A 1292 2.67 41.47 -19.84
CA ILE A 1292 3.71 41.09 -18.91
C ILE A 1292 3.89 42.16 -17.85
N VAL A 1293 3.74 43.42 -18.25
CA VAL A 1293 3.73 44.51 -17.30
C VAL A 1293 2.48 44.43 -16.44
N CYS A 1294 1.34 44.17 -17.07
CA CYS A 1294 0.09 44.08 -16.34
C CYS A 1294 0.00 42.80 -15.53
N GLU A 1295 0.85 41.81 -15.82
CA GLU A 1295 0.86 40.61 -15.01
C GLU A 1295 1.60 40.84 -13.70
N LEU A 1296 2.48 41.83 -13.66
CA LEU A 1296 3.48 41.93 -12.61
C LEU A 1296 2.88 42.13 -11.23
N SER A 1297 1.66 42.65 -11.18
CA SER A 1297 0.91 42.81 -9.96
C SER A 1297 0.70 41.48 -9.26
N ALA A 1299 -0.02 38.72 -8.05
CA ALA A 1299 -1.10 37.75 -8.03
C ALA A 1299 -0.66 36.58 -7.20
N ASN A 1300 0.17 35.73 -7.77
CA ASN A 1300 0.80 34.69 -6.99
C ASN A 1300 2.25 35.09 -6.86
N PRO A 1301 2.88 34.78 -5.73
CA PRO A 1301 4.29 35.09 -5.57
C PRO A 1301 5.14 34.31 -6.55
N LYS A 1302 4.80 33.04 -6.73
CA LYS A 1302 5.47 32.24 -7.74
C LYS A 1302 5.18 32.78 -9.14
N VAL A 1303 4.01 33.36 -9.35
CA VAL A 1303 3.81 34.15 -10.56
C VAL A 1303 4.65 35.41 -10.51
N ARG A 1304 4.69 36.07 -9.35
CA ARG A 1304 5.44 37.32 -9.22
C ARG A 1304 6.93 37.12 -9.40
N ASN A 1305 7.46 35.98 -8.93
CA ASN A 1305 8.90 35.80 -8.84
C ASN A 1305 9.53 35.62 -10.22
N ALA A 1306 9.01 34.68 -10.99
CA ALA A 1306 9.58 34.46 -12.32
C ALA A 1306 9.12 35.54 -13.30
N CYS A 1307 8.14 36.35 -12.93
CA CYS A 1307 7.80 37.51 -13.74
C CYS A 1307 8.98 38.45 -13.84
N GLN A 1308 9.54 38.83 -12.70
CA GLN A 1308 10.71 39.69 -12.67
C GLN A 1308 11.91 39.01 -13.31
N LYS A 1309 12.06 37.70 -13.08
CA LYS A 1309 13.16 36.95 -13.64
C LYS A 1309 13.06 36.89 -15.16
N SER A 1310 11.85 36.73 -15.68
CA SER A 1310 11.67 36.92 -17.10
C SER A 1310 11.83 38.38 -17.49
N LEU A 1311 11.50 39.31 -16.59
CA LEU A 1311 11.60 40.73 -16.92
C LEU A 1311 13.05 41.19 -16.95
N HIS A 1312 13.76 41.04 -15.83
CA HIS A 1312 15.08 41.63 -15.69
C HIS A 1312 16.11 40.94 -16.57
N THR A 1313 15.84 39.71 -17.00
CA THR A 1313 16.69 39.07 -17.98
C THR A 1313 16.36 39.53 -19.39
N ILE A 1314 15.07 39.66 -19.72
CA ILE A 1314 14.73 40.13 -21.06
C ILE A 1314 15.12 41.58 -21.21
N SER A 1315 15.07 42.33 -20.12
CA SER A 1315 15.66 43.66 -20.12
C SER A 1315 17.17 43.58 -20.25
N ASN A 1316 17.79 42.53 -19.68
CA ASN A 1316 19.25 42.47 -19.63
C ASN A 1316 19.84 42.29 -21.03
N LEU A 1317 19.30 41.39 -21.81
CA LEU A 1317 19.78 41.26 -23.17
C LEU A 1317 18.87 42.07 -24.08
N THR A 1318 19.19 42.05 -25.38
CA THR A 1318 18.44 42.68 -26.45
C THR A 1318 18.18 44.17 -26.20
N GLY A 1319 19.16 44.86 -25.66
CA GLY A 1319 19.18 46.31 -25.69
C GLY A 1319 18.39 47.08 -24.64
N ILE A 1320 17.08 47.16 -24.79
CA ILE A 1320 16.28 48.08 -23.97
C ILE A 1320 16.15 47.51 -22.55
N PRO A 1321 16.74 48.16 -21.56
CA PRO A 1321 16.74 47.62 -20.20
C PRO A 1321 15.43 47.83 -19.47
N ILE A 1322 15.47 47.62 -18.15
CA ILE A 1322 14.36 47.93 -17.27
C ILE A 1322 14.07 49.42 -17.19
N VAL A 1323 15.00 50.28 -17.61
CA VAL A 1323 14.68 51.68 -17.83
C VAL A 1323 13.58 51.81 -18.88
N LYS A 1324 13.86 51.30 -20.07
CA LYS A 1324 12.99 51.54 -21.22
C LYS A 1324 11.69 50.76 -21.10
N LEU A 1325 11.78 49.52 -20.69
CA LEU A 1325 10.61 48.66 -20.62
C LEU A 1325 9.66 49.10 -19.53
N MET A 1326 10.18 49.40 -18.34
CA MET A 1326 9.36 49.89 -17.25
C MET A 1326 9.22 51.39 -17.26
N ASP A 1327 9.57 52.05 -18.37
CA ASP A 1327 9.04 53.36 -18.66
C ASP A 1327 7.65 53.25 -19.26
N HIS A 1328 7.45 52.27 -20.15
CA HIS A 1328 6.11 51.94 -20.62
C HIS A 1328 5.26 51.43 -19.47
N SER A 1329 5.85 50.65 -18.58
CA SER A 1329 5.17 50.29 -17.36
C SER A 1329 5.09 51.46 -16.39
N LYS A 1330 5.95 52.47 -16.51
CA LYS A 1330 5.81 53.64 -15.64
C LYS A 1330 4.56 54.43 -15.99
N GLN A 1331 4.25 54.52 -17.27
CA GLN A 1331 2.92 54.97 -17.67
C GLN A 1331 1.86 53.99 -17.21
N PHE A 1332 2.15 52.69 -17.29
CA PHE A 1332 1.16 51.70 -16.91
C PHE A 1332 1.00 51.59 -15.38
N LEU A 1333 2.05 51.86 -14.60
CA LEU A 1333 1.96 51.75 -13.14
C LEU A 1333 1.94 53.09 -12.42
N LEU A 1334 1.78 54.21 -13.14
CA LEU A 1334 1.59 55.45 -12.41
C LEU A 1334 0.20 55.55 -11.82
N SER A 1335 -0.82 55.02 -12.50
CA SER A 1335 -2.17 55.04 -11.98
C SER A 1335 -2.47 53.99 -10.90
N PRO A 1336 -2.33 52.67 -11.12
CA PRO A 1336 -2.87 51.72 -10.13
C PRO A 1336 -2.05 51.63 -8.86
N ILE A 1337 -0.89 52.27 -8.81
CA ILE A 1337 -0.17 52.48 -7.56
C ILE A 1337 -0.98 53.35 -6.61
N PHE A 1338 -1.89 54.16 -7.14
CA PHE A 1338 -2.84 54.90 -6.30
C PHE A 1338 -4.28 54.78 -6.78
N ALA A 1339 -4.57 54.04 -7.86
CA ALA A 1339 -5.94 54.01 -8.35
C ALA A 1339 -6.80 52.97 -7.62
N LYS A 1340 -6.25 51.80 -7.33
CA LYS A 1340 -6.94 50.85 -6.48
C LYS A 1340 -6.35 50.98 -5.09
N PRO A 1341 -6.97 51.76 -4.20
CA PRO A 1341 -6.26 52.28 -3.03
C PRO A 1341 -6.04 51.24 -1.95
N LEU A 1342 -5.28 51.64 -0.95
CA LEU A 1342 -4.99 50.78 0.19
C LEU A 1342 -6.17 50.80 1.15
N ARG A 1343 -6.06 50.04 2.25
CA ARG A 1343 -7.11 49.51 3.13
C ARG A 1343 -8.05 48.56 2.40
N ALA A 1344 -7.71 48.18 1.19
CA ALA A 1344 -8.39 47.29 0.26
C ALA A 1344 -7.34 47.02 -0.79
N LEU A 1345 -7.71 46.30 -1.85
CA LEU A 1345 -6.82 45.86 -2.93
C LEU A 1345 -5.62 45.14 -2.35
N PRO A 1346 -5.80 43.83 -1.90
CA PRO A 1346 -4.85 43.15 -0.99
C PRO A 1346 -3.37 43.28 -1.32
N PHE A 1347 -2.58 43.58 -0.29
CA PHE A 1347 -1.29 44.22 -0.49
C PHE A 1347 -0.24 43.33 -1.13
N THR A 1348 -0.40 42.01 -1.06
CA THR A 1348 0.61 41.04 -1.53
C THR A 1348 0.90 41.20 -3.02
N MET A 1349 -0.14 41.10 -3.86
CA MET A 1349 0.02 41.54 -5.23
C MET A 1349 0.18 43.06 -5.31
N GLN A 1350 -0.50 43.80 -4.44
CA GLN A 1350 -0.54 45.26 -4.57
C GLN A 1350 0.81 45.89 -4.26
N ILE A 1351 1.40 45.57 -3.11
CA ILE A 1351 2.78 45.99 -2.91
C ILE A 1351 3.75 45.06 -3.61
N GLY A 1352 3.26 43.97 -4.20
CA GLY A 1352 4.06 43.27 -5.19
C GLY A 1352 4.29 44.12 -6.41
N ASN A 1353 3.31 44.95 -6.77
CA ASN A 1353 3.54 45.96 -7.79
C ASN A 1353 4.57 46.98 -7.33
N VAL A 1354 4.53 47.37 -6.05
CA VAL A 1354 5.62 48.19 -5.50
C VAL A 1354 6.88 47.35 -5.36
N ASP A 1355 6.72 46.05 -5.15
CA ASP A 1355 7.88 45.17 -5.28
C ASP A 1355 8.30 45.06 -6.74
N ALA A 1356 7.35 45.12 -7.67
CA ALA A 1356 7.73 45.26 -9.07
C ALA A 1356 8.32 46.63 -9.31
N ILE A 1357 7.83 47.63 -8.59
CA ILE A 1357 8.52 48.91 -8.60
C ILE A 1357 9.81 48.80 -7.80
N THR A 1358 9.86 47.90 -6.81
CA THR A 1358 11.17 47.58 -6.24
C THR A 1358 11.97 46.72 -7.20
N PHE A 1359 11.31 45.95 -8.06
CA PHE A 1359 11.99 45.33 -9.18
C PHE A 1359 12.24 46.31 -10.31
N CYS A 1360 11.63 47.50 -10.24
CA CYS A 1360 11.99 48.64 -11.08
C CYS A 1360 12.89 49.65 -10.36
N LEU A 1361 13.09 49.49 -9.05
CA LEU A 1361 13.96 50.41 -8.32
C LEU A 1361 15.43 50.21 -8.67
N SER A 1362 15.79 49.04 -9.21
CA SER A 1362 17.12 48.87 -9.77
C SER A 1362 17.32 49.64 -11.06
N LEU A 1363 16.26 49.92 -11.79
CA LEU A 1363 16.31 50.92 -12.84
C LEU A 1363 16.23 52.29 -12.17
N PRO A 1364 16.75 53.36 -12.80
CA PRO A 1364 16.73 54.70 -12.17
C PRO A 1364 15.35 55.23 -11.84
N ASN A 1365 14.43 55.22 -12.79
CA ASN A 1365 13.10 55.77 -12.60
C ASN A 1365 12.15 54.65 -12.21
N THR A 1366 11.66 54.69 -10.97
CA THR A 1366 10.67 53.74 -10.47
C THR A 1366 9.47 54.45 -9.84
N PHE A 1367 9.09 55.62 -10.38
CA PHE A 1367 8.25 56.62 -9.70
C PHE A 1367 8.84 56.92 -8.33
N LEU A 1368 10.10 57.37 -8.35
CA LEU A 1368 11.04 57.35 -7.22
C LEU A 1368 10.87 58.50 -6.25
N THR A 1369 9.76 59.25 -6.32
CA THR A 1369 9.37 60.20 -5.28
C THR A 1369 7.84 60.29 -5.28
N PHE A 1370 7.31 61.18 -4.45
CA PHE A 1370 5.92 61.65 -4.45
C PHE A 1370 4.90 60.59 -4.07
N ASN A 1371 5.32 59.38 -3.72
CA ASN A 1371 4.40 58.36 -3.24
C ASN A 1371 4.19 58.45 -1.73
N GLU A 1372 3.85 59.65 -1.27
CA GLU A 1372 3.57 59.83 0.14
C GLU A 1372 2.22 59.24 0.51
N GLU A 1373 1.30 59.18 -0.45
CA GLU A 1373 0.10 58.38 -0.25
C GLU A 1373 0.46 56.92 -0.06
N LEU A 1374 1.42 56.43 -0.84
CA LEU A 1374 1.93 55.08 -0.65
C LEU A 1374 2.76 54.97 0.62
N PHE A 1375 3.43 56.05 0.99
CA PHE A 1375 4.20 56.03 2.23
C PHE A 1375 3.30 56.08 3.45
N ARG A 1376 2.43 57.09 3.54
CA ARG A 1376 1.71 57.37 4.78
C ARG A 1376 0.65 56.31 5.08
N LEU A 1377 0.03 55.76 4.04
CA LEU A 1377 -0.90 54.67 4.26
C LEU A 1377 -0.16 53.42 4.74
N LEU A 1378 1.02 53.17 4.16
CA LEU A 1378 1.82 52.03 4.58
C LEU A 1378 2.41 52.24 5.97
N GLN A 1379 2.57 53.50 6.39
CA GLN A 1379 2.86 53.77 7.79
C GLN A 1379 1.72 53.28 8.66
N GLU A 1380 0.48 53.58 8.28
CA GLU A 1380 -0.66 53.09 9.03
C GLU A 1380 -0.86 51.59 8.86
N SER A 1381 -0.41 51.03 7.73
CA SER A 1381 -0.51 49.59 7.52
C SER A 1381 0.37 48.82 8.49
N ILE A 1382 1.56 49.33 8.77
CA ILE A 1382 2.40 48.73 9.80
C ILE A 1382 1.92 49.14 11.19
N VAL A 1383 1.46 50.39 11.35
CA VAL A 1383 0.96 50.86 12.64
C VAL A 1383 -0.39 50.26 12.98
N LEU A 1384 -1.02 49.54 12.05
CA LEU A 1384 -2.09 48.61 12.43
C LEU A 1384 -1.55 47.60 13.44
N ALA A 1385 -2.15 47.61 14.63
CA ALA A 1385 -1.60 46.88 15.76
C ALA A 1385 -1.93 45.40 15.65
N ASP A 1386 -0.95 44.55 15.97
CA ASP A 1386 -1.11 43.09 15.95
C ASP A 1386 -1.83 42.54 17.17
N ALA A 1387 -2.31 43.41 18.07
CA ALA A 1387 -3.07 42.97 19.23
C ALA A 1387 -4.15 43.99 19.52
N GLU A 1388 -5.25 43.49 20.12
CA GLU A 1388 -6.40 44.27 20.59
C GLU A 1388 -7.01 45.13 19.48
N ASP A 1389 -6.90 44.67 18.24
CA ASP A 1389 -7.18 45.43 17.04
C ASP A 1389 -7.79 44.43 16.07
N GLU A 1390 -7.68 44.69 14.77
CA GLU A 1390 -8.17 43.74 13.74
C GLU A 1390 -7.33 42.46 13.77
N SER A 1391 -7.54 41.68 14.85
CA SER A 1391 -6.79 40.46 15.17
C SER A 1391 -7.68 39.45 15.87
N LEU A 1392 -8.98 39.46 15.60
CA LEU A 1392 -9.91 38.43 16.06
C LEU A 1392 -10.91 38.14 14.94
N SER A 1393 -10.52 37.27 14.01
CA SER A 1393 -11.35 36.93 12.84
C SER A 1393 -10.92 35.61 12.21
N TYR A 1402 -5.06 28.81 9.62
CA TYR A 1402 -3.72 29.36 9.73
C TYR A 1402 -3.49 30.36 8.63
N SER A 1403 -4.51 30.53 7.80
CA SER A 1403 -4.37 31.29 6.56
C SER A 1403 -4.33 32.79 6.82
N THR A 1404 -5.14 33.28 7.76
CA THR A 1404 -5.06 34.68 8.14
C THR A 1404 -3.72 34.99 8.78
N SER A 1405 -3.13 34.01 9.45
CA SER A 1405 -1.80 34.19 10.00
C SER A 1405 -0.77 34.29 8.90
N GLU A 1406 -0.86 33.42 7.89
CA GLU A 1406 0.14 33.39 6.83
C GLU A 1406 0.08 34.65 5.99
N GLN A 1407 -1.12 35.17 5.75
CA GLN A 1407 -1.23 36.39 4.97
C GLN A 1407 -0.79 37.60 5.78
N LEU A 1408 -1.12 37.64 7.08
CA LEU A 1408 -0.61 38.69 7.95
C LEU A 1408 0.88 38.57 8.15
N VAL A 1409 1.43 37.36 8.04
CA VAL A 1409 2.86 37.22 7.87
C VAL A 1409 3.28 37.82 6.54
N GLN A 1410 2.56 37.48 5.47
CA GLN A 1410 2.94 37.89 4.13
C GLN A 1410 2.79 39.40 3.95
N LEU A 1411 1.69 39.97 4.46
CA LEU A 1411 1.44 41.40 4.29
C LEU A 1411 2.43 42.23 5.10
N ARG A 1412 2.68 41.82 6.34
CA ARG A 1412 3.62 42.56 7.18
C ARG A 1412 5.03 42.43 6.65
N ILE A 1413 5.39 41.27 6.09
CA ILE A 1413 6.70 41.12 5.46
C ILE A 1413 6.79 41.99 4.22
N ALA A 1414 5.72 42.02 3.43
CA ALA A 1414 5.69 42.86 2.25
C ALA A 1414 5.69 44.33 2.63
N CYS A 1415 4.97 44.68 3.68
CA CYS A 1415 4.96 46.07 4.12
C CYS A 1415 6.31 46.46 4.72
N ILE A 1416 6.91 45.56 5.51
CA ILE A 1416 8.22 45.87 6.11
C ILE A 1416 9.28 45.95 5.03
N LYS A 1417 9.13 45.15 3.97
CA LYS A 1417 10.08 45.29 2.87
C LYS A 1417 9.85 46.57 2.09
N LEU A 1418 8.59 46.92 1.82
CA LEU A 1418 8.32 48.08 0.97
C LEU A 1418 8.56 49.39 1.72
N LEU A 1419 8.34 49.40 3.04
CA LEU A 1419 8.72 50.57 3.83
C LEU A 1419 10.23 50.71 3.89
N ALA A 1420 10.95 49.59 4.06
CA ALA A 1420 12.41 49.65 4.13
C ALA A 1420 13.01 50.00 2.78
N ILE A 1421 12.44 49.47 1.70
CA ILE A 1421 12.92 49.83 0.37
C ILE A 1421 12.58 51.27 0.03
N ALA A 1422 11.51 51.82 0.64
CA ALA A 1422 11.15 53.22 0.41
C ALA A 1422 12.19 54.15 1.00
N LEU A 1423 12.65 53.85 2.20
CA LEU A 1423 13.78 54.60 2.75
C LEU A 1423 15.04 54.32 1.97
N LYS A 1424 15.20 53.09 1.51
CA LYS A 1424 16.40 52.72 0.76
C LYS A 1424 16.36 53.25 -0.66
N ASN A 1425 15.17 53.58 -1.17
CA ASN A 1425 15.05 54.15 -2.50
C ASN A 1425 15.73 55.50 -2.57
N GLU A 1426 16.29 55.80 -3.73
CA GLU A 1426 17.10 56.99 -3.96
C GLU A 1426 16.25 58.25 -3.77
N GLU A 1427 16.47 58.93 -2.65
CA GLU A 1427 15.85 60.19 -2.25
C GLU A 1427 14.32 60.13 -2.16
N PHE A 1428 13.72 58.94 -2.20
CA PHE A 1428 12.26 58.85 -2.09
C PHE A 1428 11.79 59.09 -0.67
N ALA A 1429 12.54 58.59 0.31
CA ALA A 1429 12.21 58.91 1.69
C ALA A 1429 13.47 59.10 2.53
N THR A 1430 14.63 59.29 1.90
CA THR A 1430 15.84 59.54 2.65
C THR A 1430 15.81 60.95 3.27
N ALA A 1431 15.38 61.93 2.49
CA ALA A 1431 15.18 63.29 2.98
C ALA A 1431 13.71 63.66 3.07
N GLN A 1432 12.82 62.84 2.52
CA GLN A 1432 11.39 63.08 2.66
C GLN A 1432 11.01 62.80 4.11
N GLN A 1433 10.49 63.83 4.78
CA GLN A 1433 10.15 63.84 6.21
C GLN A 1433 11.36 63.48 7.08
N GLY A 1434 12.55 63.83 6.60
CA GLY A 1434 13.76 63.45 7.31
C GLY A 1434 13.93 61.94 7.29
N ASN A 1435 14.08 61.38 8.48
CA ASN A 1435 14.31 59.95 8.65
C ASN A 1435 12.97 59.22 8.70
N ILE A 1436 12.48 58.90 7.51
CA ILE A 1436 11.40 57.93 7.41
C ILE A 1436 11.92 56.54 7.72
N ARG A 1437 13.22 56.30 7.53
CA ARG A 1437 13.84 55.05 7.93
C ARG A 1437 13.76 54.83 9.44
N ILE A 1438 13.89 55.90 10.24
CA ILE A 1438 13.87 55.76 11.69
C ILE A 1438 12.46 55.43 12.17
N ARG A 1439 11.45 56.07 11.56
CA ARG A 1439 10.08 55.65 11.78
C ARG A 1439 9.84 54.25 11.25
N ILE A 1440 10.48 53.91 10.12
CA ILE A 1440 10.49 52.51 9.70
C ILE A 1440 11.35 51.66 10.60
N LEU A 1441 12.34 52.25 11.27
CA LEU A 1441 13.08 51.50 12.29
C LEU A 1441 12.24 51.35 13.55
N ALA A 1442 11.37 52.33 13.81
CA ALA A 1442 10.41 52.18 14.90
C ALA A 1442 9.43 51.07 14.61
N VAL A 1443 8.99 50.96 13.35
CA VAL A 1443 8.20 49.81 12.95
C VAL A 1443 9.05 48.55 12.93
N PHE A 1444 10.34 48.68 12.61
CA PHE A 1444 11.22 47.54 12.69
C PHE A 1444 11.45 47.13 14.13
N PHE A 1445 11.45 48.10 15.04
CA PHE A 1445 11.40 47.77 16.46
C PHE A 1445 10.08 47.09 16.80
N LYS A 1446 8.98 47.57 16.22
CA LYS A 1446 7.71 46.90 16.39
C LYS A 1446 7.70 45.56 15.65
N THR A 1447 8.49 45.43 14.60
CA THR A 1447 8.65 44.13 13.98
C THR A 1447 9.41 43.19 14.90
N MET A 1448 10.33 43.74 15.70
CA MET A 1448 11.00 42.93 16.69
C MET A 1448 10.04 42.48 17.78
N LEU A 1449 9.12 43.35 18.19
CA LEU A 1449 8.05 42.92 19.10
C LEU A 1449 7.02 42.05 18.41
N LYS A 1450 6.96 42.08 17.07
CA LYS A 1450 6.07 41.19 16.33
C LYS A 1450 6.50 39.74 16.49
N THR A 1451 7.81 39.52 16.70
CA THR A 1451 8.35 38.30 17.30
C THR A 1451 8.13 37.07 16.41
N SER A 1452 8.13 37.29 15.14
CA SER A 1452 8.15 36.10 14.35
C SER A 1452 9.53 35.91 13.79
N PRO A 1453 10.14 34.74 13.99
CA PRO A 1453 11.52 34.52 13.56
C PRO A 1453 11.72 34.67 12.07
N GLU A 1454 10.79 34.08 11.30
CA GLU A 1454 10.82 34.24 9.86
C GLU A 1454 10.59 35.69 9.44
N ILE A 1455 9.77 36.43 10.18
CA ILE A 1455 9.69 37.87 9.95
C ILE A 1455 10.98 38.53 10.40
N ILE A 1456 11.52 38.09 11.54
CA ILE A 1456 12.67 38.77 12.13
C ILE A 1456 13.93 38.53 11.33
N ASN A 1457 14.02 37.37 10.66
CA ASN A 1457 15.19 37.12 9.84
C ASN A 1457 15.17 37.97 8.58
N THR A 1458 13.99 38.15 7.98
CA THR A 1458 13.85 39.05 6.85
C THR A 1458 14.11 40.49 7.27
N THR A 1459 13.59 40.90 8.43
CA THR A 1459 13.73 42.29 8.89
C THR A 1459 15.16 42.61 9.34
N TYR A 1460 15.85 41.65 9.95
CA TYR A 1460 17.25 41.86 10.33
C TYR A 1460 18.14 41.91 9.10
N GLU A 1461 17.91 41.01 8.13
CA GLU A 1461 18.74 40.99 6.94
C GLU A 1461 18.42 42.16 6.01
N ALA A 1462 17.18 42.63 6.01
CA ALA A 1462 16.87 43.84 5.26
C ALA A 1462 17.49 45.07 5.92
N LEU A 1463 17.37 45.19 7.24
CA LEU A 1463 17.95 46.35 7.92
C LEU A 1463 19.47 46.31 7.94
N LYS A 1464 20.07 45.13 7.97
CA LYS A 1464 21.52 45.05 7.78
C LYS A 1464 21.90 45.25 6.33
N GLY A 1465 21.41 44.37 5.44
CA GLY A 1465 21.90 44.33 4.09
C GLY A 1465 21.35 45.37 3.15
N SER A 1466 20.32 46.12 3.56
CA SER A 1466 19.75 47.17 2.72
C SER A 1466 19.53 48.49 3.43
N LEU A 1467 19.65 48.55 4.75
CA LEU A 1467 19.58 49.81 5.46
C LEU A 1467 20.93 50.11 6.07
N ALA A 1468 21.19 51.41 6.24
CA ALA A 1468 22.49 51.93 6.65
C ALA A 1468 22.42 53.03 7.69
N GLU A 1469 21.24 53.34 8.24
CA GLU A 1469 21.06 54.54 9.06
C GLU A 1469 21.84 54.46 10.35
N ASN A 1470 22.60 55.52 10.64
CA ASN A 1470 23.33 55.68 11.90
C ASN A 1470 22.94 57.04 12.45
N SER A 1471 21.88 57.07 13.24
CA SER A 1471 21.33 58.30 13.79
C SER A 1471 20.75 57.96 15.16
N LYS A 1472 19.96 58.86 15.71
CA LYS A 1472 19.54 58.77 17.09
C LYS A 1472 18.04 58.57 17.18
N LEU A 1473 17.64 57.64 18.05
CA LEU A 1473 16.25 57.48 18.48
C LEU A 1473 16.22 57.28 19.99
N PRO A 1474 16.49 58.34 20.76
CA PRO A 1474 16.66 58.18 22.20
C PRO A 1474 15.36 58.19 22.99
N LYS A 1475 14.20 58.12 22.34
CA LYS A 1475 12.93 58.22 23.02
C LYS A 1475 12.64 56.95 23.83
N GLU A 1476 11.43 56.88 24.38
CA GLU A 1476 10.98 55.66 25.02
C GLU A 1476 10.67 54.54 24.03
N LEU A 1477 10.61 54.85 22.73
CA LEU A 1477 10.42 53.83 21.70
C LEU A 1477 11.59 52.86 21.67
N LEU A 1478 12.81 53.37 21.79
CA LEU A 1478 13.95 52.48 22.00
C LEU A 1478 13.92 51.86 23.39
N GLN A 1479 13.47 52.63 24.39
CA GLN A 1479 13.61 52.20 25.79
C GLN A 1479 12.61 51.11 26.15
N ASN A 1480 11.33 51.30 25.79
CA ASN A 1480 10.31 50.33 26.15
C ASN A 1480 10.46 49.04 25.35
N GLY A 1481 11.23 49.08 24.26
CA GLY A 1481 11.74 47.84 23.68
C GLY A 1481 12.90 47.28 24.46
N LEU A 1482 13.78 48.14 24.97
CA LEU A 1482 15.08 47.71 25.49
C LEU A 1482 14.96 47.05 26.86
N LYS A 1483 14.54 47.80 27.85
CA LYS A 1483 14.50 47.26 29.21
C LYS A 1483 13.39 46.25 29.47
N PRO A 1484 12.13 46.41 28.98
CA PRO A 1484 11.13 45.35 29.25
C PRO A 1484 11.40 44.03 28.57
N LEU A 1485 12.17 43.99 27.48
CA LEU A 1485 12.50 42.72 26.85
C LEU A 1485 13.43 41.89 27.74
N LEU A 1486 14.37 42.54 28.40
CA LEU A 1486 15.23 41.83 29.34
C LEU A 1486 14.45 41.41 30.58
N MET A 1487 13.53 42.26 31.04
CA MET A 1487 12.62 41.88 32.11
C MET A 1487 11.67 40.79 31.64
N ASN A 1488 11.37 40.76 30.34
CA ASN A 1488 10.58 39.66 29.79
C ASN A 1488 11.37 38.35 29.79
N LEU A 1489 12.65 38.39 29.44
CA LEU A 1489 13.45 37.17 29.47
C LEU A 1489 13.77 36.74 30.90
N SER A 1490 14.11 37.68 31.78
CA SER A 1490 14.55 37.32 33.13
C SER A 1490 13.40 36.89 34.00
N ASP A 1491 12.28 37.62 33.93
CA ASP A 1491 11.14 37.38 34.81
C ASP A 1491 10.00 36.67 34.13
N HIS A 1492 9.53 37.18 32.99
CA HIS A 1492 8.46 36.52 32.26
C HIS A 1492 8.95 35.35 31.40
N GLN A 1493 10.26 35.07 31.41
CA GLN A 1493 10.90 34.02 30.61
C GLN A 1493 10.69 34.21 29.13
N LYS A 1494 10.57 35.46 28.69
CA LYS A 1494 10.18 35.73 27.32
C LYS A 1494 10.81 37.01 26.82
N THR A 1496 10.44 34.86 23.71
CA THR A 1496 11.40 34.02 24.38
C THR A 1496 12.58 33.79 23.50
N VAL A 1497 12.56 32.65 22.79
CA VAL A 1497 13.50 32.45 21.69
C VAL A 1497 13.40 33.55 20.64
N PRO A 1498 12.24 34.07 20.27
CA PRO A 1498 12.27 35.33 19.52
C PRO A 1498 12.68 36.51 20.35
N GLY A 1499 12.29 36.54 21.63
CA GLY A 1499 12.54 37.71 22.46
C GLY A 1499 14.01 37.93 22.75
N LEU A 1500 14.72 36.85 23.03
CA LEU A 1500 16.17 36.94 23.18
C LEU A 1500 16.83 37.22 21.84
N ASP A 1501 16.28 36.69 20.75
CA ASP A 1501 16.83 36.96 19.43
C ASP A 1501 16.52 38.37 18.96
N ALA A 1502 15.45 38.99 19.50
CA ALA A 1502 15.19 40.39 19.18
C ALA A 1502 16.27 41.29 19.74
N LEU A 1503 16.54 41.20 21.05
CA LEU A 1503 17.59 42.00 21.66
C LEU A 1503 18.98 41.59 21.18
N SER A 1504 19.12 40.37 20.68
CA SER A 1504 20.37 39.97 20.04
C SER A 1504 20.58 40.73 18.74
N LYS A 1505 19.57 40.77 17.87
CA LYS A 1505 19.67 41.53 16.64
C LYS A 1505 19.70 43.02 16.92
N LEU A 1506 19.10 43.46 18.04
CA LEU A 1506 19.27 44.83 18.51
C LEU A 1506 20.71 45.10 18.91
N LEU A 1507 21.37 44.11 19.50
CA LEU A 1507 22.79 44.26 19.84
C LEU A 1507 23.65 44.34 18.60
N GLU A 1508 23.21 43.73 17.49
CA GLU A 1508 23.85 44.02 16.22
C GLU A 1508 23.53 45.43 15.77
N LEU A 1509 22.33 45.91 16.08
CA LEU A 1509 21.87 47.20 15.58
C LEU A 1509 22.20 48.33 16.55
N LEU A 1510 21.56 48.35 17.71
CA LEU A 1510 21.72 49.44 18.64
C LEU A 1510 23.05 49.30 19.36
N ILE A 1511 24.03 50.09 18.95
CA ILE A 1511 25.36 50.04 19.54
C ILE A 1511 25.26 50.57 20.95
N ALA A 1512 25.90 49.87 21.88
CA ALA A 1512 25.73 50.02 23.31
C ALA A 1512 24.25 49.94 23.68
N TYR A 1513 23.68 48.76 23.44
CA TYR A 1513 22.53 48.36 24.24
C TYR A 1513 23.09 48.20 25.64
N PHE A 1514 22.92 49.22 26.48
CA PHE A 1514 23.91 49.58 27.48
C PHE A 1514 23.80 48.65 28.69
N LYS A 1515 24.75 48.84 29.63
CA LYS A 1515 24.95 47.99 30.80
C LYS A 1515 25.22 46.54 30.39
N VAL A 1516 26.44 46.30 29.89
CA VAL A 1516 26.88 44.95 29.49
C VAL A 1516 26.81 43.95 30.63
N GLU A 1517 26.81 44.41 31.88
CA GLU A 1517 26.59 43.55 33.03
C GLU A 1517 25.16 43.03 33.14
N ILE A 1518 24.21 43.60 32.40
CA ILE A 1518 22.85 43.08 32.39
C ILE A 1518 22.81 41.67 31.82
N GLY A 1519 23.69 41.37 30.86
CA GLY A 1519 23.83 40.00 30.40
C GLY A 1519 24.46 39.10 31.44
N ARG A 1520 25.39 39.64 32.23
CA ARG A 1520 25.84 38.94 33.42
C ARG A 1520 24.72 38.87 34.45
N LYS A 1521 23.88 39.91 34.50
CA LYS A 1521 22.66 39.80 35.27
C LYS A 1521 21.66 38.88 34.59
N LEU A 1522 21.71 38.79 33.26
CA LEU A 1522 20.91 37.77 32.59
C LEU A 1522 21.49 36.39 32.82
N LEU A 1523 22.80 36.32 33.04
CA LEU A 1523 23.44 35.03 33.28
C LEU A 1523 23.00 34.42 34.60
N ASP A 1524 22.91 35.24 35.64
CA ASP A 1524 22.29 34.77 36.87
C ASP A 1524 20.79 34.55 36.67
N HIS A 1525 20.18 35.37 35.80
CA HIS A 1525 18.78 35.15 35.46
C HIS A 1525 18.61 33.88 34.64
N LEU A 1526 19.60 33.57 33.81
CA LEU A 1526 19.63 32.26 33.15
C LEU A 1526 19.84 31.17 34.18
N THR A 1527 20.69 31.42 35.17
CA THR A 1527 20.83 30.51 36.28
C THR A 1527 19.57 30.48 37.13
N ALA A 1528 18.83 31.58 37.17
CA ALA A 1528 17.57 31.59 37.91
C ALA A 1528 16.54 30.73 37.22
N TRP A 1529 16.46 30.81 35.89
CA TRP A 1529 15.53 29.97 35.13
C TRP A 1529 16.03 28.55 35.00
N CYS A 1530 17.30 28.29 35.29
CA CYS A 1530 17.84 26.93 35.25
C CYS A 1530 18.10 26.38 36.65
N ARG A 1531 17.19 26.59 37.58
CA ARG A 1531 17.25 25.85 38.83
C ARG A 1531 17.02 24.36 38.58
N VAL A 1532 17.41 23.53 39.55
CA VAL A 1532 17.52 22.09 39.35
C VAL A 1532 16.16 21.38 39.36
N GLU A 1533 15.08 22.16 39.47
CA GLU A 1533 13.75 21.61 39.25
C GLU A 1533 13.59 21.14 37.81
N VAL A 1534 14.15 21.90 36.86
CA VAL A 1534 14.24 21.42 35.49
C VAL A 1534 15.19 20.25 35.39
N LEU A 1535 16.22 20.21 36.24
CA LEU A 1535 17.04 19.00 36.34
C LEU A 1535 16.27 17.88 36.99
N ASP A 1536 15.43 18.19 37.97
CA ASP A 1536 14.48 17.20 38.46
C ASP A 1536 13.47 16.83 37.39
N THR A 1537 13.09 17.79 36.54
CA THR A 1537 12.29 17.47 35.37
C THR A 1537 13.12 16.69 34.36
N LEU A 1538 14.43 16.87 34.37
CA LEU A 1538 15.28 16.17 33.42
C LEU A 1538 15.43 14.69 33.73
N PHE A 1539 14.94 14.21 34.87
CA PHE A 1539 15.03 12.78 35.15
C PHE A 1539 14.03 12.02 34.29
N GLY A 1540 14.45 11.59 33.11
CA GLY A 1540 13.62 10.81 32.21
C GLY A 1540 13.38 11.45 30.86
N GLN A 1541 13.24 12.77 30.86
CA GLN A 1541 12.83 13.52 29.69
C GLN A 1541 14.04 13.93 28.87
N ASP A 1542 13.81 14.17 27.58
CA ASP A 1542 14.86 14.65 26.73
C ASP A 1542 15.24 16.07 27.12
N LEU A 1543 16.55 16.31 27.13
CA LEU A 1543 17.06 17.62 27.53
C LEU A 1543 16.86 18.65 26.43
N ALA A 1544 16.74 18.19 25.18
CA ALA A 1544 16.38 19.09 24.10
C ALA A 1544 15.00 19.68 24.34
N GLU A 1545 14.09 18.85 24.86
CA GLU A 1545 12.75 19.31 25.13
C GLU A 1545 12.70 20.25 26.32
N GLN A 1546 13.75 20.26 27.15
CA GLN A 1546 13.81 21.22 28.25
C GLN A 1546 13.79 22.63 27.70
N MET A 1547 12.67 23.27 27.88
CA MET A 1547 12.48 24.63 27.42
C MET A 1547 13.37 25.64 28.14
N PRO A 1548 13.73 25.46 29.43
CA PRO A 1548 14.88 26.23 29.93
C PRO A 1548 16.17 25.97 29.17
N THR A 1549 16.45 24.74 28.77
CA THR A 1549 17.63 24.48 27.95
C THR A 1549 17.45 25.08 26.57
N LYS A 1550 16.22 25.04 26.06
CA LYS A 1550 15.89 25.80 24.86
C LYS A 1550 16.04 27.29 25.11
N ILE A 1551 15.69 27.75 26.30
CA ILE A 1551 15.96 29.15 26.64
C ILE A 1551 17.46 29.37 26.80
N ILE A 1552 18.15 28.41 27.43
CA ILE A 1552 19.56 28.60 27.76
C ILE A 1552 20.41 28.61 26.50
N VAL A 1553 20.02 27.82 25.50
CA VAL A 1553 20.71 27.84 24.22
C VAL A 1553 20.54 29.20 23.56
N SER A 1554 19.34 29.76 23.66
CA SER A 1554 19.12 31.08 23.09
C SER A 1554 19.82 32.17 23.89
N ILE A 1555 19.90 31.99 25.21
CA ILE A 1555 20.58 32.97 26.06
C ILE A 1555 22.06 32.99 25.75
N ILE A 1556 22.66 31.81 25.62
CA ILE A 1556 24.06 31.74 25.26
C ILE A 1556 24.29 32.08 23.79
N ASN A 1557 23.26 32.00 22.96
CA ASN A 1557 23.38 32.51 21.59
C ASN A 1557 23.55 34.01 21.58
N ILE A 1558 23.01 34.69 22.59
CA ILE A 1558 23.04 36.14 22.63
C ILE A 1558 24.45 36.64 22.92
N PHE A 1559 25.12 36.04 23.89
CA PHE A 1559 26.47 36.46 24.25
C PHE A 1559 27.52 36.07 23.23
N HIS A 1560 27.13 35.41 22.13
CA HIS A 1560 28.03 35.23 20.99
C HIS A 1560 28.50 36.56 20.45
N LEU A 1561 27.63 37.55 20.41
CA LEU A 1561 27.96 38.86 19.90
C LEU A 1561 27.73 39.93 20.95
N LEU A 1562 28.17 39.65 22.19
CA LEU A 1562 28.25 40.65 23.25
C LEU A 1562 29.30 41.70 22.89
N PRO A 1563 29.31 42.87 23.56
CA PRO A 1563 30.44 43.79 23.36
C PRO A 1563 31.73 43.15 23.75
N PRO A 1564 32.84 43.47 23.03
CA PRO A 1564 34.04 42.63 23.06
C PRO A 1564 34.80 42.52 24.37
N GLN A 1565 34.28 43.13 25.44
CA GLN A 1565 34.75 42.84 26.80
C GLN A 1565 34.05 41.59 27.30
N ALA A 1566 34.42 40.46 26.71
CA ALA A 1566 33.92 39.15 27.09
C ALA A 1566 34.94 38.44 27.96
N ASP A 1567 35.69 39.22 28.73
CA ASP A 1567 36.64 38.67 29.69
C ASP A 1567 35.91 38.05 30.87
N MET A 1568 34.93 38.76 31.43
CA MET A 1568 34.11 38.21 32.50
C MET A 1568 33.25 37.05 32.03
N PHE A 1569 32.98 36.97 30.72
CA PHE A 1569 32.34 35.78 30.16
C PHE A 1569 33.22 34.55 30.37
N LEU A 1570 34.54 34.71 30.24
CA LEU A 1570 35.47 33.60 30.45
C LEU A 1570 35.42 33.10 31.89
N ASN A 1571 35.23 34.02 32.83
CA ASN A 1571 35.17 33.60 34.23
C ASN A 1571 33.81 32.97 34.57
N ASP A 1572 32.73 33.60 34.12
CA ASP A 1572 31.43 33.30 34.68
C ASP A 1572 30.83 32.03 34.09
N LEU A 1573 30.65 32.01 32.77
CA LEU A 1573 29.78 31.03 32.13
C LEU A 1573 30.39 29.64 32.14
N LEU A 1574 31.69 29.54 31.91
CA LEU A 1574 32.35 28.26 31.69
C LEU A 1574 32.29 27.39 32.93
N LEU A 1575 32.40 28.00 34.11
CA LEU A 1575 32.15 27.29 35.34
C LEU A 1575 30.69 26.87 35.44
N LYS A 1576 29.78 27.80 35.13
CA LYS A 1576 28.35 27.51 35.24
C LYS A 1576 27.92 26.46 34.22
N VAL A 1577 28.64 26.37 33.10
CA VAL A 1577 28.34 25.35 32.13
C VAL A 1577 28.79 23.98 32.64
N MET A 1578 30.01 23.90 33.16
CA MET A 1578 30.50 22.63 33.69
C MET A 1578 29.74 22.23 34.93
N LEU A 1579 29.41 23.20 35.80
CA LEU A 1579 28.61 22.91 37.00
C LEU A 1579 27.22 22.45 36.62
N LEU A 1580 26.69 22.95 35.51
CA LEU A 1580 25.47 22.37 34.97
C LEU A 1580 25.73 20.98 34.45
N GLU A 1581 26.88 20.79 33.79
CA GLU A 1581 27.09 19.57 33.01
C GLU A 1581 27.27 18.37 33.92
N ARG A 1582 27.97 18.55 35.04
CA ARG A 1582 28.04 17.48 36.02
C ARG A 1582 26.68 17.30 36.68
N LYS A 1583 25.98 18.41 36.93
CA LYS A 1583 24.59 18.31 37.38
C LYS A 1583 23.73 17.70 36.29
N LEU A 1584 24.09 17.95 35.02
CA LEU A 1584 23.44 17.26 33.92
C LEU A 1584 23.84 15.81 33.84
N ARG A 1585 24.98 15.46 34.44
CA ARG A 1585 25.62 14.16 34.26
C ARG A 1585 25.81 13.87 32.78
N LEU A 1586 26.30 14.86 32.06
CA LEU A 1586 26.41 14.78 30.62
C LEU A 1586 27.87 14.73 30.21
N GLN A 1587 28.10 14.20 29.02
CA GLN A 1587 29.42 14.10 28.42
C GLN A 1587 29.23 13.82 26.95
N LEU A 1588 30.26 14.15 26.17
CA LEU A 1588 30.42 13.81 24.75
C LEU A 1588 29.46 14.56 23.83
N ASP A 1589 28.55 15.38 24.38
CA ASP A 1589 27.60 16.13 23.55
C ASP A 1589 27.04 17.26 24.39
N SER A 1590 27.11 18.47 23.87
CA SER A 1590 26.78 19.64 24.66
C SER A 1590 25.58 20.35 24.05
N PRO A 1591 24.80 21.06 24.86
CA PRO A 1591 23.91 22.07 24.31
C PRO A 1591 24.75 23.14 23.65
N PHE A 1592 25.68 23.70 24.40
CA PHE A 1592 26.57 24.69 23.84
C PHE A 1592 27.65 23.97 23.06
N ARG A 1593 27.36 23.73 21.79
CA ARG A 1593 28.43 23.48 20.84
C ARG A 1593 28.73 24.71 20.02
N THR A 1594 27.71 25.48 19.68
CA THR A 1594 27.94 26.76 19.02
C THR A 1594 28.28 27.95 19.92
N PRO A 1595 27.64 28.19 21.11
CA PRO A 1595 28.01 29.42 21.86
C PRO A 1595 29.42 29.43 22.38
N LEU A 1596 29.96 28.27 22.69
CA LEU A 1596 31.39 28.16 22.86
C LEU A 1596 32.12 28.51 21.56
N ALA A 1597 31.61 28.01 20.43
CA ALA A 1597 32.33 28.12 19.17
C ALA A 1597 32.40 29.55 18.68
N ARG A 1598 31.38 30.35 18.99
CA ARG A 1598 31.42 31.75 18.64
C ARG A 1598 32.29 32.54 19.62
N TYR A 1599 32.21 32.22 20.91
CA TYR A 1599 32.87 33.03 21.93
C TYR A 1599 34.39 32.92 21.83
N LEU A 1600 34.90 31.74 21.50
CA LEU A 1600 36.35 31.58 21.32
C LEU A 1600 36.80 32.18 20.00
N ASN A 1601 35.91 32.22 19.02
CA ASN A 1601 36.18 32.92 17.78
C ASN A 1601 36.33 34.40 18.07
N ARG A 1602 35.34 34.97 18.77
CA ARG A 1602 35.41 36.38 19.09
C ARG A 1602 36.50 36.66 20.12
N PHE A 1603 36.52 35.94 21.22
CA PHE A 1603 37.56 36.13 22.22
C PHE A 1603 38.57 35.01 21.99
N HIS A 1604 39.61 35.32 21.23
CA HIS A 1604 40.68 34.38 20.96
C HIS A 1604 41.88 34.60 21.87
N ASN A 1605 42.10 35.85 22.25
CA ASN A 1605 43.18 36.15 23.18
C ASN A 1605 42.94 35.60 24.59
N PRO A 1606 41.80 35.83 25.28
CA PRO A 1606 41.62 35.17 26.57
C PRO A 1606 41.35 33.69 26.43
N VAL A 1607 41.00 33.23 25.22
CA VAL A 1607 40.88 31.81 24.95
C VAL A 1607 42.21 31.13 25.18
N THR A 1608 43.22 31.52 24.40
CA THR A 1608 44.55 30.94 24.54
C THR A 1608 45.15 31.28 25.89
N GLU A 1609 44.76 32.43 26.46
CA GLU A 1609 45.25 32.83 27.77
C GLU A 1609 44.75 31.87 28.84
N TYR A 1610 43.44 31.71 28.95
CA TYR A 1610 42.91 30.84 29.98
C TYR A 1610 43.20 29.37 29.70
N PHE A 1611 43.45 29.01 28.43
CA PHE A 1611 43.79 27.63 28.09
C PHE A 1611 45.15 27.24 28.64
N LYS A 1612 46.14 28.10 28.44
CA LYS A 1612 47.40 27.92 29.14
C LYS A 1612 47.22 28.14 30.64
N LYS A 1613 46.27 29.00 31.03
CA LYS A 1613 46.02 29.21 32.46
C LYS A 1613 45.23 28.09 33.09
N ASN A 1614 44.54 27.29 32.31
CA ASN A 1614 43.88 26.13 32.87
C ASN A 1614 44.58 24.84 32.47
N MET A 1615 45.92 24.89 32.37
CA MET A 1615 46.68 23.80 31.79
C MET A 1615 46.63 22.51 32.61
N THR A 1616 46.16 22.57 33.85
CA THR A 1616 46.11 21.37 34.67
C THR A 1616 44.94 20.47 34.29
N LEU A 1617 43.72 20.97 34.46
CA LEU A 1617 42.55 20.11 34.66
C LEU A 1617 42.04 19.50 33.35
N ARG A 1618 41.78 18.19 33.38
CA ARG A 1618 41.46 17.46 32.16
C ARG A 1618 40.03 17.73 31.69
N GLN A 1619 39.10 17.86 32.63
CA GLN A 1619 37.68 17.96 32.28
C GLN A 1619 37.41 19.22 31.50
N LEU A 1620 37.98 20.34 31.96
CA LEU A 1620 37.89 21.58 31.19
C LEU A 1620 38.65 21.46 29.89
N VAL A 1621 39.76 20.71 29.89
CA VAL A 1621 40.56 20.57 28.67
C VAL A 1621 39.78 19.81 27.61
N LEU A 1622 39.10 18.75 28.04
CA LEU A 1622 38.28 17.98 27.10
C LEU A 1622 37.13 18.80 26.58
N PHE A 1623 36.60 19.68 27.44
CA PHE A 1623 35.54 20.60 27.03
C PHE A 1623 36.02 21.47 25.89
N MET A 1624 37.27 21.91 25.96
CA MET A 1624 37.82 22.58 24.81
C MET A 1624 38.13 21.61 23.70
N CYS A 1625 38.58 20.40 24.05
CA CYS A 1625 39.03 19.44 23.04
C CYS A 1625 37.89 19.02 22.14
N ASN A 1626 36.69 18.94 22.70
CA ASN A 1626 35.51 18.81 21.87
C ASN A 1626 35.23 20.10 21.11
N ILE A 1627 35.32 21.24 21.79
CA ILE A 1627 34.94 22.50 21.18
C ILE A 1627 35.94 22.91 20.13
N VAL A 1628 37.21 22.57 20.34
CA VAL A 1628 38.20 22.88 19.32
C VAL A 1628 38.01 22.00 18.11
N GLN A 1629 37.52 20.77 18.33
CA GLN A 1629 37.14 19.94 17.21
C GLN A 1629 35.97 20.55 16.46
N ARG A 1630 35.10 21.27 17.17
CA ARG A 1630 34.05 22.00 16.50
C ARG A 1630 34.66 23.15 15.70
N PRO A 1631 34.23 23.35 14.46
CA PRO A 1631 35.05 24.09 13.49
C PRO A 1631 34.78 25.58 13.32
N GLU A 1632 34.02 26.23 14.20
CA GLU A 1632 33.72 27.64 13.93
C GLU A 1632 34.93 28.54 14.16
N ALA A 1633 35.51 28.56 15.35
CA ALA A 1633 36.74 29.30 15.54
C ALA A 1633 37.89 28.56 14.87
N LYS A 1634 38.50 29.19 13.89
CA LYS A 1634 39.56 28.51 13.15
C LYS A 1634 40.93 29.07 13.48
N GLU A 1635 41.03 30.38 13.70
CA GLU A 1635 42.27 30.97 14.15
C GLU A 1635 42.66 30.51 15.55
N LEU A 1636 41.67 30.15 16.37
CA LEU A 1636 41.94 29.61 17.70
C LEU A 1636 42.71 28.31 17.60
N ALA A 1637 42.43 27.52 16.56
CA ALA A 1637 43.07 26.22 16.40
C ALA A 1637 44.54 26.35 16.07
N GLU A 1638 44.87 27.21 15.10
CA GLU A 1638 46.26 27.47 14.79
C GLU A 1638 46.96 28.18 15.94
N ASP A 1639 46.21 29.01 16.69
CA ASP A 1639 46.75 29.64 17.89
C ASP A 1639 47.09 28.59 18.93
N PHE A 1640 46.19 27.63 19.14
CA PHE A 1640 46.53 26.51 19.98
C PHE A 1640 47.55 25.61 19.31
N GLU A 1641 47.60 25.56 17.97
CA GLU A 1641 48.66 24.81 17.30
C GLU A 1641 50.00 25.46 17.52
N LYS A 1642 50.01 26.79 17.66
CA LYS A 1642 51.19 27.47 18.17
C LYS A 1642 51.43 27.16 19.64
N GLU A 1643 50.37 27.20 20.46
CA GLU A 1643 50.52 27.00 21.90
C GLU A 1643 50.79 25.56 22.28
N LEU A 1644 50.67 24.63 21.33
CA LEU A 1644 50.82 23.20 21.63
C LEU A 1644 52.25 22.86 21.99
N ASP A 1645 53.19 23.26 21.12
CA ASP A 1645 54.61 23.05 21.39
C ASP A 1645 55.04 23.78 22.65
N ASN A 1646 54.40 24.92 22.93
CA ASN A 1646 54.58 25.58 24.21
C ASN A 1646 54.05 24.73 25.35
N PHE A 1647 52.85 24.16 25.19
CA PHE A 1647 52.26 23.40 26.29
C PHE A 1647 52.86 22.01 26.40
N TYR A 1648 53.27 21.41 25.27
CA TYR A 1648 53.94 20.10 25.28
C TYR A 1648 55.24 20.16 26.06
N ASP A 1649 55.88 21.32 26.05
CA ASP A 1649 56.91 21.59 27.04
C ASP A 1649 56.30 21.81 28.41
N PHE A 1650 55.25 22.64 28.50
CA PHE A 1650 54.83 23.22 29.77
C PHE A 1650 54.27 22.16 30.70
N TYR A 1651 53.56 21.20 30.16
CA TYR A 1651 53.16 20.07 30.97
C TYR A 1651 54.33 19.14 31.23
N ILE A 1652 55.23 18.98 30.25
CA ILE A 1652 56.44 18.21 30.50
C ILE A 1652 57.29 18.91 31.52
N SER A 1653 57.23 20.24 31.52
CA SER A 1653 57.71 21.00 32.66
C SER A 1653 56.91 20.68 33.90
N ASN A 1654 55.59 20.62 33.77
CA ASN A 1654 54.75 20.37 34.93
C ASN A 1654 54.76 18.91 35.39
N ILE A 1655 55.58 18.06 34.78
CA ILE A 1655 55.67 16.62 35.09
C ILE A 1655 55.81 16.21 36.56
N PRO A 1656 56.58 16.89 37.44
CA PRO A 1656 56.68 16.35 38.80
C PRO A 1656 55.59 16.80 39.74
N LYS A 1657 54.50 17.38 39.20
CA LYS A 1657 53.61 18.19 40.03
C LYS A 1657 52.80 17.35 41.01
N ASN A 1658 52.00 16.42 40.51
CA ASN A 1658 51.05 15.69 41.34
C ASN A 1658 51.17 14.18 41.30
N GLN A 1659 51.77 13.61 40.25
CA GLN A 1659 51.96 12.18 39.97
C GLN A 1659 50.67 11.40 39.77
N VAL A 1660 49.50 12.05 39.86
CA VAL A 1660 48.22 11.38 39.62
C VAL A 1660 47.48 12.22 38.59
N ARG A 1661 47.31 13.50 38.90
CA ARG A 1661 46.89 14.46 37.90
C ARG A 1661 47.93 14.62 36.81
N VAL A 1662 49.19 14.29 37.11
CA VAL A 1662 50.23 14.20 36.09
C VAL A 1662 49.89 13.10 35.09
N VAL A 1663 49.46 11.95 35.61
CA VAL A 1663 48.96 10.90 34.74
C VAL A 1663 47.73 11.37 34.00
N SER A 1664 46.90 12.16 34.66
CA SER A 1664 45.82 12.84 33.96
C SER A 1664 46.35 13.87 33.00
N PHE A 1665 47.44 14.56 33.36
CA PHE A 1665 48.05 15.46 32.40
C PHE A 1665 48.75 14.69 31.30
N PHE A 1666 49.16 13.46 31.58
CA PHE A 1666 49.78 12.62 30.54
C PHE A 1666 48.76 12.25 29.48
N THR A 1667 47.52 12.01 29.88
CA THR A 1667 46.50 11.70 28.90
C THR A 1667 45.98 12.95 28.22
N ASN A 1668 45.58 13.96 29.01
CA ASN A 1668 44.68 15.01 28.53
C ASN A 1668 45.34 15.88 27.48
N MET A 1669 46.65 16.08 27.59
CA MET A 1669 47.37 16.80 26.56
C MET A 1669 47.43 16.00 25.27
N VAL A 1670 47.44 14.67 25.36
CA VAL A 1670 47.65 13.87 24.16
C VAL A 1670 46.46 13.98 23.23
N ASP A 1671 45.26 13.95 23.79
CA ASP A 1671 44.09 14.24 22.98
C ASP A 1671 44.07 15.70 22.57
N LEU A 1672 44.58 16.59 23.44
CA LEU A 1672 44.70 17.99 23.08
C LEU A 1672 45.66 18.16 21.92
N PHE A 1673 46.69 17.33 21.87
CA PHE A 1673 47.45 17.21 20.63
C PHE A 1673 46.61 16.56 19.54
N ASN A 1674 45.87 15.51 19.90
CA ASN A 1674 45.19 14.74 18.87
C ASN A 1674 44.02 15.50 18.28
N THR A 1675 43.29 16.26 19.10
CA THR A 1675 42.21 17.08 18.57
C THR A 1675 42.77 18.16 17.66
N MET A 1676 43.94 18.68 18.00
CA MET A 1676 44.64 19.55 17.06
C MET A 1676 45.15 18.76 15.87
N VAL A 1677 45.57 17.51 16.11
CA VAL A 1677 45.99 16.68 14.99
C VAL A 1677 44.79 16.30 14.16
N ILE A 1678 43.62 16.25 14.79
CA ILE A 1678 42.39 15.98 14.06
C ILE A 1678 42.09 17.13 13.12
N THR A 1679 42.18 18.36 13.61
CA THR A 1679 41.77 19.50 12.79
C THR A 1679 42.76 19.75 11.68
N ASN A 1680 44.05 19.72 11.98
CA ASN A 1680 45.05 20.04 10.99
C ASN A 1680 45.31 18.84 10.08
N GLY A 1681 45.49 19.12 8.80
CA GLY A 1681 45.60 18.09 7.77
C GLY A 1681 46.94 17.43 7.56
N ASP A 1682 47.94 18.17 7.08
CA ASP A 1682 49.27 17.61 6.91
C ASP A 1682 49.87 17.29 8.26
N GLU A 1683 49.90 18.27 9.15
CA GLU A 1683 49.70 18.18 10.60
C GLU A 1683 49.65 19.63 11.07
N TRP A 1684 49.46 19.82 12.37
CA TRP A 1684 49.71 21.12 12.95
C TRP A 1684 51.18 21.28 13.29
N LEU A 1685 51.96 20.22 13.08
CA LEU A 1685 53.40 20.30 12.92
C LEU A 1685 53.79 19.96 11.50
N LYS A 1686 52.81 19.84 10.61
CA LYS A 1686 52.96 19.71 9.15
C LYS A 1686 53.82 18.51 8.77
N LYS A 1687 53.37 17.36 9.26
CA LYS A 1687 54.02 16.07 9.03
C LYS A 1687 55.48 16.05 9.51
N LYS A 1688 55.82 16.86 10.51
CA LYS A 1688 57.18 16.85 11.07
C LYS A 1688 57.20 16.38 12.50
N GLY A 1689 56.42 17.01 13.37
CA GLY A 1689 56.18 16.53 14.72
C GLY A 1689 57.39 16.41 15.62
N ASN A 1690 57.95 17.54 16.03
CA ASN A 1690 58.97 17.48 17.07
C ASN A 1690 58.37 17.16 18.42
N MET A 1691 57.12 17.53 18.63
CA MET A 1691 56.46 17.13 19.86
C MET A 1691 56.22 15.63 19.90
N ILE A 1692 56.16 14.97 18.73
CA ILE A 1692 56.03 13.52 18.66
C ILE A 1692 57.23 12.86 19.31
N LEU A 1693 58.39 13.48 19.16
CA LEU A 1693 59.52 13.09 19.98
C LEU A 1693 59.30 13.47 21.44
N LYS A 1694 58.79 14.69 21.68
CA LYS A 1694 58.58 15.15 23.06
C LYS A 1694 57.52 14.34 23.76
N LEU A 1695 56.62 13.73 22.99
CA LEU A 1695 55.61 12.86 23.58
C LEU A 1695 56.13 11.44 23.77
N LYS A 1696 56.84 10.90 22.77
CA LYS A 1696 57.24 9.49 22.80
C LYS A 1696 58.19 9.23 23.95
N ASP A 1697 59.02 10.21 24.27
CA ASP A 1697 59.77 10.13 25.49
C ASP A 1697 58.87 10.29 26.70
N MET A 1698 57.87 11.18 26.59
CA MET A 1698 57.06 11.49 27.75
C MET A 1698 56.23 10.30 28.17
N LEU A 1699 55.87 9.44 27.21
CA LEU A 1699 55.13 8.23 27.54
C LEU A 1699 56.01 7.23 28.28
N ASN A 1700 57.25 7.06 27.82
CA ASN A 1700 58.20 6.29 28.61
C ASN A 1700 58.50 6.99 29.92
N LEU A 1701 58.51 8.32 29.90
CA LEU A 1701 58.58 9.07 31.15
C LEU A 1701 57.30 8.95 31.94
N THR A 1702 56.16 8.79 31.27
CA THR A 1702 54.97 8.39 32.00
C THR A 1702 55.11 6.97 32.48
N LEU A 1703 55.70 6.10 31.64
CA LEU A 1703 56.03 4.74 32.07
C LEU A 1703 57.09 4.74 33.16
N LYS A 1704 57.92 5.78 33.21
CA LYS A 1704 58.85 5.94 34.31
C LYS A 1704 58.11 6.14 35.63
N THR A 1705 57.30 7.18 35.72
CA THR A 1705 56.55 7.44 36.95
C THR A 1705 55.48 6.39 37.19
N ILE A 1706 55.10 5.65 36.13
CA ILE A 1706 54.18 4.52 36.30
C ILE A 1706 54.81 3.46 37.17
N LYS A 1707 56.12 3.28 37.06
CA LYS A 1707 56.80 2.32 37.92
C LYS A 1707 56.85 2.80 39.37
N GLU A 1708 56.61 4.08 39.62
CA GLU A 1708 56.54 4.56 40.99
C GLU A 1708 55.15 4.41 41.57
N ASN A 1709 54.12 4.71 40.79
CA ASN A 1709 52.77 4.88 41.31
C ASN A 1709 51.92 3.66 41.00
N SER A 1710 50.81 3.52 41.76
CA SER A 1710 49.94 2.35 41.57
C SER A 1710 48.45 2.66 41.78
N PHE A 1711 47.99 3.89 41.48
CA PHE A 1711 46.62 4.28 41.82
C PHE A 1711 45.60 3.55 40.96
N TYR A 1712 45.67 3.75 39.65
CA TYR A 1712 44.70 3.18 38.72
C TYR A 1712 45.45 2.61 37.53
N ILE A 1713 46.49 1.83 37.82
CA ILE A 1713 47.46 1.39 36.82
C ILE A 1713 46.81 0.49 35.77
N ASP A 1714 47.43 0.44 34.60
CA ASP A 1714 46.83 -0.12 33.37
C ASP A 1714 45.47 0.49 33.09
N HIS A 1715 45.34 1.80 33.34
CA HIS A 1715 44.10 2.49 33.07
C HIS A 1715 43.82 2.50 31.58
N LEU A 1716 42.56 2.39 31.24
CA LEU A 1716 42.17 2.65 29.88
C LEU A 1716 42.37 4.11 29.54
N GLN A 1717 42.25 4.98 30.56
CA GLN A 1717 42.65 6.37 30.45
C GLN A 1717 44.06 6.47 29.91
N LEU A 1718 44.94 5.63 30.41
CA LEU A 1718 46.17 5.42 29.67
C LEU A 1718 45.90 4.65 28.39
N ASN A 1719 45.28 3.46 28.51
CA ASN A 1719 45.37 2.45 27.46
C ASN A 1719 44.71 2.91 26.17
N GLN A 1720 43.60 3.64 26.28
CA GLN A 1720 43.00 4.20 25.08
C GLN A 1720 43.87 5.31 24.51
N SER A 1721 44.34 6.21 25.38
CA SER A 1721 45.28 7.23 24.93
C SER A 1721 46.56 6.60 24.44
N ILE A 1722 46.94 5.47 25.04
CA ILE A 1722 48.09 4.70 24.59
C ILE A 1722 47.88 4.18 23.19
N ALA A 1723 46.67 3.77 22.88
CA ALA A 1723 46.37 3.41 21.51
C ALA A 1723 46.41 4.63 20.62
N LYS A 1724 46.06 5.79 21.17
CA LYS A 1724 45.83 6.97 20.35
C LYS A 1724 47.12 7.48 19.75
N PHE A 1725 48.15 7.66 20.57
CA PHE A 1725 49.45 8.03 20.05
C PHE A 1725 50.02 6.94 19.18
N GLN A 1726 49.72 5.69 19.52
CA GLN A 1726 50.10 4.56 18.68
C GLN A 1726 49.41 4.64 17.34
N ALA A 1727 48.13 4.99 17.36
CA ALA A 1727 47.45 5.30 16.12
C ALA A 1727 48.07 6.50 15.46
N LEU A 1728 48.44 7.49 16.26
CA LEU A 1728 48.99 8.72 15.72
C LEU A 1728 50.34 8.46 15.07
N TYR A 1729 51.22 7.74 15.76
CA TYR A 1729 52.56 7.53 15.25
C TYR A 1729 52.54 6.65 14.02
N LEU A 1730 51.64 5.67 13.99
CA LEU A 1730 51.50 4.84 12.81
C LEU A 1730 51.00 5.64 11.63
N ARG A 1731 50.15 6.64 11.90
CA ARG A 1731 49.65 7.51 10.86
C ARG A 1731 50.78 8.35 10.27
N PHE A 1732 51.63 8.91 11.13
CA PHE A 1732 52.78 9.66 10.65
C PHE A 1732 53.77 8.75 9.98
N THR A 1733 53.84 7.50 10.43
CA THR A 1733 54.70 6.52 9.79
C THR A 1733 54.24 6.26 8.37
N GLU A 1734 52.94 6.14 8.17
CA GLU A 1734 52.44 6.10 6.81
C GLU A 1734 52.67 7.42 6.13
N LEU A 1735 52.58 8.52 6.88
CA LEU A 1735 52.72 9.85 6.29
C LEU A 1735 54.17 10.14 5.93
N SER A 1736 55.11 9.75 6.78
CA SER A 1736 56.51 10.04 6.48
C SER A 1736 57.03 9.07 5.43
N GLU A 1737 58.29 9.24 5.04
CA GLU A 1737 58.92 8.37 4.05
C GLU A 1737 60.09 7.55 4.57
N ARG A 1738 60.60 7.83 5.78
CA ARG A 1738 61.76 7.12 6.30
C ARG A 1738 61.34 5.71 6.69
N ASP A 1739 61.26 4.81 5.71
CA ASP A 1739 60.74 3.49 5.95
C ASP A 1739 61.83 2.52 6.40
N GLN A 1740 62.62 2.95 7.37
CA GLN A 1740 63.37 2.02 8.20
C GLN A 1740 63.15 2.30 9.68
N ASN A 1741 63.40 3.51 10.13
CA ASN A 1741 63.75 3.77 11.51
C ASN A 1741 62.60 3.79 12.52
N PRO A 1742 61.43 4.40 12.26
CA PRO A 1742 60.37 4.31 13.27
C PRO A 1742 59.83 2.91 13.46
N LEU A 1743 60.05 2.03 12.48
CA LEU A 1743 59.63 0.64 12.59
C LEU A 1743 60.27 -0.02 13.79
N LEU A 1744 61.60 0.07 13.90
CA LEU A 1744 62.27 -0.48 15.06
C LEU A 1744 61.95 0.31 16.31
N LEU A 1745 61.91 1.64 16.20
CA LEU A 1745 61.77 2.51 17.36
C LEU A 1745 60.41 2.32 18.04
N ASP A 1746 59.37 2.18 17.24
CA ASP A 1746 58.07 1.83 17.79
C ASP A 1746 58.11 0.47 18.44
N PHE A 1747 58.68 -0.51 17.73
CA PHE A 1747 58.87 -1.83 18.29
C PHE A 1747 59.75 -1.78 19.52
N ILE A 1748 60.69 -0.83 19.54
CA ILE A 1748 61.48 -0.60 20.74
C ILE A 1748 60.61 0.00 21.83
N ASP A 1749 59.91 1.09 21.50
CA ASP A 1749 59.08 1.76 22.49
C ASP A 1749 57.93 0.87 22.93
N PHE A 1750 57.47 -0.02 22.04
CA PHE A 1750 56.49 -1.03 22.45
C PHE A 1750 57.12 -2.18 23.20
N SER A 1751 58.40 -2.45 22.99
CA SER A 1751 59.03 -3.39 23.88
C SER A 1751 59.29 -2.77 25.24
N PHE A 1752 59.34 -1.44 25.29
CA PHE A 1752 59.67 -0.73 26.53
C PHE A 1752 58.63 -0.98 27.61
N SER A 1753 57.35 -0.90 27.26
CA SER A 1753 56.30 -1.21 28.21
C SER A 1753 55.03 -1.53 27.43
N ASN A 1754 54.25 -2.48 27.96
CA ASN A 1754 52.84 -2.72 27.64
C ASN A 1754 52.63 -2.99 26.15
N GLY A 1755 53.15 -4.13 25.71
CA GLY A 1755 53.17 -4.54 24.32
C GLY A 1755 51.83 -4.59 23.62
N ILE A 1756 51.67 -3.73 22.63
CA ILE A 1756 50.39 -3.60 21.96
C ILE A 1756 50.18 -4.70 20.94
N LYS A 1757 51.22 -4.98 20.14
CA LYS A 1757 51.15 -5.84 18.94
C LYS A 1757 50.10 -5.31 17.97
N ALA A 1758 50.39 -4.14 17.42
CA ALA A 1758 49.45 -3.39 16.60
C ALA A 1758 49.14 -4.14 15.31
N SER A 1759 47.88 -4.57 15.20
CA SER A 1759 47.38 -5.09 13.94
C SER A 1759 47.44 -4.04 12.85
N TYR A 1760 47.30 -2.77 13.23
CA TYR A 1760 47.51 -1.68 12.30
C TYR A 1760 48.92 -1.71 11.74
N SER A 1761 49.90 -1.99 12.60
CA SER A 1761 51.25 -2.18 12.10
C SER A 1761 51.33 -3.44 11.25
N LEU A 1762 50.58 -4.47 11.64
CA LEU A 1762 50.46 -5.66 10.80
C LEU A 1762 49.75 -5.31 9.51
N LYS A 1763 48.77 -4.42 9.57
CA LYS A 1763 48.15 -3.92 8.36
C LYS A 1763 49.12 -3.04 7.58
N LYS A 1764 49.84 -2.16 8.28
CA LYS A 1764 50.82 -1.32 7.62
C LYS A 1764 51.94 -2.14 7.04
N PHE A 1765 52.32 -3.24 7.71
CA PHE A 1765 53.26 -4.17 7.12
C PHE A 1765 52.65 -4.87 5.92
N ILE A 1766 51.38 -5.24 6.02
CA ILE A 1766 50.67 -5.76 4.86
C ILE A 1766 50.55 -4.68 3.81
N PHE A 1767 50.39 -3.44 4.25
CA PHE A 1767 50.49 -2.33 3.30
C PHE A 1767 51.92 -2.16 2.82
N HIS A 1768 52.90 -2.44 3.67
CA HIS A 1768 54.28 -2.29 3.21
C HIS A 1768 54.70 -3.45 2.34
N ASN A 1769 54.31 -4.68 2.69
CA ASN A 1769 54.75 -5.85 1.93
C ASN A 1769 54.07 -5.88 0.56
N ILE A 1770 52.76 -6.08 0.55
CA ILE A 1770 52.04 -6.11 -0.69
C ILE A 1770 51.12 -4.90 -0.70
N ASN A 1775 59.43 -5.05 -8.35
CA ASN A 1775 59.80 -5.12 -6.95
C ASN A 1775 60.12 -3.76 -6.40
N LYS A 1776 59.57 -3.44 -5.24
CA LYS A 1776 60.05 -2.28 -4.52
C LYS A 1776 61.43 -2.61 -3.99
N GLU A 1777 62.43 -1.84 -4.41
CA GLU A 1777 63.71 -1.92 -3.75
C GLU A 1777 63.66 -1.29 -2.37
N LYS A 1778 62.64 -0.46 -2.09
CA LYS A 1778 62.37 -0.02 -0.73
C LYS A 1778 62.11 -1.21 0.18
N GLN A 1779 61.48 -2.25 -0.36
CA GLN A 1779 61.42 -3.52 0.35
C GLN A 1779 62.80 -4.15 0.46
N ASN A 1780 63.59 -4.10 -0.61
CA ASN A 1780 64.97 -4.60 -0.53
C ASN A 1780 65.80 -3.73 0.39
N ASN A 1781 65.53 -2.43 0.40
CA ASN A 1781 66.16 -1.53 1.36
C ASN A 1781 65.72 -1.86 2.78
N PHE A 1782 64.46 -2.22 2.94
CA PHE A 1782 64.03 -2.72 4.23
C PHE A 1782 64.60 -4.11 4.50
N ILE A 1783 64.90 -4.88 3.45
CA ILE A 1783 65.29 -6.28 3.63
C ILE A 1783 66.66 -6.38 4.28
N ASN A 1784 67.63 -5.62 3.80
CA ASN A 1784 68.90 -5.56 4.50
C ASN A 1784 68.73 -4.85 5.83
N ASP A 1785 67.83 -3.85 5.88
CA ASP A 1785 67.46 -3.25 7.16
C ASP A 1785 66.83 -4.28 8.07
N ALA A 1786 66.09 -5.23 7.50
CA ALA A 1786 65.62 -6.36 8.28
C ALA A 1786 66.76 -7.28 8.67
N THR A 1787 67.69 -7.52 7.76
CA THR A 1787 68.88 -8.30 8.08
C THR A 1787 69.69 -7.61 9.17
N LEU A 1788 69.64 -6.28 9.21
CA LEU A 1788 70.26 -5.55 10.31
C LEU A 1788 69.46 -5.65 11.59
N PHE A 1789 68.14 -5.39 11.52
CA PHE A 1789 67.38 -5.04 12.72
C PHE A 1789 67.18 -6.22 13.65
N VAL A 1790 66.93 -7.40 13.10
CA VAL A 1790 66.78 -8.56 13.97
C VAL A 1790 68.12 -9.06 14.44
N LEU A 1791 69.16 -8.86 13.62
CA LEU A 1791 70.51 -9.09 14.09
C LEU A 1791 70.91 -8.04 15.11
N SER A 1792 70.29 -6.87 15.04
CA SER A 1792 70.39 -5.89 16.13
C SER A 1792 69.50 -6.40 17.25
N ASP A 1793 70.08 -7.30 18.06
CA ASP A 1793 69.32 -8.11 18.99
C ASP A 1793 68.72 -7.28 20.10
N LYS A 1794 69.34 -6.17 20.44
CA LYS A 1794 68.76 -5.24 21.39
C LYS A 1794 67.97 -4.15 20.67
N LEU A 1796 61.78 -6.87 23.80
CA LEU A 1796 63.23 -6.95 23.71
C LEU A 1796 63.55 -8.15 22.88
N ASP A 1797 63.37 -9.31 23.51
CA ASP A 1797 63.20 -10.53 22.75
C ASP A 1797 62.02 -10.40 21.82
N ALA A 1798 60.92 -9.87 22.35
CA ALA A 1798 59.74 -9.54 21.55
C ALA A 1798 60.09 -8.56 20.45
N ARG A 1799 60.98 -7.63 20.74
CA ARG A 1799 61.44 -6.71 19.70
C ARG A 1799 62.16 -7.46 18.61
N ILE A 1800 63.03 -8.40 18.99
CA ILE A 1800 63.64 -9.23 17.98
C ILE A 1800 62.62 -10.19 17.38
N PHE A 1801 61.65 -10.64 18.19
CA PHE A 1801 60.74 -11.69 17.71
C PHE A 1801 59.78 -11.13 16.68
N VAL A 1802 59.22 -9.95 16.95
CA VAL A 1802 58.24 -9.37 16.05
C VAL A 1802 58.90 -8.99 14.74
N LEU A 1803 60.19 -8.67 14.79
CA LEU A 1803 60.95 -8.46 13.57
C LEU A 1803 60.97 -9.72 12.72
N LYS A 1804 61.20 -10.87 13.34
CA LYS A 1804 61.19 -12.13 12.62
C LYS A 1804 59.81 -12.43 12.08
N ASN A 1805 58.79 -12.07 12.85
CA ASN A 1805 57.41 -12.17 12.40
C ASN A 1805 57.20 -11.32 11.16
N VAL A 1806 57.77 -10.13 11.15
CA VAL A 1806 57.76 -9.34 9.94
C VAL A 1806 58.65 -9.99 8.89
N ILE A 1807 59.75 -10.58 9.32
CA ILE A 1807 60.77 -11.05 8.37
C ILE A 1807 60.30 -12.26 7.62
N ASN A 1808 59.77 -13.24 8.34
CA ASN A 1808 59.28 -14.45 7.70
C ASN A 1808 58.08 -14.15 6.82
N SER A 1809 57.18 -13.30 7.30
CA SER A 1809 56.05 -12.87 6.51
C SER A 1809 56.50 -12.10 5.28
N THR A 1810 57.57 -11.32 5.40
CA THR A 1810 58.13 -10.69 4.22
C THR A 1810 58.73 -11.73 3.31
N LEU A 1811 59.44 -12.69 3.90
CA LEU A 1811 60.03 -13.77 3.14
C LEU A 1811 58.98 -14.61 2.45
N ILE A 1812 57.87 -14.87 3.13
CA ILE A 1812 56.86 -15.75 2.58
C ILE A 1812 56.08 -15.07 1.48
N TYR A 1813 55.62 -13.85 1.72
CA TYR A 1813 54.78 -13.15 0.76
C TYR A 1813 55.53 -12.80 -0.52
N GLU A 1814 56.85 -12.65 -0.44
CA GLU A 1814 57.63 -12.46 -1.66
C GLU A 1814 57.59 -13.71 -2.55
N VAL A 1815 57.89 -14.88 -1.99
CA VAL A 1815 57.90 -16.11 -2.78
C VAL A 1815 56.49 -16.60 -3.08
N ALA A 1816 55.56 -16.42 -2.13
CA ALA A 1816 54.19 -16.87 -2.39
C ALA A 1816 53.52 -16.03 -3.46
N THR A 1817 53.57 -14.71 -3.32
CA THR A 1817 53.01 -13.83 -4.35
C THR A 1817 54.06 -13.53 -5.42
N SER A 1818 54.51 -14.61 -6.04
CA SER A 1818 55.40 -14.63 -7.19
C SER A 1818 55.34 -16.02 -7.78
N GLY A 1819 56.06 -16.19 -8.89
CA GLY A 1819 56.22 -17.51 -9.48
C GLY A 1819 57.05 -18.34 -8.54
N SER A 1820 58.32 -17.97 -8.38
CA SER A 1820 59.14 -18.58 -7.33
C SER A 1820 60.14 -17.54 -6.86
N LEU A 1821 59.73 -16.73 -5.86
CA LEU A 1821 60.58 -15.75 -5.16
C LEU A 1821 61.25 -14.76 -6.10
N LYS A 1822 60.61 -14.47 -7.22
CA LYS A 1822 61.29 -13.99 -8.40
C LYS A 1822 61.76 -12.54 -8.28
N SER A 1823 61.23 -11.76 -7.34
CA SER A 1823 61.79 -10.45 -7.09
C SER A 1823 63.19 -10.53 -6.52
N TYR A 1824 63.50 -11.63 -5.82
CA TYR A 1824 64.84 -11.98 -5.38
C TYR A 1824 65.48 -13.05 -6.25
N LEU A 1825 64.68 -14.02 -6.72
CA LEU A 1825 65.24 -15.11 -7.52
C LEU A 1825 65.74 -14.63 -8.87
N VAL A 1826 65.10 -13.63 -9.47
CA VAL A 1826 65.67 -13.05 -10.67
C VAL A 1826 66.59 -11.92 -10.25
N GLU A 1827 67.82 -12.29 -9.84
CA GLU A 1827 68.92 -11.38 -9.54
C GLU A 1827 68.56 -10.36 -8.45
N ASP A 1828 68.35 -10.88 -7.23
CA ASP A 1828 68.54 -10.04 -6.06
C ASP A 1828 69.96 -9.54 -6.10
N LYS A 1829 70.16 -8.23 -6.13
CA LYS A 1829 71.44 -7.68 -6.60
C LYS A 1829 72.53 -7.69 -5.52
N LYS A 1830 72.68 -8.80 -4.84
CA LYS A 1830 73.68 -9.23 -3.89
C LYS A 1830 73.27 -10.62 -3.47
N PRO A 1831 74.17 -11.43 -3.00
CA PRO A 1831 73.73 -12.45 -2.03
C PRO A 1831 73.65 -11.86 -0.62
N LYS A 1832 72.77 -10.86 -0.48
CA LYS A 1832 72.55 -10.23 0.82
C LYS A 1832 71.94 -11.22 1.78
N TRP A 1833 71.12 -12.12 1.24
CA TRP A 1833 70.71 -13.29 1.99
C TRP A 1833 71.91 -14.14 2.39
N LEU A 1834 72.71 -14.58 1.40
CA LEU A 1834 73.80 -15.51 1.66
C LEU A 1834 74.92 -14.85 2.44
N GLU A 1835 74.99 -13.52 2.40
CA GLU A 1835 75.81 -12.80 3.36
C GLU A 1835 75.32 -13.06 4.78
N LEU A 1836 74.03 -12.83 5.01
CA LEU A 1836 73.44 -13.16 6.31
C LEU A 1836 73.34 -14.67 6.52
N LEU A 1837 73.06 -15.44 5.45
CA LEU A 1837 72.75 -16.87 5.61
C LEU A 1837 73.96 -17.70 5.96
N HIS A 1838 75.03 -17.55 5.19
CA HIS A 1838 76.28 -18.24 5.52
C HIS A 1838 76.84 -17.76 6.84
N ASN A 1839 76.60 -16.48 7.18
CA ASN A 1839 76.89 -15.99 8.53
C ASN A 1839 76.08 -16.75 9.56
N LYS A 1840 74.80 -16.94 9.28
CA LYS A 1840 73.95 -17.70 10.21
C LYS A 1840 74.29 -19.19 10.18
N ILE A 1841 74.56 -19.73 8.98
CA ILE A 1841 74.79 -21.17 8.84
C ILE A 1841 76.09 -21.57 9.51
N TRP A 1842 77.09 -20.70 9.45
CA TRP A 1842 78.33 -20.95 10.18
C TRP A 1842 78.15 -20.73 11.68
N LYS A 1843 77.26 -19.82 12.08
CA LYS A 1843 77.16 -19.41 13.48
C LYS A 1843 76.71 -20.54 14.40
N ASN A 1844 75.43 -20.93 14.30
CA ASN A 1844 74.79 -21.93 15.18
C ASN A 1844 75.09 -21.67 16.66
N SER A 1845 75.10 -20.40 17.04
CA SER A 1845 75.74 -19.96 18.29
C SER A 1845 74.86 -20.33 19.48
N ASN A 1846 75.34 -21.30 20.27
CA ASN A 1846 74.65 -21.86 21.43
C ASN A 1846 73.29 -22.42 21.03
N ALA A 1847 73.26 -23.07 19.86
CA ALA A 1847 72.06 -23.40 19.09
C ALA A 1847 71.17 -22.17 18.92
N ASP A 1855 65.12 -16.30 25.98
CA ASP A 1855 64.27 -16.83 24.93
C ASP A 1855 63.18 -17.69 25.52
N HIS A 1856 62.69 -17.25 26.68
CA HIS A 1856 61.74 -17.93 27.56
C HIS A 1856 60.54 -18.53 26.85
N HIS A 1857 60.07 -17.85 25.81
CA HIS A 1857 58.93 -18.29 25.03
C HIS A 1857 59.33 -19.12 23.83
N ASP A 1858 60.42 -19.89 23.95
CA ASP A 1858 61.06 -20.64 22.86
C ASP A 1858 61.40 -19.69 21.72
N LEU A 1859 61.88 -18.51 22.09
CA LEU A 1859 62.19 -17.50 21.10
C LEU A 1859 63.39 -17.90 20.27
N PHE A 1860 64.32 -18.62 20.87
CA PHE A 1860 65.37 -19.25 20.10
C PHE A 1860 64.79 -20.23 19.12
N ARG A 1861 63.90 -21.08 19.60
CA ARG A 1861 63.19 -22.02 18.73
C ARG A 1861 62.31 -21.26 17.76
N PHE A 1862 61.75 -20.14 18.20
CA PHE A 1862 61.04 -19.28 17.27
C PHE A 1862 61.99 -18.72 16.25
N GLU A 1863 63.15 -18.24 16.70
CA GLU A 1863 64.17 -17.80 15.76
C GLU A 1863 64.67 -18.97 14.93
N LEU A 1864 64.72 -20.15 15.55
CA LEU A 1864 65.09 -21.34 14.80
C LEU A 1864 64.04 -21.68 13.77
N LEU A 1865 62.78 -21.69 14.18
CA LEU A 1865 61.72 -22.02 13.25
C LEU A 1865 61.63 -20.98 12.16
N GLN A 1866 61.87 -19.73 12.53
CA GLN A 1866 62.01 -18.67 11.54
C GLN A 1866 63.20 -18.96 10.64
N LEU A 1867 64.33 -19.33 11.23
CA LEU A 1867 65.45 -19.78 10.43
C LEU A 1867 65.09 -21.02 9.64
N SER A 1868 64.25 -21.87 10.21
CA SER A 1868 63.82 -23.05 9.48
C SER A 1868 62.88 -22.68 8.35
N ALA A 1869 61.89 -21.83 8.66
CA ALA A 1869 60.89 -21.49 7.66
C ALA A 1869 61.50 -20.68 6.53
N ILE A 1870 62.47 -19.84 6.84
CA ILE A 1870 63.19 -19.13 5.80
C ILE A 1870 63.96 -20.11 4.94
N PHE A 1871 64.63 -21.06 5.58
CA PHE A 1871 65.35 -22.07 4.85
C PHE A 1871 64.43 -23.00 4.11
N ILE A 1872 63.20 -23.18 4.60
CA ILE A 1872 62.21 -23.93 3.85
C ILE A 1872 61.78 -23.14 2.63
N LYS A 1873 61.74 -21.82 2.75
CA LYS A 1873 61.38 -21.00 1.61
C LYS A 1873 62.46 -21.02 0.53
N ALA A 1874 63.72 -20.86 0.93
CA ALA A 1874 64.77 -20.77 -0.07
C ALA A 1874 65.20 -22.12 -0.61
N ASP A 1875 64.58 -23.21 -0.18
CA ASP A 1875 64.97 -24.51 -0.71
C ASP A 1875 64.61 -24.65 -2.20
N PRO A 1876 63.48 -24.09 -2.70
CA PRO A 1876 63.42 -23.89 -4.16
C PRO A 1876 64.10 -22.62 -4.63
N GLU A 1877 65.41 -22.65 -4.84
CA GLU A 1877 66.15 -21.49 -5.31
C GLU A 1877 67.37 -21.96 -6.11
N ILE A 1878 68.39 -21.11 -6.19
CA ILE A 1878 69.55 -21.36 -7.03
C ILE A 1878 70.77 -21.77 -6.21
N ILE A 1879 70.67 -21.80 -4.89
CA ILE A 1879 71.76 -22.26 -4.04
C ILE A 1879 71.70 -23.78 -3.95
N ALA A 1880 72.74 -24.45 -4.43
CA ALA A 1880 72.76 -25.91 -4.39
C ALA A 1880 73.62 -26.46 -3.25
N GLU A 1881 74.92 -26.15 -3.29
CA GLU A 1881 75.80 -26.67 -2.27
C GLU A 1881 75.89 -25.78 -1.04
N ILE A 1882 75.71 -24.46 -1.21
CA ILE A 1882 75.66 -23.57 -0.06
C ILE A 1882 74.39 -23.83 0.73
N LYS A 1883 73.32 -24.17 0.03
CA LYS A 1883 72.13 -24.70 0.69
C LYS A 1883 72.39 -26.06 1.30
N LYS A 1884 73.13 -26.92 0.58
CA LYS A 1884 73.56 -28.18 1.18
C LYS A 1884 74.53 -27.94 2.33
N ASP A 1885 75.28 -26.83 2.26
CA ASP A 1885 76.00 -26.35 3.43
C ASP A 1885 75.04 -25.78 4.47
N ILE A 1886 73.98 -25.10 4.03
CA ILE A 1886 73.01 -24.57 4.98
C ILE A 1886 72.19 -25.71 5.58
N ILE A 1887 71.95 -26.77 4.80
CA ILE A 1887 71.29 -27.95 5.34
C ILE A 1887 72.21 -28.71 6.29
N LYS A 1888 73.52 -28.52 6.14
CA LYS A 1888 74.46 -29.10 7.10
C LYS A 1888 74.34 -28.41 8.45
N PHE A 1889 74.13 -27.09 8.45
CA PHE A 1889 73.80 -26.40 9.70
C PHE A 1889 72.45 -26.84 10.22
N CYS A 1890 71.54 -27.20 9.30
CA CYS A 1890 70.28 -27.80 9.71
C CYS A 1890 70.48 -29.20 10.29
N TRP A 1891 71.55 -29.88 9.90
CA TRP A 1891 71.86 -31.14 10.56
C TRP A 1891 72.30 -30.90 12.00
N ASN A 1892 73.00 -29.79 12.24
CA ASN A 1892 73.24 -29.36 13.61
C ASN A 1892 71.93 -28.98 14.29
N PHE A 1893 71.00 -28.43 13.53
CA PHE A 1893 69.65 -28.27 14.06
C PHE A 1893 68.95 -29.62 14.20
N ILE A 1894 69.23 -30.55 13.28
CA ILE A 1894 68.72 -31.91 13.46
C ILE A 1894 69.42 -32.57 14.64
N LYS A 1895 70.66 -32.16 14.91
CA LYS A 1895 71.31 -32.58 16.13
C LYS A 1895 70.62 -31.99 17.36
N LEU A 1896 70.07 -30.79 17.25
CA LEU A 1896 69.28 -30.24 18.33
C LEU A 1896 67.96 -30.99 18.45
N GLU A 1897 67.56 -31.33 19.67
CA GLU A 1897 66.33 -32.10 19.89
C GLU A 1897 65.63 -31.62 21.17
N ASP A 1898 64.67 -30.72 20.99
CA ASP A 1898 63.57 -30.52 21.93
C ASP A 1898 62.31 -30.75 21.11
N THR A 1899 61.35 -31.47 21.71
CA THR A 1899 60.49 -32.42 21.00
C THR A 1899 59.78 -31.81 19.79
N LEU A 1900 59.29 -30.58 19.95
CA LEU A 1900 58.70 -29.88 18.82
C LEU A 1900 59.74 -29.65 17.74
N ILE A 1901 60.87 -29.09 18.11
CA ILE A 1901 61.90 -28.74 17.14
C ILE A 1901 62.55 -29.99 16.57
N LYS A 1902 62.54 -31.07 17.34
CA LYS A 1902 63.22 -32.29 16.93
C LYS A 1902 62.54 -32.91 15.72
N GLN A 1903 61.23 -33.08 15.79
CA GLN A 1903 60.50 -33.49 14.61
C GLN A 1903 60.53 -32.40 13.55
N SER A 1904 60.60 -31.14 13.97
CA SER A 1904 60.64 -30.04 13.02
C SER A 1904 61.93 -30.06 12.23
N ALA A 1905 63.03 -30.28 12.91
CA ALA A 1905 64.29 -30.45 12.20
C ALA A 1905 64.27 -31.73 11.39
N TYR A 1906 63.59 -32.76 11.89
CA TYR A 1906 63.35 -33.93 11.07
C TYR A 1906 62.48 -33.58 9.87
N LEU A 1907 61.47 -32.73 10.09
CA LEU A 1907 60.67 -32.23 8.98
C LEU A 1907 61.50 -31.35 8.06
N VAL A 1908 62.42 -30.59 8.64
CA VAL A 1908 63.30 -29.73 7.85
C VAL A 1908 64.22 -30.59 6.99
N THR A 1909 64.64 -31.73 7.52
CA THR A 1909 65.56 -32.59 6.81
C THR A 1909 64.93 -33.17 5.55
N SER A 1910 63.66 -33.57 5.65
CA SER A 1910 63.01 -34.27 4.55
C SER A 1910 62.79 -33.35 3.38
N TYR A 1911 62.39 -32.10 3.65
CA TYR A 1911 62.20 -31.14 2.59
C TYR A 1911 63.51 -30.79 1.93
N PHE A 1912 64.61 -30.84 2.67
CA PHE A 1912 65.91 -30.82 2.03
C PHE A 1912 66.12 -32.08 1.23
N ILE A 1913 65.70 -33.22 1.78
CA ILE A 1913 66.03 -34.51 1.20
C ILE A 1913 65.26 -34.75 -0.09
N SER A 1914 64.01 -34.30 -0.17
CA SER A 1914 63.31 -34.36 -1.45
C SER A 1914 63.96 -33.42 -2.44
N LYS A 1915 64.38 -32.25 -1.97
CA LYS A 1915 65.00 -31.28 -2.85
C LYS A 1915 66.43 -31.70 -3.19
N PHE A 1916 67.28 -31.84 -2.18
CA PHE A 1916 68.68 -32.10 -2.46
C PHE A 1916 68.90 -33.57 -2.78
N ASP A 1917 70.07 -33.86 -3.34
CA ASP A 1917 70.49 -35.24 -3.56
C ASP A 1917 70.71 -35.91 -2.20
N PHE A 1918 70.50 -37.22 -2.17
CA PHE A 1918 70.48 -37.91 -0.90
C PHE A 1918 71.39 -39.13 -0.92
N PRO A 1919 72.27 -39.28 0.08
CA PRO A 1919 72.94 -40.57 0.27
C PRO A 1919 71.96 -41.63 0.72
N ILE A 1920 72.23 -42.87 0.30
CA ILE A 1920 71.36 -43.98 0.63
C ILE A 1920 71.41 -44.27 2.12
N LYS A 1921 72.60 -44.17 2.72
CA LYS A 1921 72.74 -44.33 4.16
C LYS A 1921 72.02 -43.20 4.90
N VAL A 1922 72.06 -42.00 4.33
CA VAL A 1922 71.20 -40.96 4.85
C VAL A 1922 69.73 -41.25 4.52
N VAL A 1923 69.46 -41.96 3.42
CA VAL A 1923 68.07 -42.22 3.03
C VAL A 1923 67.43 -43.24 3.95
N THR A 1924 68.18 -44.29 4.29
CA THR A 1924 67.64 -45.29 5.20
C THR A 1924 67.54 -44.74 6.62
N GLN A 1925 68.55 -43.99 7.06
CA GLN A 1925 68.55 -43.47 8.43
C GLN A 1925 67.44 -42.45 8.63
N VAL A 1926 67.12 -41.67 7.59
CA VAL A 1926 66.00 -40.76 7.69
C VAL A 1926 64.70 -41.53 7.69
N PHE A 1927 64.62 -42.61 6.92
CA PHE A 1927 63.49 -43.52 7.03
C PHE A 1927 63.48 -44.21 8.38
N VAL A 1928 64.66 -44.46 8.94
CA VAL A 1928 64.76 -44.92 10.32
C VAL A 1928 64.37 -43.81 11.28
N ALA A 1929 64.78 -42.58 10.96
CA ALA A 1929 64.30 -41.44 11.74
C ALA A 1929 62.82 -41.25 11.55
N LEU A 1930 62.31 -41.54 10.35
CA LEU A 1930 60.88 -41.61 10.12
C LEU A 1930 60.24 -42.72 10.94
N LEU A 1931 60.97 -43.80 11.18
CA LEU A 1931 60.43 -44.84 12.02
C LEU A 1931 60.40 -44.46 13.49
N ARG A 1932 61.08 -43.38 13.88
CA ARG A 1932 61.11 -42.94 15.27
C ARG A 1932 60.08 -41.83 15.44
N SER A 1933 58.93 -42.18 15.99
CA SER A 1933 57.86 -41.23 16.26
C SER A 1933 57.98 -40.74 17.71
N SER A 1934 56.95 -40.04 18.17
CA SER A 1934 56.99 -39.41 19.48
C SER A 1934 55.58 -39.38 20.05
N HIS A 1935 55.36 -38.52 21.05
CA HIS A 1935 54.07 -38.42 21.73
C HIS A 1935 53.13 -37.43 21.05
N VAL A 1936 53.51 -36.16 21.02
CA VAL A 1936 52.70 -35.15 20.33
C VAL A 1936 53.05 -35.24 18.86
N GLU A 1937 52.29 -36.05 18.13
CA GLU A 1937 52.76 -36.63 16.88
C GLU A 1937 52.82 -35.58 15.77
N ALA A 1938 54.01 -35.33 15.27
CA ALA A 1938 54.13 -34.55 14.04
C ALA A 1938 53.89 -35.46 12.84
N ARG A 1939 52.71 -36.06 12.80
CA ARG A 1939 52.39 -36.96 11.71
C ARG A 1939 52.16 -36.20 10.44
N TYR A 1940 51.71 -34.95 10.58
CA TYR A 1940 51.48 -34.04 9.46
C TYR A 1940 52.76 -33.84 8.68
N LEU A 1941 53.85 -33.58 9.39
CA LEU A 1941 55.15 -33.61 8.78
C LEU A 1941 55.53 -35.02 8.34
N VAL A 1942 55.20 -36.01 9.17
CA VAL A 1942 55.64 -37.37 8.89
C VAL A 1942 54.93 -37.91 7.66
N LYS A 1943 53.65 -37.60 7.52
CA LYS A 1943 52.99 -37.90 6.27
C LYS A 1943 53.58 -37.11 5.12
N GLN A 1944 53.93 -35.85 5.38
CA GLN A 1944 54.58 -35.05 4.35
C GLN A 1944 55.99 -35.54 4.08
N SER A 1945 56.71 -35.98 5.11
CA SER A 1945 58.03 -36.56 4.89
C SER A 1945 57.90 -37.89 4.14
N LEU A 1946 56.85 -38.65 4.45
CA LEU A 1946 56.51 -39.80 3.63
C LEU A 1946 56.15 -39.35 2.22
N ASP A 1947 55.38 -38.26 2.12
CA ASP A 1947 55.04 -37.71 0.82
C ASP A 1947 56.28 -37.18 0.09
N VAL A 1948 57.36 -36.90 0.82
CA VAL A 1948 58.64 -36.69 0.15
C VAL A 1948 59.22 -38.03 -0.27
N LEU A 1949 59.36 -38.95 0.69
CA LEU A 1949 60.24 -40.10 0.49
C LEU A 1949 59.58 -41.16 -0.37
N THR A 1950 58.30 -41.46 -0.11
CA THR A 1950 57.60 -42.51 -0.85
C THR A 1950 57.56 -42.30 -2.36
N PRO A 1951 57.62 -41.07 -2.90
CA PRO A 1951 58.08 -40.96 -4.29
C PRO A 1951 59.53 -41.33 -4.47
N VAL A 1952 60.42 -40.79 -3.64
CA VAL A 1952 61.82 -40.69 -4.00
C VAL A 1952 62.52 -42.05 -3.90
N LEU A 1953 62.33 -42.75 -2.78
CA LEU A 1953 62.97 -44.06 -2.60
C LEU A 1953 62.36 -45.09 -3.55
N HIS A 1954 61.04 -45.01 -3.78
CA HIS A 1954 60.38 -45.93 -4.70
C HIS A 1954 60.77 -45.64 -6.14
N GLU A 1955 61.00 -44.38 -6.48
CA GLU A 1955 61.60 -44.07 -7.77
C GLU A 1955 63.03 -44.58 -7.84
N ARG A 1956 63.79 -44.44 -6.73
CA ARG A 1956 65.10 -45.04 -6.65
C ARG A 1956 65.02 -46.57 -6.61
N MET A 1957 63.99 -47.11 -5.95
CA MET A 1957 63.74 -48.55 -6.06
C MET A 1957 63.27 -48.91 -7.47
N ASN A 1958 62.59 -48.00 -8.16
CA ASN A 1958 62.35 -48.20 -9.58
C ASN A 1958 63.63 -48.07 -10.36
N ALA A 1959 64.54 -47.22 -9.90
CA ALA A 1959 65.81 -47.04 -10.60
C ALA A 1959 66.70 -48.27 -10.42
N ALA A 1960 66.56 -48.99 -9.31
CA ALA A 1960 67.24 -50.27 -9.17
C ALA A 1960 66.35 -51.35 -9.76
N ASP A 1964 66.22 -54.05 -3.14
CA ASP A 1964 65.13 -53.86 -2.19
C ASP A 1964 65.58 -54.04 -0.75
N THR A 1965 66.84 -53.66 -0.49
CA THR A 1965 67.43 -53.88 0.82
C THR A 1965 66.84 -52.94 1.87
N TRP A 1966 66.35 -51.78 1.43
CA TRP A 1966 65.75 -50.83 2.37
C TRP A 1966 64.48 -51.38 2.98
N ILE A 1967 63.68 -52.09 2.19
CA ILE A 1967 62.42 -52.67 2.68
C ILE A 1967 62.68 -53.77 3.68
N ASN A 1968 63.74 -54.55 3.47
CA ASN A 1968 64.10 -55.57 4.45
C ASN A 1968 64.55 -54.94 5.74
N TRP A 1969 65.36 -53.88 5.66
CA TRP A 1969 65.72 -53.11 6.84
C TRP A 1969 64.50 -52.42 7.42
N VAL A 1970 63.59 -51.98 6.56
CA VAL A 1970 62.32 -51.48 7.04
C VAL A 1970 61.54 -52.57 7.73
N LYS A 1971 61.56 -53.79 7.17
CA LYS A 1971 60.76 -54.88 7.72
C LYS A 1971 61.24 -55.26 9.11
N ARG A 1972 62.56 -55.25 9.31
CA ARG A 1972 63.12 -55.39 10.65
C ARG A 1972 62.68 -54.25 11.54
N VAL A 1973 62.71 -53.04 11.02
CA VAL A 1973 62.20 -51.89 11.76
C VAL A 1973 60.71 -52.02 11.97
N MET A 1974 59.98 -52.49 10.96
CA MET A 1974 58.56 -52.77 11.11
C MET A 1974 58.33 -53.81 12.19
N VAL A 1975 59.18 -54.82 12.22
CA VAL A 1975 59.22 -55.77 13.32
C VAL A 1975 59.56 -55.07 14.63
N GLU A 1976 60.40 -54.04 14.56
CA GLU A 1976 60.79 -53.30 15.74
C GLU A 1976 59.76 -52.24 16.14
N ASN A 1977 58.49 -52.38 15.76
CA ASN A 1977 57.49 -51.34 16.00
C ASN A 1977 57.21 -51.14 17.48
N SER A 1978 57.24 -52.23 18.25
CA SER A 1978 56.88 -52.29 19.67
C SER A 1978 55.47 -51.74 19.89
N SER A 1979 54.51 -52.46 19.29
CA SER A 1979 53.06 -52.27 19.39
C SER A 1979 52.56 -50.99 18.76
N SER A 1980 53.42 -50.25 18.05
CA SER A 1980 53.07 -48.94 17.54
C SER A 1980 52.23 -49.09 16.29
N GLN A 1981 50.96 -48.72 16.38
CA GLN A 1981 50.12 -48.63 15.21
C GLN A 1981 50.36 -47.35 14.43
N ASN A 1982 51.12 -46.42 15.01
CA ASN A 1982 51.61 -45.28 14.24
C ASN A 1982 52.49 -45.76 13.10
N ASN A 1983 53.27 -46.81 13.36
CA ASN A 1983 53.96 -47.50 12.29
C ASN A 1983 52.99 -48.07 11.28
N ILE A 1984 51.86 -48.60 11.77
CA ILE A 1984 50.92 -49.30 10.89
C ILE A 1984 50.22 -48.31 9.97
N LEU A 1985 49.81 -47.17 10.52
CA LEU A 1985 49.18 -46.15 9.69
C LEU A 1985 50.18 -45.54 8.73
N TYR A 1986 51.44 -45.40 9.17
CA TYR A 1986 52.53 -45.08 8.24
C TYR A 1986 52.71 -46.18 7.22
N GLN A 1987 52.55 -47.44 7.64
CA GLN A 1987 52.71 -48.54 6.71
C GLN A 1987 51.55 -48.61 5.73
N PHE A 1988 50.40 -48.06 6.12
CA PHE A 1988 49.23 -48.01 5.23
C PHE A 1988 49.49 -47.12 4.03
N LEU A 1989 50.15 -45.99 4.25
CA LEU A 1989 50.63 -45.19 3.13
C LEU A 1989 51.74 -45.91 2.41
N ILE A 1990 52.66 -46.51 3.17
CA ILE A 1990 53.82 -47.18 2.61
C ILE A 1990 53.47 -48.47 1.91
N SER A 1991 52.28 -49.03 2.15
CA SER A 1991 51.88 -50.23 1.44
C SER A 1991 51.43 -49.95 0.03
N HIS A 1992 51.07 -48.71 -0.28
CA HIS A 1992 50.73 -48.38 -1.67
C HIS A 1992 51.94 -48.48 -2.59
N PRO A 1993 53.15 -48.05 -2.22
CA PRO A 1993 54.32 -48.52 -2.98
C PRO A 1993 54.62 -49.97 -2.74
N ASP A 1994 54.37 -50.46 -1.52
CA ASP A 1994 54.81 -51.82 -1.18
C ASP A 1994 53.91 -52.88 -1.81
N LEU A 1995 52.61 -52.61 -1.95
CA LEU A 1995 51.78 -53.53 -2.73
C LEU A 1995 52.01 -53.35 -4.22
N PHE A 1996 52.38 -52.14 -4.65
CA PHE A 1996 52.94 -51.97 -5.98
C PHE A 1996 54.26 -52.73 -6.10
N PHE A 1997 55.05 -52.74 -5.03
CA PHE A 1997 56.23 -53.60 -5.01
C PHE A 1997 55.83 -55.06 -4.93
N ASN A 1998 54.91 -55.40 -4.02
CA ASN A 1998 54.33 -56.74 -3.81
C ASN A 1998 55.41 -57.78 -3.48
N SER A 1999 56.10 -57.54 -2.37
CA SER A 1999 57.18 -58.45 -1.95
C SER A 1999 56.73 -59.47 -0.91
N ARG A 2000 56.34 -59.01 0.28
CA ARG A 2000 55.92 -59.88 1.36
C ARG A 2000 54.50 -59.47 1.73
N ASP A 2001 53.55 -59.88 0.89
CA ASP A 2001 52.18 -59.42 1.05
C ASP A 2001 51.47 -60.15 2.17
N LEU A 2002 51.57 -61.48 2.19
CA LEU A 2002 50.92 -62.26 3.23
C LEU A 2002 51.62 -62.07 4.56
N PHE A 2003 52.94 -61.81 4.53
CA PHE A 2003 53.67 -61.47 5.74
C PHE A 2003 53.17 -60.16 6.33
N ILE A 2004 52.89 -59.19 5.47
CA ILE A 2004 52.26 -57.95 5.92
C ILE A 2004 50.85 -58.24 6.41
N SER A 2005 50.14 -59.14 5.71
CA SER A 2005 48.78 -59.48 6.13
C SER A 2005 48.78 -60.31 7.40
N ASN A 2006 49.80 -61.16 7.60
CA ASN A 2006 49.91 -61.90 8.85
C ASN A 2006 50.19 -60.96 10.01
N ILE A 2007 50.96 -59.91 9.76
CA ILE A 2007 51.09 -58.83 10.73
C ILE A 2007 49.76 -58.13 10.92
N ILE A 2008 48.98 -58.02 9.83
CA ILE A 2008 47.74 -57.25 9.87
C ILE A 2008 46.68 -57.99 10.67
N HIS A 2009 46.67 -59.32 10.60
CA HIS A 2009 45.75 -60.08 11.43
C HIS A 2009 46.15 -60.04 12.89
N HIS A 2010 47.45 -60.06 13.18
CA HIS A 2010 47.92 -59.79 14.53
C HIS A 2010 47.63 -58.36 14.92
N MET A 2011 47.62 -57.45 13.94
CA MET A 2011 47.14 -56.09 14.18
C MET A 2011 45.62 -56.05 14.24
N ASN A 2012 44.93 -56.92 13.50
CA ASN A 2012 43.50 -57.06 13.68
C ASN A 2012 43.19 -57.63 15.05
N LYS A 2013 44.06 -58.53 15.52
CA LYS A 2013 43.97 -58.98 16.90
C LYS A 2013 44.29 -57.85 17.87
N ILE A 2014 45.11 -56.89 17.45
CA ILE A 2014 45.56 -55.84 18.35
C ILE A 2014 44.43 -54.85 18.65
N THR A 2015 43.69 -54.43 17.62
CA THR A 2015 42.52 -53.59 17.86
C THR A 2015 41.42 -54.34 18.57
N PHE A 2016 41.38 -55.67 18.39
CA PHE A 2016 40.48 -56.55 19.11
C PHE A 2016 40.84 -56.59 20.60
N SER A 2022 37.52 -47.82 14.72
CA SER A 2022 37.32 -48.31 13.37
C SER A 2022 38.56 -48.03 12.53
N ASP A 2023 39.65 -47.68 13.22
CA ASP A 2023 40.86 -47.25 12.53
C ASP A 2023 41.55 -48.43 11.85
N SER A 2024 41.66 -49.55 12.57
CA SER A 2024 42.31 -50.73 12.00
C SER A 2024 41.53 -51.30 10.83
N HIS A 2025 40.20 -51.12 10.85
CA HIS A 2025 39.36 -51.62 9.77
C HIS A 2025 39.66 -50.93 8.45
N THR A 2026 39.84 -49.61 8.49
CA THR A 2026 40.21 -48.87 7.28
C THR A 2026 41.58 -49.29 6.81
N LEU A 2027 42.50 -49.50 7.76
CA LEU A 2027 43.78 -50.10 7.44
C LEU A 2027 43.60 -51.50 6.87
N ALA A 2028 42.67 -52.27 7.46
CA ALA A 2028 42.33 -53.55 6.87
C ALA A 2028 41.63 -53.37 5.54
N ILE A 2029 40.86 -52.29 5.39
CA ILE A 2029 40.20 -52.02 4.11
C ILE A 2029 41.23 -51.63 3.05
N ASP A 2030 42.23 -50.86 3.45
CA ASP A 2030 43.32 -50.53 2.53
C ASP A 2030 44.12 -51.76 2.18
N LEU A 2031 44.45 -52.57 3.19
CA LEU A 2031 45.29 -53.74 2.97
C LEU A 2031 44.56 -54.79 2.17
N ALA A 2032 43.25 -54.93 2.38
CA ALA A 2032 42.45 -55.78 1.51
C ALA A 2032 42.45 -55.23 0.10
N SER A 2033 42.27 -53.92 -0.03
CA SER A 2033 42.24 -53.30 -1.35
C SER A 2033 43.60 -53.39 -2.04
N LEU A 2034 44.67 -53.28 -1.26
CA LEU A 2034 46.01 -53.45 -1.81
C LEU A 2034 46.20 -54.87 -2.30
N ILE A 2035 45.80 -55.85 -1.49
CA ILE A 2035 45.84 -57.24 -1.89
C ILE A 2035 44.86 -57.48 -3.03
N LEU A 2036 43.74 -56.77 -3.03
CA LEU A 2036 42.81 -56.88 -4.15
C LEU A 2036 43.39 -56.26 -5.41
N TYR A 2037 44.17 -55.19 -5.25
CA TYR A 2037 44.70 -54.49 -6.42
C TYR A 2037 45.74 -55.31 -7.17
N TRP A 2038 46.62 -56.01 -6.44
CA TRP A 2038 47.64 -56.82 -7.11
C TRP A 2038 47.03 -58.05 -7.77
N GLU A 2039 46.16 -58.74 -7.05
CA GLU A 2039 45.57 -59.99 -7.51
C GLU A 2039 44.56 -59.79 -8.63
N ASN A 2040 43.90 -58.63 -8.68
CA ASN A 2040 43.02 -58.35 -9.81
C ASN A 2040 43.82 -57.99 -11.05
N LYS A 2041 44.92 -57.26 -10.87
CA LYS A 2041 45.76 -56.84 -11.99
C LYS A 2041 46.55 -58.01 -12.57
N SER A 2089 45.41 -65.79 2.90
CA SER A 2089 44.54 -66.83 2.39
C SER A 2089 43.09 -66.39 2.42
N LEU A 2090 42.26 -67.12 1.68
CA LEU A 2090 40.81 -66.88 1.71
C LEU A 2090 40.23 -67.14 3.09
N HIS A 2091 40.85 -68.05 3.85
CA HIS A 2091 40.45 -68.27 5.24
C HIS A 2091 40.74 -67.04 6.07
N LEU A 2092 41.91 -66.42 5.85
CA LEU A 2092 42.17 -65.12 6.45
C LEU A 2092 41.19 -64.08 5.93
N ARG A 2093 40.81 -64.18 4.64
CA ARG A 2093 39.73 -63.34 4.12
C ARG A 2093 38.39 -63.73 4.73
N GLU A 2094 38.20 -65.01 5.04
CA GLU A 2094 37.02 -65.42 5.78
C GLU A 2094 37.07 -64.92 7.21
N ALA A 2095 38.25 -64.98 7.83
CA ALA A 2095 38.43 -64.39 9.16
C ALA A 2095 38.32 -62.88 9.10
N CYS A 2096 38.62 -62.29 7.95
CA CYS A 2096 38.45 -60.85 7.77
C CYS A 2096 36.98 -60.48 7.78
N THR A 2097 36.14 -61.31 7.17
CA THR A 2097 34.70 -61.07 7.22
C THR A 2097 34.15 -61.27 8.62
N ALA A 2098 34.78 -62.16 9.40
CA ALA A 2098 34.35 -62.39 10.78
C ALA A 2098 34.61 -61.16 11.64
N PHE A 2099 35.71 -60.45 11.40
CA PHE A 2099 35.96 -59.21 12.11
C PHE A 2099 35.02 -58.11 11.64
N LEU A 2100 34.69 -58.10 10.34
CA LEU A 2100 33.77 -57.09 9.80
C LEU A 2100 32.37 -57.26 10.37
N ILE A 2101 31.96 -58.51 10.59
CA ILE A 2101 30.71 -58.77 11.30
C ILE A 2101 30.84 -58.39 12.76
N ARG A 2102 31.97 -58.75 13.38
CA ARG A 2102 32.17 -58.46 14.79
C ARG A 2102 32.33 -56.97 15.04
N TYR A 2103 32.83 -56.23 14.05
CA TYR A 2103 32.87 -54.78 14.17
C TYR A 2103 31.47 -54.19 14.14
N VAL A 2104 30.57 -54.81 13.37
CA VAL A 2104 29.19 -54.34 13.35
C VAL A 2104 28.46 -54.75 14.62
N CYS A 2105 28.78 -55.94 15.15
CA CYS A 2105 28.04 -56.45 16.32
C CYS A 2105 28.44 -55.74 17.60
N ALA A 2106 29.63 -55.17 17.66
CA ALA A 2106 30.06 -54.36 18.79
C ALA A 2106 29.88 -52.90 18.35
N SER A 2107 28.65 -52.43 18.46
CA SER A 2107 28.32 -51.06 18.08
C SER A 2107 27.21 -50.53 18.98
N GLU A 2115 28.46 -47.44 7.00
CA GLU A 2115 29.86 -47.05 6.95
C GLU A 2115 30.53 -47.67 5.72
N LEU A 2116 31.86 -47.65 5.68
CA LEU A 2116 32.58 -48.23 4.55
C LEU A 2116 32.57 -49.76 4.63
N GLY A 2117 32.44 -50.30 5.83
CA GLY A 2117 32.64 -51.74 6.05
C GLY A 2117 31.60 -52.62 5.41
N LEU A 2118 30.42 -52.07 5.13
CA LEU A 2118 29.50 -52.79 4.26
C LEU A 2118 30.06 -52.86 2.85
N ARG A 2119 30.51 -51.71 2.32
CA ARG A 2119 31.09 -51.66 0.99
C ARG A 2119 32.41 -52.39 0.95
N ALA A 2120 33.13 -52.41 2.06
CA ALA A 2120 34.35 -53.21 2.13
C ALA A 2120 34.04 -54.69 2.14
N ILE A 2121 32.86 -55.08 2.64
CA ILE A 2121 32.47 -56.48 2.49
C ILE A 2121 32.06 -56.76 1.05
N ASN A 2122 31.63 -55.73 0.32
CA ASN A 2122 31.22 -55.91 -1.08
C ASN A 2122 32.42 -56.03 -2.00
N ILE A 2123 33.49 -55.30 -1.73
CA ILE A 2123 34.75 -55.58 -2.40
C ILE A 2123 35.30 -56.92 -1.93
N LEU A 2124 35.07 -57.26 -0.65
CA LEU A 2124 35.38 -58.60 -0.18
C LEU A 2124 34.46 -59.63 -0.82
N SER A 2125 33.24 -59.24 -1.17
CA SER A 2125 32.35 -60.14 -1.89
C SER A 2125 32.88 -60.40 -3.29
N GLU A 2126 33.35 -59.35 -3.98
CA GLU A 2126 33.96 -59.53 -5.29
C GLU A 2126 35.34 -60.17 -5.21
N LEU A 2127 35.98 -60.15 -4.04
CA LEU A 2127 37.24 -60.82 -3.87
C LEU A 2127 37.06 -62.28 -3.48
N ILE A 2128 36.14 -62.57 -2.56
CA ILE A 2128 35.86 -63.94 -2.19
C ILE A 2128 35.07 -64.68 -3.26
N SER A 2129 34.54 -63.95 -4.24
CA SER A 2129 34.02 -64.53 -5.47
C SER A 2129 34.83 -63.99 -6.63
N ASP A 2130 36.15 -64.13 -6.57
CA ASP A 2130 37.05 -63.59 -7.57
C ASP A 2130 36.92 -64.29 -8.91
N VAL A 2138 30.79 -69.84 9.03
CA VAL A 2138 31.85 -69.17 8.28
C VAL A 2138 31.57 -69.40 6.82
N LYS A 2139 30.98 -70.56 6.50
CA LYS A 2139 30.45 -70.78 5.17
C LYS A 2139 29.20 -69.94 4.94
N LEU A 2140 28.14 -70.22 5.69
CA LEU A 2140 27.06 -69.25 5.86
C LEU A 2140 26.41 -69.29 7.24
N VAL A 2141 26.96 -70.03 8.20
CA VAL A 2141 26.10 -70.58 9.25
C VAL A 2141 26.58 -70.28 10.67
N TYR A 2142 27.68 -69.54 10.82
CA TYR A 2142 28.23 -69.31 12.15
C TYR A 2142 27.64 -68.10 12.85
N PHE A 2143 26.45 -67.68 12.45
CA PHE A 2143 25.79 -66.53 13.06
C PHE A 2143 24.31 -66.85 13.31
N GLU A 2144 24.05 -68.03 13.88
CA GLU A 2144 22.67 -68.40 14.19
C GLU A 2144 22.08 -67.53 15.29
N LYS A 2145 22.92 -67.01 16.19
CA LYS A 2145 22.48 -66.06 17.20
C LYS A 2145 22.59 -64.62 16.73
N PHE A 2146 23.43 -64.38 15.74
CA PHE A 2146 23.63 -63.06 15.17
C PHE A 2146 23.07 -62.99 13.75
N ILE A 2157 18.96 -57.78 17.80
CA ILE A 2157 18.15 -56.59 17.62
C ILE A 2157 18.80 -55.70 16.58
N LEU A 2158 19.63 -54.77 17.06
CA LEU A 2158 20.57 -54.10 16.17
C LEU A 2158 21.54 -55.10 15.59
N TYR A 2159 21.96 -56.08 16.40
CA TYR A 2159 22.78 -57.18 15.91
C TYR A 2159 22.00 -58.02 14.91
N TYR A 2160 20.71 -58.24 15.16
CA TYR A 2160 19.88 -58.97 14.20
C TYR A 2160 19.67 -58.15 12.93
N CYS A 2161 19.48 -56.84 13.07
CA CYS A 2161 19.27 -55.99 11.91
C CYS A 2161 20.54 -55.84 11.10
N MET A 2162 21.70 -55.72 11.77
CA MET A 2162 22.96 -55.63 11.06
C MET A 2162 23.25 -56.92 10.29
N ASN A 2163 22.93 -58.07 10.89
CA ASN A 2163 23.08 -59.34 10.21
C ASN A 2163 22.03 -59.51 9.12
N ALA A 2164 20.86 -58.88 9.28
CA ALA A 2164 19.88 -58.86 8.21
C ALA A 2164 20.41 -58.15 6.99
N LEU A 2165 21.10 -57.03 7.20
CA LEU A 2165 21.79 -56.38 6.09
C LEU A 2165 22.96 -57.22 5.59
N ASP A 2166 23.67 -57.88 6.51
CA ASP A 2166 24.87 -58.63 6.15
C ASP A 2166 24.53 -59.88 5.35
N VAL A 2167 23.53 -60.64 5.82
CA VAL A 2167 23.12 -61.84 5.11
C VAL A 2167 22.51 -61.50 3.78
N LEU A 2168 21.90 -60.31 3.66
CA LEU A 2168 21.37 -59.84 2.39
C LEU A 2168 22.48 -59.66 1.37
N TYR A 2169 23.52 -58.93 1.75
CA TYR A 2169 24.67 -58.79 0.86
C TYR A 2169 25.39 -60.11 0.69
N VAL A 2170 25.37 -60.96 1.72
CA VAL A 2170 25.94 -62.30 1.59
C VAL A 2170 25.16 -63.11 0.58
N PHE A 2171 23.84 -63.01 0.62
CA PHE A 2171 23.05 -63.73 -0.35
C PHE A 2171 23.12 -63.09 -1.72
N PHE A 2172 23.06 -61.76 -1.79
CA PHE A 2172 23.00 -61.08 -3.09
C PHE A 2172 24.29 -61.30 -3.87
N LYS A 2173 25.41 -61.36 -3.17
CA LYS A 2173 26.67 -61.66 -3.83
C LYS A 2173 26.77 -63.13 -4.24
N ASN A 2174 26.50 -64.05 -3.31
CA ASN A 2174 26.70 -65.47 -3.58
C ASN A 2174 25.63 -66.03 -4.50
N LYS A 2175 24.58 -65.28 -4.79
CA LYS A 2175 23.61 -65.66 -5.81
C LYS A 2175 24.22 -65.76 -7.20
N THR A 2176 24.76 -64.64 -7.69
CA THR A 2176 25.27 -64.53 -9.05
C THR A 2176 24.25 -64.88 -10.11
N ILE A 2180 22.10 -72.56 -6.07
CA ILE A 2180 21.23 -71.40 -5.94
C ILE A 2180 19.81 -71.84 -5.66
N MET A 2181 19.25 -72.61 -6.59
CA MET A 2181 17.84 -73.00 -6.52
C MET A 2181 17.57 -73.98 -5.38
N GLU A 2182 18.61 -74.67 -4.90
CA GLU A 2182 18.49 -75.43 -3.66
C GLU A 2182 19.00 -74.64 -2.47
N ASN A 2183 20.02 -73.82 -2.69
CA ASN A 2183 20.64 -73.06 -1.60
C ASN A 2183 19.68 -72.02 -1.06
N LEU A 2184 18.96 -71.35 -1.96
CA LEU A 2184 18.05 -70.30 -1.51
C LEU A 2184 16.88 -70.80 -0.66
N PRO A 2185 16.19 -71.92 -0.96
CA PRO A 2185 15.26 -72.45 0.04
C PRO A 2185 15.96 -72.98 1.26
N THR A 2186 17.18 -73.49 1.10
CA THR A 2186 17.99 -73.80 2.28
C THR A 2186 18.37 -72.52 3.00
N ILE A 2187 18.63 -71.45 2.25
CA ILE A 2187 18.75 -70.15 2.89
C ILE A 2187 17.41 -69.70 3.42
N GLN A 2188 16.32 -70.01 2.70
CA GLN A 2188 15.00 -69.71 3.24
C GLN A 2188 14.67 -70.61 4.42
N ASN A 2189 15.25 -71.82 4.44
CA ASN A 2189 15.20 -72.63 5.66
C ASN A 2189 15.91 -71.93 6.80
N LEU A 2190 17.07 -71.35 6.53
CA LEU A 2190 17.71 -70.50 7.54
C LEU A 2190 16.91 -69.21 7.75
N LEU A 2191 16.32 -68.67 6.68
CA LEU A 2191 15.53 -67.45 6.82
C LEU A 2191 14.22 -67.71 7.55
N GLU A 2192 13.63 -68.88 7.37
CA GLU A 2192 12.48 -69.25 8.18
C GLU A 2192 12.90 -69.48 9.63
N LYS A 2193 14.13 -69.96 9.85
CA LYS A 2193 14.62 -70.15 11.20
C LYS A 2193 14.81 -68.81 11.92
N CYS A 2194 15.42 -67.84 11.25
CA CYS A 2194 15.72 -66.54 11.87
C CYS A 2194 14.62 -65.54 11.53
N ILE A 2195 13.43 -65.80 12.03
CA ILE A 2195 12.26 -64.98 11.73
C ILE A 2195 11.96 -63.97 12.83
N LYS A 2196 13.00 -63.47 13.50
CA LYS A 2196 12.82 -62.60 14.66
C LYS A 2196 12.23 -61.24 14.29
N ASP A 2201 12.96 -50.49 9.58
CA ASP A 2201 12.79 -51.59 10.50
C ASP A 2201 13.66 -52.76 10.10
N VAL A 2202 13.80 -53.73 11.00
CA VAL A 2202 14.47 -54.98 10.65
C VAL A 2202 13.65 -55.73 9.62
N GLN A 2203 12.33 -55.64 9.72
CA GLN A 2203 11.48 -56.20 8.67
C GLN A 2203 11.62 -55.43 7.37
N GLU A 2204 11.87 -54.11 7.45
CA GLU A 2204 12.18 -53.36 6.25
C GLU A 2204 13.53 -53.76 5.68
N ALA A 2205 14.48 -54.09 6.55
CA ALA A 2205 15.73 -54.69 6.08
C ALA A 2205 15.47 -56.08 5.53
N LEU A 2206 14.54 -56.81 6.15
CA LEU A 2206 14.12 -58.09 5.60
C LEU A 2206 13.40 -57.92 4.28
N GLN A 2207 12.71 -56.80 4.09
CA GLN A 2207 12.12 -56.50 2.79
C GLN A 2207 13.22 -56.27 1.75
N LYS A 2208 14.32 -55.63 2.16
CA LYS A 2208 15.47 -55.48 1.28
C LYS A 2208 16.12 -56.84 1.01
N VAL A 2209 16.14 -57.71 2.01
CA VAL A 2209 16.64 -59.06 1.79
C VAL A 2209 15.69 -59.84 0.91
N LEU A 2210 14.39 -59.65 1.11
CA LEU A 2210 13.42 -60.25 0.22
C LEU A 2210 13.51 -59.64 -1.17
N GLN A 2211 13.85 -58.34 -1.25
CA GLN A 2211 14.08 -57.73 -2.56
C GLN A 2211 15.34 -58.27 -3.19
N VAL A 2212 16.33 -58.58 -2.37
CA VAL A 2212 17.48 -59.33 -2.87
C VAL A 2212 17.06 -60.75 -3.22
N ILE A 2213 16.15 -61.32 -2.42
CA ILE A 2213 15.60 -62.63 -2.76
C ILE A 2213 14.70 -62.54 -3.98
N MET A 2214 14.12 -61.36 -4.23
CA MET A 2214 13.30 -61.17 -5.41
C MET A 2214 14.14 -61.10 -6.68
N LYS A 2215 15.31 -60.46 -6.61
CA LYS A 2215 16.25 -60.52 -7.71
C LYS A 2215 16.72 -61.95 -7.95
N ALA A 2216 16.87 -62.72 -6.88
CA ALA A 2216 17.08 -64.16 -7.03
C ALA A 2216 15.82 -64.84 -7.54
N ILE A 2217 14.64 -64.32 -7.21
CA ILE A 2217 13.41 -64.93 -7.67
C ILE A 2217 13.16 -64.67 -9.15
N LYS A 2218 13.85 -63.70 -9.73
CA LYS A 2218 13.92 -63.60 -11.19
C LYS A 2218 14.58 -64.85 -11.76
N ALA A 2219 14.02 -65.34 -12.87
CA ALA A 2219 14.34 -66.65 -13.40
C ALA A 2219 15.24 -66.62 -14.64
N GLN A 2220 14.74 -66.03 -15.74
CA GLN A 2220 15.34 -66.04 -17.10
C GLN A 2220 15.52 -67.47 -17.64
N GLY A 2221 14.37 -68.09 -17.90
CA GLY A 2221 14.35 -69.44 -18.43
C GLY A 2221 14.05 -70.52 -17.42
N VAL A 2222 13.20 -70.24 -16.44
CA VAL A 2222 12.83 -71.23 -15.43
C VAL A 2222 11.33 -71.27 -15.11
N SER A 2223 10.45 -70.79 -16.02
CA SER A 2223 9.06 -70.39 -15.75
C SER A 2223 8.21 -71.37 -14.94
N VAL A 2224 7.90 -72.53 -15.51
CA VAL A 2224 7.23 -73.59 -14.76
C VAL A 2224 8.14 -74.77 -14.50
N ILE A 2225 9.40 -74.71 -14.99
CA ILE A 2225 10.46 -75.53 -14.44
C ILE A 2225 10.52 -75.31 -12.94
N ILE A 2226 10.91 -76.36 -12.20
CA ILE A 2226 10.15 -76.93 -11.08
C ILE A 2226 9.46 -75.95 -10.12
N GLU A 2227 9.98 -74.74 -9.98
CA GLU A 2227 9.34 -73.63 -9.24
C GLU A 2227 9.05 -73.95 -7.77
N SER A 2230 5.32 -72.95 -6.10
CA SER A 2230 6.25 -72.05 -5.45
C SER A 2230 6.10 -72.14 -3.91
N PRO A 2231 6.79 -73.11 -3.30
CA PRO A 2231 6.62 -73.38 -1.87
C PRO A 2231 7.14 -72.26 -0.99
N GLY A 2232 8.33 -71.74 -1.32
CA GLY A 2232 8.88 -70.63 -0.56
C GLY A 2232 8.04 -69.37 -0.70
N LYS A 2233 7.43 -69.18 -1.85
CA LYS A 2233 6.55 -68.03 -2.05
C LYS A 2233 5.26 -68.17 -1.27
N THR A 2234 4.67 -69.37 -1.28
CA THR A 2234 3.38 -69.57 -0.64
C THR A 2234 3.51 -69.55 0.88
N PHE A 2235 4.58 -70.14 1.41
CA PHE A 2235 4.75 -70.19 2.86
C PHE A 2235 4.97 -68.80 3.44
N ILE A 2236 5.64 -67.93 2.68
CA ILE A 2236 5.79 -66.55 3.13
C ILE A 2236 4.47 -65.81 3.03
N GLN A 2237 3.70 -66.08 1.97
CA GLN A 2237 2.54 -65.24 1.64
C GLN A 2237 1.40 -65.45 2.62
N MET A 2238 1.15 -66.68 3.02
CA MET A 2238 0.21 -66.92 4.10
C MET A 2238 0.75 -66.36 5.41
N LEU A 2239 2.06 -66.52 5.65
CA LEU A 2239 2.68 -65.88 6.80
C LEU A 2239 2.68 -64.38 6.66
N THR A 2240 2.62 -63.86 5.43
CA THR A 2240 2.39 -62.43 5.26
C THR A 2240 0.96 -62.05 5.63
N SER A 2241 0.00 -62.88 5.23
CA SER A 2241 -1.40 -62.63 5.58
C SER A 2241 -1.65 -62.80 7.07
N VAL A 2242 -1.06 -63.85 7.67
CA VAL A 2242 -1.28 -64.16 9.08
C VAL A 2242 -0.68 -63.09 9.98
N ILE A 2243 0.51 -62.61 9.62
CA ILE A 2243 1.11 -61.52 10.38
C ILE A 2243 0.30 -60.24 10.21
N THR A 2244 -0.22 -60.02 8.99
CA THR A 2244 -1.03 -58.84 8.73
C THR A 2244 -2.34 -58.87 9.49
N GLN A 2245 -2.97 -60.04 9.58
CA GLN A 2245 -4.32 -60.10 10.09
C GLN A 2245 -4.36 -59.90 11.60
N ASP A 2246 -3.25 -60.17 12.30
CA ASP A 2246 -3.22 -60.12 13.76
C ASP A 2246 -3.52 -58.74 14.33
N LEU A 2247 -2.57 -57.81 14.22
CA LEU A 2247 -2.67 -56.46 14.77
C LEU A 2247 -1.47 -55.60 14.35
N GLN A 2248 -1.74 -54.37 13.91
CA GLN A 2248 -0.75 -53.28 13.79
C GLN A 2248 0.43 -53.60 12.87
N GLU A 2249 0.27 -54.57 11.97
CA GLU A 2249 1.35 -55.04 11.11
C GLU A 2249 1.26 -54.39 9.73
N THR A 2250 0.93 -53.09 9.73
CA THR A 2250 0.64 -52.35 8.50
C THR A 2250 1.85 -52.34 7.57
N SER A 2251 3.02 -51.97 8.09
CA SER A 2251 4.23 -52.04 7.29
C SER A 2251 4.59 -53.48 6.98
N SER A 2252 4.32 -54.39 7.92
CA SER A 2252 4.54 -55.81 7.67
C SER A 2252 3.60 -56.32 6.61
N VAL A 2253 2.35 -55.83 6.60
CA VAL A 2253 1.44 -56.15 5.51
C VAL A 2253 1.98 -55.59 4.21
N THR A 2254 2.50 -54.37 4.26
CA THR A 2254 3.05 -53.72 3.08
C THR A 2254 4.28 -54.43 2.58
N ALA A 2255 5.10 -54.94 3.49
CA ALA A 2255 6.23 -55.76 3.08
C ALA A 2255 5.75 -57.05 2.43
N GLY A 2256 4.74 -57.68 3.04
CA GLY A 2256 4.10 -58.81 2.40
C GLY A 2256 3.37 -58.41 1.14
N VAL A 2257 2.88 -57.18 1.09
CA VAL A 2257 2.36 -56.67 -0.17
C VAL A 2257 3.50 -56.47 -1.15
N THR A 2258 4.62 -55.90 -0.68
CA THR A 2258 5.78 -55.72 -1.55
C THR A 2258 6.37 -57.06 -1.94
N LEU A 2259 6.24 -58.05 -1.04
CA LEU A 2259 6.51 -59.42 -1.44
C LEU A 2259 5.54 -59.87 -2.52
N ALA A 2260 4.24 -59.63 -2.30
CA ALA A 2260 3.25 -60.02 -3.30
C ALA A 2260 3.40 -59.19 -4.57
N TRP A 2261 3.84 -57.95 -4.42
CA TRP A 2261 4.16 -57.14 -5.59
C TRP A 2261 5.38 -57.70 -6.31
N VAL A 2262 6.38 -58.14 -5.56
CA VAL A 2262 7.48 -58.86 -6.16
C VAL A 2262 6.99 -60.18 -6.72
N LEU A 2263 6.03 -60.80 -6.02
CA LEU A 2263 5.41 -62.02 -6.53
C LEU A 2263 4.61 -61.73 -7.79
N PHE A 2264 3.90 -60.61 -7.82
CA PHE A 2264 3.28 -60.18 -9.06
C PHE A 2264 4.32 -59.76 -10.10
N MET A 2265 5.45 -59.21 -9.64
CA MET A 2265 6.55 -58.95 -10.56
C MET A 2265 7.13 -60.26 -11.08
N ASN A 2266 7.02 -61.32 -10.28
CA ASN A 2266 7.43 -62.64 -10.69
C ASN A 2266 6.33 -63.43 -11.40
N PHE A 2267 5.07 -63.29 -10.99
CA PHE A 2267 4.04 -64.19 -11.47
C PHE A 2267 2.86 -63.44 -12.06
N PRO A 2268 2.21 -64.01 -13.09
CA PRO A 2268 0.97 -63.43 -13.63
C PRO A 2268 -0.28 -63.86 -12.88
N ASP A 2269 -0.11 -64.37 -11.66
CA ASP A 2269 -1.23 -64.79 -10.84
C ASP A 2269 -0.86 -64.78 -9.35
N VAL A 2272 -5.22 -63.01 -7.82
CA VAL A 2272 -6.47 -63.19 -7.09
C VAL A 2272 -6.32 -63.71 -5.63
N PRO A 2273 -5.52 -64.77 -5.36
CA PRO A 2273 -5.38 -65.18 -3.94
C PRO A 2273 -4.56 -64.19 -3.15
N LEU A 2274 -3.71 -63.42 -3.81
CA LEU A 2274 -3.18 -62.25 -3.16
C LEU A 2274 -4.23 -61.16 -3.08
N LEU A 2275 -5.12 -61.08 -4.08
CA LEU A 2275 -6.02 -59.95 -4.18
C LEU A 2275 -7.12 -59.98 -3.13
N THR A 2276 -7.48 -61.14 -2.62
CA THR A 2276 -8.56 -61.21 -1.63
C THR A 2276 -8.14 -60.67 -0.26
N PRO A 2277 -6.95 -60.96 0.27
CA PRO A 2277 -6.46 -60.10 1.37
C PRO A 2277 -6.17 -58.70 0.91
N LEU A 2278 -5.84 -58.49 -0.38
CA LEU A 2278 -5.56 -57.14 -0.84
C LEU A 2278 -6.83 -56.33 -1.00
N MET A 2279 -7.92 -56.98 -1.43
CA MET A 2279 -9.22 -56.31 -1.33
C MET A 2279 -9.59 -56.10 0.12
N LYS A 2280 -9.18 -57.01 1.01
CA LYS A 2280 -9.32 -56.76 2.44
C LYS A 2280 -8.38 -55.66 2.91
N THR A 2281 -7.24 -55.51 2.24
CA THR A 2281 -6.23 -54.55 2.69
C THR A 2281 -6.66 -53.11 2.43
N PHE A 2282 -7.02 -52.79 1.17
CA PHE A 2282 -7.50 -51.45 0.86
C PHE A 2282 -8.83 -51.16 1.54
N SER A 2283 -9.59 -52.20 1.89
CA SER A 2283 -10.72 -52.06 2.81
C SER A 2283 -10.23 -51.67 4.21
N LYS A 2284 -9.30 -52.44 4.76
CA LYS A 2284 -8.75 -52.11 6.06
C LYS A 2284 -7.92 -50.83 6.02
N LEU A 2285 -7.34 -50.48 4.87
CA LEU A 2285 -6.71 -49.17 4.73
C LEU A 2285 -7.75 -48.07 4.68
N CYS A 2286 -8.90 -48.34 4.04
CA CYS A 2286 -9.99 -47.37 4.05
C CYS A 2286 -10.54 -47.16 5.44
N LYS A 2287 -10.62 -48.23 6.23
CA LYS A 2287 -10.88 -48.09 7.66
C LYS A 2287 -9.77 -47.30 8.32
N ASP A 2288 -8.52 -47.58 7.95
CA ASP A 2288 -7.38 -46.84 8.46
C ASP A 2288 -7.33 -45.43 7.91
N HIS A 2289 -7.91 -45.19 6.73
CA HIS A 2289 -7.99 -43.83 6.21
C HIS A 2289 -8.96 -43.00 7.03
N LEU A 2290 -10.15 -43.53 7.30
CA LEU A 2290 -11.15 -42.81 8.10
C LEU A 2290 -10.71 -42.70 9.55
N SER A 2291 -9.98 -43.70 10.04
CA SER A 2291 -9.32 -43.56 11.33
C SER A 2291 -8.26 -42.46 11.30
N ILE A 2292 -7.51 -42.36 10.19
CA ILE A 2292 -6.49 -41.31 10.07
C ILE A 2292 -7.02 -39.99 9.57
N SER A 2293 -8.13 -39.99 8.83
CA SER A 2293 -8.79 -38.75 8.45
C SER A 2293 -9.94 -38.45 9.39
N GLN A 2294 -9.89 -39.02 10.59
CA GLN A 2294 -10.74 -38.54 11.68
C GLN A 2294 -10.43 -37.10 12.08
N PRO A 2295 -9.20 -36.59 12.01
CA PRO A 2295 -9.05 -35.15 11.80
C PRO A 2295 -8.94 -34.85 10.32
N LYS A 2296 -9.41 -33.64 9.97
CA LYS A 2296 -9.46 -33.20 8.57
C LYS A 2296 -8.22 -32.41 8.21
N ASP A 2297 -7.09 -32.79 8.78
CA ASP A 2297 -5.80 -32.23 8.44
C ASP A 2297 -4.97 -33.30 7.75
N ALA A 2300 -2.06 -37.28 12.79
CA ALA A 2300 -1.14 -37.26 13.95
C ALA A 2300 0.08 -36.43 13.51
N LEU A 2301 1.18 -36.48 14.25
CA LEU A 2301 2.42 -35.71 14.00
C LEU A 2301 3.03 -35.76 12.58
N GLU A 2302 3.66 -36.88 12.20
CA GLU A 2302 4.18 -36.97 10.84
C GLU A 2302 4.09 -38.35 10.18
N GLU A 2303 4.21 -39.42 10.97
CA GLU A 2303 4.73 -40.66 10.39
C GLU A 2303 3.63 -41.56 9.85
N ALA A 2304 2.59 -41.80 10.64
CA ALA A 2304 1.61 -42.83 10.32
C ALA A 2304 0.79 -42.47 9.09
N ARG A 2305 0.64 -41.18 8.82
CA ARG A 2305 0.04 -40.77 7.57
C ARG A 2305 0.92 -41.13 6.39
N ILE A 2306 2.19 -40.74 6.45
CA ILE A 2306 3.08 -40.82 5.30
C ILE A 2306 3.43 -42.26 5.00
N THR A 2307 3.47 -43.09 6.05
CA THR A 2307 3.51 -44.54 5.82
C THR A 2307 2.24 -45.00 5.13
N THR A 2308 1.07 -44.71 5.72
CA THR A 2308 -0.19 -45.14 5.13
C THR A 2308 -0.51 -44.39 3.87
N LYS A 2309 0.14 -43.25 3.64
CA LYS A 2309 0.22 -42.71 2.31
C LYS A 2309 0.88 -43.72 1.38
N LEU A 2310 2.15 -44.02 1.65
CA LEU A 2310 2.92 -44.93 0.82
C LEU A 2310 2.40 -46.36 0.92
N LEU A 2311 1.76 -46.71 2.04
CA LEU A 2311 1.15 -48.03 2.14
C LEU A 2311 -0.04 -48.15 1.22
N GLU A 2312 -0.94 -47.17 1.27
CA GLU A 2312 -2.05 -47.19 0.34
C GLU A 2312 -1.59 -46.90 -1.08
N LYS A 2313 -0.50 -46.13 -1.23
CA LYS A 2313 0.03 -45.81 -2.56
C LYS A 2313 0.51 -47.07 -3.26
N VAL A 2314 1.20 -47.93 -2.52
CA VAL A 2314 1.51 -49.25 -3.06
C VAL A 2314 0.23 -50.07 -3.22
N LEU A 2315 -0.68 -49.98 -2.22
CA LEU A 2315 -1.92 -50.75 -2.25
C LEU A 2315 -2.80 -50.35 -3.43
N TYR A 2316 -2.76 -49.07 -3.78
CA TYR A 2316 -3.42 -48.65 -5.00
C TYR A 2316 -2.70 -49.18 -6.22
N ILE A 2317 -1.36 -49.17 -6.18
CA ILE A 2317 -0.54 -49.32 -7.39
C ILE A 2317 -0.72 -50.70 -7.99
N LEU A 2318 -0.91 -51.70 -7.15
CA LEU A 2318 -0.98 -53.07 -7.65
C LEU A 2318 -2.39 -53.45 -8.10
N SER A 2319 -3.40 -53.04 -7.32
CA SER A 2319 -4.77 -53.55 -7.49
C SER A 2319 -5.34 -53.15 -8.84
N LEU A 2320 -4.88 -52.03 -9.37
CA LEU A 2320 -5.18 -51.69 -10.75
C LEU A 2320 -4.25 -52.39 -11.72
N LYS A 2321 -2.98 -52.64 -11.33
CA LYS A 2321 -1.86 -52.79 -12.26
C LYS A 2321 -2.02 -53.92 -13.25
N VAL A 2322 -2.71 -54.98 -12.89
CA VAL A 2322 -2.82 -56.08 -13.84
C VAL A 2322 -4.03 -55.83 -14.74
N SER A 2323 -5.21 -55.99 -14.17
CA SER A 2323 -6.49 -56.01 -14.87
C SER A 2323 -7.56 -56.29 -13.82
N LEU A 2324 -8.82 -56.26 -14.29
CA LEU A 2324 -9.96 -56.91 -13.67
C LEU A 2324 -10.20 -56.40 -12.25
N LEU A 2325 -10.58 -55.13 -12.19
CA LEU A 2325 -11.19 -54.59 -10.99
C LEU A 2325 -12.39 -55.47 -10.65
N GLY A 2326 -12.38 -56.01 -9.43
CA GLY A 2326 -13.12 -57.21 -9.13
C GLY A 2326 -14.63 -57.09 -9.06
N ASP A 2327 -15.24 -58.11 -8.47
CA ASP A 2327 -16.68 -58.04 -8.25
C ASP A 2327 -17.04 -57.03 -7.18
N SER A 2328 -16.10 -56.70 -6.30
CA SER A 2328 -16.32 -55.61 -5.37
C SER A 2328 -15.43 -54.45 -5.79
N ARG A 2329 -15.35 -54.22 -7.10
CA ARG A 2329 -14.85 -52.93 -7.59
C ARG A 2329 -15.77 -51.79 -7.15
N ARG A 2330 -17.05 -52.09 -6.93
CA ARG A 2330 -17.91 -51.17 -6.21
C ARG A 2330 -17.41 -50.88 -4.79
N PRO A 2331 -16.88 -51.86 -4.04
CA PRO A 2331 -16.22 -51.48 -2.78
C PRO A 2331 -14.88 -50.79 -3.01
N PHE A 2332 -14.27 -50.99 -4.18
CA PHE A 2332 -12.96 -50.40 -4.44
C PHE A 2332 -13.03 -48.89 -4.61
N LEU A 2333 -13.99 -48.40 -5.38
CA LEU A 2333 -14.11 -46.95 -5.59
C LEU A 2333 -14.65 -46.26 -4.35
N SER A 2334 -15.31 -47.02 -3.46
CA SER A 2334 -15.87 -46.45 -2.24
C SER A 2334 -14.78 -45.94 -1.31
N THR A 2335 -13.62 -46.60 -1.32
CA THR A 2335 -12.46 -46.02 -0.67
C THR A 2335 -11.97 -44.79 -1.43
N VAL A 2336 -12.03 -44.83 -2.77
CA VAL A 2336 -11.46 -43.78 -3.60
C VAL A 2336 -12.21 -42.46 -3.42
N ALA A 2337 -13.52 -42.55 -3.17
CA ALA A 2337 -14.27 -41.34 -2.86
C ALA A 2337 -13.90 -40.81 -1.47
N LEU A 2338 -13.70 -41.71 -0.51
CA LEU A 2338 -13.21 -41.29 0.79
C LEU A 2338 -11.78 -40.80 0.71
N LEU A 2339 -11.03 -41.27 -0.28
CA LEU A 2339 -9.74 -40.67 -0.58
C LEU A 2339 -9.90 -39.25 -1.13
N ILE A 2340 -10.88 -39.05 -2.02
CA ILE A 2340 -11.17 -37.71 -2.52
C ILE A 2340 -11.72 -36.83 -1.42
N ASP A 2341 -12.35 -37.45 -0.40
CA ASP A 2341 -12.70 -36.72 0.80
C ASP A 2341 -11.46 -36.25 1.55
N HIS A 2342 -10.39 -37.04 1.50
CA HIS A 2342 -9.15 -36.61 2.12
C HIS A 2342 -8.40 -35.66 1.18
N SER A 2343 -7.33 -35.04 1.69
CA SER A 2343 -6.58 -34.01 0.99
C SER A 2343 -5.12 -34.44 0.84
N MET A 2344 -4.82 -35.14 -0.24
CA MET A 2344 -3.48 -35.69 -0.54
C MET A 2344 -3.52 -36.24 -1.95
N ASP A 2345 -2.53 -37.08 -2.26
CA ASP A 2345 -2.54 -38.02 -3.39
C ASP A 2345 -2.64 -37.28 -4.72
N GLN A 2346 -1.71 -36.37 -4.93
CA GLN A 2346 -1.73 -35.53 -6.10
C GLN A 2346 -1.38 -36.36 -7.33
N ASN A 2347 -0.16 -36.90 -7.33
CA ASN A 2347 0.31 -37.64 -8.49
C ASN A 2347 -0.34 -39.01 -8.60
N PHE A 2348 -0.79 -39.57 -7.47
CA PHE A 2348 -1.10 -40.99 -7.40
C PHE A 2348 -2.36 -41.34 -8.18
N LEU A 2349 -3.45 -40.64 -7.90
CA LEU A 2349 -4.65 -40.83 -8.69
C LEU A 2349 -4.45 -40.34 -10.12
N ARG A 2350 -3.57 -39.35 -10.30
CA ARG A 2350 -3.28 -38.81 -11.62
C ARG A 2350 -2.66 -39.86 -12.52
N LYS A 2351 -1.80 -40.71 -11.96
CA LYS A 2351 -1.37 -41.87 -12.71
C LYS A 2351 -2.50 -42.90 -12.81
N ILE A 2352 -3.29 -43.04 -11.74
CA ILE A 2352 -4.26 -44.14 -11.64
C ILE A 2352 -5.39 -43.97 -12.64
N VAL A 2353 -5.69 -42.73 -12.97
CA VAL A 2353 -6.58 -42.49 -14.09
C VAL A 2353 -5.91 -42.90 -15.38
N ASN A 2354 -4.62 -42.55 -15.53
CA ASN A 2354 -3.97 -42.55 -16.84
C ASN A 2354 -3.86 -43.95 -17.41
N MET A 2355 -3.62 -44.93 -16.54
CA MET A 2355 -3.70 -46.32 -16.97
C MET A 2355 -5.15 -46.77 -17.13
N SER A 2356 -6.05 -46.29 -16.25
CA SER A 2356 -7.45 -46.63 -16.41
C SER A 2356 -8.04 -45.93 -17.64
N ARG A 2357 -7.54 -44.73 -17.94
CA ARG A 2357 -7.83 -44.08 -19.22
C ARG A 2357 -7.26 -44.92 -20.34
N SER A 2358 -6.07 -45.45 -20.14
CA SER A 2358 -5.57 -46.46 -21.07
C SER A 2358 -6.41 -47.73 -20.99
N TRP A 2359 -6.97 -48.07 -19.82
CA TRP A 2359 -7.73 -49.31 -19.69
C TRP A 2359 -9.11 -49.20 -20.32
N ILE A 2360 -9.83 -48.11 -20.06
CA ILE A 2360 -11.15 -47.92 -20.66
C ILE A 2360 -11.04 -47.67 -22.17
N PHE A 2361 -9.89 -47.18 -22.62
CA PHE A 2361 -9.56 -47.15 -24.05
C PHE A 2361 -8.63 -48.28 -24.47
N ASN A 2362 -8.52 -49.37 -23.69
CA ASN A 2362 -7.67 -50.47 -24.13
C ASN A 2362 -8.33 -51.33 -25.17
N THR A 2363 -9.23 -52.21 -24.75
CA THR A 2363 -9.54 -53.36 -25.57
C THR A 2363 -10.96 -53.81 -25.24
N GLU A 2364 -11.28 -55.03 -25.63
CA GLU A 2364 -12.66 -55.50 -25.67
C GLU A 2364 -12.96 -56.58 -24.65
N ILE A 2365 -12.06 -56.80 -23.67
CA ILE A 2365 -12.36 -57.74 -22.59
C ILE A 2365 -13.54 -57.23 -21.77
N PHE A 2366 -13.54 -55.94 -21.47
CA PHE A 2366 -14.62 -55.16 -20.87
C PHE A 2366 -15.15 -55.63 -19.51
N PRO A 2367 -14.37 -55.63 -18.42
CA PRO A 2367 -14.97 -55.44 -17.11
C PRO A 2367 -14.93 -53.96 -16.72
N THR A 2368 -15.79 -53.61 -15.75
CA THR A 2368 -15.84 -52.30 -15.11
C THR A 2368 -16.05 -51.15 -16.09
N VAL A 2369 -17.20 -51.09 -16.76
CA VAL A 2369 -17.44 -50.14 -17.83
C VAL A 2369 -18.12 -48.86 -17.33
N LYS A 2370 -19.24 -48.99 -16.61
CA LYS A 2370 -19.92 -47.80 -16.10
C LYS A 2370 -19.21 -47.26 -14.87
N GLU A 2371 -18.53 -48.12 -14.10
CA GLU A 2371 -17.80 -47.66 -12.92
C GLU A 2371 -16.61 -46.81 -13.32
N LYS A 2372 -15.99 -47.12 -14.46
CA LYS A 2372 -14.98 -46.23 -15.02
C LYS A 2372 -15.61 -44.92 -15.46
N ALA A 2373 -16.82 -44.97 -15.98
CA ALA A 2373 -17.55 -43.74 -16.26
C ALA A 2373 -17.96 -43.04 -14.97
N ALA A 2374 -18.14 -43.81 -13.89
CA ALA A 2374 -18.67 -43.25 -12.64
C ALA A 2374 -17.65 -42.40 -11.90
N ILE A 2375 -16.40 -42.87 -11.82
CA ILE A 2375 -15.36 -42.07 -11.18
C ILE A 2375 -14.99 -40.87 -12.03
N LEU A 2376 -15.23 -40.97 -13.35
CA LEU A 2376 -15.02 -39.84 -14.26
C LEU A 2376 -15.88 -38.66 -13.87
N THR A 2377 -17.09 -38.93 -13.37
CA THR A 2377 -17.91 -37.87 -12.81
C THR A 2377 -17.29 -37.31 -11.54
N LYS A 2378 -16.64 -38.16 -10.75
CA LYS A 2378 -16.03 -37.69 -9.51
C LYS A 2378 -14.78 -36.88 -9.77
N MET A 2379 -14.23 -36.93 -10.98
CA MET A 2379 -12.97 -36.26 -11.28
C MET A 2379 -13.11 -34.75 -11.36
N LEU A 2380 -14.30 -34.26 -11.69
CA LEU A 2380 -14.46 -32.84 -11.97
C LEU A 2380 -14.38 -31.99 -10.71
N ALA A 2381 -14.76 -32.52 -9.56
CA ALA A 2381 -14.83 -31.72 -8.34
C ALA A 2381 -13.46 -31.43 -7.73
N PHE A 2382 -12.39 -31.94 -8.34
CA PHE A 2382 -11.04 -31.52 -8.04
C PHE A 2382 -10.70 -30.18 -8.68
N GLU A 2383 -11.54 -29.69 -9.58
CA GLU A 2383 -11.27 -28.39 -10.18
C GLU A 2383 -11.47 -27.25 -9.19
N ILE A 2384 -12.30 -27.44 -8.16
CA ILE A 2384 -12.48 -26.40 -7.14
C ILE A 2384 -11.42 -26.60 -6.07
N ARG A 2385 -10.58 -27.60 -6.26
CA ARG A 2385 -9.38 -27.82 -5.45
C ARG A 2385 -8.14 -27.30 -6.12
N GLY A 2386 -8.19 -27.00 -7.41
CA GLY A 2386 -7.04 -26.49 -8.11
C GLY A 2386 -6.08 -27.55 -8.55
N GLU A 2387 -6.53 -28.77 -8.78
CA GLU A 2387 -5.71 -29.82 -9.34
C GLU A 2387 -5.92 -29.79 -10.84
N PRO A 2388 -5.07 -29.07 -11.57
CA PRO A 2388 -5.43 -28.67 -12.93
C PRO A 2388 -5.39 -29.82 -13.92
N SER A 2389 -4.56 -30.83 -13.66
CA SER A 2389 -4.45 -31.94 -14.59
C SER A 2389 -5.65 -32.86 -14.49
N LEU A 2390 -6.42 -32.74 -13.40
CA LEU A 2390 -7.52 -33.66 -13.12
C LEU A 2390 -8.56 -33.64 -14.25
N SER A 2391 -9.04 -32.45 -14.57
CA SER A 2391 -9.76 -32.31 -15.83
C SER A 2391 -8.84 -32.45 -17.02
N LYS A 2392 -7.59 -31.96 -16.92
CA LYS A 2392 -6.75 -31.89 -18.11
C LYS A 2392 -6.35 -33.28 -18.60
N LEU A 2393 -6.09 -34.19 -17.67
CA LEU A 2393 -6.00 -35.59 -18.08
C LEU A 2393 -7.35 -36.11 -18.51
N PHE A 2394 -8.42 -35.75 -17.80
CA PHE A 2394 -9.77 -36.16 -18.20
C PHE A 2394 -10.11 -35.59 -19.55
N TYR A 2395 -9.63 -34.38 -19.83
CA TYR A 2395 -9.77 -33.83 -21.16
C TYR A 2395 -8.95 -34.60 -22.16
N GLU A 2396 -7.65 -34.79 -21.88
CA GLU A 2396 -6.76 -35.39 -22.86
C GLU A 2396 -7.10 -36.85 -23.12
N ILE A 2397 -7.70 -37.52 -22.14
CA ILE A 2397 -8.30 -38.82 -22.37
C ILE A 2397 -9.52 -38.68 -23.26
N VAL A 2398 -10.40 -37.73 -22.90
CA VAL A 2398 -11.59 -37.52 -23.72
C VAL A 2398 -11.19 -36.90 -25.06
N LEU A 2399 -10.08 -36.15 -25.09
CA LEU A 2399 -9.50 -35.75 -26.37
C LEU A 2399 -9.10 -36.98 -27.16
N LYS A 2400 -8.32 -37.88 -26.54
CA LYS A 2400 -7.98 -39.15 -27.18
C LYS A 2400 -9.20 -40.06 -27.32
N LEU A 2401 -10.24 -39.87 -26.50
CA LEU A 2401 -11.51 -40.53 -26.81
C LEU A 2401 -12.10 -39.95 -28.09
N PHE A 2402 -12.04 -38.64 -28.24
CA PHE A 2402 -12.48 -38.06 -29.49
C PHE A 2402 -11.46 -38.31 -30.60
N ASP A 2403 -10.17 -38.21 -30.28
CA ASP A 2403 -9.14 -38.42 -31.29
C ASP A 2403 -9.06 -39.88 -31.65
N GLN A 2404 -8.56 -40.15 -32.86
CA GLN A 2404 -8.14 -41.46 -33.35
C GLN A 2404 -9.24 -42.50 -33.44
N GLU A 2405 -10.45 -42.18 -32.99
CA GLU A 2405 -11.54 -43.12 -33.08
C GLU A 2405 -12.58 -42.63 -34.07
N HIS A 2406 -13.22 -41.49 -33.79
CA HIS A 2406 -14.32 -40.87 -34.54
C HIS A 2406 -15.41 -41.83 -35.02
N PHE A 2407 -15.54 -42.99 -34.38
CA PHE A 2407 -16.34 -44.08 -34.89
C PHE A 2407 -17.49 -44.41 -33.96
N ASN A 2408 -17.21 -44.64 -32.69
CA ASN A 2408 -18.16 -45.30 -31.82
C ASN A 2408 -18.41 -44.44 -30.61
N ASN A 2409 -19.53 -44.73 -29.97
CA ASN A 2409 -19.95 -44.03 -28.75
C ASN A 2409 -19.47 -44.81 -27.52
N THR A 2410 -18.19 -45.15 -27.57
CA THR A 2410 -17.56 -45.84 -26.47
C THR A 2410 -17.19 -44.82 -25.40
N GLU A 2411 -16.68 -45.32 -24.27
CA GLU A 2411 -16.35 -44.53 -23.09
C GLU A 2411 -17.56 -43.70 -22.68
N ILE A 2412 -18.61 -44.38 -22.19
CA ILE A 2412 -19.99 -44.27 -22.65
C ILE A 2412 -20.40 -42.84 -22.97
N THR A 2413 -20.96 -42.64 -24.17
CA THR A 2413 -21.21 -41.32 -24.73
C THR A 2413 -22.14 -40.48 -23.87
N VAL A 2414 -22.92 -41.12 -22.99
CA VAL A 2414 -23.65 -40.40 -21.97
C VAL A 2414 -22.67 -39.69 -21.04
N ARG A 2415 -21.69 -40.42 -20.51
CA ARG A 2415 -20.67 -39.78 -19.71
C ARG A 2415 -19.69 -38.99 -20.56
N MET A 2416 -19.64 -39.24 -21.87
CA MET A 2416 -18.72 -38.49 -22.72
C MET A 2416 -19.29 -37.13 -23.13
N GLU A 2417 -20.63 -37.03 -23.20
CA GLU A 2417 -21.23 -35.78 -23.65
C GLU A 2417 -21.18 -34.70 -22.58
N GLN A 2418 -21.61 -35.03 -21.36
CA GLN A 2418 -21.98 -33.96 -20.43
C GLN A 2418 -20.79 -33.26 -19.76
N PRO A 2419 -19.75 -33.94 -19.27
CA PRO A 2419 -18.56 -33.18 -18.83
C PRO A 2419 -17.75 -32.57 -19.95
N PHE A 2420 -18.00 -32.95 -21.21
CA PHE A 2420 -17.39 -32.22 -22.32
C PHE A 2420 -17.91 -30.79 -22.36
N LEU A 2421 -19.14 -30.58 -21.90
CA LEU A 2421 -19.70 -29.25 -21.84
C LEU A 2421 -18.98 -28.40 -20.80
N VAL A 2422 -18.99 -28.83 -19.54
CA VAL A 2422 -18.36 -28.05 -18.47
C VAL A 2422 -16.87 -27.97 -18.67
N GLY A 2423 -16.30 -28.99 -19.32
CA GLY A 2423 -14.90 -28.94 -19.69
C GLY A 2423 -14.58 -27.88 -20.72
N THR A 2424 -15.56 -27.45 -21.51
CA THR A 2424 -15.34 -26.26 -22.31
C THR A 2424 -15.35 -25.01 -21.44
N ARG A 2425 -16.22 -24.98 -20.42
CA ARG A 2425 -16.30 -23.81 -19.54
C ARG A 2425 -15.32 -24.00 -18.39
N VAL A 2426 -14.05 -23.81 -18.70
CA VAL A 2426 -12.97 -23.96 -17.73
C VAL A 2426 -11.84 -23.02 -18.10
N GLU A 2427 -10.87 -22.91 -17.20
CA GLU A 2427 -9.99 -21.74 -17.17
C GLU A 2427 -8.95 -21.75 -18.27
N ASP A 2428 -8.36 -22.92 -18.56
CA ASP A 2428 -7.21 -22.95 -19.45
C ASP A 2428 -7.63 -22.66 -20.89
N ILE A 2429 -6.84 -21.80 -21.54
CA ILE A 2429 -7.19 -21.26 -22.83
C ILE A 2429 -7.19 -22.34 -23.89
N GLY A 2430 -6.18 -23.20 -23.90
CA GLY A 2430 -6.17 -24.31 -24.83
C GLY A 2430 -7.21 -25.36 -24.48
N ILE A 2431 -7.37 -25.65 -23.19
CA ILE A 2431 -8.29 -26.69 -22.75
C ILE A 2431 -9.73 -26.29 -23.03
N ARG A 2432 -10.04 -25.00 -22.83
CA ARG A 2432 -11.37 -24.53 -23.19
C ARG A 2432 -11.56 -24.57 -24.69
N LYS A 2433 -10.55 -24.13 -25.46
CA LYS A 2433 -10.74 -23.93 -26.89
C LYS A 2433 -10.79 -25.26 -27.62
N ARG A 2434 -9.93 -26.19 -27.26
CA ARG A 2434 -9.88 -27.45 -27.98
C ARG A 2434 -11.12 -28.28 -27.70
N PHE A 2435 -11.57 -28.30 -26.44
CA PHE A 2435 -12.73 -29.10 -26.04
C PHE A 2435 -13.99 -28.58 -26.72
N MET A 2436 -14.11 -27.26 -26.85
CA MET A 2436 -15.18 -26.71 -27.66
C MET A 2436 -14.93 -26.91 -29.16
N THR A 2437 -13.67 -26.97 -29.61
CA THR A 2437 -13.40 -27.21 -31.02
C THR A 2437 -13.82 -28.61 -31.44
N ILE A 2438 -13.68 -29.55 -30.52
CA ILE A 2438 -14.10 -30.92 -30.77
C ILE A 2438 -15.61 -30.97 -30.97
N LEU A 2439 -16.34 -30.23 -30.15
CA LEU A 2439 -17.76 -30.04 -30.42
C LEU A 2439 -17.98 -29.24 -31.70
N ASP A 2440 -17.04 -28.38 -32.08
CA ASP A 2440 -17.26 -27.50 -33.23
C ASP A 2440 -17.14 -28.25 -34.54
N ASN A 2441 -16.06 -29.00 -34.72
CA ASN A 2441 -15.82 -29.70 -35.97
C ASN A 2441 -16.82 -30.83 -36.17
N SER A 2442 -17.22 -31.50 -35.08
CA SER A 2442 -18.21 -32.57 -35.13
C SER A 2442 -19.61 -31.98 -35.07
N LEU A 2443 -19.91 -31.18 -36.10
CA LEU A 2443 -21.21 -30.54 -36.25
C LEU A 2443 -21.38 -30.21 -37.72
N GLU A 2444 -22.50 -29.61 -38.04
CA GLU A 2444 -22.74 -29.20 -39.42
C GLU A 2444 -22.17 -27.81 -39.63
N ARG A 2445 -22.42 -27.24 -40.79
CA ARG A 2445 -22.30 -25.81 -40.99
C ARG A 2445 -23.64 -25.29 -41.48
N ASP A 2446 -24.71 -25.83 -40.91
CA ASP A 2446 -26.07 -25.57 -41.37
C ASP A 2446 -26.83 -24.88 -40.24
N ILE A 2447 -26.98 -23.56 -40.38
CA ILE A 2447 -27.35 -22.69 -39.27
C ILE A 2447 -28.72 -23.05 -38.72
N LYS A 2448 -29.71 -23.15 -39.61
CA LYS A 2448 -31.07 -23.41 -39.18
C LYS A 2448 -31.18 -24.78 -38.53
N GLU A 2449 -30.41 -25.73 -39.05
CA GLU A 2449 -30.24 -26.99 -38.34
C GLU A 2449 -29.46 -26.77 -37.06
N ARG A 2450 -28.33 -26.05 -37.15
CA ARG A 2450 -27.47 -25.85 -35.99
C ARG A 2450 -28.16 -25.03 -34.92
N LEU A 2451 -28.98 -24.07 -35.32
CA LEU A 2451 -29.75 -23.31 -34.34
C LEU A 2451 -30.78 -24.19 -33.69
N TYR A 2452 -31.46 -25.00 -34.49
CA TYR A 2452 -32.30 -26.04 -33.93
C TYR A 2452 -31.46 -27.01 -33.13
N TYR A 2453 -30.25 -27.31 -33.60
CA TYR A 2453 -29.37 -28.16 -32.81
C TYR A 2453 -28.87 -27.41 -31.57
N VAL A 2454 -28.82 -26.10 -31.66
CA VAL A 2454 -28.60 -25.32 -30.45
C VAL A 2454 -29.88 -25.29 -29.63
N ILE A 2455 -31.03 -25.05 -30.28
CA ILE A 2455 -32.26 -24.83 -29.53
C ILE A 2455 -32.83 -26.11 -28.98
N ARG A 2456 -32.40 -27.22 -29.47
CA ARG A 2456 -32.81 -28.44 -28.78
C ARG A 2456 -31.65 -29.35 -28.43
N ASP A 2457 -30.71 -29.54 -29.35
CA ASP A 2457 -29.94 -30.78 -29.39
C ASP A 2457 -28.68 -30.68 -28.57
N GLN A 2458 -28.80 -29.91 -27.50
CA GLN A 2458 -28.16 -30.04 -26.21
C GLN A 2458 -28.95 -29.04 -25.40
N ASN A 2459 -29.43 -29.42 -24.24
CA ASN A 2459 -30.23 -28.51 -23.45
C ASN A 2459 -29.70 -28.43 -22.04
N TRP A 2460 -28.37 -28.52 -21.91
CA TRP A 2460 -27.70 -28.74 -20.65
C TRP A 2460 -27.96 -27.61 -19.69
N GLU A 2461 -27.86 -27.92 -18.41
CA GLU A 2461 -28.06 -26.85 -17.44
C GLU A 2461 -26.89 -25.89 -17.49
N PHE A 2462 -25.69 -26.34 -17.08
CA PHE A 2462 -24.54 -25.46 -16.81
C PHE A 2462 -24.95 -24.22 -16.03
N ILE A 2463 -25.79 -24.45 -15.02
CA ILE A 2463 -26.84 -23.50 -14.68
C ILE A 2463 -26.29 -22.36 -13.84
N ALA A 2464 -25.21 -22.59 -13.13
CA ALA A 2464 -24.78 -21.61 -12.16
C ALA A 2464 -23.99 -20.46 -12.76
N ASP A 2465 -23.55 -20.54 -14.02
CA ASP A 2465 -22.59 -19.53 -14.42
C ASP A 2465 -23.10 -18.65 -15.54
N TYR A 2466 -23.42 -19.25 -16.61
CA TYR A 2466 -23.44 -18.54 -17.86
C TYR A 2466 -24.04 -19.56 -18.79
N PRO A 2467 -24.53 -19.13 -19.93
CA PRO A 2467 -24.65 -20.05 -21.03
C PRO A 2467 -23.32 -20.14 -21.73
N TRP A 2468 -23.21 -21.19 -22.52
CA TRP A 2468 -22.24 -21.27 -23.59
C TRP A 2468 -22.91 -20.82 -24.86
N LEU A 2469 -23.81 -19.85 -24.70
CA LEU A 2469 -24.27 -19.05 -25.80
C LEU A 2469 -23.09 -18.44 -26.52
N ASN A 2470 -22.05 -18.08 -25.78
CA ASN A 2470 -20.72 -17.83 -26.28
C ASN A 2470 -20.31 -18.92 -27.24
N GLN A 2471 -20.28 -20.15 -26.74
CA GLN A 2471 -19.89 -21.25 -27.59
C GLN A 2471 -20.97 -21.54 -28.61
N ALA A 2472 -22.22 -21.23 -28.27
CA ALA A 2472 -23.30 -21.44 -29.21
C ALA A 2472 -23.23 -20.43 -30.35
N LEU A 2473 -22.90 -19.18 -30.04
CA LEU A 2473 -22.69 -18.22 -31.10
C LEU A 2473 -21.51 -18.62 -31.96
N GLN A 2474 -20.47 -19.14 -31.31
CA GLN A 2474 -19.39 -19.78 -32.04
C GLN A 2474 -19.90 -21.01 -32.79
N LEU A 2475 -20.77 -21.79 -32.15
CA LEU A 2475 -21.40 -22.90 -32.87
C LEU A 2475 -22.28 -22.40 -33.99
N LEU A 2476 -22.98 -21.29 -33.76
CA LEU A 2476 -23.70 -20.66 -34.85
C LEU A 2476 -22.73 -20.09 -35.86
N TYR A 2477 -21.60 -19.58 -35.39
CA TYR A 2477 -20.57 -19.15 -36.33
C TYR A 2477 -19.86 -20.32 -36.98
N GLY A 2478 -20.07 -21.53 -36.45
CA GLY A 2478 -19.72 -22.73 -37.20
C GLY A 2478 -20.37 -22.76 -38.57
N SER A 2479 -21.59 -22.23 -38.67
CA SER A 2479 -22.22 -22.06 -39.96
C SER A 2479 -21.91 -20.71 -40.60
N PHE A 2480 -21.12 -19.85 -39.96
CA PHE A 2480 -20.74 -18.62 -40.60
C PHE A 2480 -19.55 -18.88 -41.51
N ASN A 2481 -19.52 -18.21 -42.65
CA ASN A 2481 -18.46 -18.45 -43.62
C ASN A 2481 -17.18 -17.80 -43.14
N ARG A 2482 -16.04 -18.41 -43.46
CA ARG A 2482 -14.76 -17.92 -42.99
C ARG A 2482 -14.17 -16.95 -44.01
N GLU A 2483 -14.95 -15.93 -44.32
CA GLU A 2483 -14.62 -15.03 -45.41
C GLU A 2483 -13.66 -13.97 -44.91
N LYS A 2484 -13.28 -13.06 -45.79
CA LYS A 2484 -12.38 -12.00 -45.38
C LYS A 2484 -12.70 -10.69 -46.07
N GLU A 2485 -13.96 -10.46 -46.43
CA GLU A 2485 -14.34 -9.18 -47.08
C GLU A 2485 -14.93 -8.18 -46.08
N LEU A 2486 -16.12 -8.49 -45.54
CA LEU A 2486 -16.77 -7.83 -44.41
C LEU A 2486 -16.84 -6.30 -44.46
N SER A 2487 -17.54 -5.72 -45.42
CA SER A 2487 -17.56 -4.26 -45.55
C SER A 2487 -19.00 -3.74 -45.60
N LEU A 2488 -19.12 -2.43 -45.44
CA LEU A 2488 -20.38 -1.70 -45.40
C LEU A 2488 -20.06 -0.23 -45.54
N LYS A 2489 -21.09 0.58 -45.75
CA LYS A 2489 -20.89 1.95 -46.24
C LYS A 2489 -21.71 2.95 -45.44
N ASN A 2490 -21.62 2.90 -44.13
CA ASN A 2490 -22.53 3.75 -43.38
C ASN A 2490 -21.90 4.37 -42.13
N ILE A 2491 -20.59 4.62 -42.13
CA ILE A 2491 -19.96 5.21 -40.95
C ILE A 2491 -19.87 6.71 -41.09
N TYR A 2492 -20.68 7.28 -42.00
CA TYR A 2492 -20.41 8.56 -42.65
C TYR A 2492 -18.97 8.53 -43.17
N CYS A 2493 -18.81 7.73 -44.22
CA CYS A 2493 -17.58 7.03 -44.56
C CYS A 2493 -16.44 7.99 -44.87
N LEU A 2494 -15.25 7.43 -45.02
CA LEU A 2494 -14.03 8.22 -44.93
C LEU A 2494 -13.79 8.99 -46.22
N SER A 2495 -12.61 9.54 -46.34
CA SER A 2495 -12.24 10.31 -47.50
C SER A 2495 -12.04 9.40 -48.70
N PRO A 2496 -12.19 9.94 -49.91
CA PRO A 2496 -11.87 9.16 -51.08
C PRO A 2496 -10.37 9.12 -51.27
N PRO A 2497 -9.87 8.12 -51.98
CA PRO A 2497 -8.47 8.14 -52.42
C PRO A 2497 -8.17 9.22 -53.44
N SER A 2498 -9.01 9.41 -54.44
CA SER A 2498 -8.63 10.30 -55.54
C SER A 2498 -9.75 11.21 -56.04
N ILE A 2499 -10.90 11.27 -55.39
CA ILE A 2499 -11.99 12.06 -55.94
C ILE A 2499 -11.78 13.52 -55.62
N LEU A 2500 -11.51 13.82 -54.34
CA LEU A 2500 -11.19 15.18 -53.93
C LEU A 2500 -9.81 15.62 -54.40
N GLN A 2501 -8.96 14.66 -54.78
CA GLN A 2501 -7.73 14.96 -55.50
C GLN A 2501 -7.98 15.09 -57.00
N GLU A 2502 -9.24 15.09 -57.44
CA GLU A 2502 -9.58 15.41 -58.81
C GLU A 2502 -10.87 16.21 -58.86
N TYR A 2503 -11.12 17.03 -57.84
CA TYR A 2503 -12.32 17.87 -57.78
C TYR A 2503 -12.01 19.35 -57.75
N LEU A 2504 -10.74 19.75 -57.70
CA LEU A 2504 -10.34 21.15 -57.81
C LEU A 2504 -9.44 21.23 -59.04
N PRO A 2505 -10.01 21.46 -60.21
CA PRO A 2505 -9.27 21.25 -61.46
C PRO A 2505 -8.58 22.46 -62.08
N GLU A 2506 -8.43 23.57 -61.35
CA GLU A 2506 -7.96 24.80 -62.00
C GLU A 2506 -6.48 24.78 -62.38
N ASN A 2507 -5.59 24.70 -61.40
CA ASN A 2507 -4.16 24.91 -61.63
C ASN A 2507 -3.42 23.59 -61.82
N ALA A 2508 -3.70 22.92 -62.93
CA ALA A 2508 -3.19 21.58 -63.18
C ALA A 2508 -1.72 21.63 -63.60
N GLU A 2509 -0.84 21.16 -62.72
CA GLU A 2509 0.52 20.86 -63.14
C GLU A 2509 0.56 19.51 -63.85
N MET A 2510 0.22 18.45 -63.11
CA MET A 2510 0.17 17.07 -63.58
C MET A 2510 1.52 16.64 -64.18
N VAL A 2511 2.53 16.63 -63.32
CA VAL A 2511 3.92 16.40 -63.74
C VAL A 2511 4.11 14.96 -64.19
N THR A 2512 5.14 14.73 -65.01
CA THR A 2512 5.33 13.47 -65.74
C THR A 2512 6.80 13.08 -65.69
N GLU A 2513 7.10 12.05 -64.91
CA GLU A 2513 8.45 11.55 -64.63
C GLU A 2513 9.37 12.64 -64.05
N VAL A 2514 8.76 13.57 -63.31
CA VAL A 2514 9.48 14.68 -62.69
C VAL A 2514 9.16 14.67 -61.21
N ASN A 2515 8.93 13.49 -60.66
CA ASN A 2515 8.46 13.35 -59.29
C ASN A 2515 9.56 13.71 -58.30
N ASP A 2516 9.27 14.63 -57.40
CA ASP A 2516 10.07 14.80 -56.20
C ASP A 2516 10.05 13.49 -55.42
N LEU A 2517 11.24 13.01 -55.05
CA LEU A 2517 11.37 11.68 -54.46
C LEU A 2517 10.69 11.57 -53.11
N GLU A 2518 10.52 12.70 -52.42
CA GLU A 2518 9.73 12.74 -51.22
C GLU A 2518 8.27 12.40 -51.51
N LEU A 2519 7.76 12.79 -52.67
CA LEU A 2519 6.44 12.33 -53.07
C LEU A 2519 6.47 10.85 -53.44
N SER A 2520 7.49 10.44 -54.20
CA SER A 2520 7.50 9.10 -54.78
C SER A 2520 7.82 8.03 -53.75
N ASN A 2521 8.78 8.29 -52.86
CA ASN A 2521 9.12 7.30 -51.85
C ASN A 2521 7.99 7.15 -50.84
N PHE A 2522 7.32 8.25 -50.50
CA PHE A 2522 6.19 8.16 -49.59
C PHE A 2522 5.02 7.41 -50.21
N VAL A 2523 4.82 7.58 -51.53
CA VAL A 2523 3.67 6.98 -52.20
C VAL A 2523 3.83 5.48 -52.28
N LYS A 2524 5.05 5.00 -52.38
CA LYS A 2524 5.31 3.57 -52.34
C LYS A 2524 4.95 2.98 -50.98
N GLY A 2525 5.37 3.66 -49.90
CA GLY A 2525 5.35 3.04 -48.59
C GLY A 2525 3.95 2.84 -48.03
N HIS A 2526 3.15 3.90 -48.01
CA HIS A 2526 1.81 3.80 -47.43
C HIS A 2526 0.90 2.92 -48.29
N ILE A 2527 1.12 2.90 -49.60
CA ILE A 2527 0.43 1.93 -50.45
C ILE A 2527 0.90 0.53 -50.15
N ALA A 2528 2.20 0.36 -49.91
CA ALA A 2528 2.69 -0.92 -49.41
C ALA A 2528 2.20 -1.16 -47.99
N SER A 2529 2.12 -0.10 -47.20
CA SER A 2529 1.45 -0.21 -45.91
C SER A 2529 -0.03 -0.49 -46.09
N MET A 2530 -0.66 0.08 -47.14
CA MET A 2530 -2.01 -0.34 -47.50
C MET A 2530 -2.03 -1.78 -47.98
N GLN A 2531 -0.94 -2.22 -48.61
CA GLN A 2531 -0.90 -3.60 -49.12
C GLN A 2531 -0.83 -4.62 -48.01
N GLY A 2532 -0.19 -4.30 -46.90
CA GLY A 2532 -0.03 -5.27 -45.83
C GLY A 2532 -1.02 -5.19 -44.68
N LEU A 2533 -1.41 -3.97 -44.29
CA LEU A 2533 -2.07 -3.77 -43.01
C LEU A 2533 -3.54 -4.16 -43.04
N CYS A 2534 -4.22 -3.89 -44.15
CA CYS A 2534 -5.68 -4.07 -44.23
C CYS A 2534 -6.14 -5.52 -44.20
N ARG A 2535 -5.22 -6.48 -44.05
CA ARG A 2535 -5.56 -7.90 -43.95
C ARG A 2535 -6.47 -8.13 -42.75
N ILE A 2536 -7.69 -8.56 -43.04
CA ILE A 2536 -8.71 -8.78 -42.03
C ILE A 2536 -9.61 -9.89 -42.54
N ILE A 2537 -10.01 -10.76 -41.62
CA ILE A 2537 -10.98 -11.78 -41.99
C ILE A 2537 -12.19 -11.61 -41.10
N SER A 2538 -13.23 -12.36 -41.39
CA SER A 2538 -14.41 -12.37 -40.54
C SER A 2538 -14.27 -13.45 -39.49
N SER A 2539 -13.81 -14.62 -39.91
CA SER A 2539 -13.55 -15.71 -38.98
C SER A 2539 -12.47 -15.35 -37.98
N ASP A 2540 -11.54 -14.49 -38.36
CA ASP A 2540 -10.51 -14.05 -37.43
C ASP A 2540 -11.11 -13.22 -36.31
N PHE A 2541 -11.96 -12.27 -36.66
CA PHE A 2541 -12.68 -11.51 -35.66
C PHE A 2541 -13.64 -12.40 -34.88
N ILE A 2542 -14.20 -13.40 -35.55
CA ILE A 2542 -15.05 -14.38 -34.89
C ILE A 2542 -14.25 -15.11 -33.83
N ASP A 2543 -13.00 -15.44 -34.15
CA ASP A 2543 -12.11 -16.00 -33.15
C ASP A 2543 -11.84 -14.98 -32.07
N SER A 2544 -11.75 -13.71 -32.46
CA SER A 2544 -11.40 -12.67 -31.51
C SER A 2544 -12.52 -12.45 -30.50
N LEU A 2545 -13.72 -12.24 -30.99
CA LEU A 2545 -14.84 -11.88 -30.13
C LEU A 2545 -15.22 -13.02 -29.22
N ILE A 2546 -14.90 -14.24 -29.64
CA ILE A 2546 -15.13 -15.39 -28.79
C ILE A 2546 -14.29 -15.30 -27.53
N GLU A 2547 -12.97 -15.14 -27.71
CA GLU A 2547 -12.10 -15.03 -26.55
C GLU A 2547 -12.30 -13.73 -25.82
N ILE A 2548 -12.82 -12.72 -26.52
CA ILE A 2548 -13.30 -11.52 -25.83
C ILE A 2548 -14.42 -11.89 -24.89
N PHE A 2549 -15.41 -12.61 -25.40
CA PHE A 2549 -16.56 -13.01 -24.62
C PHE A 2549 -16.23 -14.03 -23.56
N TYR A 2550 -14.98 -14.50 -23.49
CA TYR A 2550 -14.57 -15.35 -22.39
C TYR A 2550 -14.66 -14.64 -21.06
N GLN A 2551 -14.48 -13.33 -21.03
CA GLN A 2551 -14.64 -12.61 -19.79
C GLN A 2551 -15.57 -11.42 -19.92
N ASP A 2552 -16.46 -11.43 -20.94
CA ASP A 2552 -17.23 -10.24 -21.33
C ASP A 2552 -18.72 -10.48 -21.19
N PRO A 2553 -19.29 -10.16 -20.05
CA PRO A 2553 -20.72 -10.37 -19.85
C PRO A 2553 -21.61 -9.44 -20.65
N LYS A 2554 -21.41 -8.14 -20.54
CA LYS A 2554 -22.36 -7.21 -21.15
C LYS A 2554 -22.26 -7.22 -22.66
N ALA A 2555 -21.12 -7.64 -23.21
CA ALA A 2555 -21.04 -7.80 -24.64
C ALA A 2555 -21.93 -8.93 -25.12
N ILE A 2556 -22.05 -9.98 -24.32
CA ILE A 2556 -22.89 -11.10 -24.69
C ILE A 2556 -24.34 -10.67 -24.68
N HIS A 2557 -24.73 -9.83 -23.74
CA HIS A 2557 -26.09 -9.29 -23.73
C HIS A 2557 -26.31 -8.42 -24.94
N ARG A 2558 -25.28 -7.73 -25.40
CA ARG A 2558 -25.34 -7.12 -26.70
C ARG A 2558 -25.32 -8.17 -27.80
N ALA A 2559 -24.66 -9.30 -27.56
CA ALA A 2559 -24.37 -10.20 -28.67
C ALA A 2559 -25.60 -10.95 -29.15
N TRP A 2560 -26.34 -11.56 -28.22
CA TRP A 2560 -27.47 -12.38 -28.63
C TRP A 2560 -28.58 -11.51 -29.20
N VAL A 2561 -28.68 -10.27 -28.74
CA VAL A 2561 -29.64 -9.36 -29.33
C VAL A 2561 -29.22 -8.97 -30.73
N THR A 2562 -27.94 -9.06 -31.03
CA THR A 2562 -27.55 -8.81 -32.41
C THR A 2562 -27.97 -9.96 -33.31
N LEU A 2563 -27.48 -11.17 -33.05
CA LEU A 2563 -27.62 -12.20 -34.06
C LEU A 2563 -28.98 -12.88 -34.03
N PHE A 2564 -29.45 -13.30 -32.85
CA PHE A 2564 -30.63 -14.18 -32.69
C PHE A 2564 -31.92 -13.66 -33.32
N PRO A 2565 -32.13 -12.37 -33.49
CA PRO A 2565 -33.21 -11.99 -34.40
C PRO A 2565 -32.94 -12.29 -35.85
N GLN A 2566 -31.71 -12.08 -36.34
CA GLN A 2566 -31.47 -12.25 -37.77
C GLN A 2566 -31.49 -13.71 -38.17
N VAL A 2567 -31.29 -14.62 -37.23
CA VAL A 2567 -31.39 -16.05 -37.51
C VAL A 2567 -32.83 -16.44 -37.79
N TYR A 2568 -33.78 -15.73 -37.18
CA TYR A 2568 -35.20 -16.05 -37.37
C TYR A 2568 -35.67 -15.77 -38.79
N LYS A 2569 -34.91 -14.98 -39.56
CA LYS A 2569 -35.25 -14.74 -40.95
C LYS A 2569 -35.16 -16.01 -41.78
N SER A 2570 -33.99 -16.63 -41.80
CA SER A 2570 -33.82 -17.91 -42.49
C SER A 2570 -34.37 -18.98 -41.57
N ILE A 2571 -35.68 -19.22 -41.68
CA ILE A 2571 -36.36 -20.27 -40.92
C ILE A 2571 -37.66 -20.64 -41.65
N PRO A 2572 -38.08 -21.91 -41.66
CA PRO A 2572 -39.31 -22.26 -42.39
C PRO A 2572 -40.54 -22.13 -41.50
N LYS A 2573 -41.69 -21.83 -42.11
CA LYS A 2573 -42.84 -21.30 -41.38
C LYS A 2573 -43.43 -22.35 -40.45
N ASN A 2574 -43.50 -23.59 -40.91
CA ASN A 2574 -44.10 -24.65 -40.11
C ASN A 2574 -43.22 -25.00 -38.91
N GLU A 2575 -41.94 -25.23 -39.16
CA GLU A 2575 -41.03 -25.54 -38.08
C GLU A 2575 -40.83 -24.36 -37.17
N LYS A 2576 -41.03 -23.14 -37.69
CA LYS A 2576 -40.95 -21.95 -36.86
C LYS A 2576 -42.00 -21.97 -35.77
N TYR A 2577 -43.22 -22.35 -36.15
CA TYR A 2577 -44.26 -22.56 -35.17
C TYR A 2577 -43.88 -23.68 -34.20
N GLY A 2578 -43.24 -24.73 -34.72
CA GLY A 2578 -42.72 -25.76 -33.84
C GLY A 2578 -41.54 -25.27 -33.00
N PHE A 2579 -40.66 -24.48 -33.61
CA PHE A 2579 -39.55 -23.93 -32.85
C PHE A 2579 -40.04 -22.95 -31.81
N VAL A 2580 -41.12 -22.24 -32.11
CA VAL A 2580 -41.71 -21.33 -31.14
C VAL A 2580 -42.23 -22.11 -29.96
N ARG A 2581 -42.80 -23.28 -30.23
CA ARG A 2581 -43.11 -24.19 -29.15
C ARG A 2581 -41.84 -24.70 -28.50
N SER A 2582 -40.85 -25.04 -29.33
CA SER A 2582 -39.59 -25.53 -28.79
C SER A 2582 -38.88 -24.44 -28.00
N ILE A 2583 -39.03 -23.18 -28.42
CA ILE A 2583 -38.41 -22.10 -27.67
C ILE A 2583 -39.15 -21.90 -26.36
N ILE A 2584 -40.48 -21.99 -26.37
CA ILE A 2584 -41.21 -21.94 -25.11
C ILE A 2584 -40.91 -23.17 -24.29
N THR A 2585 -40.65 -24.29 -24.96
CA THR A 2585 -40.11 -25.44 -24.26
C THR A 2585 -38.67 -25.19 -23.83
N LEU A 2586 -37.91 -24.50 -24.66
CA LEU A 2586 -36.58 -24.09 -24.20
C LEU A 2586 -36.70 -23.05 -23.12
N LEU A 2587 -37.78 -22.28 -23.10
CA LEU A 2587 -38.07 -21.46 -21.93
C LEU A 2587 -38.43 -22.33 -20.74
N SER A 2588 -38.95 -23.52 -21.00
CA SER A 2588 -39.36 -24.36 -19.90
C SER A 2588 -38.19 -25.10 -19.26
N LYS A 2589 -37.11 -25.37 -20.00
CA LYS A 2589 -36.15 -26.33 -19.44
C LYS A 2589 -35.20 -25.70 -18.42
N PRO A 2590 -34.68 -24.48 -18.60
CA PRO A 2590 -34.22 -23.72 -17.41
C PRO A 2590 -35.34 -23.16 -16.55
N TYR A 2591 -36.63 -23.31 -16.91
CA TYR A 2591 -37.65 -23.05 -15.91
C TYR A 2591 -37.70 -24.19 -14.90
N HIS A 2592 -37.06 -25.32 -15.20
CA HIS A 2592 -36.60 -26.20 -14.15
C HIS A 2592 -35.33 -25.67 -13.51
N THR A 2593 -34.31 -25.33 -14.32
CA THR A 2593 -33.00 -25.03 -13.78
C THR A 2593 -32.97 -23.65 -13.12
N ARG A 2594 -32.95 -23.65 -11.78
CA ARG A 2594 -32.96 -22.46 -10.96
C ARG A 2594 -31.67 -21.65 -11.02
N GLN A 2595 -31.20 -21.29 -12.22
CA GLN A 2595 -29.88 -20.70 -12.54
C GLN A 2595 -29.38 -19.63 -11.58
N ILE A 2596 -30.21 -18.63 -11.29
CA ILE A 2596 -29.96 -17.58 -10.29
C ILE A 2596 -28.67 -16.81 -10.51
N ARG A 2599 -29.64 -10.37 -10.41
CA ARG A 2599 -29.59 -9.18 -11.25
C ARG A 2599 -28.64 -9.38 -12.41
N THR A 2600 -28.23 -10.62 -12.59
CA THR A 2600 -27.45 -11.01 -13.74
C THR A 2600 -28.33 -11.83 -14.67
N ASN A 2601 -28.27 -11.52 -15.96
CA ASN A 2601 -29.29 -11.96 -16.89
C ASN A 2601 -28.83 -13.22 -17.61
N VAL A 2602 -29.56 -14.31 -17.44
CA VAL A 2602 -29.43 -15.48 -18.31
C VAL A 2602 -30.69 -15.69 -19.13
N ILE A 2603 -31.82 -15.91 -18.45
CA ILE A 2603 -33.13 -15.91 -19.12
C ILE A 2603 -33.41 -14.54 -19.65
N ASN A 2604 -33.22 -13.52 -18.81
CA ASN A 2604 -33.43 -12.14 -19.21
C ASN A 2604 -32.52 -11.75 -20.36
N MET A 2605 -31.33 -12.33 -20.38
CA MET A 2605 -30.43 -12.20 -21.53
C MET A 2605 -31.08 -12.74 -22.78
N LEU A 2606 -31.65 -13.92 -22.70
CA LEU A 2606 -32.41 -14.41 -23.83
C LEU A 2606 -33.71 -13.63 -23.98
N LEU A 2607 -34.30 -13.19 -22.87
CA LEU A 2607 -35.69 -12.71 -22.90
C LEU A 2607 -35.79 -11.40 -23.65
N ASP A 2608 -34.91 -10.46 -23.32
CA ASP A 2608 -34.90 -9.25 -24.10
C ASP A 2608 -34.38 -9.51 -25.50
N SER A 2609 -33.45 -10.46 -25.66
CA SER A 2609 -33.07 -10.92 -26.99
C SER A 2609 -34.25 -11.57 -27.69
N ILE A 2610 -35.12 -12.21 -26.92
CA ILE A 2610 -36.38 -12.65 -27.49
C ILE A 2610 -37.39 -11.52 -27.62
N SER A 2611 -37.27 -10.47 -26.80
CA SER A 2611 -38.31 -9.43 -26.78
C SER A 2611 -38.32 -8.65 -28.08
N LYS A 2612 -37.16 -8.35 -28.61
CA LYS A 2612 -37.07 -7.75 -29.93
C LYS A 2612 -36.79 -8.86 -30.96
N ILE A 2613 -37.79 -9.72 -31.13
CA ILE A 2613 -37.77 -10.66 -32.24
C ILE A 2613 -38.87 -10.35 -33.24
N GLU A 2614 -39.50 -9.17 -33.11
CA GLU A 2614 -40.54 -8.63 -33.98
C GLU A 2614 -41.75 -9.56 -34.05
N SER A 2615 -42.31 -9.79 -32.86
CA SER A 2615 -43.62 -10.41 -32.65
C SER A 2615 -43.70 -11.80 -33.27
N LEU A 2616 -42.95 -12.72 -32.68
CA LEU A 2616 -43.03 -14.12 -33.08
C LEU A 2616 -43.29 -15.02 -31.89
N GLU A 2617 -43.92 -14.50 -30.82
CA GLU A 2617 -44.27 -15.27 -29.64
C GLU A 2617 -45.79 -15.43 -29.61
N LEU A 2618 -46.28 -16.58 -30.10
CA LEU A 2618 -47.71 -16.74 -30.37
C LEU A 2618 -48.64 -17.01 -29.17
N PRO A 2619 -48.33 -17.83 -28.15
CA PRO A 2619 -49.26 -17.92 -27.00
C PRO A 2619 -48.81 -17.23 -25.71
N PRO A 2620 -47.51 -16.85 -25.51
CA PRO A 2620 -46.97 -17.02 -24.16
C PRO A 2620 -47.33 -15.93 -23.18
N HIS A 2621 -48.59 -15.52 -23.16
CA HIS A 2621 -49.03 -14.33 -22.46
C HIS A 2621 -48.88 -14.42 -20.96
N LEU A 2622 -49.63 -15.30 -20.32
CA LEU A 2622 -49.36 -15.54 -18.91
C LEU A 2622 -48.07 -16.31 -18.71
N VAL A 2623 -47.53 -16.95 -19.77
CA VAL A 2623 -46.26 -17.65 -19.66
C VAL A 2623 -45.16 -16.69 -19.33
N LYS A 2624 -45.19 -15.51 -19.92
CA LYS A 2624 -44.24 -14.50 -19.50
C LYS A 2624 -44.59 -13.95 -18.13
N TYR A 2625 -45.87 -13.95 -17.76
CA TYR A 2625 -46.30 -13.27 -16.54
C TYR A 2625 -45.73 -13.92 -15.31
N LEU A 2626 -45.79 -15.23 -15.25
CA LEU A 2626 -45.11 -15.91 -14.17
C LEU A 2626 -43.61 -15.90 -14.36
N ALA A 2627 -43.13 -15.80 -15.62
CA ALA A 2627 -41.70 -15.77 -15.87
C ALA A 2627 -41.08 -14.48 -15.36
N ILE A 2628 -41.91 -13.48 -15.11
CA ILE A 2628 -41.46 -12.15 -14.73
C ILE A 2628 -40.80 -12.14 -13.37
N SER A 2629 -41.32 -12.87 -12.42
CA SER A 2629 -40.66 -12.88 -11.13
C SER A 2629 -39.47 -13.82 -11.06
N TYR A 2630 -39.08 -14.46 -12.16
CA TYR A 2630 -37.92 -15.35 -12.10
C TYR A 2630 -36.65 -14.59 -11.80
N ASN A 2631 -36.32 -13.62 -12.66
CA ASN A 2631 -35.27 -12.63 -12.48
C ASN A 2631 -35.48 -11.53 -13.52
N ALA A 2632 -35.17 -10.30 -13.12
CA ALA A 2632 -35.19 -9.13 -13.99
C ALA A 2632 -36.56 -8.89 -14.61
N TRP A 2633 -37.41 -8.21 -13.85
CA TRP A 2633 -38.75 -7.84 -14.31
C TRP A 2633 -38.73 -7.02 -15.60
N TYR A 2634 -38.20 -5.78 -15.54
CA TYR A 2634 -38.58 -4.72 -16.48
C TYR A 2634 -38.18 -5.00 -17.92
N GLN A 2635 -37.18 -5.86 -18.15
CA GLN A 2635 -36.85 -6.22 -19.52
C GLN A 2635 -37.97 -7.01 -20.15
N SER A 2636 -38.70 -7.76 -19.34
CA SER A 2636 -39.80 -8.53 -19.87
C SER A 2636 -40.98 -7.64 -20.21
N ILE A 2637 -41.34 -6.71 -19.30
CA ILE A 2637 -42.60 -5.97 -19.39
C ILE A 2637 -42.65 -5.11 -20.64
N ASN A 2638 -41.48 -4.84 -21.21
CA ASN A 2638 -41.41 -4.25 -22.54
C ASN A 2638 -42.01 -5.18 -23.58
N ILE A 2639 -41.74 -6.47 -23.49
CA ILE A 2639 -42.28 -7.37 -24.51
C ILE A 2639 -43.78 -7.50 -24.35
N LEU A 2640 -44.28 -7.39 -23.12
CA LEU A 2640 -45.68 -7.67 -22.88
C LEU A 2640 -46.57 -6.54 -23.36
N GLU A 2641 -46.21 -5.29 -23.07
CA GLU A 2641 -47.03 -4.16 -23.49
C GLU A 2641 -46.99 -3.99 -24.99
N SER A 2642 -45.95 -4.54 -25.62
CA SER A 2642 -45.84 -4.50 -27.07
C SER A 2642 -46.90 -5.34 -27.76
N ILE A 2643 -47.21 -6.52 -27.23
CA ILE A 2643 -48.19 -7.38 -27.90
C ILE A 2643 -49.59 -6.80 -27.79
N GLN A 2644 -49.86 -6.08 -26.70
CA GLN A 2644 -51.18 -5.49 -26.50
C GLN A 2644 -51.46 -4.37 -27.48
N SER A 2645 -50.43 -3.73 -28.00
CA SER A 2645 -50.63 -2.82 -29.11
C SER A 2645 -50.62 -3.56 -30.44
N ASN A 2646 -49.85 -4.65 -30.52
CA ASN A 2646 -49.73 -5.39 -31.76
C ASN A 2646 -51.07 -6.01 -32.12
N THR A 2647 -51.51 -5.75 -33.34
CA THR A 2647 -52.90 -5.97 -33.73
C THR A 2647 -53.07 -7.43 -34.10
N SER A 2648 -53.64 -8.20 -33.19
CA SER A 2648 -53.94 -9.60 -33.45
C SER A 2648 -55.25 -9.96 -32.78
N ILE A 2649 -56.15 -10.58 -33.55
CA ILE A 2649 -57.49 -10.92 -33.08
C ILE A 2649 -57.63 -12.34 -32.57
N ASP A 2650 -56.53 -13.11 -32.55
CA ASP A 2650 -56.42 -14.56 -32.36
C ASP A 2650 -57.36 -15.12 -31.30
N ASN A 2651 -57.42 -14.46 -30.16
CA ASN A 2651 -58.63 -14.46 -29.38
C ASN A 2651 -58.79 -13.08 -28.79
N THR A 2652 -60.04 -12.63 -28.72
CA THR A 2652 -60.33 -11.54 -27.81
C THR A 2652 -60.06 -11.96 -26.38
N LYS A 2653 -60.18 -13.25 -26.09
CA LYS A 2653 -59.65 -13.81 -24.86
C LYS A 2653 -58.15 -13.53 -24.73
N ILE A 2654 -57.39 -13.78 -25.80
CA ILE A 2654 -55.96 -13.50 -25.79
C ILE A 2654 -55.72 -12.01 -25.68
N ILE A 2655 -56.64 -11.20 -26.24
CA ILE A 2655 -56.61 -9.78 -25.96
C ILE A 2655 -56.94 -9.53 -24.50
N GLU A 2656 -57.90 -10.26 -23.95
CA GLU A 2656 -58.24 -10.05 -22.55
C GLU A 2656 -57.19 -10.61 -21.62
N ALA A 2657 -56.57 -11.73 -22.01
CA ALA A 2657 -55.60 -12.38 -21.14
C ALA A 2657 -54.33 -11.55 -21.01
N ASN A 2658 -53.79 -11.09 -22.14
CA ASN A 2658 -52.62 -10.24 -22.12
C ASN A 2658 -52.90 -8.96 -21.38
N GLU A 2659 -54.13 -8.48 -21.49
CA GLU A 2659 -54.58 -7.35 -20.68
C GLU A 2659 -54.53 -7.68 -19.21
N ASP A 2660 -54.88 -8.92 -18.84
CA ASP A 2660 -54.88 -9.25 -17.43
C ASP A 2660 -53.47 -9.34 -16.89
N ALA A 2661 -52.57 -9.99 -17.63
CA ALA A 2661 -51.26 -10.34 -17.09
C ALA A 2661 -50.40 -9.10 -16.88
N LEU A 2662 -50.38 -8.21 -17.86
CA LEU A 2662 -49.63 -6.99 -17.70
C LEU A 2662 -50.27 -6.09 -16.65
N LEU A 2663 -51.60 -6.18 -16.48
CA LEU A 2663 -52.25 -5.41 -15.42
C LEU A 2663 -51.80 -5.90 -14.06
N GLU A 2664 -51.43 -7.16 -13.97
CA GLU A 2664 -50.80 -7.62 -12.73
C GLU A 2664 -49.42 -7.02 -12.58
N LEU A 2665 -48.60 -7.05 -13.63
CA LEU A 2665 -47.17 -6.83 -13.47
C LEU A 2665 -46.86 -5.39 -13.13
N TYR A 2666 -47.61 -4.45 -13.72
CA TYR A 2666 -47.42 -3.06 -13.37
C TYR A 2666 -47.91 -2.81 -11.96
N VAL A 2667 -48.94 -3.54 -11.55
CA VAL A 2667 -49.33 -3.51 -10.15
C VAL A 2667 -48.35 -4.30 -9.32
N ASN A 2668 -47.72 -5.30 -9.93
CA ASN A 2668 -46.75 -6.10 -9.18
C ASN A 2668 -45.53 -5.29 -8.84
N LEU A 2669 -45.09 -4.42 -9.76
CA LEU A 2669 -44.00 -3.51 -9.45
C LEU A 2669 -44.47 -2.31 -8.63
N GLN A 2670 -45.71 -2.29 -8.18
CA GLN A 2670 -46.36 -1.31 -7.33
C GLN A 2670 -46.58 -0.01 -8.08
N GLU A 2671 -46.41 0.02 -9.40
CA GLU A 2671 -46.64 1.23 -10.17
C GLU A 2671 -48.13 1.52 -10.22
N GLU A 2672 -48.57 2.57 -9.54
CA GLU A 2672 -49.99 2.83 -9.36
C GLU A 2672 -50.66 3.25 -10.63
N ASP A 2673 -50.12 4.25 -11.31
CA ASP A 2673 -50.86 4.93 -12.35
C ASP A 2673 -51.04 4.09 -13.61
N MET A 2674 -50.27 3.02 -13.77
CA MET A 2674 -50.66 2.10 -14.82
C MET A 2674 -51.96 1.39 -14.48
N PHE A 2675 -52.13 0.99 -13.21
CA PHE A 2675 -53.19 0.06 -12.84
C PHE A 2675 -54.55 0.72 -12.86
N TYR A 2676 -54.74 1.74 -12.01
CA TYR A 2676 -55.95 2.55 -12.08
C TYR A 2676 -56.05 3.25 -13.43
N GLY A 2677 -54.92 3.41 -14.12
CA GLY A 2677 -54.96 3.84 -15.50
C GLY A 2677 -55.51 2.79 -16.45
N LEU A 2678 -55.06 1.54 -16.34
CA LEU A 2678 -55.38 0.59 -17.40
C LEU A 2678 -56.84 0.17 -17.37
N TRP A 2679 -57.37 -0.15 -16.18
CA TRP A 2679 -58.71 -0.71 -16.12
C TRP A 2679 -59.76 0.34 -16.41
N ARG A 2680 -59.50 1.59 -16.02
CA ARG A 2680 -60.42 2.65 -16.38
C ARG A 2680 -60.48 2.85 -17.88
N ARG A 2681 -59.42 2.52 -18.60
CA ARG A 2681 -59.50 2.38 -20.05
C ARG A 2681 -59.65 0.94 -20.45
N ARG A 2682 -60.15 0.09 -19.56
CA ARG A 2682 -60.50 -1.25 -19.97
C ARG A 2682 -61.85 -1.65 -19.38
N ALA A 2683 -62.73 -0.67 -19.15
CA ALA A 2683 -63.92 -0.91 -18.35
C ALA A 2683 -65.03 -1.56 -19.18
N LYS A 2684 -65.94 -2.23 -18.48
CA LYS A 2684 -67.18 -2.72 -19.08
C LYS A 2684 -68.40 -2.12 -18.42
N TYR A 2685 -68.55 -2.27 -17.11
CA TYR A 2685 -69.68 -1.65 -16.43
C TYR A 2685 -69.44 -0.17 -16.30
N THR A 2686 -70.51 0.57 -16.03
CA THR A 2686 -70.39 2.01 -16.01
C THR A 2686 -69.83 2.50 -14.69
N GLU A 2687 -70.27 1.93 -13.58
CA GLU A 2687 -69.69 2.30 -12.31
C GLU A 2687 -68.27 1.77 -12.19
N THR A 2688 -67.95 0.73 -12.95
CA THR A 2688 -66.57 0.23 -13.02
C THR A 2688 -65.64 1.31 -13.56
N ASN A 2689 -66.05 2.00 -14.61
CA ASN A 2689 -65.29 3.15 -15.08
C ASN A 2689 -65.36 4.27 -14.07
N ILE A 2690 -66.54 4.50 -13.50
CA ILE A 2690 -66.73 5.67 -12.66
C ILE A 2690 -66.07 5.46 -11.30
N GLY A 2691 -66.13 4.25 -10.77
CA GLY A 2691 -65.53 4.01 -9.47
C GLY A 2691 -64.02 4.04 -9.53
N LEU A 2692 -63.45 3.58 -10.65
CA LEU A 2692 -62.00 3.44 -10.77
C LEU A 2692 -61.31 4.78 -10.62
N SER A 2693 -61.85 5.80 -11.27
CA SER A 2693 -61.37 7.15 -11.03
C SER A 2693 -61.73 7.62 -9.64
N TYR A 2694 -62.90 7.21 -9.14
CA TYR A 2694 -63.34 7.70 -7.84
C TYR A 2694 -62.47 7.15 -6.73
N GLU A 2695 -61.93 5.96 -6.91
CA GLU A 2695 -61.08 5.41 -5.88
C GLU A 2695 -59.71 6.03 -5.92
N GLN A 2696 -59.10 6.07 -7.12
CA GLN A 2696 -57.67 6.33 -7.26
C GLN A 2696 -57.31 7.75 -6.86
N ILE A 2697 -58.27 8.66 -6.88
CA ILE A 2697 -58.00 9.98 -6.34
C ILE A 2697 -58.00 9.99 -4.83
N GLY A 2698 -58.54 8.97 -4.18
CA GLY A 2698 -58.59 8.93 -2.74
C GLY A 2698 -59.95 9.16 -2.16
N LEU A 2699 -60.96 9.37 -2.99
CA LEU A 2699 -62.34 9.48 -2.54
C LEU A 2699 -62.89 8.08 -2.30
N TRP A 2700 -62.37 7.45 -1.23
CA TRP A 2700 -62.56 6.03 -1.06
C TRP A 2700 -63.97 5.68 -0.63
N ASP A 2701 -64.61 6.54 0.17
CA ASP A 2701 -65.97 6.28 0.59
C ASP A 2701 -66.92 6.33 -0.59
N LYS A 2702 -66.72 7.29 -1.49
CA LYS A 2702 -67.59 7.42 -2.65
C LYS A 2702 -67.40 6.28 -3.62
N ALA A 2703 -66.23 5.66 -3.63
CA ALA A 2703 -66.04 4.52 -4.52
C ALA A 2703 -66.82 3.32 -4.04
N GLN A 2704 -66.95 3.17 -2.72
CA GLN A 2704 -67.57 1.99 -2.13
C GLN A 2704 -69.04 1.89 -2.50
N GLN A 2705 -69.76 3.00 -2.40
CA GLN A 2705 -71.13 3.05 -2.87
C GLN A 2705 -71.19 2.87 -4.38
N LEU A 2706 -70.25 3.49 -5.08
CA LEU A 2706 -70.18 3.33 -6.53
C LEU A 2706 -69.82 1.90 -6.90
N TYR A 2707 -68.98 1.25 -6.11
CA TYR A 2707 -68.76 -0.16 -6.33
C TYR A 2707 -69.95 -0.98 -5.86
N GLU A 2708 -70.71 -0.46 -4.90
CA GLU A 2708 -71.85 -1.21 -4.40
C GLU A 2708 -72.93 -1.34 -5.45
N VAL A 2709 -73.25 -0.23 -6.13
CA VAL A 2709 -74.22 -0.31 -7.22
C VAL A 2709 -73.61 -1.02 -8.40
N ALA A 2710 -72.29 -0.94 -8.56
CA ALA A 2710 -71.62 -1.80 -9.52
C ALA A 2710 -71.80 -3.26 -9.15
N GLN A 2711 -71.85 -3.55 -7.86
CA GLN A 2711 -72.05 -4.93 -7.42
C GLN A 2711 -73.50 -5.35 -7.57
N VAL A 2712 -74.46 -4.47 -7.26
CA VAL A 2712 -75.86 -4.82 -7.35
C VAL A 2712 -76.28 -5.02 -8.79
N LYS A 2713 -75.75 -4.19 -9.67
CA LYS A 2713 -75.95 -4.42 -11.09
C LYS A 2713 -75.15 -5.63 -11.58
N ALA A 2714 -74.07 -6.00 -10.89
CA ALA A 2714 -73.36 -7.22 -11.23
C ALA A 2714 -74.10 -8.46 -10.78
N ARG A 2715 -75.02 -8.32 -9.83
CA ARG A 2715 -76.10 -9.29 -9.75
C ARG A 2715 -76.91 -8.97 -10.98
N SER A 2716 -76.73 -9.72 -12.04
CA SER A 2716 -76.75 -9.10 -13.35
C SER A 2716 -77.72 -9.78 -14.29
N GLY A 2717 -77.89 -9.10 -15.41
CA GLY A 2717 -78.35 -9.67 -16.64
C GLY A 2717 -77.20 -9.45 -17.58
N ALA A 2718 -76.29 -8.57 -17.17
CA ALA A 2718 -75.02 -8.37 -17.87
C ALA A 2718 -74.27 -9.69 -17.85
N LEU A 2719 -74.48 -10.45 -18.91
CA LEU A 2719 -73.85 -11.76 -19.06
C LEU A 2719 -72.33 -11.72 -19.18
N PRO A 2720 -71.69 -10.96 -20.09
CA PRO A 2720 -70.27 -11.22 -20.38
C PRO A 2720 -69.29 -10.75 -19.30
N TYR A 2721 -69.71 -10.63 -18.03
CA TYR A 2721 -68.82 -10.23 -16.96
C TYR A 2721 -67.72 -11.28 -16.73
N SER A 2722 -66.50 -10.80 -16.56
CA SER A 2722 -65.35 -11.66 -16.35
C SER A 2722 -64.79 -11.42 -14.95
N GLN A 2723 -63.75 -12.18 -14.61
CA GLN A 2723 -63.30 -12.35 -13.23
C GLN A 2723 -62.81 -11.07 -12.60
N SER A 2724 -62.46 -10.09 -13.42
CA SER A 2724 -62.22 -8.75 -12.93
C SER A 2724 -63.39 -8.25 -12.12
N GLU A 2725 -64.56 -8.15 -12.76
CA GLU A 2725 -65.66 -7.31 -12.29
C GLU A 2725 -66.20 -7.78 -10.95
N TYR A 2726 -66.08 -9.07 -10.68
CA TYR A 2726 -66.31 -9.54 -9.33
C TYR A 2726 -65.13 -9.18 -8.44
N ALA A 2727 -63.92 -9.58 -8.84
CA ALA A 2727 -62.79 -9.51 -7.95
C ALA A 2727 -62.33 -8.09 -7.75
N LEU A 2728 -62.39 -7.29 -8.82
CA LEU A 2728 -62.19 -5.86 -8.67
C LEU A 2728 -63.21 -5.30 -7.69
N TRP A 2729 -64.48 -5.69 -7.83
CA TRP A 2729 -65.46 -5.31 -6.81
C TRP A 2729 -65.18 -5.98 -5.48
N GLU A 2730 -64.53 -7.14 -5.50
CA GLU A 2730 -64.36 -7.89 -4.27
C GLU A 2730 -63.38 -7.20 -3.35
N ASP A 2731 -62.13 -7.06 -3.77
CA ASP A 2731 -61.12 -6.50 -2.89
C ASP A 2731 -61.34 -5.02 -2.68
N ASN A 2732 -62.11 -4.36 -3.55
CA ASN A 2732 -62.51 -2.99 -3.28
C ASN A 2732 -63.30 -2.90 -2.01
N TRP A 2733 -64.21 -3.87 -1.80
CA TRP A 2733 -64.89 -3.95 -0.52
C TRP A 2733 -63.90 -4.22 0.59
N ILE A 2734 -62.92 -5.07 0.31
CA ILE A 2734 -61.89 -5.37 1.30
C ILE A 2734 -61.07 -4.14 1.59
N GLN A 2735 -60.70 -3.41 0.55
CA GLN A 2735 -59.87 -2.24 0.74
C GLN A 2735 -60.63 -1.16 1.47
N CYS A 2736 -61.89 -0.97 1.11
CA CYS A 2736 -62.74 -0.04 1.84
C CYS A 2736 -62.92 -0.51 3.26
N ALA A 2737 -62.99 -1.83 3.46
CA ALA A 2737 -62.95 -2.34 4.82
C ALA A 2737 -61.58 -2.13 5.44
N GLU A 2738 -60.53 -2.30 4.65
CA GLU A 2738 -59.17 -2.22 5.19
C GLU A 2738 -58.85 -0.81 5.63
N LYS A 2739 -59.46 0.18 4.98
CA LYS A 2739 -58.94 1.53 5.08
C LYS A 2739 -59.25 2.16 6.42
N LEU A 2740 -60.49 2.51 6.66
CA LEU A 2740 -60.75 3.58 7.63
C LEU A 2740 -60.79 3.03 9.05
N GLN A 2741 -61.68 2.12 9.29
CA GLN A 2741 -62.05 1.68 10.62
C GLN A 2741 -62.88 0.44 10.41
N HIS A 2742 -63.64 0.06 11.44
CA HIS A 2742 -64.59 -1.06 11.40
C HIS A 2742 -63.85 -2.36 11.12
N TRP A 2743 -62.66 -2.45 11.71
CA TRP A 2743 -61.87 -3.66 11.58
C TRP A 2743 -62.53 -4.84 12.25
N ASP A 2744 -63.34 -4.61 13.29
CA ASP A 2744 -64.12 -5.68 13.90
C ASP A 2744 -65.13 -6.25 12.92
N VAL A 2745 -65.80 -5.36 12.18
CA VAL A 2745 -66.69 -5.81 11.11
C VAL A 2745 -65.86 -6.41 10.00
N LEU A 2746 -64.66 -5.88 9.76
CA LEU A 2746 -63.76 -6.54 8.85
C LEU A 2746 -63.29 -7.86 9.40
N THR A 2747 -63.09 -7.94 10.73
CA THR A 2747 -62.84 -9.23 11.33
C THR A 2747 -64.07 -10.11 11.23
N GLU A 2748 -65.25 -9.51 11.35
CA GLU A 2748 -66.48 -10.22 11.05
C GLU A 2748 -66.52 -10.64 9.60
N LEU A 2749 -66.02 -9.78 8.71
CA LEU A 2749 -65.80 -10.23 7.34
C LEU A 2749 -64.69 -11.27 7.28
N ALA A 2750 -63.73 -11.19 8.18
CA ALA A 2750 -62.61 -12.11 8.11
C ALA A 2750 -62.93 -13.46 8.67
N LYS A 2751 -64.07 -13.59 9.36
CA LYS A 2751 -64.38 -14.83 10.08
C LYS A 2751 -64.49 -16.02 9.11
N HIS A 2752 -65.38 -15.94 8.15
CA HIS A 2752 -65.50 -16.98 7.14
C HIS A 2752 -64.50 -16.80 6.01
N GLU A 2753 -63.37 -16.18 6.28
CA GLU A 2753 -62.51 -15.66 5.24
C GLU A 2753 -61.10 -15.54 5.82
N GLY A 2754 -60.26 -14.73 5.18
CA GLY A 2754 -58.91 -14.51 5.66
C GLY A 2754 -57.87 -15.52 5.23
N PHE A 2755 -57.52 -15.49 3.94
CA PHE A 2755 -56.34 -16.21 3.45
C PHE A 2755 -55.14 -15.88 4.31
N THR A 2756 -54.94 -14.61 4.59
CA THR A 2756 -54.22 -14.18 5.77
C THR A 2756 -54.85 -12.94 6.38
N ASP A 2757 -56.08 -12.60 6.01
CA ASP A 2757 -56.70 -11.42 6.60
C ASP A 2757 -57.03 -11.62 8.05
N LEU A 2758 -57.23 -12.87 8.46
CA LEU A 2758 -57.25 -13.18 9.86
C LEU A 2758 -55.90 -12.91 10.49
N LEU A 2759 -54.81 -13.18 9.78
CA LEU A 2759 -53.53 -12.73 10.29
C LEU A 2759 -53.37 -11.23 10.15
N LEU A 2760 -54.08 -10.61 9.20
CA LEU A 2760 -54.17 -9.16 9.23
C LEU A 2760 -55.11 -8.71 10.34
N GLU A 2761 -56.12 -9.51 10.65
CA GLU A 2761 -56.89 -9.26 11.86
C GLU A 2761 -56.04 -9.54 13.09
N CYS A 2762 -55.06 -10.43 12.99
CA CYS A 2762 -54.08 -10.51 14.06
C CYS A 2762 -53.27 -9.24 14.11
N GLY A 2763 -53.10 -8.58 12.97
CA GLY A 2763 -52.56 -7.23 12.98
C GLY A 2763 -53.49 -6.26 13.70
N TRP A 2764 -54.78 -6.52 13.71
CA TRP A 2764 -55.61 -5.78 14.65
C TRP A 2764 -55.30 -6.28 16.05
N ARG A 2765 -55.39 -5.35 17.00
CA ARG A 2765 -54.73 -5.43 18.30
C ARG A 2765 -55.31 -6.56 19.15
N VAL A 2766 -54.50 -7.59 19.42
CA VAL A 2766 -54.89 -8.64 20.34
C VAL A 2766 -53.64 -9.20 21.02
N ALA A 2767 -53.52 -9.00 22.33
CA ALA A 2767 -52.43 -9.58 23.11
C ALA A 2767 -52.83 -10.88 23.82
N ASP A 2768 -53.41 -11.83 23.08
CA ASP A 2768 -53.70 -13.16 23.62
C ASP A 2768 -52.68 -14.11 23.00
N TRP A 2769 -51.70 -14.49 23.81
CA TRP A 2769 -50.45 -15.08 23.30
C TRP A 2769 -50.69 -16.41 22.63
N ASN A 2770 -51.50 -17.26 23.25
CA ASN A 2770 -51.72 -18.60 22.73
C ASN A 2770 -52.50 -18.58 21.44
N SER A 2771 -53.51 -17.73 21.37
CA SER A 2771 -54.41 -17.71 20.23
C SER A 2771 -53.68 -17.27 18.99
N ASP A 2772 -52.84 -16.26 19.14
CA ASP A 2772 -51.96 -15.88 18.05
C ASP A 2772 -50.94 -16.96 17.77
N ARG A 2773 -50.48 -17.66 18.81
CA ARG A 2773 -49.42 -18.66 18.63
C ARG A 2773 -49.89 -19.78 17.74
N ASP A 2774 -51.12 -20.25 17.95
CA ASP A 2774 -51.71 -21.23 17.05
C ASP A 2774 -51.94 -20.63 15.69
N ALA A 2775 -52.34 -19.37 15.66
CA ALA A 2775 -52.45 -18.66 14.40
C ALA A 2775 -51.09 -18.51 13.75
N LEU A 2776 -50.07 -18.17 14.56
CA LEU A 2776 -48.73 -17.97 14.04
C LEU A 2776 -48.15 -19.24 13.47
N GLU A 2777 -48.31 -20.34 14.20
CA GLU A 2777 -47.78 -21.62 13.74
C GLU A 2777 -48.54 -22.07 12.50
N GLN A 2778 -49.83 -21.73 12.44
CA GLN A 2778 -50.57 -21.89 11.19
C GLN A 2778 -50.00 -20.98 10.12
N SER A 2779 -49.71 -19.74 10.49
CA SER A 2779 -49.20 -18.77 9.53
C SER A 2779 -47.78 -19.10 9.12
N VAL A 2780 -46.95 -19.52 10.08
CA VAL A 2780 -45.57 -19.90 9.79
C VAL A 2780 -45.53 -21.16 8.93
N LYS A 2781 -46.55 -22.02 9.06
CA LYS A 2781 -46.70 -23.12 8.12
C LYS A 2781 -46.91 -22.59 6.72
N SER A 2782 -47.88 -21.72 6.56
CA SER A 2782 -48.16 -21.11 5.28
C SER A 2782 -47.12 -20.04 4.96
N VAL A 2786 -42.49 -16.34 -1.88
CA VAL A 2786 -41.55 -15.26 -2.02
C VAL A 2786 -42.06 -13.91 -1.41
N PRO A 2787 -43.37 -13.53 -1.54
CA PRO A 2787 -43.88 -12.51 -0.61
C PRO A 2787 -44.09 -13.02 0.80
N THR A 2788 -44.83 -12.25 1.58
CA THR A 2788 -45.04 -12.44 3.02
C THR A 2788 -43.77 -12.66 3.86
N PRO A 2789 -42.90 -11.67 3.94
CA PRO A 2789 -42.03 -11.64 5.11
C PRO A 2789 -42.78 -11.21 6.34
N ARG A 2790 -43.87 -10.47 6.15
CA ARG A 2790 -44.71 -9.98 7.22
C ARG A 2790 -45.24 -11.12 8.05
N ARG A 2791 -45.41 -12.28 7.44
CA ARG A 2791 -45.49 -13.53 8.16
C ARG A 2791 -44.36 -13.61 9.17
N GLN A 2792 -43.13 -13.73 8.67
CA GLN A 2792 -41.98 -13.94 9.54
C GLN A 2792 -41.72 -12.72 10.39
N MET A 2793 -42.12 -11.55 9.90
CA MET A 2793 -42.09 -10.36 10.73
C MET A 2793 -43.05 -10.49 11.90
N PHE A 2794 -44.29 -10.92 11.63
CA PHE A 2794 -45.24 -11.09 12.71
C PHE A 2794 -44.81 -12.21 13.61
N LYS A 2795 -44.22 -13.25 13.02
CA LYS A 2795 -43.72 -14.39 13.76
C LYS A 2795 -42.65 -13.98 14.75
N THR A 2796 -41.82 -13.01 14.37
CA THR A 2796 -40.95 -12.41 15.35
C THR A 2796 -41.74 -11.55 16.32
N PHE A 2797 -42.75 -10.84 15.82
CA PHE A 2797 -43.23 -9.62 16.48
C PHE A 2797 -43.85 -9.89 17.85
N LEU A 2798 -44.85 -10.76 17.90
CA LEU A 2798 -45.43 -11.13 19.18
C LEU A 2798 -44.44 -11.96 19.99
N ALA A 2799 -43.63 -12.78 19.30
CA ALA A 2799 -42.62 -13.57 19.98
C ALA A 2799 -41.60 -12.67 20.63
N LEU A 2800 -41.26 -11.58 19.96
CA LEU A 2800 -40.51 -10.55 20.66
C LEU A 2800 -41.36 -9.90 21.73
N GLN A 2801 -42.63 -9.62 21.43
CA GLN A 2801 -43.50 -8.97 22.39
C GLN A 2801 -43.76 -9.85 23.59
N ASN A 2802 -43.73 -11.17 23.39
CA ASN A 2802 -43.89 -12.06 24.52
C ASN A 2802 -42.61 -12.18 25.34
N PHE A 2803 -41.46 -12.26 24.67
CA PHE A 2803 -40.22 -12.64 25.34
C PHE A 2803 -39.81 -11.61 26.39
N ALA A 2804 -39.94 -10.33 26.05
CA ALA A 2804 -39.68 -9.31 27.07
C ALA A 2804 -40.85 -9.19 28.04
N GLU A 2805 -42.07 -9.58 27.62
CA GLU A 2805 -43.21 -9.51 28.52
C GLU A 2805 -43.04 -10.48 29.69
N SER A 2806 -42.48 -11.65 29.43
CA SER A 2806 -41.87 -12.43 30.51
C SER A 2806 -40.69 -11.60 30.96
N ARG A 2807 -40.88 -10.84 32.04
CA ARG A 2807 -40.11 -9.63 32.27
C ARG A 2807 -38.65 -9.96 32.55
N LYS A 2808 -37.80 -9.56 31.61
CA LYS A 2808 -36.43 -10.05 31.47
C LYS A 2808 -36.43 -11.59 31.48
N GLY A 2809 -37.19 -12.13 30.53
CA GLY A 2809 -37.12 -13.55 30.25
C GLY A 2809 -36.05 -13.78 29.21
N ASP A 2810 -36.04 -12.97 28.16
CA ASP A 2810 -35.20 -13.23 26.99
C ASP A 2810 -34.98 -12.03 26.08
N GLN A 2811 -33.85 -12.05 25.39
CA GLN A 2811 -33.57 -11.18 24.26
C GLN A 2811 -32.73 -11.86 23.17
N GLU A 2812 -32.24 -13.07 23.39
CA GLU A 2812 -31.24 -13.65 22.50
C GLU A 2812 -31.84 -14.14 21.19
N VAL A 2813 -33.03 -14.72 21.23
CA VAL A 2813 -33.65 -15.16 19.99
C VAL A 2813 -34.14 -13.96 19.20
N ARG A 2814 -34.35 -12.83 19.87
CA ARG A 2814 -34.60 -11.60 19.15
C ARG A 2814 -33.39 -11.21 18.31
N LYS A 2815 -32.20 -11.45 18.82
CA LYS A 2815 -31.03 -11.28 17.97
C LYS A 2815 -30.96 -12.38 16.91
N LEU A 2816 -31.48 -13.57 17.22
CA LEU A 2816 -31.68 -14.54 16.17
C LEU A 2816 -32.79 -14.06 15.23
N CYS A 2817 -33.76 -13.31 15.77
CA CYS A 2817 -34.81 -12.75 14.92
C CYS A 2817 -34.32 -11.64 14.02
N ASP A 2818 -33.10 -11.17 14.19
CA ASP A 2818 -32.56 -10.30 13.17
C ASP A 2818 -32.28 -11.04 11.86
N GLU A 2819 -32.25 -12.38 11.88
CA GLU A 2819 -32.11 -13.13 10.64
C GLU A 2819 -33.34 -13.01 9.77
N GLY A 2820 -34.49 -12.67 10.37
CA GLY A 2820 -35.66 -12.35 9.58
C GLY A 2820 -35.43 -11.14 8.69
N ILE A 2821 -34.67 -10.16 9.19
CA ILE A 2821 -34.25 -9.07 8.33
C ILE A 2821 -33.33 -9.60 7.24
N GLN A 2822 -32.56 -10.63 7.55
CA GLN A 2822 -31.60 -11.14 6.57
C GLN A 2822 -32.29 -11.85 5.42
N LEU A 2823 -33.41 -12.48 5.68
CA LEU A 2823 -34.22 -12.92 4.55
C LEU A 2823 -34.87 -11.75 3.88
N SER A 2824 -35.30 -10.77 4.68
CA SER A 2824 -36.06 -9.62 4.19
C SER A 2824 -35.25 -8.79 3.22
N LEU A 2825 -33.94 -8.87 3.32
CA LEU A 2825 -33.10 -8.18 2.38
C LEU A 2825 -33.20 -8.77 0.98
N ILE A 2826 -33.53 -10.06 0.85
CA ILE A 2826 -33.46 -10.73 -0.44
C ILE A 2826 -34.47 -10.14 -1.41
N LYS A 2827 -35.52 -9.52 -0.88
CA LYS A 2827 -36.46 -8.79 -1.73
C LYS A 2827 -35.78 -7.63 -2.43
N TRP A 2828 -35.15 -6.74 -1.66
CA TRP A 2828 -34.71 -5.44 -2.18
C TRP A 2828 -33.61 -5.54 -3.21
N VAL A 2829 -33.19 -6.75 -3.59
CA VAL A 2829 -32.37 -6.98 -4.75
C VAL A 2829 -33.04 -7.88 -5.75
N SER A 2830 -34.33 -8.15 -5.62
CA SER A 2830 -34.93 -9.06 -6.58
C SER A 2830 -35.31 -8.37 -7.88
N LEU A 2831 -36.35 -7.54 -7.86
CA LEU A 2831 -36.86 -7.03 -9.12
C LEU A 2831 -36.23 -5.76 -9.67
N PRO A 2832 -36.17 -4.64 -8.95
CA PRO A 2832 -35.82 -3.39 -9.64
C PRO A 2832 -34.34 -3.11 -9.66
N ILE A 2833 -33.92 -2.03 -10.33
CA ILE A 2833 -32.59 -1.49 -10.18
C ILE A 2833 -32.62 -0.05 -9.69
N ARG A 2834 -33.55 0.75 -10.20
CA ARG A 2834 -33.80 2.08 -9.68
C ARG A 2834 -34.67 1.99 -8.43
N TYR A 2835 -35.19 3.11 -7.95
CA TYR A 2835 -35.96 3.11 -6.71
C TYR A 2835 -37.41 3.13 -7.12
N THR A 2836 -37.86 2.03 -7.57
CA THR A 2836 -39.28 1.86 -7.79
C THR A 2836 -39.94 1.64 -6.45
N PRO A 2837 -41.14 2.18 -6.23
CA PRO A 2837 -41.69 2.27 -4.86
C PRO A 2837 -42.01 0.96 -4.16
N ALA A 2838 -41.70 -0.17 -4.81
CA ALA A 2838 -41.48 -1.42 -4.11
C ALA A 2838 -40.59 -1.20 -2.90
N HIS A 2839 -39.49 -0.48 -3.12
CA HIS A 2839 -38.67 0.00 -2.04
C HIS A 2839 -39.48 0.77 -1.00
N LYS A 2840 -40.40 1.63 -1.47
CA LYS A 2840 -41.03 2.61 -0.58
C LYS A 2840 -41.89 1.93 0.46
N TRP A 2841 -42.40 0.74 0.16
CA TRP A 2841 -42.91 -0.09 1.22
C TRP A 2841 -41.79 -0.85 1.91
N LEU A 2842 -40.92 -1.51 1.13
CA LEU A 2842 -39.99 -2.50 1.70
C LEU A 2842 -38.96 -1.84 2.58
N LEU A 2843 -38.77 -0.54 2.40
CA LEU A 2843 -37.99 0.21 3.36
C LEU A 2843 -38.75 0.41 4.66
N HIS A 2844 -40.06 0.70 4.56
CA HIS A 2844 -40.85 1.08 5.74
C HIS A 2844 -40.88 -0.02 6.77
N GLY A 2845 -40.91 -1.26 6.30
CA GLY A 2845 -40.77 -2.37 7.22
C GLY A 2845 -39.34 -2.60 7.66
N PHE A 2846 -38.39 -2.41 6.73
CA PHE A 2846 -36.99 -2.52 7.08
C PHE A 2846 -36.60 -1.49 8.12
N GLN A 2847 -37.32 -0.37 8.14
CA GLN A 2847 -37.24 0.56 9.26
C GLN A 2847 -37.67 -0.12 10.55
N GLN A 2848 -38.77 -0.85 10.52
CA GLN A 2848 -39.38 -1.31 11.77
C GLN A 2848 -38.58 -2.41 12.43
N TYR A 2849 -38.00 -3.31 11.63
CA TYR A 2849 -37.37 -4.51 12.17
C TYR A 2849 -36.19 -4.14 13.05
N MET A 2850 -35.49 -3.08 12.68
CA MET A 2850 -34.51 -2.54 13.59
C MET A 2850 -35.16 -1.83 14.75
N GLU A 2851 -36.28 -1.12 14.51
CA GLU A 2851 -36.92 -0.37 15.59
C GLU A 2851 -37.42 -1.28 16.67
N PHE A 2852 -37.77 -2.51 16.29
CA PHE A 2852 -38.13 -3.55 17.24
C PHE A 2852 -36.95 -3.92 18.11
N LEU A 2853 -35.88 -4.40 17.49
CA LEU A 2853 -34.71 -4.82 18.25
C LEU A 2853 -34.07 -3.64 18.97
N GLU A 2854 -34.29 -2.44 18.46
CA GLU A 2854 -33.95 -1.22 19.20
C GLU A 2854 -34.77 -1.14 20.47
N ALA A 2855 -36.04 -1.46 20.37
CA ALA A 2855 -36.88 -1.35 21.55
C ALA A 2855 -36.58 -2.46 22.54
N THR A 2856 -36.01 -3.57 22.05
CA THR A 2856 -35.92 -4.80 22.82
C THR A 2856 -35.04 -4.65 24.04
N GLN A 2857 -33.81 -4.20 23.84
CA GLN A 2857 -32.96 -3.86 24.96
C GLN A 2857 -33.52 -2.68 25.73
N ILE A 2858 -34.13 -1.73 25.01
CA ILE A 2858 -34.75 -0.57 25.63
C ILE A 2858 -35.90 -1.00 26.52
N TYR A 2859 -36.58 -2.08 26.15
CA TYR A 2859 -37.57 -2.66 27.03
C TYR A 2859 -36.93 -3.31 28.24
N ALA A 2860 -35.90 -4.14 28.05
CA ALA A 2860 -35.45 -5.03 29.12
C ALA A 2860 -34.73 -4.26 30.21
N ASN A 2861 -33.91 -3.28 29.82
CA ASN A 2861 -33.20 -2.47 30.79
C ASN A 2861 -34.17 -1.62 31.61
N LEU A 2862 -35.26 -1.21 30.98
CA LEU A 2862 -36.32 -0.53 31.70
C LEU A 2862 -36.98 -1.47 32.70
N HIS A 2863 -37.17 -2.74 32.31
CA HIS A 2863 -37.60 -3.74 33.25
C HIS A 2863 -36.51 -4.02 34.29
N THR A 2864 -35.26 -3.81 33.91
CA THR A 2864 -34.17 -4.03 34.86
C THR A 2864 -34.03 -2.88 35.86
N THR A 2865 -33.92 -1.64 35.37
CA THR A 2865 -33.49 -0.54 36.21
C THR A 2865 -34.59 -0.09 37.16
N THR A 2866 -35.85 -0.18 36.70
CA THR A 2866 -36.97 0.01 37.60
C THR A 2866 -36.98 -1.06 38.68
N VAL A 2867 -36.50 -2.25 38.35
CA VAL A 2867 -36.31 -3.27 39.36
C VAL A 2867 -35.00 -3.02 40.11
N SER A 2872 -33.19 10.02 36.26
CA SER A 2872 -32.29 8.93 35.91
C SER A 2872 -32.88 8.08 34.81
N LYS A 2873 -33.50 6.97 35.20
CA LYS A 2873 -34.09 6.06 34.24
C LYS A 2873 -35.33 6.65 33.57
N ALA A 2874 -35.95 7.66 34.17
CA ALA A 2874 -36.98 8.43 33.46
C ALA A 2874 -36.36 9.25 32.34
N GLN A 2875 -35.13 9.71 32.50
CA GLN A 2875 -34.46 10.46 31.44
C GLN A 2875 -33.91 9.53 30.37
N GLU A 2876 -33.33 8.40 30.79
CA GLU A 2876 -32.67 7.49 29.86
C GLU A 2876 -33.67 6.88 28.89
N ILE A 2877 -34.85 6.53 29.37
CA ILE A 2877 -35.89 6.11 28.46
C ILE A 2877 -36.40 7.28 27.65
N LYS A 2878 -36.39 8.49 28.24
CA LYS A 2878 -36.83 9.66 27.49
C LYS A 2878 -35.92 9.98 26.32
N ARG A 2879 -34.70 9.44 26.32
CA ARG A 2879 -33.86 9.52 25.13
C ARG A 2879 -34.42 8.68 24.01
N ILE A 2880 -34.47 7.36 24.19
CA ILE A 2880 -34.89 6.45 23.13
C ILE A 2880 -36.36 6.65 22.80
N LEU A 2881 -37.15 7.17 23.75
CA LEU A 2881 -38.54 7.49 23.44
C LEU A 2881 -38.64 8.72 22.58
N GLN A 2882 -37.87 9.76 22.88
CA GLN A 2882 -37.88 10.93 22.00
C GLN A 2882 -37.29 10.59 20.64
N ALA A 2883 -36.33 9.66 20.62
CA ALA A 2883 -35.76 9.17 19.37
C ALA A 2883 -36.80 8.47 18.51
N TRP A 2884 -37.54 7.55 19.11
CA TRP A 2884 -38.65 6.98 18.38
C TRP A 2884 -39.81 7.96 18.24
N ARG A 2885 -39.88 9.01 19.09
CA ARG A 2885 -40.78 10.11 18.79
C ARG A 2885 -40.28 10.93 17.62
N ASP A 2886 -38.99 10.84 17.33
CA ASP A 2886 -38.44 11.59 16.20
C ASP A 2886 -38.55 10.82 14.89
N ARG A 2887 -38.14 9.55 14.88
CA ARG A 2887 -37.94 8.84 13.61
C ARG A 2887 -39.28 8.44 13.01
N LEU A 2888 -40.01 9.45 12.54
CA LEU A 2888 -41.41 9.32 12.14
C LEU A 2888 -41.52 9.64 10.66
N PRO A 2889 -42.40 8.95 9.90
CA PRO A 2889 -42.29 8.98 8.43
C PRO A 2889 -42.76 10.27 7.78
N ASN A 2890 -42.67 10.32 6.45
CA ASN A 2890 -43.01 11.52 5.71
C ASN A 2890 -44.50 11.80 5.77
N THR A 2891 -44.85 13.07 5.88
CA THR A 2891 -46.22 13.47 6.21
C THR A 2891 -47.17 13.40 5.05
N TRP A 2892 -46.76 12.90 3.91
CA TRP A 2892 -47.69 12.74 2.82
C TRP A 2892 -47.52 11.38 2.18
N ASP A 2893 -47.07 10.41 2.97
CA ASP A 2893 -46.48 9.22 2.37
C ASP A 2893 -47.53 8.23 1.91
N ASP A 2894 -48.25 7.63 2.85
CA ASP A 2894 -49.22 6.58 2.56
C ASP A 2894 -50.01 6.32 3.82
N VAL A 2895 -51.33 6.21 3.66
CA VAL A 2895 -52.19 6.18 4.83
C VAL A 2895 -52.05 4.87 5.56
N ASN A 2896 -51.85 3.79 4.80
CA ASN A 2896 -51.62 2.48 5.41
C ASN A 2896 -50.34 2.47 6.23
N MET A 2897 -49.29 3.10 5.70
CA MET A 2897 -48.00 3.08 6.38
C MET A 2897 -48.07 3.82 7.71
N TRP A 2898 -48.53 5.08 7.69
CA TRP A 2898 -48.56 5.91 8.90
C TRP A 2898 -49.50 5.32 9.94
N ASN A 2899 -50.50 4.57 9.49
CA ASN A 2899 -51.30 3.79 10.42
C ASN A 2899 -50.47 2.70 11.07
N ASP A 2900 -49.73 1.94 10.27
CA ASP A 2900 -49.13 0.70 10.75
C ASP A 2900 -48.06 0.97 11.79
N LEU A 2901 -47.37 2.10 11.67
CA LEU A 2901 -46.45 2.49 12.72
C LEU A 2901 -47.19 2.97 13.95
N VAL A 2902 -48.30 3.69 13.75
CA VAL A 2902 -49.08 4.17 14.88
C VAL A 2902 -49.65 3.01 15.65
N THR A 2903 -49.91 1.90 14.96
CA THR A 2903 -50.27 0.68 15.65
C THR A 2903 -49.11 0.16 16.49
N TRP A 2904 -47.95 -0.04 15.86
CA TRP A 2904 -46.82 -0.68 16.54
C TRP A 2904 -46.26 0.21 17.63
N ARG A 2905 -46.50 1.51 17.55
CA ARG A 2905 -46.03 2.40 18.59
C ARG A 2905 -46.81 2.21 19.89
N GLN A 2906 -48.13 2.19 19.82
CA GLN A 2906 -48.93 2.19 21.05
C GLN A 2906 -48.85 0.84 21.75
N HIS A 2907 -48.69 -0.24 20.97
CA HIS A 2907 -48.51 -1.57 21.55
C HIS A 2907 -47.27 -1.63 22.41
N ALA A 2908 -46.23 -0.91 22.01
CA ALA A 2908 -45.08 -0.74 22.88
C ALA A 2908 -45.40 0.22 24.02
N PHE A 2909 -46.19 1.25 23.73
CA PHE A 2909 -46.56 2.21 24.76
C PHE A 2909 -47.43 1.56 25.83
N GLN A 2910 -48.13 0.48 25.48
CA GLN A 2910 -48.86 -0.30 26.47
C GLN A 2910 -47.92 -0.96 27.45
N VAL A 2911 -46.90 -1.64 26.94
CA VAL A 2911 -45.89 -2.25 27.79
C VAL A 2911 -45.10 -1.18 28.53
N ILE A 2912 -44.99 0.00 27.93
CA ILE A 2912 -44.40 1.14 28.62
C ILE A 2912 -45.26 1.55 29.79
N ASN A 2913 -46.56 1.55 29.62
CA ASN A 2913 -47.43 1.74 30.77
C ASN A 2913 -47.35 0.54 31.69
N ASN A 2914 -47.24 -0.66 31.13
CA ASN A 2914 -47.40 -1.89 31.90
C ASN A 2914 -46.26 -2.11 32.89
N ALA A 2915 -45.11 -1.50 32.64
CA ALA A 2915 -44.07 -1.50 33.66
C ALA A 2915 -44.28 -0.34 34.61
N TYR A 2916 -44.72 0.80 34.09
CA TYR A 2916 -44.90 1.97 34.93
C TYR A 2916 -46.12 1.83 35.83
N LEU A 2917 -47.14 1.10 35.37
CA LEU A 2917 -48.38 1.02 36.13
C LEU A 2917 -48.32 0.33 37.50
N PRO A 2918 -47.59 -0.79 37.72
CA PRO A 2918 -47.55 -1.32 39.09
C PRO A 2918 -46.58 -0.57 39.98
N LEU A 2919 -45.52 -0.06 39.37
CA LEU A 2919 -44.34 0.32 40.14
C LEU A 2919 -44.55 1.61 40.93
N ILE A 2920 -45.38 2.51 40.41
CA ILE A 2920 -45.64 3.77 41.11
C ILE A 2920 -46.58 3.58 42.31
N PRO A 2921 -47.64 2.74 42.26
CA PRO A 2921 -48.26 2.33 43.53
C PRO A 2921 -47.37 1.44 44.37
N ALA A 2922 -46.43 0.72 43.75
CA ALA A 2922 -45.42 0.01 44.53
C ALA A 2922 -44.52 1.01 45.25
N LEU A 2923 -44.23 2.14 44.62
CA LEU A 2923 -43.54 3.20 45.34
C LEU A 2923 -44.50 3.99 46.23
N GLN A 2924 -45.69 4.30 45.72
CA GLN A 2924 -46.66 5.07 46.48
C GLN A 2924 -48.06 4.87 45.92
N ALA A 2936 -41.25 9.82 34.35
CA ALA A 2936 -42.68 9.68 34.57
C ALA A 2936 -43.01 10.10 35.97
N TYR A 2937 -42.95 11.41 36.21
CA TYR A 2937 -43.48 11.98 37.45
C TYR A 2937 -44.96 11.64 37.61
N ARG A 2938 -45.75 11.85 36.55
CA ARG A 2938 -47.16 11.47 36.56
C ARG A 2938 -47.58 11.24 35.12
N GLY A 2939 -47.79 9.97 34.77
CA GLY A 2939 -48.47 9.63 33.53
C GLY A 2939 -47.62 9.49 32.28
N TYR A 2940 -47.61 8.29 31.71
CA TYR A 2940 -47.08 8.09 30.38
C TYR A 2940 -48.12 8.68 29.43
N HIS A 2941 -47.91 9.95 29.06
CA HIS A 2941 -48.78 10.65 28.13
C HIS A 2941 -48.29 10.52 26.71
N GLU A 2942 -47.48 9.48 26.44
CA GLU A 2942 -46.68 9.38 25.23
C GLU A 2942 -47.54 9.21 23.98
N ILE A 2943 -48.54 8.33 24.05
CA ILE A 2943 -49.29 7.97 22.86
C ILE A 2943 -50.17 9.09 22.35
N ALA A 2944 -50.38 10.14 23.16
CA ALA A 2944 -51.04 11.35 22.70
C ALA A 2944 -50.26 11.98 21.55
N TRP A 2945 -48.93 11.87 21.59
CA TRP A 2945 -48.11 12.34 20.48
C TRP A 2945 -48.35 11.51 19.23
N VAL A 2946 -48.48 10.19 19.37
CA VAL A 2946 -48.89 9.36 18.23
C VAL A 2946 -50.32 9.69 17.83
N ILE A 2947 -51.13 10.11 18.80
CA ILE A 2947 -52.52 10.45 18.53
C ILE A 2947 -52.61 11.77 17.80
N ASN A 2948 -52.01 12.82 18.36
CA ASN A 2948 -52.11 14.16 17.79
C ASN A 2948 -51.46 14.21 16.41
N ARG A 2949 -50.42 13.39 16.19
CA ARG A 2949 -49.76 13.36 14.89
C ARG A 2949 -50.67 12.75 13.83
N PHE A 2950 -51.26 11.59 14.13
CA PHE A 2950 -52.16 10.93 13.20
C PHE A 2950 -53.36 11.81 12.91
N ALA A 2951 -53.73 12.64 13.89
CA ALA A 2951 -54.80 13.61 13.71
C ALA A 2951 -54.47 14.61 12.62
N HIS A 2952 -53.27 15.18 12.67
CA HIS A 2952 -52.87 16.09 11.61
C HIS A 2952 -52.74 15.34 10.30
N VAL A 2953 -52.31 14.08 10.35
CA VAL A 2953 -52.24 13.27 9.14
C VAL A 2953 -53.63 12.99 8.62
N ALA A 2954 -54.58 12.76 9.50
CA ALA A 2954 -55.91 12.37 9.07
C ALA A 2954 -56.65 13.51 8.42
N ARG A 2955 -56.50 14.71 8.98
CA ARG A 2955 -57.00 15.88 8.30
C ARG A 2955 -56.30 16.07 6.97
N LYS A 2956 -55.01 15.70 6.90
CA LYS A 2956 -54.28 15.84 5.66
C LYS A 2956 -54.70 14.79 4.64
N HIS A 2957 -54.64 13.51 4.99
CA HIS A 2957 -54.97 12.45 4.02
C HIS A 2957 -56.45 12.32 3.76
N ASN A 2958 -57.29 13.09 4.49
CA ASN A 2958 -58.68 13.51 4.19
C ASN A 2958 -59.80 12.54 4.53
N MET A 2959 -59.60 11.52 5.35
CA MET A 2959 -60.72 10.76 5.88
C MET A 2959 -60.85 11.07 7.36
N PRO A 2960 -61.66 12.06 7.75
CA PRO A 2960 -61.67 12.52 9.15
C PRO A 2960 -62.62 11.77 10.09
N ASP A 2961 -63.22 10.67 9.65
CA ASP A 2961 -64.04 9.89 10.57
C ASP A 2961 -63.18 9.22 11.65
N VAL A 2962 -61.99 8.76 11.28
CA VAL A 2962 -61.10 8.13 12.26
C VAL A 2962 -60.52 9.18 13.22
N CYS A 2963 -60.52 10.45 12.80
CA CYS A 2963 -60.17 11.54 13.71
C CYS A 2963 -61.16 11.67 14.85
N ILE A 2964 -62.44 11.38 14.58
CA ILE A 2964 -63.38 11.22 15.67
C ILE A 2964 -63.05 9.96 16.47
N SER A 2965 -62.71 8.87 15.78
CA SER A 2965 -62.52 7.58 16.43
C SER A 2965 -61.26 7.57 17.30
N GLN A 2966 -60.24 8.30 16.90
CA GLN A 2966 -59.06 8.42 17.75
C GLN A 2966 -59.32 9.32 18.96
N LEU A 2967 -60.00 10.45 18.74
CA LEU A 2967 -60.21 11.44 19.80
C LEU A 2967 -61.09 10.87 20.90
N ALA A 2968 -61.96 9.94 20.57
CA ALA A 2968 -62.77 9.27 21.58
C ALA A 2968 -61.90 8.38 22.48
N ARG A 2969 -60.92 7.69 21.90
CA ARG A 2969 -60.07 6.78 22.66
C ARG A 2969 -59.13 7.52 23.61
N ILE A 2970 -59.00 8.84 23.46
CA ILE A 2970 -58.05 9.62 24.24
C ILE A 2970 -58.52 9.83 25.66
N TYR A 2971 -59.79 9.53 25.95
CA TYR A 2971 -60.50 9.99 27.14
C TYR A 2971 -59.89 9.55 28.47
N THR A 2972 -59.83 8.24 28.71
CA THR A 2972 -59.41 7.71 30.00
C THR A 2972 -57.89 7.65 30.06
N LEU A 2973 -57.28 8.60 30.76
CA LEU A 2973 -55.83 8.66 30.82
C LEU A 2973 -55.40 9.30 32.13
N PRO A 2974 -54.19 8.95 32.64
CA PRO A 2974 -53.54 9.72 33.71
C PRO A 2974 -52.93 11.02 33.21
N ASN A 2975 -52.13 11.68 34.07
CA ASN A 2975 -51.38 12.90 33.75
C ASN A 2975 -52.32 14.08 33.48
N ILE A 2976 -53.35 14.23 34.33
CA ILE A 2976 -54.33 15.31 34.18
C ILE A 2976 -53.76 16.71 34.42
N GLU A 2977 -52.49 16.81 34.84
CA GLU A 2977 -51.80 18.08 35.01
C GLU A 2977 -51.62 18.81 33.68
N ILE A 2978 -51.06 20.02 33.76
CA ILE A 2978 -51.14 21.04 32.72
C ILE A 2978 -50.54 20.58 31.39
N GLN A 2979 -49.49 19.75 31.45
CA GLN A 2979 -48.71 19.44 30.24
C GLN A 2979 -49.51 18.61 29.25
N GLU A 2980 -50.18 17.56 29.73
CA GLU A 2980 -51.08 16.83 28.85
C GLU A 2980 -52.33 17.62 28.54
N ALA A 2981 -52.70 18.55 29.42
CA ALA A 2981 -53.82 19.43 29.13
C ALA A 2981 -53.48 20.42 28.01
N PHE A 2982 -52.24 20.93 28.01
CA PHE A 2982 -51.81 21.83 26.94
C PHE A 2982 -51.63 21.07 25.64
N LEU A 2983 -51.28 19.78 25.71
CA LEU A 2983 -51.30 18.95 24.50
C LEU A 2983 -52.73 18.69 24.04
N LYS A 2984 -53.65 18.42 24.99
CA LYS A 2984 -55.01 18.01 24.63
C LYS A 2984 -55.86 19.16 24.11
N LEU A 2985 -55.65 20.37 24.64
CA LEU A 2985 -56.29 21.55 24.07
C LEU A 2985 -55.73 21.83 22.67
N ARG A 2986 -54.44 21.57 22.47
CA ARG A 2986 -53.87 21.58 21.13
C ARG A 2986 -54.45 20.44 20.30
N GLU A 2987 -54.79 19.33 20.94
CA GLU A 2987 -55.43 18.21 20.24
C GLU A 2987 -56.91 18.49 19.96
N GLN A 2988 -57.61 19.12 20.91
CA GLN A 2988 -59.04 19.37 20.73
C GLN A 2988 -59.30 20.50 19.74
N ALA A 2989 -58.42 21.50 19.69
CA ALA A 2989 -58.52 22.52 18.65
C ALA A 2989 -58.21 21.94 17.28
N LYS A 2990 -57.25 21.00 17.21
CA LYS A 2990 -57.07 20.24 15.98
C LYS A 2990 -58.25 19.32 15.71
N CYS A 2991 -58.96 18.91 16.77
CA CYS A 2991 -60.17 18.09 16.62
C CYS A 2991 -61.38 18.91 16.20
N HIS A 2992 -61.31 20.24 16.25
CA HIS A 2992 -62.41 21.06 15.78
C HIS A 2992 -62.30 21.30 14.27
N MET A 2996 -71.41 24.70 11.75
CA MET A 2996 -72.51 25.34 12.47
C MET A 2996 -72.95 24.50 13.64
N ASN A 2997 -73.39 23.27 13.35
CA ASN A 2997 -73.70 22.33 14.42
C ASN A 2997 -72.43 21.87 15.12
N GLU A 2998 -71.36 21.62 14.36
CA GLU A 2998 -70.08 21.25 14.96
C GLU A 2998 -69.47 22.42 15.72
N LEU A 2999 -69.72 23.65 15.28
CA LEU A 2999 -69.18 24.82 15.98
C LEU A 2999 -70.00 25.15 17.23
N THR A 3000 -71.33 25.00 17.17
CA THR A 3000 -72.16 25.25 18.34
C THR A 3000 -71.93 24.20 19.41
N THR A 3001 -71.61 22.98 19.00
CA THR A 3001 -71.11 21.98 19.93
C THR A 3001 -69.74 22.39 20.48
N GLY A 3002 -68.96 23.13 19.70
CA GLY A 3002 -67.72 23.69 20.22
C GLY A 3002 -67.98 24.76 21.27
N LEU A 3003 -69.02 25.56 21.07
CA LEU A 3003 -69.49 26.44 22.15
C LEU A 3003 -70.06 25.62 23.30
N ASP A 3004 -70.70 24.49 22.98
CA ASP A 3004 -71.09 23.54 24.02
C ASP A 3004 -69.86 22.86 24.63
N VAL A 3005 -68.79 22.69 23.84
CA VAL A 3005 -67.53 22.27 24.43
C VAL A 3005 -66.92 23.41 25.25
N ILE A 3006 -67.23 24.65 24.90
CA ILE A 3006 -66.65 25.79 25.61
C ILE A 3006 -67.28 25.97 26.99
N SER A 3007 -68.55 25.57 27.12
CA SER A 3007 -69.32 25.96 28.31
C SER A 3007 -68.92 25.17 29.56
N ASN A 3008 -68.66 23.86 29.43
CA ASN A 3008 -68.55 23.02 30.61
C ASN A 3008 -67.31 22.13 30.64
N THR A 3009 -66.63 21.95 29.49
CA THR A 3009 -65.54 20.97 29.42
C THR A 3009 -64.26 21.51 30.06
N ASN A 3010 -63.16 20.78 29.84
CA ASN A 3010 -62.14 20.44 30.84
C ASN A 3010 -61.83 21.50 31.90
N LEU A 3011 -61.38 22.68 31.46
CA LEU A 3011 -61.02 23.74 32.41
C LEU A 3011 -61.01 25.08 31.70
N VAL A 3012 -61.02 26.15 32.49
CA VAL A 3012 -60.68 27.50 32.05
C VAL A 3012 -59.48 28.04 32.83
N TYR A 3013 -58.82 27.15 33.58
CA TYR A 3013 -57.60 27.53 34.29
C TYR A 3013 -56.39 27.58 33.36
N PHE A 3014 -56.42 26.82 32.25
CA PHE A 3014 -55.31 26.69 31.32
C PHE A 3014 -55.16 27.96 30.46
N GLY A 3015 -54.34 27.85 29.42
CA GLY A 3015 -54.04 29.01 28.59
C GLY A 3015 -55.24 29.44 27.75
N THR A 3016 -55.62 30.70 27.89
CA THR A 3016 -56.80 31.27 27.24
C THR A 3016 -56.53 31.69 25.81
N VAL A 3017 -55.26 31.76 25.42
CA VAL A 3017 -54.92 32.11 24.04
C VAL A 3017 -55.38 31.01 23.10
N GLN A 3018 -55.28 29.75 23.55
CA GLN A 3018 -55.82 28.63 22.80
C GLN A 3018 -57.34 28.73 22.69
N LYS A 3019 -57.98 29.10 23.80
CA LYS A 3019 -59.42 29.28 23.76
C LYS A 3019 -59.82 30.52 22.99
N ALA A 3020 -59.02 31.59 23.07
CA ALA A 3020 -59.35 32.80 22.33
C ALA A 3020 -59.18 32.57 20.84
N GLU A 3021 -58.26 31.69 20.47
CA GLU A 3021 -58.16 31.24 19.08
C GLU A 3021 -59.43 30.52 18.66
N PHE A 3022 -60.01 29.73 19.58
CA PHE A 3022 -61.32 29.17 19.31
C PHE A 3022 -62.40 30.24 19.35
N PHE A 3023 -62.18 31.30 20.13
CA PHE A 3023 -63.16 32.37 20.19
C PHE A 3023 -63.16 33.19 18.92
N THR A 3024 -61.99 33.52 18.41
CA THR A 3024 -61.93 34.23 17.14
C THR A 3024 -62.31 33.33 15.97
N LEU A 3025 -62.06 32.02 16.07
CA LEU A 3025 -62.57 31.10 15.06
C LEU A 3025 -64.08 30.96 15.17
N LYS A 3026 -64.62 31.06 16.38
CA LYS A 3026 -66.05 31.23 16.53
C LYS A 3026 -66.50 32.57 15.98
N GLY A 3027 -65.70 33.62 16.16
CA GLY A 3027 -65.93 34.83 15.39
C GLY A 3027 -65.75 34.61 13.90
N MET A 3028 -64.74 33.80 13.51
CA MET A 3028 -64.57 33.48 12.10
C MET A 3028 -65.74 32.67 11.57
N PHE A 3029 -66.36 31.87 12.43
CA PHE A 3029 -67.66 31.29 12.09
C PHE A 3029 -68.76 32.35 12.12
N LEU A 3030 -68.65 33.33 13.03
CA LEU A 3030 -69.68 34.37 13.12
C LEU A 3030 -69.61 35.33 11.95
N SER A 3031 -68.40 35.75 11.59
CA SER A 3031 -68.21 36.52 10.38
C SER A 3031 -68.39 35.66 9.12
N LYS A 3032 -68.34 34.32 9.25
CA LYS A 3032 -68.75 33.48 8.13
C LYS A 3032 -70.23 33.66 7.82
N LEU A 3033 -71.02 34.01 8.84
CA LEU A 3033 -72.40 34.46 8.67
C LEU A 3033 -72.50 35.95 8.38
N ARG A 3034 -71.41 36.58 7.94
CA ARG A 3034 -71.26 38.01 7.63
C ARG A 3034 -71.43 38.91 8.84
N ALA A 3035 -71.51 38.35 10.05
CA ALA A 3035 -71.57 39.15 11.26
C ALA A 3035 -70.16 39.66 11.52
N TYR A 3036 -69.86 40.78 10.86
CA TYR A 3036 -68.50 41.30 10.88
C TYR A 3036 -68.14 41.87 12.23
N GLU A 3037 -68.94 42.79 12.73
CA GLU A 3037 -68.51 43.67 13.82
C GLU A 3037 -68.46 42.94 15.16
N GLU A 3038 -69.42 42.05 15.43
CA GLU A 3038 -69.39 41.28 16.68
C GLU A 3038 -68.22 40.31 16.67
N ALA A 3039 -67.90 39.76 15.51
CA ALA A 3039 -66.82 38.80 15.40
C ALA A 3039 -65.46 39.44 15.56
N ASN A 3040 -65.19 40.49 14.78
CA ASN A 3040 -63.86 41.06 14.69
C ASN A 3040 -63.44 41.72 15.98
N GLN A 3041 -64.38 42.41 16.64
CA GLN A 3041 -64.10 43.00 17.94
C GLN A 3041 -63.78 41.93 18.98
N ALA A 3042 -64.49 40.81 18.93
CA ALA A 3042 -64.10 39.66 19.74
C ALA A 3042 -62.78 39.08 19.24
N PHE A 3043 -62.61 39.03 17.92
CA PHE A 3043 -61.38 38.50 17.36
C PHE A 3043 -60.20 39.41 17.62
N ALA A 3044 -60.42 40.73 17.61
CA ALA A 3044 -59.36 41.64 18.02
C ALA A 3044 -59.08 41.52 19.51
N THR A 3045 -60.12 41.24 20.31
CA THR A 3045 -59.93 41.01 21.74
C THR A 3045 -59.32 39.64 22.00
N ALA A 3046 -59.62 38.67 21.13
CA ALA A 3046 -59.06 37.32 21.28
C ALA A 3046 -57.55 37.32 21.14
N VAL A 3047 -57.04 38.05 20.14
CA VAL A 3047 -55.59 38.18 20.01
C VAL A 3047 -55.02 39.09 21.08
N GLN A 3048 -55.80 40.08 21.53
CA GLN A 3048 -55.32 41.03 22.54
C GLN A 3048 -55.11 40.35 23.87
N ILE A 3049 -55.91 39.33 24.18
CA ILE A 3049 -55.62 38.48 25.32
C ILE A 3049 -54.45 37.55 25.01
N ASP A 3050 -54.34 37.13 23.75
CA ASP A 3050 -53.42 36.07 23.38
C ASP A 3050 -51.98 36.56 23.34
N LEU A 3051 -51.74 37.63 22.58
CA LEU A 3051 -50.43 38.24 22.33
C LEU A 3051 -49.40 37.25 21.78
N ALA A 3054 -51.07 33.89 16.85
CA ALA A 3054 -51.10 35.03 15.96
C ALA A 3054 -51.64 34.65 14.58
N LYS A 3055 -51.78 33.35 14.34
CA LYS A 3055 -52.42 32.88 13.12
C LYS A 3055 -53.86 33.30 13.08
N ALA A 3056 -54.51 33.35 14.24
CA ALA A 3056 -55.81 34.00 14.35
C ALA A 3056 -55.69 35.50 14.15
N TRP A 3057 -54.59 36.10 14.62
CA TRP A 3057 -54.41 37.55 14.48
C TRP A 3057 -54.27 37.94 13.02
N ALA A 3058 -53.53 37.14 12.25
CA ALA A 3058 -53.53 37.35 10.81
C ALA A 3058 -54.89 37.03 10.22
N GLN A 3059 -55.52 35.94 10.69
CA GLN A 3059 -56.84 35.58 10.18
C GLN A 3059 -57.88 36.62 10.56
N TRP A 3060 -57.81 37.17 11.78
CA TRP A 3060 -58.70 38.27 12.16
C TRP A 3060 -58.38 39.51 11.35
N GLY A 3061 -57.10 39.72 11.04
CA GLY A 3061 -56.77 40.68 10.01
C GLY A 3061 -57.35 40.27 8.67
N PHE A 3062 -57.17 39.00 8.31
CA PHE A 3062 -57.70 38.49 7.04
C PHE A 3062 -59.21 38.53 7.02
N PHE A 3063 -59.84 38.30 8.17
CA PHE A 3063 -61.29 38.46 8.24
C PHE A 3063 -61.66 39.92 8.06
N ASN A 3064 -60.98 40.81 8.77
CA ASN A 3064 -61.20 42.24 8.58
C ASN A 3064 -60.76 42.67 7.18
N ASP A 3065 -59.77 41.98 6.62
CA ASP A 3065 -59.44 42.23 5.21
C ASP A 3065 -60.46 41.59 4.28
N ARG A 3066 -61.01 40.44 4.67
CA ARG A 3066 -62.16 39.93 3.93
C ARG A 3066 -63.36 40.85 4.13
N ARG A 3067 -63.48 41.44 5.32
CA ARG A 3067 -64.42 42.52 5.52
C ARG A 3067 -64.06 43.72 4.65
N LEU A 3068 -62.78 44.01 4.53
CA LEU A 3068 -62.34 45.02 3.57
C LEU A 3068 -62.55 44.57 2.14
N SER A 3069 -62.47 43.26 1.88
CA SER A 3069 -62.78 42.77 0.54
C SER A 3069 -64.25 42.97 0.23
N GLU A 3070 -65.10 42.80 1.23
CA GLU A 3070 -66.51 43.10 1.02
C GLU A 3070 -66.77 44.60 1.05
N GLU A 3071 -65.97 45.37 1.79
CA GLU A 3071 -66.19 46.81 1.97
C GLU A 3071 -65.09 47.58 1.26
N PRO A 3072 -65.33 48.04 0.02
CA PRO A 3072 -64.37 48.89 -0.69
C PRO A 3072 -64.08 50.22 -0.03
N ASN A 3073 -64.91 50.63 0.93
CA ASN A 3073 -64.60 51.78 1.76
C ASN A 3073 -63.31 51.54 2.53
N ASN A 3074 -62.49 52.57 2.58
CA ASN A 3074 -61.14 52.45 3.09
C ASN A 3074 -61.12 52.33 4.61
N ILE A 3075 -62.24 52.67 5.24
CA ILE A 3075 -62.31 52.76 6.70
C ILE A 3075 -62.14 51.39 7.32
N SER A 3076 -62.88 50.40 6.83
CA SER A 3076 -62.58 49.02 7.19
C SER A 3076 -61.23 48.59 6.65
N PHE A 3077 -60.83 49.15 5.49
CA PHE A 3077 -59.68 48.63 4.76
C PHE A 3077 -58.37 49.00 5.42
N ALA A 3078 -58.16 50.28 5.69
CA ALA A 3078 -56.93 50.70 6.33
C ALA A 3078 -56.86 50.23 7.78
N SER A 3079 -58.02 50.05 8.42
CA SER A 3079 -58.07 49.50 9.76
C SER A 3079 -57.61 48.05 9.79
N ASN A 3080 -58.04 47.27 8.80
CA ASN A 3080 -57.60 45.88 8.69
C ASN A 3080 -56.12 45.78 8.35
N ALA A 3081 -55.68 46.58 7.38
CA ALA A 3081 -54.41 46.35 6.71
C ALA A 3081 -53.24 46.62 7.62
N ILE A 3082 -53.30 47.70 8.39
CA ILE A 3082 -52.25 47.98 9.35
C ILE A 3082 -52.27 46.94 10.46
N SER A 3083 -53.46 46.47 10.83
CA SER A 3083 -53.54 45.40 11.82
C SER A 3083 -53.04 44.09 11.25
N CYS A 3084 -53.36 43.81 9.99
CA CYS A 3084 -53.05 42.50 9.43
C CYS A 3084 -51.56 42.34 9.14
N TYR A 3085 -50.94 43.37 8.55
CA TYR A 3085 -49.51 43.29 8.29
C TYR A 3085 -48.73 43.30 9.60
N LEU A 3086 -49.24 44.00 10.61
CA LEU A 3086 -48.66 43.90 11.94
C LEU A 3086 -48.94 42.54 12.55
N GLN A 3087 -50.12 42.00 12.29
CA GLN A 3087 -50.35 40.61 12.66
C GLN A 3087 -49.46 39.70 11.84
N ALA A 3088 -49.25 40.05 10.57
CA ALA A 3088 -48.26 39.32 9.78
C ALA A 3088 -46.86 39.59 10.29
N ALA A 3089 -46.62 40.78 10.84
CA ALA A 3089 -45.39 40.98 11.59
C ALA A 3089 -45.36 40.05 12.80
N GLY A 3090 -46.52 39.86 13.44
CA GLY A 3090 -46.61 38.84 14.47
C GLY A 3090 -46.55 37.43 13.93
N LEU A 3091 -46.82 37.26 12.64
CA LEU A 3091 -46.81 35.93 12.06
C LEU A 3091 -45.40 35.39 11.96
N TYR A 3092 -45.31 34.06 12.00
CA TYR A 3092 -44.04 33.36 11.97
C TYR A 3092 -43.36 33.52 10.63
N LYS A 3093 -42.04 33.49 10.68
CA LYS A 3093 -41.21 33.39 9.50
C LYS A 3093 -41.16 31.95 9.01
N ASN A 3094 -40.46 31.78 7.88
CA ASN A 3094 -40.14 30.46 7.30
C ASN A 3094 -41.41 29.68 6.98
N SER A 3095 -42.36 30.36 6.36
CA SER A 3095 -43.67 29.80 6.13
C SER A 3095 -44.14 30.35 4.79
N LYS A 3096 -45.45 30.27 4.58
CA LYS A 3096 -46.08 31.10 3.56
C LYS A 3096 -46.45 32.46 4.12
N ILE A 3097 -45.49 33.09 4.80
CA ILE A 3097 -45.66 34.47 5.19
C ILE A 3097 -45.50 35.36 3.99
N ARG A 3098 -44.83 34.86 2.96
CA ARG A 3098 -44.59 35.63 1.74
C ARG A 3098 -45.88 35.99 1.05
N GLU A 3099 -46.79 35.03 0.91
CA GLU A 3099 -48.07 35.32 0.29
C GLU A 3099 -48.91 36.23 1.17
N LEU A 3100 -48.75 36.10 2.49
CA LEU A 3100 -49.40 37.02 3.42
C LEU A 3100 -48.92 38.44 3.19
N LEU A 3101 -47.63 38.60 2.93
CA LEU A 3101 -47.15 39.90 2.51
C LEU A 3101 -47.66 40.27 1.13
N CYS A 3102 -47.87 39.27 0.27
CA CYS A 3102 -48.12 39.54 -1.14
C CYS A 3102 -49.50 40.12 -1.35
N ARG A 3103 -50.49 39.56 -0.67
CA ARG A 3103 -51.78 40.20 -0.61
C ARG A 3103 -51.69 41.56 0.05
N ILE A 3104 -50.86 41.67 1.08
CA ILE A 3104 -50.67 42.95 1.75
C ILE A 3104 -49.98 43.92 0.82
N LEU A 3105 -49.03 43.42 0.05
CA LEU A 3105 -48.48 44.20 -1.04
C LEU A 3105 -49.52 44.46 -2.10
N TRP A 3106 -50.37 43.48 -2.38
CA TRP A 3106 -51.48 43.75 -3.29
C TRP A 3106 -52.45 44.72 -2.65
N LEU A 3107 -52.62 44.65 -1.33
CA LEU A 3107 -53.48 45.61 -0.65
C LEU A 3107 -52.86 46.99 -0.68
N ILE A 3108 -51.55 47.05 -0.47
CA ILE A 3108 -50.85 48.31 -0.61
C ILE A 3108 -50.92 48.76 -2.06
N SER A 3109 -50.90 47.82 -2.99
CA SER A 3109 -51.23 48.16 -4.36
C SER A 3109 -52.69 48.55 -4.47
N ILE A 3110 -53.58 47.88 -3.74
CA ILE A 3110 -55.01 48.14 -3.86
C ILE A 3110 -55.46 49.42 -3.17
N ASP A 3111 -54.53 50.21 -2.62
CA ASP A 3111 -54.89 51.42 -1.90
C ASP A 3111 -55.63 52.42 -2.80
N ASP A 3112 -55.22 52.51 -4.06
CA ASP A 3112 -55.82 53.39 -5.09
C ASP A 3112 -55.91 54.83 -4.60
N ALA A 3113 -54.78 55.28 -4.04
CA ALA A 3113 -54.56 56.65 -3.56
C ALA A 3113 -55.54 57.03 -2.44
N SER A 3114 -55.63 56.21 -1.40
CA SER A 3114 -56.53 56.49 -0.29
C SER A 3114 -55.99 57.65 0.56
N GLY A 3115 -54.77 57.50 1.03
CA GLY A 3115 -54.16 58.49 1.88
C GLY A 3115 -54.15 58.03 3.34
N MET A 3116 -53.06 58.37 4.04
CA MET A 3116 -52.81 58.18 5.47
C MET A 3116 -52.68 56.72 5.90
N LEU A 3117 -52.80 55.75 5.00
CA LEU A 3117 -52.59 54.37 5.39
C LEU A 3117 -51.11 54.07 5.60
N THR A 3118 -50.23 54.74 4.86
CA THR A 3118 -48.80 54.53 5.03
C THR A 3118 -48.30 55.08 6.36
N ASN A 3119 -48.96 56.10 6.91
CA ASN A 3119 -48.64 56.56 8.25
C ASN A 3119 -48.96 55.50 9.28
N ALA A 3120 -50.04 54.76 9.07
CA ALA A 3120 -50.29 53.56 9.86
C ALA A 3120 -49.22 52.50 9.60
N PHE A 3121 -48.74 52.42 8.35
CA PHE A 3121 -47.70 51.47 8.03
C PHE A 3121 -46.36 51.88 8.64
N ASP A 3122 -46.04 53.17 8.62
CA ASP A 3122 -44.75 53.61 9.15
C ASP A 3122 -44.71 53.53 10.66
N SER A 3123 -45.83 53.82 11.32
CA SER A 3123 -45.90 53.66 12.76
C SER A 3123 -45.79 52.20 13.14
N PHE A 3124 -46.34 51.32 12.33
CA PHE A 3124 -46.29 49.88 12.58
C PHE A 3124 -45.21 49.26 11.71
N ARG A 3125 -44.09 49.97 11.58
CA ARG A 3125 -42.93 49.44 10.86
C ARG A 3125 -42.45 48.17 11.53
N GLY A 3126 -42.35 47.11 10.73
CA GLY A 3126 -42.19 45.76 11.25
C GLY A 3126 -40.75 45.29 11.15
N GLU A 3127 -40.42 44.28 11.96
CA GLU A 3127 -39.11 43.67 11.92
C GLU A 3127 -38.94 42.84 10.65
N ILE A 3128 -37.79 42.17 10.56
CA ILE A 3128 -37.15 41.64 9.36
C ILE A 3128 -38.05 40.83 8.45
N PRO A 3129 -38.41 41.35 7.28
CA PRO A 3129 -39.12 40.54 6.29
C PRO A 3129 -38.22 39.99 5.21
N VAL A 3130 -36.96 40.46 5.17
CA VAL A 3130 -36.27 40.71 3.92
C VAL A 3130 -36.05 39.42 3.15
N TRP A 3131 -35.43 38.44 3.81
CA TRP A 3131 -35.12 37.18 3.15
C TRP A 3131 -36.38 36.44 2.76
N TYR A 3132 -37.44 36.59 3.53
CA TYR A 3132 -38.73 36.15 3.05
C TYR A 3132 -39.26 37.12 2.02
N TRP A 3133 -39.09 38.42 2.23
CA TRP A 3133 -39.60 39.41 1.28
C TRP A 3133 -38.77 39.48 0.01
N ILE A 3134 -37.76 38.63 -0.13
CA ILE A 3134 -36.81 38.71 -1.23
C ILE A 3134 -37.39 38.29 -2.56
N THR A 3135 -38.51 37.57 -2.57
CA THR A 3135 -38.97 37.02 -3.82
C THR A 3135 -39.88 37.97 -4.58
N PHE A 3136 -40.61 38.81 -3.87
CA PHE A 3136 -41.52 39.75 -4.49
C PHE A 3136 -40.86 41.07 -4.84
N ILE A 3137 -39.57 41.18 -4.57
CA ILE A 3137 -38.78 42.39 -4.74
C ILE A 3137 -38.80 43.03 -6.13
N PRO A 3138 -38.70 42.31 -7.27
CA PRO A 3138 -38.70 43.05 -8.55
C PRO A 3138 -40.02 43.71 -8.82
N GLN A 3139 -41.09 43.07 -8.37
CA GLN A 3139 -42.38 43.74 -8.34
C GLN A 3139 -42.32 44.97 -7.46
N LEU A 3140 -41.67 44.84 -6.31
CA LEU A 3140 -41.64 45.93 -5.33
C LEU A 3140 -40.89 47.13 -5.86
N LEU A 3141 -40.00 46.89 -6.82
CA LEU A 3141 -39.39 48.00 -7.54
C LEU A 3141 -40.43 48.79 -8.32
N THR A 3142 -41.27 48.08 -9.09
CA THR A 3142 -42.11 48.75 -10.08
C THR A 3142 -43.19 49.58 -9.42
N SER A 3143 -43.74 49.10 -8.31
CA SER A 3143 -44.79 49.86 -7.64
C SER A 3143 -44.21 51.05 -6.91
N LEU A 3144 -43.03 50.89 -6.31
CA LEU A 3144 -42.31 52.02 -5.75
C LEU A 3144 -41.96 53.02 -6.83
N SER A 3145 -41.68 52.54 -8.03
CA SER A 3145 -41.60 53.43 -9.18
C SER A 3145 -42.96 54.00 -9.53
N HIS A 3146 -44.02 53.20 -9.41
CA HIS A 3146 -45.34 53.66 -9.81
C HIS A 3146 -45.88 54.71 -8.85
N LYS A 3147 -45.93 54.39 -7.56
CA LYS A 3147 -46.58 55.27 -6.61
C LYS A 3147 -46.19 54.91 -5.18
N GLU A 3148 -46.04 55.96 -4.35
CA GLU A 3148 -46.14 55.90 -2.89
C GLU A 3148 -45.08 54.98 -2.28
N ALA A 3149 -43.84 55.44 -2.35
CA ALA A 3149 -42.70 54.62 -1.94
C ALA A 3149 -42.19 55.04 -0.58
N ASN A 3150 -43.10 55.32 0.35
CA ASN A 3150 -42.71 55.80 1.67
C ASN A 3150 -42.04 54.69 2.47
N MET A 3151 -42.83 53.72 2.93
CA MET A 3151 -42.25 52.58 3.62
C MET A 3151 -41.49 51.68 2.66
N VAL A 3152 -41.78 51.80 1.36
CA VAL A 3152 -41.02 51.05 0.37
C VAL A 3152 -39.58 51.52 0.34
N ARG A 3153 -39.35 52.81 0.53
CA ARG A 3153 -37.98 53.27 0.74
C ARG A 3153 -37.45 52.75 2.06
N HIS A 3154 -38.30 52.70 3.08
CA HIS A 3154 -37.90 52.08 4.33
C HIS A 3154 -37.64 50.59 4.16
N ILE A 3155 -38.40 49.94 3.27
CA ILE A 3155 -38.24 48.50 3.08
C ILE A 3155 -36.96 48.20 2.32
N LEU A 3156 -36.79 48.81 1.15
CA LEU A 3156 -35.74 48.38 0.23
C LEU A 3156 -34.36 48.77 0.71
N ILE A 3157 -34.27 49.77 1.58
CA ILE A 3157 -32.97 50.22 2.09
C ILE A 3157 -32.34 49.13 2.93
N ARG A 3158 -33.08 48.63 3.91
CA ARG A 3158 -32.60 47.50 4.71
C ARG A 3158 -32.48 46.24 3.87
N ILE A 3159 -33.26 46.14 2.80
CA ILE A 3159 -33.27 44.94 1.98
C ILE A 3159 -31.96 44.80 1.24
N ALA A 3160 -31.54 45.84 0.52
CA ALA A 3160 -30.27 45.80 -0.18
C ALA A 3160 -29.11 45.77 0.81
N LYS A 3161 -29.33 46.28 2.02
CA LYS A 3161 -28.29 46.30 3.05
C LYS A 3161 -27.84 44.90 3.42
N SER A 3162 -28.76 44.02 3.78
CA SER A 3162 -28.36 42.69 4.19
C SER A 3162 -28.54 41.69 3.07
N TYR A 3163 -29.02 42.13 1.92
CA TYR A 3163 -28.99 41.33 0.71
C TYR A 3163 -28.31 42.16 -0.37
N PRO A 3164 -27.01 42.12 -0.43
CA PRO A 3164 -26.32 42.46 -1.67
C PRO A 3164 -26.44 41.31 -2.64
N GLN A 3165 -26.03 41.57 -3.88
CA GLN A 3165 -25.77 40.61 -4.97
C GLN A 3165 -27.01 39.99 -5.53
N ALA A 3166 -28.07 39.88 -4.78
CA ALA A 3166 -29.36 39.57 -5.30
C ALA A 3166 -30.12 40.85 -5.63
N LEU A 3167 -29.91 41.89 -4.83
CA LEU A 3167 -30.41 43.20 -5.21
C LEU A 3167 -29.71 43.71 -6.45
N HIS A 3168 -28.42 43.42 -6.57
CA HIS A 3168 -27.53 44.03 -7.54
C HIS A 3168 -27.85 43.73 -8.99
N PHE A 3169 -27.81 42.45 -9.37
CA PHE A 3169 -27.72 42.06 -10.78
C PHE A 3169 -28.95 42.47 -11.55
N GLN A 3170 -30.11 42.22 -10.98
CA GLN A 3170 -31.35 42.58 -11.65
C GLN A 3170 -31.52 44.09 -11.74
N LEU A 3171 -31.24 44.80 -10.65
CA LEU A 3171 -31.42 46.24 -10.67
C LEU A 3171 -30.41 46.93 -11.57
N ARG A 3172 -29.24 46.32 -11.73
CA ARG A 3172 -28.29 46.82 -12.72
C ARG A 3172 -28.85 46.65 -14.12
N THR A 3173 -29.57 45.55 -14.35
CA THR A 3173 -30.32 45.46 -15.58
C THR A 3173 -31.49 46.42 -15.57
N THR A 3174 -32.06 46.67 -14.40
CA THR A 3174 -33.31 47.42 -14.34
C THR A 3174 -33.09 48.92 -14.28
N LYS A 3175 -32.33 49.39 -13.29
CA LYS A 3175 -32.32 50.82 -13.00
C LYS A 3175 -31.61 51.61 -14.07
N GLU A 3176 -30.62 50.99 -14.73
CA GLU A 3176 -30.00 51.61 -15.89
C GLU A 3176 -30.99 51.75 -17.03
N ASP A 3177 -31.90 50.80 -17.17
CA ASP A 3177 -32.97 50.95 -18.14
C ASP A 3177 -34.02 51.96 -17.68
N PHE A 3178 -34.20 52.08 -16.36
CA PHE A 3178 -35.33 52.82 -15.82
C PHE A 3178 -35.18 54.33 -16.04
N ALA A 3179 -34.03 54.89 -15.65
CA ALA A 3179 -33.80 56.31 -15.88
C ALA A 3179 -33.53 56.61 -17.35
N VAL A 3180 -33.09 55.62 -18.14
CA VAL A 3180 -32.92 55.83 -19.57
C VAL A 3180 -34.27 55.89 -20.27
N ILE A 3181 -35.26 55.17 -19.73
CA ILE A 3181 -36.64 55.36 -20.17
C ILE A 3181 -37.23 56.63 -19.58
N GLN A 3182 -36.83 56.98 -18.35
CA GLN A 3182 -37.27 58.23 -17.76
C GLN A 3182 -36.67 59.45 -18.47
N ARG A 3183 -35.49 59.29 -19.04
CA ARG A 3183 -34.88 60.35 -19.84
C ARG A 3183 -34.32 59.78 -21.17
N ARG A 3202 -38.49 60.81 -12.22
CA ARG A 3202 -37.88 62.05 -11.76
C ARG A 3202 -37.11 61.85 -10.46
N GLN A 3203 -37.59 62.48 -9.40
CA GLN A 3203 -37.03 62.29 -8.06
C GLN A 3203 -37.07 60.83 -7.59
N PRO A 3204 -38.10 60.02 -7.90
CA PRO A 3204 -37.92 58.58 -7.67
C PRO A 3204 -36.89 57.96 -8.59
N TRP A 3205 -36.84 58.38 -9.85
CA TRP A 3205 -35.74 57.94 -10.70
C TRP A 3205 -34.43 58.48 -10.18
N GLU A 3206 -34.45 59.67 -9.55
CA GLU A 3206 -33.31 60.11 -8.79
C GLU A 3206 -33.13 59.28 -7.53
N TYR A 3207 -34.24 58.84 -6.92
CA TYR A 3207 -34.11 57.95 -5.77
C TYR A 3207 -33.59 56.58 -6.18
N LEU A 3208 -33.78 56.21 -7.45
CA LEU A 3208 -33.23 54.95 -7.96
C LEU A 3208 -31.71 54.98 -7.97
N GLN A 3209 -31.14 56.05 -8.49
CA GLN A 3209 -29.71 56.25 -8.39
C GLN A 3209 -29.29 56.46 -6.94
N GLU A 3210 -30.15 57.06 -6.13
CA GLU A 3210 -29.85 57.25 -4.72
C GLU A 3210 -29.77 55.93 -4.00
N LEU A 3211 -30.59 54.97 -4.42
CA LEU A 3211 -30.36 53.61 -3.99
C LEU A 3211 -29.05 53.08 -4.52
N ASN A 3212 -28.72 53.41 -5.78
CA ASN A 3212 -27.56 52.84 -6.44
C ASN A 3212 -26.27 53.30 -5.78
N ASN A 3213 -26.24 54.55 -5.33
CA ASN A 3213 -25.10 55.00 -4.54
C ASN A 3213 -25.09 54.35 -3.17
N ILE A 3214 -26.28 54.25 -2.55
CA ILE A 3214 -26.41 53.53 -1.29
C ILE A 3214 -26.04 52.07 -1.49
N LEU A 3215 -26.35 51.55 -2.67
CA LEU A 3215 -25.84 50.24 -3.05
C LEU A 3215 -24.33 50.26 -3.18
N LYS A 3216 -23.80 51.27 -3.88
CA LYS A 3216 -22.37 51.30 -4.13
C LYS A 3216 -21.58 51.55 -2.86
N THR A 3217 -22.19 52.23 -1.89
CA THR A 3217 -21.51 52.50 -0.63
C THR A 3217 -21.28 51.23 0.15
N ALA A 3218 -22.27 50.35 0.19
CA ALA A 3218 -22.06 49.09 0.83
C ALA A 3218 -21.27 48.17 -0.07
N TYR A 3219 -20.51 47.26 0.57
CA TYR A 3219 -19.72 46.11 0.09
C TYR A 3219 -19.14 46.33 -1.30
N PRO A 3220 -18.46 47.45 -1.53
CA PRO A 3220 -18.35 47.96 -2.90
C PRO A 3220 -17.40 47.18 -3.74
N LEU A 3221 -16.52 46.41 -3.11
CA LEU A 3221 -15.63 45.52 -3.85
C LEU A 3221 -16.43 44.55 -4.69
N LEU A 3222 -17.45 43.94 -4.09
CA LEU A 3222 -18.37 43.10 -4.83
C LEU A 3222 -19.14 43.92 -5.84
N ALA A 3223 -19.54 45.13 -5.43
CA ALA A 3223 -20.21 46.05 -6.35
C ALA A 3223 -19.29 46.45 -7.47
N LEU A 3224 -18.00 46.58 -7.16
CA LEU A 3224 -17.04 46.71 -8.23
C LEU A 3224 -16.97 45.43 -9.05
N SER A 3225 -16.83 44.29 -8.37
CA SER A 3225 -16.49 43.05 -9.06
C SER A 3225 -17.64 42.54 -9.90
N LEU A 3226 -18.85 42.65 -9.38
CA LEU A 3226 -20.01 42.18 -10.13
C LEU A 3226 -20.25 43.06 -11.33
N GLU A 3227 -20.12 44.37 -11.15
CA GLU A 3227 -20.12 45.28 -12.29
C GLU A 3227 -18.98 44.95 -13.21
N SER A 3228 -17.83 44.62 -12.62
CA SER A 3228 -16.74 44.13 -13.43
C SER A 3228 -17.09 42.81 -14.08
N LEU A 3229 -17.78 41.95 -13.34
CA LEU A 3229 -18.24 40.69 -13.91
C LEU A 3229 -19.24 40.94 -15.02
N VAL A 3230 -20.11 41.92 -14.80
CA VAL A 3230 -21.20 42.19 -15.74
C VAL A 3230 -20.64 42.59 -17.08
N ALA A 3231 -19.75 43.57 -17.07
CA ALA A 3231 -19.16 44.06 -18.31
C ALA A 3231 -18.30 43.00 -18.96
N GLN A 3232 -17.63 42.20 -18.14
CA GLN A 3232 -16.80 41.14 -18.65
C GLN A 3232 -17.62 40.15 -19.45
N ILE A 3233 -18.71 39.70 -18.87
CA ILE A 3233 -19.59 38.82 -19.59
C ILE A 3233 -20.30 39.57 -20.69
N ASN A 3234 -20.56 40.86 -20.47
CA ASN A 3234 -21.21 41.66 -21.51
C ASN A 3234 -20.36 41.73 -22.74
N ASP A 3235 -19.06 41.88 -22.55
CA ASP A 3235 -18.20 42.13 -23.68
C ASP A 3235 -17.92 40.86 -24.45
N ARG A 3236 -17.33 39.87 -23.77
CA ARG A 3236 -16.71 38.75 -24.46
C ARG A 3236 -17.75 37.86 -25.11
N PHE A 3237 -18.95 37.84 -24.57
CA PHE A 3237 -20.01 37.08 -25.21
C PHE A 3237 -20.72 37.87 -26.30
N LYS A 3238 -20.61 39.21 -26.28
CA LYS A 3238 -21.30 40.02 -27.28
C LYS A 3238 -20.73 39.74 -28.66
N SER A 3239 -21.54 39.09 -29.49
CA SER A 3239 -21.06 38.64 -30.79
C SER A 3239 -22.23 38.66 -31.77
N THR A 3240 -21.92 39.04 -33.01
CA THR A 3240 -22.93 39.08 -34.07
C THR A 3240 -22.34 38.63 -35.41
N THR A 3241 -21.56 37.56 -35.41
CA THR A 3241 -20.81 37.16 -36.60
C THR A 3241 -21.76 36.44 -37.54
N ASP A 3242 -22.34 37.22 -38.47
CA ASP A 3242 -23.38 36.82 -39.42
C ASP A 3242 -24.64 36.31 -38.74
N GLU A 3243 -24.81 36.60 -37.44
CA GLU A 3243 -25.93 36.05 -36.69
C GLU A 3243 -27.22 36.78 -36.99
N ASP A 3244 -27.13 38.10 -37.17
CA ASP A 3244 -28.29 38.88 -37.55
C ASP A 3244 -28.82 38.43 -38.91
N LEU A 3245 -27.93 37.94 -39.78
CA LEU A 3245 -28.31 37.46 -41.11
C LEU A 3245 -29.27 36.29 -41.03
N PHE A 3246 -28.98 35.31 -40.19
CA PHE A 3246 -29.95 34.26 -39.94
C PHE A 3246 -31.15 34.81 -39.18
N ARG A 3247 -30.90 35.75 -38.27
CA ARG A 3247 -31.99 36.40 -37.55
C ARG A 3247 -32.86 37.23 -38.48
N LEU A 3248 -32.27 37.78 -39.54
CA LEU A 3248 -33.07 38.47 -40.55
C LEU A 3248 -33.85 37.49 -41.38
N ILE A 3249 -33.17 36.45 -41.89
CA ILE A 3249 -33.81 35.50 -42.80
C ILE A 3249 -34.91 34.74 -42.10
N ASN A 3250 -34.76 34.55 -40.79
CA ASN A 3250 -35.80 33.87 -40.04
C ASN A 3250 -37.04 34.72 -39.93
N VAL A 3251 -36.90 35.91 -39.33
CA VAL A 3251 -38.05 36.72 -38.93
C VAL A 3251 -38.83 37.19 -40.14
N LEU A 3252 -38.15 37.34 -41.27
CA LEU A 3252 -38.82 37.75 -42.49
C LEU A 3252 -39.63 36.61 -43.09
N LEU A 3253 -39.00 35.45 -43.31
CA LEU A 3253 -39.68 34.34 -43.98
C LEU A 3253 -40.81 33.80 -43.13
N ILE A 3254 -40.64 33.89 -41.80
CA ILE A 3254 -41.69 33.46 -40.89
C ILE A 3254 -42.87 34.41 -40.92
N ASP A 3255 -42.59 35.71 -40.94
CA ASP A 3255 -43.67 36.68 -41.10
C ASP A 3255 -44.29 36.57 -42.48
N GLY A 3256 -43.47 36.21 -43.47
CA GLY A 3256 -43.91 36.27 -44.85
C GLY A 3256 -44.90 35.18 -45.21
N THR A 3257 -44.59 33.93 -44.87
CA THR A 3257 -45.54 32.84 -45.11
C THR A 3257 -46.74 32.95 -44.18
N LEU A 3258 -46.59 33.66 -43.05
CA LEU A 3258 -47.71 33.89 -42.14
C LEU A 3258 -48.81 34.69 -42.82
N ASN A 3259 -48.45 35.82 -43.42
CA ASN A 3259 -49.46 36.62 -44.12
C ASN A 3259 -49.93 35.92 -45.38
N TYR A 3260 -49.06 35.12 -46.00
CA TYR A 3260 -49.41 34.44 -47.24
C TYR A 3260 -50.49 33.41 -47.03
N ASN A 3261 -50.39 32.64 -45.95
CA ASN A 3261 -51.48 31.74 -45.61
C ASN A 3261 -52.65 32.50 -45.00
N ARG A 3262 -52.38 33.67 -44.38
CA ARG A 3262 -53.46 34.45 -43.78
C ARG A 3262 -54.43 34.96 -44.84
N LEU A 3263 -53.95 35.24 -46.04
CA LEU A 3263 -54.82 35.50 -47.16
C LEU A 3263 -55.18 34.18 -47.83
N PRO A 3273 -48.15 42.02 -51.56
CA PRO A 3273 -46.89 42.07 -50.81
C PRO A 3273 -46.37 43.48 -50.69
N GLU A 3274 -47.29 44.42 -50.47
CA GLU A 3274 -46.98 45.84 -50.64
C GLU A 3274 -46.13 46.38 -49.49
N ASN A 3275 -46.68 46.36 -48.28
CA ASN A 3275 -45.90 46.70 -47.10
C ASN A 3275 -44.77 45.69 -46.87
N THR A 3276 -44.98 44.46 -47.34
CA THR A 3276 -43.91 43.49 -47.42
C THR A 3276 -42.76 43.99 -48.30
N GLU A 3277 -43.09 44.51 -49.48
CA GLU A 3277 -42.04 45.13 -50.31
C GLU A 3277 -41.55 46.43 -49.69
N LYS A 3278 -42.42 47.14 -48.97
CA LYS A 3278 -42.01 48.40 -48.34
C LYS A 3278 -41.03 48.15 -47.21
N ASN A 3279 -41.30 47.14 -46.39
CA ASN A 3279 -40.35 46.76 -45.35
C ASN A 3279 -39.09 46.15 -45.96
N LEU A 3280 -39.22 45.56 -47.15
CA LEU A 3280 -38.10 44.86 -47.78
C LEU A 3280 -36.97 45.81 -48.12
N VAL A 3281 -37.29 47.04 -48.51
CA VAL A 3281 -36.26 48.06 -48.64
C VAL A 3281 -35.85 48.60 -47.29
N LYS A 3282 -36.76 48.57 -46.31
CA LYS A 3282 -36.47 49.16 -45.00
C LYS A 3282 -35.42 48.38 -44.25
N PHE A 3283 -35.56 47.05 -44.22
CA PHE A 3283 -34.57 46.24 -43.51
C PHE A 3283 -33.29 46.07 -44.31
N SER A 3284 -33.39 46.04 -45.65
CA SER A 3284 -32.19 45.99 -46.48
C SER A 3284 -31.39 47.28 -46.37
N THR A 3285 -32.04 48.37 -45.98
CA THR A 3285 -31.31 49.56 -45.54
C THR A 3285 -30.58 49.31 -44.22
N THR A 3286 -31.27 48.66 -43.26
CA THR A 3286 -30.62 48.32 -41.99
C THR A 3286 -29.50 47.31 -42.19
N LEU A 3287 -29.61 46.45 -43.20
CA LEU A 3287 -28.45 45.72 -43.68
C LEU A 3287 -27.49 46.70 -44.31
N LEU A 3288 -26.48 47.11 -43.55
CA LEU A 3288 -25.63 48.20 -43.96
C LEU A 3288 -24.54 47.75 -44.93
N TYR A 3291 -21.06 41.28 -49.60
CA TYR A 3291 -21.07 41.85 -48.27
C TYR A 3291 -22.50 42.22 -47.83
N ILE A 3292 -22.60 43.23 -46.96
CA ILE A 3292 -23.86 43.53 -46.28
C ILE A 3292 -24.84 44.21 -47.23
N ARG A 3293 -24.38 45.19 -47.97
CA ARG A 3293 -25.23 45.90 -48.93
C ARG A 3293 -25.68 45.12 -50.17
N PRO A 3294 -24.85 44.32 -50.87
CA PRO A 3294 -25.32 43.81 -52.18
C PRO A 3294 -26.44 42.80 -52.12
N LYS A 3295 -26.35 41.82 -51.23
CA LYS A 3295 -27.45 40.87 -51.09
C LYS A 3295 -28.68 41.54 -50.49
N PHE A 3296 -28.48 42.60 -49.69
CA PHE A 3296 -29.61 43.44 -49.28
C PHE A 3296 -30.29 44.05 -50.49
N ASN A 3297 -29.49 44.52 -51.45
CA ASN A 3297 -30.06 44.98 -52.70
C ASN A 3297 -30.58 43.82 -53.53
N ALA A 3298 -29.81 42.72 -53.59
CA ALA A 3298 -30.14 41.61 -54.47
C ALA A 3298 -31.41 40.91 -54.03
N ASP A 3299 -31.73 40.95 -52.74
CA ASP A 3299 -33.03 40.50 -52.28
C ASP A 3299 -34.10 41.57 -52.47
N PHE A 3300 -33.73 42.85 -52.41
CA PHE A 3300 -34.72 43.91 -52.54
C PHE A 3300 -35.22 44.03 -53.98
N ILE A 3301 -34.39 43.69 -54.96
CA ILE A 3301 -34.76 43.84 -56.36
C ILE A 3301 -35.43 42.58 -56.88
N ASP A 3302 -35.02 41.42 -56.38
CA ASP A 3302 -35.49 40.12 -56.88
C ASP A 3302 -36.98 39.91 -56.71
N PRO A 3305 -42.27 41.91 -55.44
CA PRO A 3305 -42.54 40.61 -56.05
C PRO A 3305 -43.52 39.80 -55.22
N ASP A 3306 -44.13 38.78 -55.85
CA ASP A 3306 -45.08 37.94 -55.16
C ASP A 3306 -44.39 37.13 -54.08
N TYR A 3307 -45.18 36.66 -53.12
CA TYR A 3307 -44.65 35.98 -51.94
C TYR A 3307 -44.02 34.64 -52.29
N GLU A 3308 -44.48 34.03 -53.37
CA GLU A 3308 -43.98 32.74 -53.81
C GLU A 3308 -42.50 32.83 -54.21
N THR A 3309 -42.14 33.86 -54.93
CA THR A 3309 -40.72 34.10 -55.18
C THR A 3309 -40.04 34.59 -53.92
N TYR A 3310 -40.76 35.39 -53.11
CA TYR A 3310 -40.18 36.03 -51.94
C TYR A 3310 -39.82 35.01 -50.87
N ILE A 3311 -40.63 33.97 -50.73
CA ILE A 3311 -40.26 32.85 -49.88
C ILE A 3311 -39.10 32.08 -50.49
N LYS A 3312 -39.25 31.72 -51.77
CA LYS A 3312 -38.36 30.76 -52.42
C LYS A 3312 -36.94 31.25 -52.48
N ARG A 3313 -36.76 32.53 -52.78
CA ARG A 3313 -35.42 33.09 -52.75
C ARG A 3313 -34.89 33.17 -51.32
N LEU A 3314 -35.70 33.71 -50.40
CA LEU A 3314 -35.25 33.90 -49.02
C LEU A 3314 -35.03 32.57 -48.33
N ARG A 3315 -35.80 31.54 -48.70
CA ARG A 3315 -35.55 30.21 -48.16
C ARG A 3315 -34.27 29.62 -48.72
N TYR A 3316 -34.07 29.76 -50.03
CA TYR A 3316 -32.81 29.36 -50.63
C TYR A 3316 -31.66 30.20 -50.09
N TRP A 3317 -31.93 31.48 -49.81
CA TRP A 3317 -30.96 32.31 -49.11
C TRP A 3317 -30.71 31.78 -47.70
N ARG A 3318 -31.78 31.40 -47.00
CA ARG A 3318 -31.61 30.77 -45.69
C ARG A 3318 -30.99 29.39 -45.82
N ARG A 3319 -31.24 28.71 -46.95
CA ARG A 3319 -30.70 27.36 -47.16
C ARG A 3319 -29.18 27.37 -47.17
N ARG A 3320 -28.60 28.31 -47.91
CA ARG A 3320 -27.15 28.40 -47.90
C ARG A 3320 -26.63 29.00 -46.61
N LEU A 3321 -27.39 29.94 -46.02
CA LEU A 3321 -26.96 30.59 -44.79
C LEU A 3321 -26.90 29.60 -43.64
N GLU A 3322 -27.83 28.66 -43.62
CA GLU A 3322 -27.72 27.54 -42.70
C GLU A 3322 -26.57 26.64 -43.10
N ASN A 3323 -26.41 26.40 -44.40
CA ASN A 3323 -25.33 25.55 -44.89
C ASN A 3323 -23.97 26.20 -44.65
N LYS A 3324 -23.91 27.53 -44.70
CA LYS A 3324 -22.66 28.22 -44.40
C LYS A 3324 -22.33 28.13 -42.92
N LEU A 3325 -23.27 28.53 -42.07
CA LEU A 3325 -23.01 28.67 -40.64
C LEU A 3325 -22.71 27.35 -39.99
N ASP A 3326 -23.26 26.27 -40.54
CA ASP A 3326 -23.01 24.95 -39.99
C ASP A 3326 -21.59 24.49 -40.26
N ARG A 3327 -20.94 25.04 -41.29
CA ARG A 3327 -19.57 24.66 -41.57
C ARG A 3327 -18.59 25.21 -40.55
N ALA A 3328 -19.00 26.17 -39.74
CA ALA A 3328 -18.12 26.86 -38.81
C ALA A 3328 -17.76 25.95 -37.63
N SER A 3329 -17.11 26.54 -36.62
CA SER A 3329 -16.64 25.80 -35.46
C SER A 3329 -17.73 25.67 -34.41
N LYS A 3330 -17.36 25.05 -33.29
CA LYS A 3330 -18.27 24.86 -32.18
C LYS A 3330 -17.73 25.34 -30.85
N LYS A 3331 -16.44 25.69 -30.77
CA LYS A 3331 -15.86 26.15 -29.52
C LYS A 3331 -14.62 27.00 -29.80
N GLU A 3332 -14.29 27.85 -28.84
CA GLU A 3332 -13.08 28.66 -28.89
C GLU A 3332 -12.74 29.13 -27.49
N ASN A 3333 -11.53 29.66 -27.33
CA ASN A 3333 -11.00 30.00 -26.01
C ASN A 3333 -11.68 31.27 -25.53
N LEU A 3334 -12.41 31.17 -24.43
CA LEU A 3334 -13.31 32.24 -24.04
C LEU A 3334 -12.60 33.35 -23.26
N GLU A 3335 -12.20 33.06 -22.01
CA GLU A 3335 -11.54 34.09 -21.21
C GLU A 3335 -10.10 34.28 -21.65
N VAL A 3336 -9.56 33.32 -22.39
CA VAL A 3336 -8.27 33.51 -23.05
C VAL A 3336 -8.42 34.54 -24.17
N LEU A 3337 -9.61 34.65 -24.76
CA LEU A 3337 -9.86 35.77 -25.67
C LEU A 3337 -9.98 37.10 -24.96
N CYS A 3338 -9.81 37.15 -23.64
CA CYS A 3338 -9.70 38.37 -22.88
C CYS A 3338 -8.30 38.52 -22.30
N PRO A 3339 -7.72 39.72 -22.39
CA PRO A 3339 -6.60 40.09 -21.52
C PRO A 3339 -7.08 40.68 -20.19
N HIS A 3340 -8.33 40.38 -19.83
CA HIS A 3340 -8.93 40.83 -18.59
C HIS A 3340 -8.15 40.37 -17.37
N LEU A 3341 -7.47 39.21 -17.47
CA LEU A 3341 -6.79 38.59 -16.34
C LEU A 3341 -5.66 39.44 -15.75
N SER A 3342 -5.17 40.45 -16.49
CA SER A 3342 -4.05 41.26 -16.02
C SER A 3342 -4.39 42.74 -15.86
N ASN A 3343 -5.59 43.18 -16.23
CA ASN A 3343 -5.98 44.58 -16.07
C ASN A 3343 -7.18 44.77 -15.15
N PHE A 3344 -8.20 43.93 -15.31
CA PHE A 3344 -9.38 43.97 -14.45
C PHE A 3344 -9.54 42.69 -13.65
N HIS A 3345 -9.31 41.53 -14.28
CA HIS A 3345 -9.23 40.28 -13.53
C HIS A 3345 -7.81 40.00 -13.04
N HIS A 3346 -6.94 41.01 -13.06
CA HIS A 3346 -5.89 41.13 -12.05
C HIS A 3346 -6.44 41.66 -10.75
N GLN A 3347 -7.74 41.99 -10.74
CA GLN A 3347 -8.58 42.07 -9.56
C GLN A 3347 -9.74 41.09 -9.69
N LYS A 3348 -9.48 39.90 -10.22
CA LYS A 3348 -10.43 38.80 -10.13
C LYS A 3348 -10.43 38.33 -8.71
N PHE A 3349 -11.57 38.45 -8.04
CA PHE A 3349 -11.61 38.16 -6.63
C PHE A 3349 -13.06 37.88 -6.23
N GLU A 3350 -13.28 37.84 -4.92
CA GLU A 3350 -14.52 38.04 -4.20
C GLU A 3350 -15.55 36.91 -4.30
N ASP A 3351 -15.39 36.00 -5.28
CA ASP A 3351 -16.04 34.69 -5.34
C ASP A 3351 -17.56 34.82 -5.16
N ILE A 3352 -18.18 35.52 -6.12
CA ILE A 3352 -19.55 35.98 -5.98
C ILE A 3352 -20.53 34.83 -5.78
N GLU A 3353 -21.68 35.16 -5.17
CA GLU A 3353 -22.75 34.20 -4.96
C GLU A 3353 -23.28 33.69 -6.29
N ILE A 3354 -23.75 32.45 -6.31
CA ILE A 3354 -24.21 31.79 -7.52
C ILE A 3354 -25.31 32.61 -8.14
N PRO A 3355 -25.27 32.82 -9.44
CA PRO A 3355 -26.14 33.82 -10.07
C PRO A 3355 -27.59 33.37 -10.10
N GLY A 3356 -28.44 34.09 -9.39
CA GLY A 3356 -29.83 33.71 -9.31
C GLY A 3356 -30.13 32.55 -8.39
N GLN A 3357 -29.14 32.02 -7.69
CA GLN A 3357 -29.47 31.03 -6.67
C GLN A 3357 -29.83 31.72 -5.36
N TYR A 3358 -30.62 32.78 -5.45
CA TYR A 3358 -31.60 33.17 -4.46
C TYR A 3358 -32.99 33.23 -5.07
N LEU A 3359 -33.10 33.10 -6.40
CA LEU A 3359 -34.39 33.21 -7.04
C LEU A 3359 -35.22 31.97 -6.81
N LEU A 3360 -34.60 30.79 -6.79
CA LEU A 3360 -35.31 29.56 -6.46
C LEU A 3360 -35.61 29.65 -4.98
N ASN A 3361 -36.78 30.23 -4.70
CA ASN A 3361 -37.11 30.83 -3.42
C ASN A 3361 -37.01 29.86 -2.26
N LYS A 3362 -36.34 30.29 -1.20
CA LYS A 3362 -36.23 29.55 0.03
C LYS A 3362 -36.18 30.58 1.14
N ASP A 3363 -35.75 30.19 2.33
CA ASP A 3363 -35.79 31.10 3.47
C ASP A 3363 -34.66 32.12 3.40
N ASN A 3364 -33.43 31.65 3.53
CA ASN A 3364 -32.29 32.53 3.41
C ASN A 3364 -31.10 31.69 2.98
N ASN A 3365 -30.08 32.36 2.47
CA ASN A 3365 -28.96 31.72 1.78
C ASN A 3365 -28.10 31.01 2.81
N VAL A 3366 -28.56 29.83 3.21
CA VAL A 3366 -27.86 29.05 4.22
C VAL A 3366 -26.53 28.55 3.67
N HIS A 3367 -26.60 27.81 2.58
CA HIS A 3367 -25.43 27.27 1.94
C HIS A 3367 -25.57 27.49 0.46
N PHE A 3368 -26.00 28.69 0.08
CA PHE A 3368 -26.16 29.01 -1.33
C PHE A 3368 -24.80 29.01 -2.00
N ILE A 3369 -24.76 28.50 -3.23
CA ILE A 3369 -23.50 28.20 -3.90
C ILE A 3369 -22.75 29.49 -4.28
N LYS A 3370 -21.44 29.37 -4.47
CA LYS A 3370 -20.60 30.48 -4.90
C LYS A 3370 -19.87 30.10 -6.17
N ILE A 3371 -20.00 30.94 -7.20
CA ILE A 3371 -19.36 30.66 -8.47
C ILE A 3371 -17.88 30.88 -8.31
N ALA A 3372 -17.07 29.96 -8.81
CA ALA A 3372 -15.64 30.05 -8.55
C ALA A 3372 -14.84 30.33 -9.81
N ARG A 3373 -14.91 29.51 -10.84
CA ARG A 3373 -13.92 29.61 -11.91
C ARG A 3373 -14.62 29.30 -13.21
N PHE A 3374 -14.62 30.26 -14.11
CA PHE A 3374 -15.29 30.09 -15.39
C PHE A 3374 -14.59 29.03 -16.20
N LEU A 3375 -15.37 28.18 -16.80
CA LEU A 3375 -14.81 27.23 -17.71
C LEU A 3375 -14.39 27.98 -18.96
N PRO A 3376 -13.37 27.49 -19.66
CA PRO A 3376 -12.89 28.20 -20.86
C PRO A 3376 -13.38 27.66 -22.18
N THR A 3377 -14.16 26.60 -22.21
CA THR A 3377 -14.49 26.01 -23.50
C THR A 3377 -15.92 26.43 -23.81
N VAL A 3378 -16.06 27.63 -24.31
CA VAL A 3378 -17.36 28.20 -24.61
C VAL A 3378 -17.85 27.51 -25.86
N ASP A 3379 -19.17 27.32 -25.95
CA ASP A 3379 -19.74 26.69 -27.12
C ASP A 3379 -20.82 27.60 -27.66
N PHE A 3380 -20.96 27.60 -28.98
CA PHE A 3380 -21.94 28.44 -29.66
C PHE A 3380 -22.63 27.56 -30.68
N VAL A 3381 -23.91 27.29 -30.44
CA VAL A 3381 -24.70 26.43 -31.29
C VAL A 3381 -25.90 27.21 -31.82
N ARG A 3382 -26.28 26.87 -33.04
CA ARG A 3382 -27.32 27.58 -33.77
C ARG A 3382 -28.40 26.59 -34.14
N GLY A 3383 -29.61 26.85 -33.67
CA GLY A 3383 -30.77 26.05 -34.00
C GLY A 3383 -31.56 26.64 -35.16
N THR A 3384 -32.59 25.89 -35.57
CA THR A 3384 -33.44 26.20 -36.72
C THR A 3384 -34.03 27.61 -36.70
N HIS A 3385 -34.23 28.16 -35.51
CA HIS A 3385 -34.73 29.52 -35.44
C HIS A 3385 -33.68 30.54 -35.03
N SER A 3386 -32.58 30.13 -34.39
CA SER A 3386 -31.78 31.13 -33.67
C SER A 3386 -30.37 30.60 -33.46
N SER A 3387 -29.63 31.23 -32.56
CA SER A 3387 -28.35 30.71 -32.13
C SER A 3387 -28.17 30.95 -30.65
N TYR A 3388 -27.36 30.11 -30.03
CA TYR A 3388 -27.14 30.24 -28.60
C TYR A 3388 -25.66 30.10 -28.35
N ARG A 3389 -25.13 30.90 -27.45
CA ARG A 3389 -23.77 30.74 -26.96
C ARG A 3389 -23.83 30.20 -25.54
N ARG A 3390 -22.92 29.27 -25.24
CA ARG A 3390 -23.01 28.52 -24.00
C ARG A 3390 -21.71 28.67 -23.23
N LEU A 3391 -21.84 28.69 -21.91
CA LEU A 3391 -20.74 28.98 -20.99
C LEU A 3391 -20.83 28.10 -19.76
N MET A 3392 -20.00 27.07 -19.70
CA MET A 3392 -19.94 26.25 -18.49
C MET A 3392 -19.28 27.03 -17.36
N ILE A 3393 -19.63 26.67 -16.13
CA ILE A 3393 -19.04 27.32 -14.97
C ILE A 3393 -18.88 26.37 -13.78
N ARG A 3394 -17.69 25.84 -13.57
CA ARG A 3394 -17.45 24.91 -12.46
C ARG A 3394 -17.13 25.71 -11.21
N GLY A 3395 -17.99 25.62 -10.21
CA GLY A 3395 -17.97 26.54 -9.09
C GLY A 3395 -17.33 25.97 -7.83
N HIS A 3396 -17.51 26.71 -6.74
CA HIS A 3396 -17.02 26.26 -5.46
C HIS A 3396 -17.74 25.02 -5.00
N ASP A 3397 -18.96 24.83 -5.46
CA ASP A 3397 -19.52 23.50 -5.43
C ASP A 3397 -18.70 22.59 -6.31
N GLY A 3398 -18.64 22.86 -7.61
CA GLY A 3398 -17.85 22.01 -8.48
C GLY A 3398 -18.61 21.21 -9.50
N SER A 3399 -19.73 21.72 -10.00
CA SER A 3399 -20.48 21.04 -11.03
C SER A 3399 -21.10 22.04 -11.99
N VAL A 3400 -21.07 21.73 -13.26
CA VAL A 3400 -21.22 22.75 -14.28
C VAL A 3400 -22.67 23.14 -14.49
N HIS A 3401 -23.19 24.06 -13.68
CA HIS A 3401 -24.55 24.53 -13.85
C HIS A 3401 -24.54 25.58 -14.95
N SER A 3402 -24.47 25.13 -16.20
CA SER A 3402 -24.03 25.98 -17.30
C SER A 3402 -25.15 26.86 -17.82
N PHE A 3403 -25.23 28.07 -17.28
CA PHE A 3403 -26.17 29.07 -17.78
C PHE A 3403 -25.82 29.48 -19.20
N ALA A 3404 -26.82 29.64 -20.04
CA ALA A 3404 -26.61 29.95 -21.45
C ALA A 3404 -27.05 31.38 -21.75
N VAL A 3405 -26.76 31.82 -22.97
CA VAL A 3405 -26.79 33.23 -23.31
C VAL A 3405 -27.82 33.48 -24.40
N GLN A 3406 -28.71 34.42 -24.12
CA GLN A 3406 -29.68 34.91 -25.10
C GLN A 3406 -29.36 36.37 -25.39
N TYR A 3407 -29.07 36.66 -26.66
CA TYR A 3407 -28.95 37.98 -27.27
C TYR A 3407 -30.22 38.77 -26.96
N PRO A 3408 -30.15 40.10 -26.90
CA PRO A 3408 -31.28 40.91 -26.41
C PRO A 3408 -32.59 40.69 -27.16
N ALA A 3409 -33.68 40.73 -26.40
CA ALA A 3409 -35.01 40.48 -26.90
C ALA A 3409 -35.92 41.61 -26.46
N VAL A 3410 -37.24 41.42 -26.56
CA VAL A 3410 -38.15 42.55 -26.42
C VAL A 3410 -38.99 42.36 -25.17
N ARG A 3411 -39.87 43.33 -24.89
CA ARG A 3411 -40.61 43.42 -23.63
C ARG A 3411 -41.49 42.22 -23.32
N HIS A 3412 -41.67 41.32 -24.29
CA HIS A 3412 -41.98 39.92 -24.01
C HIS A 3412 -41.14 39.38 -22.88
N SER A 3413 -39.84 39.71 -22.86
CA SER A 3413 -38.98 39.38 -21.74
C SER A 3413 -39.51 39.94 -20.42
N ARG A 3414 -39.82 41.24 -20.40
CA ARG A 3414 -40.40 41.86 -19.22
C ARG A 3414 -41.74 41.25 -18.87
N ARG A 3415 -42.47 40.79 -19.88
CA ARG A 3415 -43.63 39.94 -19.62
C ARG A 3415 -43.19 38.59 -19.10
N GLU A 3416 -42.36 37.87 -19.87
CA GLU A 3416 -42.06 36.47 -19.56
C GLU A 3416 -41.26 36.34 -18.28
N GLU A 3417 -40.51 37.37 -17.91
CA GLU A 3417 -39.91 37.37 -16.59
C GLU A 3417 -40.98 37.43 -15.51
N ARG A 3418 -42.01 38.25 -15.73
CA ARG A 3418 -43.06 38.38 -14.74
C ARG A 3418 -43.87 37.09 -14.63
N MET A 3419 -44.12 36.44 -15.76
CA MET A 3419 -44.89 35.21 -15.74
C MET A 3419 -44.13 34.08 -15.09
N PHE A 3420 -42.84 33.95 -15.41
CA PHE A 3420 -42.04 32.90 -14.81
C PHE A 3420 -41.87 33.11 -13.31
N GLN A 3421 -42.02 34.35 -12.85
CA GLN A 3421 -42.13 34.57 -11.42
C GLN A 3421 -43.39 33.93 -10.87
N LEU A 3422 -44.50 34.11 -11.56
CA LEU A 3422 -45.80 33.78 -10.99
C LEU A 3422 -45.98 32.28 -10.84
N TYR A 3423 -45.75 31.52 -11.92
CA TYR A 3423 -45.98 30.09 -11.91
C TYR A 3423 -44.99 29.39 -10.99
N ARG A 3424 -43.86 30.02 -10.73
CA ARG A 3424 -42.99 29.55 -9.68
C ARG A 3424 -43.69 29.58 -8.34
N LEU A 3425 -44.37 30.69 -8.03
CA LEU A 3425 -44.79 30.96 -6.67
C LEU A 3425 -45.84 29.97 -6.22
N PHE A 3426 -46.67 29.50 -7.15
CA PHE A 3426 -47.64 28.48 -6.80
C PHE A 3426 -47.00 27.12 -6.58
N ASN A 3427 -45.82 26.87 -7.17
CA ASN A 3427 -45.34 25.50 -7.28
C ASN A 3427 -44.91 24.94 -5.94
N LYS A 3428 -44.50 25.81 -5.03
CA LYS A 3428 -44.25 25.37 -3.67
C LYS A 3428 -45.54 24.99 -2.99
N SER A 3429 -46.58 25.78 -3.19
CA SER A 3429 -47.89 25.40 -2.68
C SER A 3429 -48.38 24.14 -3.37
N LEU A 3430 -47.94 23.92 -4.61
CA LEU A 3430 -48.27 22.68 -5.28
C LEU A 3430 -47.60 21.51 -4.58
N SER A 3431 -46.40 21.73 -4.07
CA SER A 3431 -45.77 20.73 -3.24
C SER A 3431 -46.40 20.68 -1.87
N LYS A 3432 -47.11 21.73 -1.47
CA LYS A 3432 -47.67 21.75 -0.12
C LYS A 3432 -48.80 20.75 0.03
N ASN A 3433 -49.53 20.49 -1.05
CA ASN A 3433 -50.68 19.61 -0.96
C ASN A 3433 -50.23 18.16 -0.82
N VAL A 3434 -51.19 17.27 -0.66
CA VAL A 3434 -50.84 15.90 -0.31
C VAL A 3434 -50.63 15.06 -1.55
N GLU A 3435 -51.70 14.83 -2.31
CA GLU A 3435 -51.65 13.86 -3.38
C GLU A 3435 -50.86 14.39 -4.57
N THR A 3436 -50.77 15.70 -4.69
CA THR A 3436 -49.82 16.26 -5.64
C THR A 3436 -48.40 15.88 -5.27
N ARG A 3437 -48.01 16.18 -4.04
CA ARG A 3437 -46.65 15.90 -3.60
C ARG A 3437 -46.43 14.42 -3.43
N ARG A 3438 -47.47 13.66 -3.10
CA ARG A 3438 -47.32 12.22 -3.06
C ARG A 3438 -47.15 11.66 -4.46
N ARG A 3439 -47.63 12.37 -5.47
CA ARG A 3439 -47.40 11.95 -6.84
C ARG A 3439 -46.44 12.84 -7.56
N SER A 3440 -45.78 13.77 -6.86
CA SER A 3440 -44.71 14.62 -7.42
C SER A 3440 -45.22 15.56 -8.51
N ILE A 3441 -45.84 16.65 -8.08
CA ILE A 3441 -46.39 17.62 -9.03
C ILE A 3441 -45.31 18.47 -9.67
N GLN A 3442 -44.72 19.39 -8.90
CA GLN A 3442 -43.49 20.11 -9.26
C GLN A 3442 -43.51 20.87 -10.58
N PHE A 3443 -44.11 22.07 -10.60
CA PHE A 3443 -44.50 22.74 -11.84
C PHE A 3443 -43.35 22.98 -12.81
N ASN A 3444 -42.16 23.35 -12.32
CA ASN A 3444 -40.90 23.35 -13.07
C ASN A 3444 -40.88 24.32 -14.26
N LEU A 3445 -40.89 25.59 -13.94
CA LEU A 3445 -40.45 26.52 -14.96
C LEU A 3445 -39.03 26.95 -14.68
N PRO A 3446 -38.16 27.12 -15.68
CA PRO A 3446 -36.74 27.30 -15.40
C PRO A 3446 -36.41 28.71 -14.96
N ILE A 3447 -35.19 28.92 -14.57
CA ILE A 3447 -34.71 30.23 -14.19
C ILE A 3447 -34.06 30.86 -15.40
N ALA A 3448 -34.03 32.18 -15.42
CA ALA A 3448 -33.42 32.93 -16.50
C ALA A 3448 -33.16 34.32 -15.95
N ILE A 3449 -31.92 34.77 -15.98
CA ILE A 3449 -31.55 36.04 -15.39
C ILE A 3449 -31.18 37.01 -16.50
N PRO A 3450 -31.80 38.18 -16.59
CA PRO A 3450 -31.24 39.23 -17.43
C PRO A 3450 -30.25 40.05 -16.64
N LEU A 3451 -29.18 40.41 -17.29
CA LEU A 3451 -28.11 41.10 -16.61
C LEU A 3451 -27.89 42.48 -17.13
N SER A 3452 -28.03 42.69 -18.40
CA SER A 3452 -28.11 44.06 -18.84
C SER A 3452 -29.60 44.23 -19.03
N PRO A 3453 -30.09 45.44 -19.25
CA PRO A 3453 -31.37 45.56 -19.93
C PRO A 3453 -31.32 44.97 -21.33
N GLN A 3454 -30.14 44.95 -21.93
CA GLN A 3454 -29.95 44.23 -23.18
C GLN A 3454 -30.00 42.72 -22.96
N VAL A 3455 -29.05 42.17 -22.22
CA VAL A 3455 -28.71 40.75 -22.36
C VAL A 3455 -29.41 39.89 -21.32
N ARG A 3456 -29.83 38.70 -21.77
CA ARG A 3456 -30.61 37.75 -20.97
C ARG A 3456 -29.85 36.45 -20.90
N ILE A 3457 -29.58 35.99 -19.69
CA ILE A 3457 -28.91 34.72 -19.48
C ILE A 3457 -29.92 33.76 -18.93
N MET A 3458 -30.30 32.78 -19.73
CA MET A 3458 -31.20 31.75 -19.26
C MET A 3458 -30.39 30.62 -18.64
N ASN A 3459 -31.03 29.86 -17.76
CA ASN A 3459 -30.37 28.73 -17.12
C ASN A 3459 -30.54 27.46 -17.93
N ASP A 3460 -30.25 27.54 -19.20
CA ASP A 3460 -30.42 26.41 -20.11
C ASP A 3460 -29.10 25.67 -20.18
N SER A 3461 -29.13 24.39 -19.88
CA SER A 3461 -27.93 23.58 -19.95
C SER A 3461 -27.95 22.79 -21.24
N VAL A 3462 -27.04 21.85 -21.35
CA VAL A 3462 -26.92 21.04 -22.55
C VAL A 3462 -28.02 20.01 -22.57
N SER A 3463 -28.20 19.40 -23.74
CA SER A 3463 -28.99 18.20 -23.94
C SER A 3463 -30.46 18.39 -23.64
N PHE A 3464 -30.97 19.60 -23.75
CA PHE A 3464 -32.42 19.85 -23.67
C PHE A 3464 -32.87 20.35 -25.03
N THR A 3465 -33.51 19.49 -25.82
CA THR A 3465 -33.90 19.84 -27.17
C THR A 3465 -35.39 20.16 -27.28
N THR A 3466 -35.79 20.72 -28.42
CA THR A 3466 -37.17 21.08 -28.71
C THR A 3466 -37.64 20.34 -29.95
N LEU A 3467 -38.94 20.35 -30.17
CA LEU A 3467 -39.52 19.35 -31.06
C LEU A 3467 -39.26 19.64 -32.51
N HIS A 3468 -39.20 20.92 -32.91
CA HIS A 3468 -39.00 21.25 -34.31
C HIS A 3468 -37.63 20.81 -34.79
N GLU A 3469 -36.68 20.71 -33.86
CA GLU A 3469 -35.45 20.00 -34.16
C GLU A 3469 -35.74 18.58 -34.57
N ILE A 3470 -36.51 17.86 -33.76
CA ILE A 3470 -36.87 16.51 -34.15
C ILE A 3470 -37.79 16.54 -35.36
N HIS A 3471 -38.69 17.52 -35.41
CA HIS A 3471 -39.71 17.57 -36.46
C HIS A 3471 -39.07 17.80 -37.82
N ASN A 3472 -38.09 18.68 -37.88
CA ASN A 3472 -37.32 18.78 -39.11
C ASN A 3472 -36.44 17.55 -39.28
N GLU A 3473 -35.85 17.05 -38.19
CA GLU A 3473 -35.01 15.86 -38.30
C GLU A 3473 -35.83 14.69 -38.74
N PHE A 3474 -37.08 14.65 -38.35
CA PHE A 3474 -37.96 13.62 -38.84
C PHE A 3474 -38.17 13.74 -40.34
N CYS A 3475 -38.47 14.96 -40.80
CA CYS A 3475 -38.58 15.18 -42.22
C CYS A 3475 -37.23 15.00 -42.90
N LYS A 3476 -36.16 15.41 -42.25
CA LYS A 3476 -34.84 15.25 -42.83
C LYS A 3476 -34.23 13.90 -42.53
N LYS A 3477 -34.92 13.06 -41.78
CA LYS A 3477 -34.55 11.66 -41.81
C LYS A 3477 -34.82 11.11 -43.17
N LYS A 3478 -35.91 11.55 -43.77
CA LYS A 3478 -36.16 11.33 -45.17
C LYS A 3478 -35.56 12.47 -45.97
N GLY A 3479 -35.85 12.50 -47.25
CA GLY A 3479 -35.59 13.69 -48.03
C GLY A 3479 -36.71 14.68 -47.98
N PHE A 3480 -37.68 14.46 -47.10
CA PHE A 3480 -38.94 15.21 -47.09
C PHE A 3480 -38.66 16.66 -46.72
N ASP A 3481 -38.71 17.53 -47.71
CA ASP A 3481 -38.63 18.94 -47.44
C ASP A 3481 -39.94 19.33 -46.78
N PRO A 3482 -39.92 19.88 -45.56
CA PRO A 3482 -41.18 20.25 -44.91
C PRO A 3482 -41.88 21.38 -45.65
N ASP A 3483 -41.13 22.24 -46.31
CA ASP A 3483 -41.74 23.24 -47.18
C ASP A 3483 -42.43 22.58 -48.35
N ASP A 3484 -41.89 21.47 -48.85
CA ASP A 3484 -42.54 20.75 -49.94
C ASP A 3484 -43.86 20.18 -49.50
N ILE A 3485 -43.98 19.83 -48.24
CA ILE A 3485 -45.30 19.55 -47.67
C ILE A 3485 -46.10 20.84 -47.57
N GLN A 3486 -45.44 21.92 -47.14
CA GLN A 3486 -46.14 23.19 -46.94
C GLN A 3486 -46.57 23.80 -48.26
N ASP A 3487 -45.79 23.59 -49.31
CA ASP A 3487 -46.24 23.97 -50.63
C ASP A 3487 -47.38 23.07 -51.09
N PHE A 3488 -47.26 21.76 -50.86
CA PHE A 3488 -48.30 20.82 -51.28
C PHE A 3488 -49.59 21.02 -50.52
N MET A 3489 -49.49 21.37 -49.24
CA MET A 3489 -50.68 21.76 -48.48
C MET A 3489 -51.28 23.04 -49.03
N ALA A 3490 -50.42 23.97 -49.44
CA ALA A 3490 -50.91 25.16 -50.12
C ALA A 3490 -51.34 24.85 -51.55
N ASP A 3491 -50.83 23.76 -52.14
CA ASP A 3491 -51.12 23.47 -53.55
C ASP A 3491 -52.55 23.03 -53.74
N LYS A 3492 -52.97 21.99 -53.02
CA LYS A 3492 -54.32 21.46 -53.16
C LYS A 3492 -55.38 22.45 -52.68
N LEU A 3493 -55.01 23.37 -51.78
CA LEU A 3493 -55.97 24.33 -51.25
C LEU A 3493 -56.40 25.34 -52.31
N ASN A 3494 -55.45 25.87 -53.06
CA ASN A 3494 -55.82 26.73 -54.19
C ASN A 3494 -56.45 25.92 -55.30
N ALA A 3495 -56.11 24.63 -55.40
CA ALA A 3495 -56.76 23.76 -56.37
C ALA A 3495 -58.21 23.46 -55.98
N ALA A 3496 -58.54 23.57 -54.71
CA ALA A 3496 -59.92 23.45 -54.29
C ALA A 3496 -60.73 24.65 -54.75
N HIS A 3497 -60.09 25.80 -54.89
CA HIS A 3497 -60.77 27.01 -55.32
C HIS A 3497 -61.13 26.95 -56.80
N ASP A 3498 -60.51 26.05 -57.57
CA ASP A 3498 -60.52 26.17 -59.03
C ASP A 3498 -61.47 25.24 -59.76
N ASP A 3499 -61.48 23.93 -59.45
CA ASP A 3499 -62.21 22.98 -60.29
C ASP A 3499 -63.71 23.04 -60.05
N ALA A 3500 -64.12 22.94 -58.79
CA ALA A 3500 -65.51 23.11 -58.40
C ALA A 3500 -65.61 24.17 -57.32
N LEU A 3501 -66.80 24.38 -56.75
CA LEU A 3501 -67.05 25.52 -55.88
C LEU A 3501 -67.61 25.10 -54.51
N PRO A 3502 -66.81 24.46 -53.66
CA PRO A 3502 -67.33 24.02 -52.37
C PRO A 3502 -67.45 25.16 -51.36
N ALA A 3503 -68.41 25.00 -50.46
CA ALA A 3503 -68.52 25.95 -49.36
C ALA A 3503 -67.56 25.64 -48.20
N PRO A 3504 -67.45 24.36 -47.64
CA PRO A 3504 -66.39 24.14 -46.64
C PRO A 3504 -65.03 23.92 -47.29
N ASP A 3505 -64.50 25.02 -47.84
CA ASP A 3505 -63.24 24.98 -48.57
C ASP A 3505 -62.11 24.54 -47.65
N MET A 3506 -62.07 25.10 -46.44
CA MET A 3506 -61.06 24.65 -45.49
C MET A 3506 -61.34 23.24 -45.00
N THR A 3507 -62.60 22.94 -44.68
CA THR A 3507 -62.92 21.80 -43.85
C THR A 3507 -62.71 20.48 -44.58
N ILE A 3508 -63.23 20.38 -45.80
CA ILE A 3508 -63.06 19.16 -46.58
C ILE A 3508 -61.61 18.97 -46.96
N LEU A 3509 -60.93 20.07 -47.28
CA LEU A 3509 -59.53 19.98 -47.70
C LEU A 3509 -58.63 19.64 -46.53
N LYS A 3510 -58.85 20.23 -45.37
CA LYS A 3510 -58.00 19.93 -44.22
C LYS A 3510 -58.27 18.53 -43.72
N VAL A 3511 -59.51 18.06 -43.89
CA VAL A 3511 -59.76 16.64 -43.71
C VAL A 3511 -59.00 15.83 -44.74
N GLU A 3512 -58.97 16.30 -45.99
CA GLU A 3512 -58.22 15.60 -47.02
C GLU A 3512 -56.72 15.76 -46.84
N ILE A 3513 -56.25 16.96 -46.49
CA ILE A 3513 -54.81 17.22 -46.48
C ILE A 3513 -54.15 16.56 -45.30
N PHE A 3514 -54.80 16.57 -44.13
CA PHE A 3514 -54.23 15.92 -42.95
C PHE A 3514 -54.13 14.43 -43.17
N ASN A 3515 -55.14 13.85 -43.83
CA ASN A 3515 -55.03 12.49 -44.30
C ASN A 3515 -53.91 12.36 -45.32
N SER A 3516 -53.83 13.30 -46.25
CA SER A 3516 -52.74 13.29 -47.23
C SER A 3516 -51.41 13.55 -46.56
N ILE A 3517 -51.40 14.37 -45.51
CA ILE A 3517 -50.23 14.48 -44.65
C ILE A 3517 -49.92 13.15 -44.03
N GLN A 3518 -50.90 12.56 -43.34
CA GLN A 3518 -50.67 11.23 -42.78
C GLN A 3518 -50.52 10.16 -43.86
N THR A 3519 -50.92 10.44 -45.11
CA THR A 3519 -50.56 9.55 -46.20
C THR A 3519 -49.08 9.68 -46.55
N MET A 3520 -48.70 10.81 -47.12
CA MET A 3520 -47.41 10.92 -47.77
C MET A 3520 -46.37 11.66 -46.96
N PHE A 3521 -46.79 12.59 -46.09
CA PHE A 3521 -45.94 13.41 -45.25
C PHE A 3521 -45.89 12.74 -43.88
N VAL A 3522 -45.53 13.49 -42.85
CA VAL A 3522 -45.47 13.08 -41.44
C VAL A 3522 -46.71 12.31 -40.99
N PRO A 3523 -46.59 11.02 -40.74
CA PRO A 3523 -47.63 10.31 -40.02
C PRO A 3523 -47.41 10.50 -38.53
N SER A 3524 -48.17 9.83 -37.68
CA SER A 3524 -47.85 9.88 -36.26
C SER A 3524 -46.73 8.89 -36.00
N ASN A 3525 -46.37 8.74 -34.72
CA ASN A 3525 -45.42 7.75 -34.21
C ASN A 3525 -44.04 7.90 -34.83
N VAL A 3526 -43.71 9.13 -35.18
CA VAL A 3526 -42.34 9.48 -35.47
C VAL A 3526 -41.79 9.87 -34.12
N LEU A 3527 -42.64 10.57 -33.37
CA LEU A 3527 -42.30 10.89 -31.99
C LEU A 3527 -42.12 9.64 -31.18
N LYS A 3528 -42.92 8.61 -31.43
CA LYS A 3528 -42.69 7.34 -30.77
C LYS A 3528 -41.44 6.68 -31.31
N ASP A 3529 -41.07 7.00 -32.54
CA ASP A 3529 -39.97 6.30 -33.16
C ASP A 3529 -38.62 6.82 -32.69
N HIS A 3530 -38.41 8.13 -32.78
CA HIS A 3530 -37.09 8.69 -32.51
C HIS A 3530 -36.73 8.54 -31.04
N PHE A 3531 -37.68 8.81 -30.15
CA PHE A 3531 -37.38 8.68 -28.74
C PHE A 3531 -37.27 7.22 -28.31
N THR A 3532 -37.76 6.26 -29.11
CA THR A 3532 -37.56 4.86 -28.72
C THR A 3532 -36.14 4.41 -28.96
N SER A 3533 -35.49 4.97 -29.97
CA SER A 3533 -34.07 4.73 -30.14
C SER A 3533 -33.24 5.53 -29.15
N LEU A 3534 -33.84 6.49 -28.45
CA LEU A 3534 -33.13 7.46 -27.61
C LEU A 3534 -32.56 6.90 -26.32
N PHE A 3535 -33.37 6.29 -25.48
CA PHE A 3535 -32.78 5.53 -24.39
C PHE A 3535 -32.22 4.21 -24.92
N THR A 3536 -31.44 3.53 -24.09
CA THR A 3536 -30.82 2.28 -24.53
C THR A 3536 -31.46 1.06 -23.87
N GLN A 3537 -32.00 1.21 -22.67
CA GLN A 3537 -32.75 0.14 -22.03
C GLN A 3537 -34.21 0.55 -21.98
N PHE A 3538 -35.08 -0.41 -22.27
CA PHE A 3538 -36.48 -0.08 -22.53
C PHE A 3538 -37.20 0.40 -21.29
N GLU A 3539 -36.70 0.01 -20.11
CA GLU A 3539 -37.21 0.57 -18.87
C GLU A 3539 -36.96 2.07 -18.82
N ASP A 3540 -35.91 2.54 -19.47
CA ASP A 3540 -35.75 3.98 -19.52
C ASP A 3540 -36.74 4.62 -20.47
N PHE A 3541 -37.07 3.96 -21.58
CA PHE A 3541 -38.19 4.45 -22.36
C PHE A 3541 -39.45 4.39 -21.55
N TRP A 3542 -39.58 3.32 -20.78
CA TRP A 3542 -40.65 3.24 -19.79
C TRP A 3542 -40.45 4.26 -18.71
N LEU A 3543 -39.22 4.63 -18.40
CA LEU A 3543 -39.09 5.82 -17.59
C LEU A 3543 -39.45 7.03 -18.41
N PHE A 3544 -38.98 7.09 -19.67
CA PHE A 3544 -39.18 8.27 -20.48
C PHE A 3544 -40.62 8.45 -20.82
N ARG A 3545 -41.40 7.38 -20.78
CA ARG A 3545 -42.83 7.54 -20.76
C ARG A 3545 -43.25 8.32 -19.53
N LYS A 3546 -42.78 7.89 -18.37
CA LYS A 3546 -43.38 8.32 -17.11
C LYS A 3546 -43.13 9.80 -16.85
N GLN A 3547 -41.97 10.30 -17.22
CA GLN A 3547 -41.76 11.73 -17.06
C GLN A 3547 -42.56 12.51 -18.08
N PHE A 3548 -42.53 12.07 -19.35
CA PHE A 3548 -42.95 12.92 -20.46
C PHE A 3548 -44.43 13.17 -20.42
N ALA A 3549 -45.18 12.35 -19.70
CA ALA A 3549 -46.51 12.75 -19.36
C ALA A 3549 -46.47 13.91 -18.38
N SER A 3550 -45.69 13.75 -17.33
CA SER A 3550 -45.87 14.54 -16.12
C SER A 3550 -45.52 15.99 -16.36
N GLN A 3551 -44.47 16.25 -17.14
CA GLN A 3551 -44.23 17.63 -17.53
C GLN A 3551 -45.34 18.11 -18.45
N TYR A 3552 -45.66 17.33 -19.48
CA TYR A 3552 -46.60 17.79 -20.52
C TYR A 3552 -48.00 17.93 -19.99
N SER A 3553 -48.27 17.34 -18.83
CA SER A 3553 -49.41 17.78 -18.06
C SER A 3553 -49.31 19.26 -17.79
N SER A 3554 -48.19 19.71 -17.23
CA SER A 3554 -48.15 21.07 -16.74
C SER A 3554 -48.11 22.10 -17.85
N PHE A 3555 -47.71 21.70 -19.06
CA PHE A 3555 -47.81 22.61 -20.19
C PHE A 3555 -49.24 22.95 -20.47
N VAL A 3556 -50.14 21.98 -20.31
CA VAL A 3556 -51.54 22.22 -20.56
C VAL A 3556 -52.10 23.19 -19.56
N PHE A 3557 -51.86 22.95 -18.29
CA PHE A 3557 -52.33 23.86 -17.27
C PHE A 3557 -51.65 25.20 -17.38
N MET A 3558 -50.41 25.24 -17.85
CA MET A 3558 -49.82 26.52 -18.18
C MET A 3558 -50.52 27.10 -19.40
N SER A 3559 -50.96 26.26 -20.33
CA SER A 3559 -51.54 26.79 -21.55
C SER A 3559 -52.91 27.38 -21.28
N TYR A 3560 -53.79 26.62 -20.65
CA TYR A 3560 -55.16 27.07 -20.47
C TYR A 3560 -55.26 28.22 -19.49
N MET A 3561 -54.54 28.14 -18.38
CA MET A 3561 -54.75 29.13 -17.33
C MET A 3561 -54.07 30.44 -17.68
N MET A 3562 -52.99 30.40 -18.44
CA MET A 3562 -52.48 31.67 -18.95
C MET A 3562 -53.25 32.13 -20.16
N MET A 3563 -54.13 31.28 -20.67
CA MET A 3563 -54.72 31.41 -21.99
C MET A 3563 -53.65 31.69 -23.03
N ILE A 3564 -52.61 30.85 -23.04
CA ILE A 3564 -51.62 30.98 -24.10
C ILE A 3564 -52.27 30.42 -25.35
N ASN A 3565 -51.78 30.84 -26.51
CA ASN A 3565 -52.46 30.46 -27.75
C ASN A 3565 -51.46 29.93 -28.76
N ASN A 3566 -50.24 30.44 -28.68
CA ASN A 3566 -49.21 30.11 -29.66
C ASN A 3566 -48.30 29.06 -29.05
N ARG A 3567 -48.35 27.86 -29.61
CA ARG A 3567 -47.37 26.85 -29.28
C ARG A 3567 -46.87 26.27 -30.60
N THR A 3568 -45.55 26.13 -30.67
CA THR A 3568 -44.87 25.75 -31.89
C THR A 3568 -43.72 24.85 -31.49
N PRO A 3569 -43.35 23.87 -32.33
CA PRO A 3569 -42.38 22.88 -31.90
C PRO A 3569 -40.98 23.42 -31.73
N HIS A 3570 -40.73 24.66 -32.12
CA HIS A 3570 -39.58 25.40 -31.66
C HIS A 3570 -39.92 26.31 -30.48
N LYS A 3571 -40.88 25.90 -29.64
CA LYS A 3571 -41.12 26.62 -28.40
C LYS A 3571 -41.37 25.70 -27.22
N ILE A 3572 -41.25 24.41 -27.38
CA ILE A 3572 -41.37 23.49 -26.26
C ILE A 3572 -40.09 22.66 -26.26
N HIS A 3573 -39.17 23.00 -25.37
CA HIS A 3573 -37.97 22.21 -25.23
C HIS A 3573 -38.23 21.10 -24.21
N VAL A 3574 -37.71 19.91 -24.50
CA VAL A 3574 -37.91 18.73 -23.67
C VAL A 3574 -36.56 18.24 -23.19
N ASP A 3575 -36.51 17.62 -22.02
CA ASP A 3575 -35.25 17.31 -21.36
C ASP A 3575 -34.84 15.87 -21.63
N LYS A 3576 -33.85 15.69 -22.50
CA LYS A 3576 -33.56 14.39 -23.06
C LYS A 3576 -32.79 13.50 -22.14
N THR A 3577 -32.64 13.83 -20.93
CA THR A 3577 -32.20 12.86 -19.96
C THR A 3577 -33.13 12.83 -18.77
N SER A 3578 -33.74 13.94 -18.46
CA SER A 3578 -34.68 13.96 -17.34
C SER A 3578 -36.11 13.78 -17.83
N GLY A 3579 -36.60 14.69 -18.64
CA GLY A 3579 -37.98 14.52 -19.05
C GLY A 3579 -38.85 15.70 -18.75
N ASN A 3580 -38.25 16.83 -18.46
CA ASN A 3580 -39.08 17.98 -18.21
C ASN A 3580 -39.50 18.60 -19.54
N VAL A 3581 -40.22 19.69 -19.45
CA VAL A 3581 -40.60 20.47 -20.61
C VAL A 3581 -40.26 21.92 -20.33
N PHE A 3582 -39.36 22.47 -21.13
CA PHE A 3582 -38.99 23.87 -21.02
C PHE A 3582 -39.73 24.60 -22.13
N THR A 3583 -40.57 25.56 -21.75
CA THR A 3583 -41.41 26.29 -22.71
C THR A 3583 -41.08 27.77 -22.64
N LEU A 3584 -40.29 28.24 -23.59
CA LEU A 3584 -40.00 29.66 -23.67
C LEU A 3584 -41.16 30.41 -24.34
N GLU A 3585 -40.99 31.73 -24.49
CA GLU A 3585 -41.92 32.65 -25.16
C GLU A 3585 -43.31 32.64 -24.55
N MET A 3586 -43.41 32.40 -23.25
CA MET A 3586 -44.70 32.34 -22.59
C MET A 3586 -44.59 32.61 -21.08
N PRO A 3608 -65.51 48.21 -23.69
CA PRO A 3608 -64.68 47.44 -24.62
C PRO A 3608 -64.62 45.99 -24.15
N PRO A 3609 -63.86 45.14 -24.87
CA PRO A 3609 -63.43 43.86 -24.28
C PRO A 3609 -62.18 43.99 -23.42
N ASP A 3610 -61.86 45.25 -23.02
CA ASP A 3610 -60.80 45.61 -22.09
C ASP A 3610 -59.44 45.19 -22.61
N SER A 3611 -59.28 45.29 -23.93
CA SER A 3611 -58.10 44.89 -24.71
C SER A 3611 -57.70 43.47 -24.37
N PRO A 3612 -58.46 42.45 -24.83
CA PRO A 3612 -58.16 41.08 -24.39
C PRO A 3612 -56.88 40.58 -25.02
N ILE A 3613 -55.80 40.69 -24.25
CA ILE A 3613 -54.47 40.25 -24.68
C ILE A 3613 -54.23 38.93 -23.98
N PHE A 3614 -54.47 37.85 -24.72
CA PHE A 3614 -54.54 36.48 -24.21
C PHE A 3614 -55.55 36.38 -23.06
N HIS A 3615 -56.79 36.77 -23.37
CA HIS A 3615 -57.89 36.58 -22.45
C HIS A 3615 -58.87 35.55 -22.98
N ASN A 3616 -59.35 35.73 -24.20
CA ASN A 3616 -60.07 34.66 -24.88
C ASN A 3616 -59.13 33.99 -25.87
N ASN A 3617 -59.40 32.71 -26.13
CA ASN A 3617 -58.56 31.89 -26.97
C ASN A 3617 -59.27 31.65 -28.29
N GLU A 3618 -58.59 31.95 -29.40
CA GLU A 3618 -59.34 32.10 -30.64
C GLU A 3618 -59.71 30.76 -31.29
N PRO A 3619 -58.88 29.72 -31.27
CA PRO A 3619 -59.45 28.38 -31.34
C PRO A 3619 -59.61 27.81 -29.95
N VAL A 3620 -60.54 26.88 -29.82
CA VAL A 3620 -60.96 26.37 -28.51
C VAL A 3620 -59.95 25.49 -27.78
N PRO A 3621 -59.40 24.36 -28.36
CA PRO A 3621 -58.76 23.37 -27.49
C PRO A 3621 -57.35 23.77 -27.06
N PHE A 3622 -56.64 22.85 -26.40
CA PHE A 3622 -55.23 22.99 -26.07
C PHE A 3622 -54.41 21.99 -26.90
N ARG A 3623 -53.08 22.08 -26.77
CA ARG A 3623 -52.19 21.35 -27.65
C ARG A 3623 -52.17 19.86 -27.31
N LEU A 3624 -52.50 19.01 -28.29
CA LEU A 3624 -52.51 17.56 -28.08
C LEU A 3624 -52.11 16.83 -29.35
N THR A 3625 -50.98 17.23 -29.93
CA THR A 3625 -50.59 16.84 -31.28
C THR A 3625 -50.47 15.32 -31.43
N PRO A 3626 -50.89 14.78 -32.55
CA PRO A 3626 -51.12 13.34 -32.65
C PRO A 3626 -49.89 12.46 -32.80
N ASN A 3627 -48.87 12.95 -33.49
CA ASN A 3627 -47.60 12.24 -33.43
C ASN A 3627 -47.08 12.20 -32.01
N ILE A 3628 -47.25 13.31 -31.28
CA ILE A 3628 -46.94 13.34 -29.86
C ILE A 3628 -47.90 12.47 -29.10
N GLN A 3629 -49.13 12.36 -29.56
CA GLN A 3629 -50.05 11.44 -28.91
C GLN A 3629 -49.64 10.00 -29.16
N SER A 3630 -49.05 9.75 -30.32
CA SER A 3630 -48.64 8.38 -30.62
C SER A 3630 -47.44 7.97 -29.79
N LEU A 3631 -46.62 8.92 -29.38
CA LEU A 3631 -45.58 8.66 -28.40
C LEU A 3631 -46.09 8.79 -26.98
N ILE A 3632 -47.31 9.28 -26.80
CA ILE A 3632 -47.77 9.59 -25.46
C ILE A 3632 -48.04 8.31 -24.70
N GLY A 3633 -48.27 7.22 -25.41
CA GLY A 3633 -48.50 6.00 -24.68
C GLY A 3633 -49.98 5.95 -24.36
N ASP A 3634 -50.67 5.13 -25.15
CA ASP A 3634 -52.08 5.34 -25.40
C ASP A 3634 -52.91 5.27 -24.14
N SER A 3635 -52.69 4.25 -23.34
CA SER A 3635 -53.41 4.17 -22.08
C SER A 3635 -52.89 5.20 -21.08
N ALA A 3636 -51.59 5.17 -20.81
CA ALA A 3636 -51.08 5.66 -19.55
C ALA A 3636 -51.09 7.17 -19.48
N LEU A 3637 -50.74 7.84 -20.57
CA LEU A 3637 -50.87 9.30 -20.59
C LEU A 3637 -52.34 9.70 -20.55
N GLU A 3638 -53.16 9.08 -21.37
CA GLU A 3638 -54.59 9.20 -21.17
C GLU A 3638 -55.00 8.76 -19.76
N GLY A 3639 -54.38 7.74 -19.20
CA GLY A 3639 -54.56 7.49 -17.78
C GLY A 3639 -54.07 8.63 -16.88
N ILE A 3640 -52.80 9.02 -17.04
CA ILE A 3640 -52.20 9.91 -16.06
C ILE A 3640 -52.63 11.35 -16.26
N PHE A 3641 -52.57 11.87 -17.49
CA PHE A 3641 -52.53 13.31 -17.69
C PHE A 3641 -53.81 13.95 -17.26
N ALA A 3642 -54.91 13.27 -17.50
CA ALA A 3642 -56.18 13.73 -16.97
C ALA A 3642 -56.17 13.70 -15.46
N VAL A 3643 -55.69 12.60 -14.89
CA VAL A 3643 -55.64 12.48 -13.45
C VAL A 3643 -54.66 13.47 -12.90
N ASN A 3644 -53.64 13.77 -13.68
CA ASN A 3644 -52.72 14.83 -13.34
C ASN A 3644 -53.44 16.17 -13.26
N LEU A 3645 -54.06 16.60 -14.36
CA LEU A 3645 -54.63 17.94 -14.42
C LEU A 3645 -55.78 18.08 -13.45
N PHE A 3646 -56.50 16.99 -13.22
CA PHE A 3646 -57.57 17.01 -12.24
C PHE A 3646 -57.03 17.22 -10.83
N THR A 3647 -55.96 16.51 -10.50
CA THR A 3647 -55.31 16.75 -9.22
C THR A 3647 -54.78 18.17 -9.16
N ILE A 3648 -54.27 18.64 -10.30
CA ILE A 3648 -53.83 20.03 -10.39
C ILE A 3648 -55.01 20.95 -10.22
N SER A 3649 -56.15 20.55 -10.76
CA SER A 3649 -57.33 21.38 -10.66
C SER A 3649 -57.80 21.48 -9.22
N ARG A 3650 -57.86 20.35 -8.53
CA ARG A 3650 -58.53 20.32 -7.25
C ARG A 3650 -57.69 20.96 -6.17
N ALA A 3651 -56.43 20.56 -6.08
CA ALA A 3651 -55.64 20.92 -4.90
C ALA A 3651 -55.26 22.38 -4.94
N LEU A 3652 -54.93 22.90 -6.12
CA LEU A 3652 -54.46 24.27 -6.21
C LEU A 3652 -55.60 25.25 -5.98
N ILE A 3653 -56.82 24.88 -6.38
CA ILE A 3653 -57.94 25.77 -6.17
C ILE A 3653 -58.45 25.65 -4.75
N GLU A 3654 -58.07 24.58 -4.07
CA GLU A 3654 -58.64 24.26 -2.76
C GLU A 3654 -58.42 25.31 -1.67
N PRO A 3655 -57.20 25.81 -1.38
CA PRO A 3655 -57.05 26.63 -0.17
C PRO A 3655 -57.61 28.03 -0.34
N ASP A 3656 -57.51 28.80 0.72
CA ASP A 3656 -58.24 30.06 0.86
C ASP A 3656 -57.56 31.16 0.07
N ASN A 3657 -58.14 31.51 -1.08
CA ASN A 3657 -57.81 32.69 -1.89
C ASN A 3657 -56.38 32.70 -2.38
N GLU A 3658 -55.73 31.54 -2.36
CA GLU A 3658 -54.32 31.47 -2.69
C GLU A 3658 -54.13 31.65 -4.18
N LEU A 3659 -55.08 31.18 -4.97
CA LEU A 3659 -55.11 31.55 -6.37
C LEU A 3659 -55.28 33.04 -6.51
N ASN A 3660 -56.11 33.63 -5.66
CA ASN A 3660 -56.60 34.98 -5.91
C ASN A 3660 -55.53 36.04 -5.66
N THR A 3661 -55.01 36.09 -4.43
CA THR A 3661 -54.07 37.13 -4.05
C THR A 3661 -52.77 37.01 -4.83
N TYR A 3662 -52.39 35.78 -5.16
CA TYR A 3662 -51.28 35.59 -6.09
C TYR A 3662 -51.63 36.10 -7.48
N LEU A 3663 -52.86 35.83 -7.92
CA LEU A 3663 -53.26 36.36 -9.22
C LEU A 3663 -53.48 37.86 -9.14
N ALA A 3664 -53.74 38.37 -7.95
CA ALA A 3664 -53.80 39.81 -7.76
C ALA A 3664 -52.46 40.45 -8.10
N LEU A 3665 -51.36 39.76 -7.81
CA LEU A 3665 -50.05 40.28 -8.17
C LEU A 3665 -49.88 40.31 -9.69
N PHE A 3666 -50.04 39.16 -10.35
CA PHE A 3666 -49.67 39.06 -11.76
C PHE A 3666 -50.64 39.84 -12.65
N ILE A 3667 -51.94 39.77 -12.36
CA ILE A 3667 -52.92 40.30 -13.29
C ILE A 3667 -52.98 41.81 -13.23
N ARG A 3668 -52.98 42.38 -12.02
CA ARG A 3668 -52.98 43.84 -11.86
C ARG A 3668 -51.75 44.45 -12.49
N ASP A 3669 -50.65 43.69 -12.49
CA ASP A 3669 -49.49 44.05 -13.29
C ASP A 3669 -49.77 43.93 -14.78
N GLU A 3670 -50.28 42.77 -15.21
CA GLU A 3670 -50.34 42.47 -16.64
C GLU A 3670 -51.32 43.38 -17.37
N ILE A 3671 -52.37 43.80 -16.68
CA ILE A 3671 -53.31 44.75 -17.25
C ILE A 3671 -52.66 46.12 -17.39
N ILE A 3672 -51.93 46.54 -16.36
CA ILE A 3672 -51.26 47.84 -16.38
C ILE A 3672 -50.18 47.87 -17.46
N SER A 3673 -49.59 46.72 -17.76
CA SER A 3673 -48.76 46.60 -18.95
C SER A 3673 -49.61 46.72 -20.20
N TRP A 3674 -50.77 46.08 -20.21
CA TRP A 3674 -51.56 45.99 -21.43
C TRP A 3674 -52.21 47.33 -21.78
N PHE A 3675 -52.67 48.06 -20.76
CA PHE A 3675 -53.28 49.36 -21.01
C PHE A 3675 -52.24 50.38 -21.46
N SER A 3676 -51.03 50.27 -20.92
CA SER A 3676 -49.94 51.10 -21.41
C SER A 3676 -49.54 50.73 -22.82
N ASN A 3677 -49.75 49.47 -23.19
CA ASN A 3677 -49.57 49.06 -24.56
C ASN A 3677 -50.73 49.59 -25.39
N ILE A 3682 -52.86 55.08 -20.52
CA ILE A 3682 -54.21 54.62 -20.19
C ILE A 3682 -54.19 53.92 -18.85
N ILE A 3683 -54.95 54.46 -17.89
CA ILE A 3683 -55.11 53.87 -16.56
C ILE A 3683 -56.42 54.36 -15.96
N GLU A 3684 -56.90 53.64 -14.94
CA GLU A 3684 -58.09 54.05 -14.21
C GLU A 3684 -58.09 53.42 -12.83
N ASN A 3685 -58.57 54.17 -11.84
CA ASN A 3685 -58.51 53.68 -10.46
C ASN A 3685 -59.55 52.59 -10.19
N PRO A 3686 -60.87 52.73 -10.48
CA PRO A 3686 -61.75 51.59 -10.24
C PRO A 3686 -61.85 50.62 -11.42
N GLN A 3687 -61.73 51.13 -12.65
CA GLN A 3687 -62.02 50.33 -13.83
C GLN A 3687 -60.96 49.26 -14.05
N LEU A 3688 -59.74 49.53 -13.63
CA LEU A 3688 -58.74 48.47 -13.57
C LEU A 3688 -59.12 47.43 -12.52
N ARG A 3689 -59.43 47.91 -11.31
CA ARG A 3689 -59.79 47.02 -10.21
C ARG A 3689 -61.08 46.28 -10.50
N GLU A 3690 -61.98 46.91 -11.25
CA GLU A 3690 -63.12 46.18 -11.78
C GLU A 3690 -62.66 45.11 -12.76
N MET A 3691 -61.89 45.50 -13.78
CA MET A 3691 -61.42 44.56 -14.79
C MET A 3691 -60.44 43.55 -14.19
N VAL A 3692 -59.81 43.90 -13.08
CA VAL A 3692 -59.08 42.90 -12.30
C VAL A 3692 -60.05 41.83 -11.83
N GLN A 3693 -60.97 42.21 -10.94
CA GLN A 3693 -61.87 41.26 -10.32
C GLN A 3693 -62.82 40.64 -11.33
N THR A 3694 -63.13 41.34 -12.42
CA THR A 3694 -63.92 40.74 -13.48
C THR A 3694 -63.14 39.63 -14.16
N ASN A 3695 -61.88 39.91 -14.51
CA ASN A 3695 -61.09 38.84 -15.10
C ASN A 3695 -60.71 37.81 -14.06
N VAL A 3696 -60.57 38.23 -12.79
CA VAL A 3696 -60.19 37.30 -11.72
C VAL A 3696 -61.27 36.25 -11.52
N ASP A 3697 -62.53 36.67 -11.58
CA ASP A 3697 -63.61 35.71 -11.55
C ASP A 3697 -63.61 34.86 -12.80
N LEU A 3698 -63.23 35.46 -13.94
CA LEU A 3698 -63.32 34.77 -15.22
C LEU A 3698 -62.35 33.60 -15.29
N ILE A 3699 -61.13 33.80 -14.82
CA ILE A 3699 -60.16 32.73 -14.86
C ILE A 3699 -60.46 31.69 -13.78
N ILE A 3700 -60.85 32.14 -12.59
CA ILE A 3700 -61.14 31.23 -11.48
C ILE A 3700 -62.33 30.35 -11.82
N ARG A 3701 -63.33 30.91 -12.51
CA ARG A 3701 -64.40 30.07 -13.01
C ARG A 3701 -63.91 29.18 -14.14
N LYS A 3702 -63.03 29.70 -14.99
CA LYS A 3702 -62.41 28.87 -16.00
C LYS A 3702 -61.52 27.83 -15.35
N VAL A 3703 -60.95 28.16 -14.18
CA VAL A 3703 -60.26 27.14 -13.40
C VAL A 3703 -61.25 26.12 -12.87
N ALA A 3704 -62.42 26.59 -12.42
CA ALA A 3704 -63.46 25.68 -11.98
C ALA A 3704 -64.21 25.04 -13.14
N GLN A 3705 -63.92 25.44 -14.38
CA GLN A 3705 -64.49 24.75 -15.53
C GLN A 3705 -64.00 23.32 -15.59
N LEU A 3706 -62.72 23.12 -15.33
CA LEU A 3706 -62.20 21.78 -15.05
C LEU A 3706 -62.37 21.45 -13.59
N GLY A 3707 -63.58 21.60 -13.05
CA GLY A 3707 -63.70 21.61 -11.61
C GLY A 3707 -64.03 20.31 -10.95
N HIS A 3708 -65.18 19.73 -11.26
CA HIS A 3708 -65.68 18.57 -10.51
C HIS A 3708 -66.92 18.04 -11.22
N LEU A 3709 -67.49 16.98 -10.65
CA LEU A 3709 -68.89 16.63 -10.85
C LEU A 3709 -69.58 16.84 -9.51
N ASN A 3710 -70.78 17.43 -9.55
CA ASN A 3710 -71.36 18.05 -8.35
C ASN A 3710 -72.00 17.02 -7.43
N SER A 3711 -73.02 16.36 -7.91
CA SER A 3711 -73.63 15.27 -7.16
C SER A 3711 -73.75 14.00 -7.99
N THR A 3712 -74.00 14.13 -9.29
CA THR A 3712 -74.03 13.00 -10.18
C THR A 3712 -72.60 12.67 -10.57
N PRO A 3713 -72.10 11.49 -10.27
CA PRO A 3713 -70.69 11.17 -10.54
C PRO A 3713 -70.45 11.00 -12.04
N THR A 3714 -69.95 12.05 -12.66
CA THR A 3714 -69.19 11.90 -13.88
C THR A 3714 -67.89 11.21 -13.53
N VAL A 3715 -67.40 10.34 -14.42
CA VAL A 3715 -66.21 9.57 -14.13
C VAL A 3715 -64.99 10.49 -14.02
N THR A 3716 -64.86 11.42 -14.95
CA THR A 3716 -63.76 12.36 -14.86
C THR A 3716 -64.32 13.77 -14.71
N THR A 3717 -63.42 14.73 -14.63
CA THR A 3717 -63.81 16.11 -14.88
C THR A 3717 -64.18 16.17 -16.33
N GLN A 3718 -65.46 16.44 -16.60
CA GLN A 3718 -65.98 16.29 -17.94
C GLN A 3718 -65.34 17.28 -18.88
N PHE A 3719 -65.20 18.53 -18.43
CA PHE A 3719 -64.58 19.58 -19.23
C PHE A 3719 -63.10 19.30 -19.45
N ILE A 3720 -62.51 18.49 -18.58
CA ILE A 3720 -61.26 17.86 -18.94
C ILE A 3720 -61.52 16.68 -19.87
N LEU A 3721 -62.42 15.77 -19.46
CA LEU A 3721 -62.62 14.51 -20.18
C LEU A 3721 -63.13 14.73 -21.60
N ASP A 3722 -64.01 15.69 -21.78
CA ASP A 3722 -64.50 15.95 -23.12
C ASP A 3722 -63.47 16.67 -23.95
N CYS A 3723 -62.81 17.65 -23.35
CA CYS A 3723 -61.81 18.40 -24.09
C CYS A 3723 -60.57 17.56 -24.34
N ILE A 3724 -60.40 16.50 -23.54
CA ILE A 3724 -59.46 15.44 -23.90
C ILE A 3724 -59.79 14.88 -25.26
N GLY A 3725 -61.08 14.63 -25.52
CA GLY A 3725 -61.49 14.28 -26.86
C GLY A 3725 -61.44 15.46 -27.81
N SER A 3726 -61.76 16.66 -27.31
CA SER A 3726 -61.93 17.80 -28.21
C SER A 3726 -60.60 18.25 -28.77
N ALA A 3727 -59.56 18.28 -27.95
CA ALA A 3727 -58.24 18.49 -28.52
C ALA A 3727 -57.82 17.30 -29.36
N VAL A 3728 -58.28 16.10 -29.00
CA VAL A 3728 -58.01 14.95 -29.84
C VAL A 3728 -58.82 14.99 -31.13
N SER A 3729 -59.90 15.76 -31.18
CA SER A 3729 -60.82 15.71 -32.31
C SER A 3729 -60.16 16.23 -33.58
N PRO A 3730 -60.14 15.41 -34.63
CA PRO A 3730 -59.42 15.79 -35.84
C PRO A 3730 -60.09 16.91 -36.62
N ARG A 3731 -61.34 17.23 -36.33
CA ARG A 3731 -61.92 18.41 -36.94
C ARG A 3731 -61.34 19.68 -36.35
N ASN A 3732 -61.46 19.85 -35.04
CA ASN A 3732 -60.93 21.03 -34.35
C ASN A 3732 -59.42 21.09 -34.48
N LEU A 3733 -58.78 19.92 -34.59
CA LEU A 3733 -57.36 19.91 -34.91
C LEU A 3733 -57.10 20.39 -36.32
N ALA A 3734 -57.95 20.00 -37.28
CA ALA A 3734 -57.75 20.50 -38.63
C ALA A 3734 -58.25 21.93 -38.76
N ARG A 3735 -59.09 22.37 -37.83
CA ARG A 3735 -59.69 23.69 -37.93
C ARG A 3735 -58.67 24.80 -37.75
N THR A 3736 -57.60 24.57 -37.00
CA THR A 3736 -56.62 25.62 -36.75
C THR A 3736 -55.65 25.71 -37.93
N ASP A 3737 -54.73 26.67 -37.85
CA ASP A 3737 -53.82 26.96 -38.95
C ASP A 3737 -52.74 25.89 -39.04
N VAL A 3738 -51.98 25.95 -40.13
CA VAL A 3738 -50.81 25.09 -40.31
C VAL A 3738 -49.57 25.69 -39.69
N ASN A 3739 -49.71 26.76 -38.92
CA ASN A 3739 -48.58 27.39 -38.26
C ASN A 3739 -47.93 26.44 -37.27
N PHE A 3740 -48.74 25.78 -36.45
CA PHE A 3740 -48.26 24.95 -35.35
C PHE A 3740 -47.72 23.61 -35.79
N MET A 3741 -47.38 23.45 -37.08
CA MET A 3741 -47.18 22.21 -37.80
C MET A 3741 -48.11 21.10 -37.35
N PRO A 3742 -49.44 21.30 -37.27
CA PRO A 3742 -50.29 20.27 -36.67
C PRO A 3742 -50.55 19.11 -37.57
N TRP A 3743 -50.06 19.16 -38.82
CA TRP A 3743 -50.02 17.97 -39.66
C TRP A 3743 -49.14 16.90 -39.03
N PHE A 3744 -48.10 17.30 -38.32
CA PHE A 3744 -47.35 16.34 -37.53
C PHE A 3744 -48.11 15.97 -36.27
#